data_8TJS
#
_entry.id   8TJS
#
_cell.length_a   1.00
_cell.length_b   1.00
_cell.length_c   1.00
_cell.angle_alpha   90.00
_cell.angle_beta   90.00
_cell.angle_gamma   90.00
#
_symmetry.space_group_name_H-M   'P 1'
#
loop_
_entity.id
_entity.type
_entity.pdbx_description
1 polymer 'Envelope glycoprotein gp160'
2 polymer 'Envelope glycoprotein gp41'
3 polymer 'Antibody GPZ6-a.01 Heavy Chain'
4 polymer 'Antibody GPZ6-a.01 Light Chain'
5 branched alpha-D-mannopyranose-(1-2)-alpha-D-mannopyranose-(1-3)-[alpha-D-mannopyranose-(1-6)]beta-D-mannopyranose-(1-4)-2-acetamido-2-deoxy-beta-D-glucopyranose-(1-4)-2-acetamido-2-deoxy-beta-D-glucopyranose
6 branched 2-acetamido-2-deoxy-beta-D-glucopyranose-(1-4)-2-acetamido-2-deoxy-beta-D-glucopyranose
7 non-polymer 2-acetamido-2-deoxy-beta-D-glucopyranose
#
loop_
_entity_poly.entity_id
_entity_poly.type
_entity_poly.pdbx_seq_one_letter_code
_entity_poly.pdbx_strand_id
1 'polypeptide(L)'
;AENLWVTVYYGVPVWKDAETTLFCASDAKAYETEKHNVWATHACVPTDPNPQEIHLENVTEEFNMWKNNMVEQMHTDIIS
LWDQSLKPCVKLTPLCVTLQCTNVTNNITDDMRGELKNCSFNMTTELRDKKQKVYSLFYRLDVVQINENQGNRSNNSNKE
YRLINCNTSACTQACPKVSFEPIPIHYCAPAGFAILKCKDKKFNGTGPCPSVSTVQCTHGIKPVVSTQLLLNGSLAEEEV
MIRSENITNNAKNILVQFNTPVQINCTRPNNNTRKSIRIGPGQAFYATGDIIGDIRQAHCNVSKATWNETLGKVVKQLRK
HFGNNTIIRFANSSGGDLEVTTHSFNCGGEFFYCNTSGLFNSTWISNTSVQGSNSTGSNDSITLPCRIKQIINMWQRIGQ
CMYAPPIQGVIRCVSNITGLILTRDGGSTNSTTETFRPGGGDMRDNWRSELYKYKVVKIEPLGVAPTRCKRRVGRRRRRR
;
G,N,O
2 'polypeptide(L)'
;AVGIGAVFLGFLGAAGSTMGAASMTLTVQARNLLSGIVQQQSNLLRAPEAQQHLLKLTVWGIKQLQARVLAVERYLRDQQ
LLGIWGCSGKLICCTNVPWNSSWSNRNLSEIWDNMTWLQWDKEISNYTQIIYGLLEESQNQQEKNEQDLLALD
;
B,H,I
3 'polypeptide(L)'
;EAHLVESGGGLTQPGGSLRLSCVVSGISFSGHYMHWVRLSSGRGLEWVSGISDIGDKRWYADSVRGRFTISRENAKNTLY
LQMDNLRPEDSAVYYCTGRAILYPRAYYKDHRSDVWGAGVLVTVSS
;
Q,P,R
4 'polypeptide(L)'
;EIVMTQSPATLSVSPGERATLSCRASQSVASDLVWYQQKPGQPPRVLIYEASKRAAGCPDRFSGSGSGTDFTLNINSLEP
EDVGVYYCQQEIDWPLTFGGGTTVEIK
;
T,S,U
#
loop_
_chem_comp.id
_chem_comp.type
_chem_comp.name
_chem_comp.formula
BMA D-saccharide, beta linking beta-D-mannopyranose 'C6 H12 O6'
MAN D-saccharide, alpha linking alpha-D-mannopyranose 'C6 H12 O6'
NAG D-saccharide, beta linking 2-acetamido-2-deoxy-beta-D-glucopyranose 'C8 H15 N O6'
#
# COMPACT_ATOMS: atom_id res chain seq x y z
N GLU A 2 42.47 -6.19 -17.03
CA GLU A 2 42.96 -5.14 -17.91
C GLU A 2 41.82 -4.22 -18.33
N ASN A 3 41.67 -3.11 -17.59
CA ASN A 3 40.66 -2.08 -17.81
C ASN A 3 39.24 -2.66 -17.78
N LEU A 4 38.89 -3.18 -16.60
CA LEU A 4 37.61 -3.83 -16.39
C LEU A 4 36.65 -2.86 -15.74
N TRP A 5 35.50 -2.64 -16.37
CA TRP A 5 34.50 -1.70 -15.87
C TRP A 5 33.24 -2.44 -15.46
N VAL A 6 32.63 -1.98 -14.37
CA VAL A 6 31.43 -2.62 -13.85
C VAL A 6 30.25 -2.31 -14.77
N THR A 7 29.46 -3.33 -15.08
CA THR A 7 28.28 -3.18 -15.90
C THR A 7 27.06 -3.75 -15.19
N VAL A 8 25.91 -3.14 -15.42
CA VAL A 8 24.66 -3.48 -14.76
C VAL A 8 23.82 -4.33 -15.68
N TYR A 9 23.39 -5.49 -15.18
CA TYR A 9 22.50 -6.39 -15.91
C TYR A 9 21.20 -6.49 -15.15
N TYR A 10 20.09 -6.21 -15.84
CA TYR A 10 18.76 -6.30 -15.26
C TYR A 10 18.05 -7.52 -15.83
N GLY A 11 17.50 -8.34 -14.96
CA GLY A 11 16.81 -9.54 -15.36
C GLY A 11 17.65 -10.80 -15.33
N VAL A 12 18.63 -10.89 -14.44
CA VAL A 12 19.49 -12.08 -14.37
C VAL A 12 18.72 -13.19 -13.64
N PRO A 13 18.98 -14.46 -13.96
CA PRO A 13 18.32 -15.56 -13.24
C PRO A 13 18.97 -15.83 -11.87
N VAL A 14 18.63 -14.97 -10.91
CA VAL A 14 19.22 -15.02 -9.57
C VAL A 14 18.09 -15.00 -8.56
N TRP A 15 18.09 -15.96 -7.64
CA TRP A 15 17.09 -15.99 -6.59
C TRP A 15 17.74 -16.33 -5.25
N LYS A 16 17.10 -15.87 -4.18
CA LYS A 16 17.43 -16.29 -2.82
C LYS A 16 16.17 -16.75 -2.11
N ASP A 17 16.34 -17.61 -1.11
CA ASP A 17 15.21 -18.12 -0.35
C ASP A 17 14.61 -17.02 0.52
N ALA A 18 13.28 -16.98 0.57
CA ALA A 18 12.58 -15.96 1.34
C ALA A 18 11.21 -16.46 1.75
N GLU A 19 10.61 -15.77 2.71
CA GLU A 19 9.27 -16.05 3.18
C GLU A 19 8.39 -14.84 2.89
N THR A 20 7.26 -15.07 2.23
CA THR A 20 6.37 -13.98 1.87
C THR A 20 4.94 -14.46 1.92
N THR A 21 4.01 -13.52 1.94
CA THR A 21 2.59 -13.84 1.92
C THR A 21 2.18 -14.35 0.55
N LEU A 22 1.31 -15.36 0.54
CA LEU A 22 0.84 -15.99 -0.68
C LEU A 22 -0.68 -15.91 -0.73
N PHE A 23 -1.22 -15.41 -1.82
CA PHE A 23 -2.67 -15.28 -1.95
C PHE A 23 -3.26 -16.60 -2.43
N CYS A 24 -4.54 -16.60 -2.78
CA CYS A 24 -5.28 -17.80 -3.12
C CYS A 24 -5.64 -17.79 -4.60
N ALA A 25 -5.82 -19.00 -5.13
CA ALA A 25 -6.33 -19.18 -6.49
C ALA A 25 -7.11 -20.48 -6.52
N SER A 26 -8.18 -20.53 -7.30
CA SER A 26 -9.02 -21.71 -7.38
C SER A 26 -9.72 -21.76 -8.73
N ASP A 27 -10.23 -22.95 -9.06
CA ASP A 27 -10.99 -23.15 -10.29
C ASP A 27 -12.31 -22.41 -10.22
N ALA A 28 -12.75 -21.88 -11.37
CA ALA A 28 -13.96 -21.06 -11.40
C ALA A 28 -15.23 -21.89 -11.29
N LYS A 29 -15.14 -23.22 -11.48
CA LYS A 29 -16.31 -24.08 -11.35
C LYS A 29 -16.78 -24.16 -9.89
N ALA A 30 -15.83 -24.28 -8.96
CA ALA A 30 -16.13 -24.31 -7.54
C ALA A 30 -16.01 -22.94 -6.88
N TYR A 31 -15.98 -21.87 -7.68
CA TYR A 31 -15.85 -20.51 -7.18
C TYR A 31 -17.11 -19.67 -7.37
N GLU A 32 -17.87 -19.91 -8.44
CA GLU A 32 -19.08 -19.14 -8.70
C GLU A 32 -20.30 -19.66 -7.95
N THR A 33 -20.19 -20.85 -7.34
CA THR A 33 -21.35 -21.48 -6.63
C THR A 33 -21.80 -20.59 -5.46
N GLU A 34 -23.08 -20.65 -5.11
CA GLU A 34 -23.62 -19.76 -4.04
C GLU A 34 -23.50 -20.46 -2.68
N LYS A 35 -23.37 -21.79 -2.68
CA LYS A 35 -23.15 -22.53 -1.40
C LYS A 35 -21.82 -22.05 -0.81
N HIS A 36 -21.86 -21.51 0.42
CA HIS A 36 -20.62 -20.96 1.03
C HIS A 36 -19.79 -22.07 1.65
N ASN A 37 -18.46 -21.94 1.63
CA ASN A 37 -17.57 -22.95 2.24
C ASN A 37 -16.89 -22.32 3.46
N VAL A 38 -16.51 -23.12 4.45
CA VAL A 38 -15.75 -22.59 5.61
C VAL A 38 -14.47 -21.96 5.05
N TRP A 39 -13.87 -22.59 4.05
CA TRP A 39 -12.67 -22.02 3.38
C TRP A 39 -13.13 -21.04 2.30
N ALA A 40 -13.34 -19.77 2.68
CA ALA A 40 -13.83 -18.75 1.72
C ALA A 40 -13.07 -18.88 0.41
N THR A 41 -13.80 -19.03 -0.70
CA THR A 41 -13.18 -19.20 -2.00
C THR A 41 -13.69 -18.18 -3.01
N HIS A 42 -14.85 -17.56 -2.71
CA HIS A 42 -15.38 -16.47 -3.54
C HIS A 42 -14.53 -15.21 -3.50
N ALA A 43 -13.60 -15.08 -2.55
CA ALA A 43 -12.66 -13.99 -2.51
C ALA A 43 -11.31 -14.36 -3.12
N CYS A 44 -11.17 -15.56 -3.67
CA CYS A 44 -9.91 -15.98 -4.27
C CYS A 44 -9.80 -15.48 -5.71
N VAL A 45 -8.56 -15.34 -6.18
CA VAL A 45 -8.31 -14.96 -7.56
C VAL A 45 -8.71 -16.11 -8.48
N PRO A 46 -9.33 -15.87 -9.63
CA PRO A 46 -9.52 -16.94 -10.60
C PRO A 46 -8.19 -17.47 -11.11
N THR A 47 -8.10 -18.79 -11.24
CA THR A 47 -6.84 -19.43 -11.57
C THR A 47 -6.55 -19.33 -13.06
N ASP A 48 -5.29 -19.60 -13.41
CA ASP A 48 -4.89 -19.61 -14.81
C ASP A 48 -5.44 -20.87 -15.49
N PRO A 49 -6.10 -20.74 -16.63
CA PRO A 49 -6.54 -21.95 -17.37
C PRO A 49 -5.37 -22.80 -17.86
N ASN A 50 -4.26 -22.17 -18.23
CA ASN A 50 -3.06 -22.88 -18.66
C ASN A 50 -1.89 -22.44 -17.78
N PRO A 51 -1.56 -23.17 -16.72
CA PRO A 51 -0.42 -22.79 -15.88
C PRO A 51 0.89 -23.03 -16.59
N GLN A 52 1.89 -22.23 -16.22
CA GLN A 52 3.21 -22.27 -16.84
C GLN A 52 4.13 -23.08 -15.93
N GLU A 53 4.43 -24.31 -16.34
CA GLU A 53 5.36 -25.18 -15.64
C GLU A 53 6.65 -25.22 -16.44
N ILE A 54 7.69 -24.58 -15.91
CA ILE A 54 8.93 -24.32 -16.64
C ILE A 54 10.06 -25.11 -15.98
N HIS A 55 10.73 -25.95 -16.77
CA HIS A 55 11.77 -26.82 -16.26
C HIS A 55 13.12 -26.12 -16.31
N LEU A 56 13.92 -26.31 -15.26
CA LEU A 56 15.25 -25.71 -15.16
C LEU A 56 16.29 -26.80 -15.36
N GLU A 57 17.20 -26.58 -16.31
CA GLU A 57 18.27 -27.56 -16.55
C GLU A 57 19.52 -27.11 -15.78
N ASN A 58 20.20 -28.06 -15.15
CA ASN A 58 21.47 -27.86 -14.39
C ASN A 58 21.23 -27.01 -13.15
N VAL A 59 20.00 -26.97 -12.62
CA VAL A 59 19.70 -26.25 -11.35
C VAL A 59 19.52 -27.29 -10.25
N THR A 60 20.42 -27.30 -9.28
CA THR A 60 20.33 -28.19 -8.12
C THR A 60 20.04 -27.35 -6.89
N GLU A 61 18.78 -27.31 -6.48
CA GLU A 61 18.36 -26.54 -5.31
C GLU A 61 18.03 -27.48 -4.16
N GLU A 62 18.19 -26.96 -2.94
CA GLU A 62 17.96 -27.71 -1.72
C GLU A 62 16.61 -27.34 -1.13
N PHE A 63 15.77 -28.33 -0.90
CA PHE A 63 14.47 -28.16 -0.27
C PHE A 63 14.48 -28.78 1.11
N ASN A 64 13.63 -28.27 1.99
CA ASN A 64 13.50 -28.79 3.35
C ASN A 64 12.03 -28.68 3.73
N MET A 65 11.34 -29.82 3.74
CA MET A 65 9.90 -29.83 4.00
C MET A 65 9.59 -29.64 5.48
N TRP A 66 10.55 -29.85 6.37
CA TRP A 66 10.32 -29.73 7.80
C TRP A 66 10.61 -28.32 8.32
N LYS A 67 11.29 -27.49 7.54
CA LYS A 67 11.47 -26.07 7.84
C LYS A 67 10.86 -25.22 6.75
N ASN A 68 9.68 -25.64 6.27
CA ASN A 68 9.01 -25.01 5.15
C ASN A 68 8.01 -23.99 5.68
N ASN A 69 8.15 -22.73 5.26
CA ASN A 69 7.30 -21.66 5.76
C ASN A 69 5.92 -21.69 5.13
N MET A 70 5.77 -22.36 3.99
CA MET A 70 4.47 -22.47 3.33
C MET A 70 3.48 -23.24 4.19
N VAL A 71 3.97 -24.24 4.93
CA VAL A 71 3.11 -25.01 5.82
C VAL A 71 2.62 -24.17 6.98
N GLU A 72 3.49 -23.32 7.54
CA GLU A 72 3.09 -22.48 8.66
C GLU A 72 2.12 -21.39 8.21
N GLN A 73 2.37 -20.81 7.03
CA GLN A 73 1.44 -19.83 6.47
C GLN A 73 0.10 -20.46 6.15
N MET A 74 0.11 -21.69 5.63
CA MET A 74 -1.13 -22.42 5.37
C MET A 74 -1.86 -22.71 6.67
N HIS A 75 -1.15 -23.09 7.73
CA HIS A 75 -1.81 -23.43 8.99
C HIS A 75 -2.42 -22.20 9.64
N THR A 76 -1.73 -21.06 9.54
CA THR A 76 -2.29 -19.79 10.00
C THR A 76 -3.55 -19.43 9.22
N ASP A 77 -3.54 -19.68 7.90
CA ASP A 77 -4.72 -19.37 7.09
C ASP A 77 -5.89 -20.31 7.41
N ILE A 78 -5.59 -21.58 7.68
CA ILE A 78 -6.63 -22.55 8.03
C ILE A 78 -7.30 -22.16 9.35
N ILE A 79 -6.48 -21.79 10.35
CA ILE A 79 -6.99 -21.40 11.66
C ILE A 79 -7.79 -20.09 11.56
N SER A 80 -7.30 -19.14 10.76
CA SER A 80 -8.00 -17.87 10.55
C SER A 80 -9.36 -18.06 9.88
N LEU A 81 -9.40 -18.92 8.85
CA LEU A 81 -10.65 -19.17 8.15
C LEU A 81 -11.67 -19.87 9.04
N TRP A 82 -11.21 -20.86 9.81
CA TRP A 82 -12.09 -21.57 10.74
C TRP A 82 -12.55 -20.66 11.87
N ASP A 83 -11.74 -19.67 12.25
CA ASP A 83 -12.16 -18.70 13.27
C ASP A 83 -13.22 -17.76 12.72
N GLN A 84 -12.99 -17.21 11.54
CA GLN A 84 -13.90 -16.18 11.03
C GLN A 84 -15.17 -16.76 10.41
N SER A 85 -15.20 -18.06 10.11
CA SER A 85 -16.42 -18.65 9.57
C SER A 85 -17.46 -18.93 10.65
N LEU A 86 -17.09 -18.91 11.93
CA LEU A 86 -18.02 -19.19 13.01
C LEU A 86 -18.58 -17.94 13.67
N LYS A 87 -17.97 -16.79 13.39
CA LYS A 87 -18.41 -15.51 14.01
C LYS A 87 -19.87 -15.22 13.67
N PRO A 88 -20.34 -15.30 12.40
CA PRO A 88 -21.75 -15.10 12.10
C PRO A 88 -22.75 -16.07 12.74
N CYS A 89 -22.34 -17.29 13.12
CA CYS A 89 -23.34 -18.29 13.60
C CYS A 89 -23.74 -18.08 15.08
N VAL A 90 -24.71 -18.88 15.57
CA VAL A 90 -25.27 -18.71 16.96
C VAL A 90 -24.25 -19.05 18.05
N LYS A 91 -24.18 -18.21 19.09
CA LYS A 91 -23.32 -18.52 20.26
C LYS A 91 -24.14 -19.41 21.18
N LEU A 92 -23.72 -20.66 21.38
CA LEU A 92 -24.52 -21.61 22.15
C LEU A 92 -24.26 -21.53 23.65
N THR A 93 -24.08 -20.32 24.17
CA THR A 93 -23.90 -20.17 25.62
C THR A 93 -25.13 -20.45 26.52
N PRO A 94 -26.41 -20.40 26.08
CA PRO A 94 -27.45 -20.89 27.01
C PRO A 94 -27.63 -22.39 27.01
N LEU A 95 -26.85 -23.14 26.23
CA LEU A 95 -26.91 -24.59 26.21
C LEU A 95 -26.34 -25.23 27.47
N CYS A 96 -25.56 -24.48 28.27
CA CYS A 96 -24.91 -25.01 29.46
C CYS A 96 -25.91 -25.02 30.62
N VAL A 97 -26.76 -26.05 30.61
CA VAL A 97 -27.70 -26.31 31.70
C VAL A 97 -27.55 -27.77 32.11
N THR A 98 -28.21 -28.12 33.21
CA THR A 98 -28.24 -29.51 33.63
C THR A 98 -29.12 -30.33 32.69
N LEU A 99 -28.74 -31.58 32.47
CA LEU A 99 -29.41 -32.45 31.51
C LEU A 99 -29.90 -33.70 32.22
N GLN A 100 -31.16 -34.06 31.99
CA GLN A 100 -31.73 -35.31 32.48
C GLN A 100 -31.79 -36.28 31.31
N CYS A 101 -30.76 -37.14 31.22
CA CYS A 101 -30.58 -38.02 30.07
C CYS A 101 -30.93 -39.46 30.41
N THR A 102 -31.66 -40.12 29.51
CA THR A 102 -31.91 -41.55 29.58
C THR A 102 -31.23 -42.21 28.39
N ASN A 103 -30.77 -43.44 28.59
CA ASN A 103 -30.13 -44.19 27.51
C ASN A 103 -31.17 -44.56 26.46
N VAL A 104 -30.79 -44.41 25.19
CA VAL A 104 -31.71 -44.69 24.08
C VAL A 104 -31.65 -46.19 23.84
N THR A 105 -32.51 -46.91 24.57
CA THR A 105 -32.71 -48.34 24.38
C THR A 105 -34.02 -48.56 23.60
N ASN A 106 -34.22 -47.78 22.55
CA ASN A 106 -35.55 -47.58 21.98
C ASN A 106 -35.57 -47.98 20.50
N ASN A 107 -36.33 -49.05 20.24
CA ASN A 107 -36.80 -49.62 18.97
C ASN A 107 -35.78 -50.32 18.08
N ILE A 108 -34.47 -50.13 18.26
CA ILE A 108 -33.53 -51.15 17.76
C ILE A 108 -32.55 -51.49 18.89
N THR A 109 -31.64 -50.54 19.14
CA THR A 109 -30.53 -50.60 20.11
C THR A 109 -29.84 -51.97 20.10
N ASP A 110 -29.24 -52.26 18.94
CA ASP A 110 -28.59 -53.56 18.77
C ASP A 110 -27.18 -53.56 19.33
N ASP A 111 -26.32 -52.66 18.85
CA ASP A 111 -24.98 -52.49 19.40
C ASP A 111 -24.70 -51.06 19.84
N MET A 112 -25.58 -50.10 19.53
CA MET A 112 -25.48 -48.74 20.06
C MET A 112 -26.13 -48.71 21.45
N ARG A 113 -25.42 -49.33 22.40
CA ARG A 113 -26.00 -49.64 23.71
C ARG A 113 -26.16 -48.37 24.55
N GLY A 114 -25.04 -47.72 24.87
CA GLY A 114 -25.08 -46.54 25.70
C GLY A 114 -24.40 -45.34 25.07
N GLU A 115 -24.50 -45.22 23.75
CA GLU A 115 -23.91 -44.09 23.05
C GLU A 115 -24.90 -42.93 22.91
N LEU A 116 -26.06 -43.20 22.30
CA LEU A 116 -27.09 -42.19 22.17
C LEU A 116 -27.78 -41.98 23.52
N LYS A 117 -27.99 -40.73 23.90
CA LYS A 117 -28.63 -40.38 25.15
C LYS A 117 -29.79 -39.44 24.87
N ASN A 118 -30.96 -39.73 25.45
CA ASN A 118 -32.17 -38.93 25.26
C ASN A 118 -32.23 -37.92 26.40
N CYS A 119 -31.77 -36.70 26.14
CA CYS A 119 -31.60 -35.67 27.17
C CYS A 119 -32.71 -34.64 27.06
N SER A 120 -33.36 -34.35 28.18
CA SER A 120 -34.38 -33.31 28.27
C SER A 120 -33.87 -32.22 29.21
N PHE A 121 -33.98 -30.97 28.77
CA PHE A 121 -33.44 -29.85 29.53
C PHE A 121 -34.39 -28.66 29.45
N ASN A 122 -34.27 -27.77 30.44
CA ASN A 122 -35.05 -26.55 30.50
C ASN A 122 -34.32 -25.48 29.70
N MET A 123 -35.02 -24.89 28.73
CA MET A 123 -34.42 -23.94 27.80
C MET A 123 -35.21 -22.64 27.79
N THR A 124 -34.50 -21.53 27.62
CA THR A 124 -35.12 -20.24 27.44
C THR A 124 -35.77 -20.15 26.05
N THR A 125 -36.57 -19.12 25.87
CA THR A 125 -37.31 -18.90 24.63
C THR A 125 -37.17 -17.43 24.26
N GLU A 126 -38.03 -16.99 23.33
CA GLU A 126 -38.03 -15.59 22.90
C GLU A 126 -38.37 -14.65 24.05
N LEU A 127 -39.33 -15.03 24.88
CA LEU A 127 -39.64 -14.27 26.08
C LEU A 127 -38.69 -14.68 27.19
N ARG A 128 -38.02 -13.69 27.81
CA ARG A 128 -36.95 -14.01 28.75
C ARG A 128 -37.46 -14.52 30.09
N ASP A 129 -38.73 -14.28 30.42
CA ASP A 129 -39.27 -14.76 31.69
C ASP A 129 -39.89 -16.15 31.59
N LYS A 130 -40.11 -16.65 30.38
CA LYS A 130 -40.66 -17.99 30.18
C LYS A 130 -39.56 -18.96 29.79
N LYS A 131 -39.75 -20.23 30.17
CA LYS A 131 -38.83 -21.29 29.83
C LYS A 131 -39.60 -22.45 29.23
N GLN A 132 -38.97 -23.16 28.30
CA GLN A 132 -39.57 -24.30 27.63
C GLN A 132 -38.80 -25.57 27.99
N LYS A 133 -39.50 -26.69 27.95
CA LYS A 133 -38.92 -28.01 28.20
C LYS A 133 -38.82 -28.74 26.87
N VAL A 134 -37.60 -28.78 26.31
CA VAL A 134 -37.36 -29.43 25.04
C VAL A 134 -36.36 -30.57 25.26
N TYR A 135 -36.30 -31.47 24.28
CA TYR A 135 -35.47 -32.65 24.36
C TYR A 135 -34.56 -32.72 23.14
N SER A 136 -33.40 -33.34 23.32
CA SER A 136 -32.47 -33.57 22.22
C SER A 136 -31.74 -34.88 22.47
N LEU A 137 -31.25 -35.48 21.39
CA LEU A 137 -30.54 -36.75 21.45
C LEU A 137 -29.05 -36.48 21.27
N PHE A 138 -28.32 -36.49 22.38
CA PHE A 138 -26.88 -36.28 22.35
C PHE A 138 -26.15 -37.61 22.39
N TYR A 139 -24.87 -37.57 22.04
CA TYR A 139 -24.01 -38.74 22.10
C TYR A 139 -23.37 -38.87 23.47
N ARG A 140 -22.79 -40.04 23.73
CA ARG A 140 -22.11 -40.27 25.00
C ARG A 140 -20.82 -39.45 25.10
N LEU A 141 -20.17 -39.20 23.96
CA LEU A 141 -18.96 -38.38 23.93
C LEU A 141 -19.23 -36.91 24.20
N ASP A 142 -20.48 -36.46 24.11
CA ASP A 142 -20.83 -35.06 24.27
C ASP A 142 -21.30 -34.72 25.68
N VAL A 143 -21.63 -35.72 26.51
CA VAL A 143 -22.19 -35.48 27.83
C VAL A 143 -21.33 -36.17 28.87
N VAL A 144 -21.40 -35.67 30.10
CA VAL A 144 -20.68 -36.25 31.24
C VAL A 144 -21.58 -36.15 32.46
N GLN A 145 -21.51 -37.15 33.33
CA GLN A 145 -22.34 -37.16 34.52
C GLN A 145 -21.86 -36.14 35.55
N ILE A 146 -22.79 -35.67 36.37
CA ILE A 146 -22.50 -34.80 37.50
C ILE A 146 -23.19 -35.37 38.73
N ASN A 147 -22.52 -35.29 39.87
CA ASN A 147 -23.06 -35.85 41.11
C ASN A 147 -23.63 -34.75 42.00
N SER A 157 -33.90 -44.71 34.60
CA SER A 157 -33.78 -43.61 35.55
C SER A 157 -33.47 -42.31 34.84
N ASN A 158 -33.40 -41.21 35.60
CA ASN A 158 -33.11 -39.89 35.07
C ASN A 158 -31.87 -39.35 35.79
N LYS A 159 -30.70 -39.71 35.27
CA LYS A 159 -29.45 -39.20 35.81
C LYS A 159 -29.22 -37.75 35.38
N GLU A 160 -28.44 -37.03 36.18
CA GLU A 160 -28.12 -35.64 35.87
C GLU A 160 -26.84 -35.58 35.05
N TYR A 161 -26.88 -34.83 33.96
CA TYR A 161 -25.75 -34.73 33.04
C TYR A 161 -25.44 -33.26 32.77
N ARG A 162 -24.34 -33.05 32.07
CA ARG A 162 -23.96 -31.74 31.53
C ARG A 162 -23.07 -32.01 30.33
N LEU A 163 -22.87 -30.96 29.53
CA LEU A 163 -22.04 -31.11 28.34
C LEU A 163 -20.56 -31.19 28.72
N ILE A 164 -19.78 -31.78 27.82
CA ILE A 164 -18.34 -31.95 28.07
C ILE A 164 -17.59 -30.63 27.93
N ASN A 165 -18.17 -29.64 27.27
CA ASN A 165 -17.48 -28.37 27.02
C ASN A 165 -17.73 -27.32 28.07
N CYS A 166 -18.84 -27.40 28.82
CA CYS A 166 -19.31 -26.33 29.69
C CYS A 166 -18.38 -26.03 30.85
N ASN A 167 -17.49 -26.94 31.20
CA ASN A 167 -16.45 -26.63 32.18
C ASN A 167 -15.28 -25.90 31.52
N THR A 168 -14.98 -26.20 30.26
CA THR A 168 -13.80 -25.68 29.57
C THR A 168 -14.06 -24.44 28.74
N SER A 169 -15.19 -24.38 28.02
CA SER A 169 -15.42 -23.28 27.09
C SER A 169 -16.92 -23.14 26.82
N ALA A 170 -17.25 -22.21 25.94
CA ALA A 170 -18.62 -22.03 25.45
C ALA A 170 -18.60 -22.21 23.95
N CYS A 171 -19.37 -23.18 23.46
CA CYS A 171 -19.31 -23.53 22.05
C CYS A 171 -20.09 -22.54 21.20
N THR A 172 -19.65 -22.40 19.95
CA THR A 172 -20.33 -21.64 18.92
C THR A 172 -20.90 -22.64 17.94
N GLN A 173 -22.21 -22.60 17.71
CA GLN A 173 -22.84 -23.50 16.75
C GLN A 173 -22.36 -23.16 15.34
N ALA A 174 -22.03 -24.20 14.57
CA ALA A 174 -21.60 -24.01 13.21
C ALA A 174 -22.75 -23.49 12.35
N CYS A 175 -22.40 -22.73 11.32
CA CYS A 175 -23.40 -22.15 10.45
C CYS A 175 -24.04 -23.26 9.62
N PRO A 176 -25.37 -23.37 9.61
CA PRO A 176 -26.00 -24.52 8.94
C PRO A 176 -25.93 -24.48 7.42
N LYS A 177 -25.63 -23.32 6.83
CA LYS A 177 -25.60 -23.21 5.38
C LYS A 177 -24.20 -23.33 4.78
N VAL A 178 -23.15 -23.19 5.59
CA VAL A 178 -21.80 -23.38 5.08
C VAL A 178 -21.51 -24.87 5.05
N SER A 179 -20.54 -25.26 4.23
CA SER A 179 -20.20 -26.66 4.03
C SER A 179 -18.73 -26.88 4.33
N PHE A 180 -18.43 -27.93 5.09
CA PHE A 180 -17.06 -28.29 5.43
C PHE A 180 -16.49 -29.27 4.40
N GLU A 181 -16.59 -28.87 3.12
CA GLU A 181 -16.12 -29.68 2.02
C GLU A 181 -14.80 -29.13 1.53
N PRO A 182 -13.72 -29.90 1.57
CA PRO A 182 -12.42 -29.39 1.07
C PRO A 182 -12.43 -29.29 -0.44
N ILE A 183 -12.16 -28.08 -0.93
CA ILE A 183 -12.03 -27.83 -2.37
C ILE A 183 -10.59 -27.40 -2.61
N PRO A 184 -10.03 -27.63 -3.82
CA PRO A 184 -8.62 -27.31 -4.05
C PRO A 184 -8.31 -25.82 -3.95
N ILE A 185 -7.19 -25.52 -3.28
CA ILE A 185 -6.69 -24.16 -3.11
C ILE A 185 -5.28 -24.12 -3.67
N HIS A 186 -5.03 -23.16 -4.56
CA HIS A 186 -3.70 -22.96 -5.16
C HIS A 186 -3.05 -21.77 -4.45
N TYR A 187 -2.00 -22.04 -3.69
CA TYR A 187 -1.25 -20.94 -3.02
C TYR A 187 -0.30 -20.31 -4.02
N CYS A 188 -0.51 -19.04 -4.39
CA CYS A 188 0.33 -18.42 -5.46
C CYS A 188 1.18 -17.28 -4.91
N ALA A 189 2.41 -17.13 -5.43
CA ALA A 189 3.36 -16.10 -4.93
C ALA A 189 3.20 -14.79 -5.70
N PRO A 190 3.37 -13.62 -5.05
CA PRO A 190 3.24 -12.31 -5.71
C PRO A 190 4.20 -12.11 -6.89
N ALA A 191 3.90 -11.17 -7.79
CA ALA A 191 4.80 -10.91 -8.90
C ALA A 191 6.13 -10.39 -8.37
N GLY A 192 7.22 -10.95 -8.88
CA GLY A 192 8.56 -10.71 -8.36
C GLY A 192 9.08 -11.86 -7.52
N PHE A 193 8.24 -12.81 -7.15
CA PHE A 193 8.62 -14.00 -6.41
C PHE A 193 8.40 -15.21 -7.32
N ALA A 194 8.78 -16.39 -6.81
CA ALA A 194 8.60 -17.62 -7.56
C ALA A 194 8.45 -18.77 -6.59
N ILE A 195 7.87 -19.86 -7.07
CA ILE A 195 7.70 -21.09 -6.30
C ILE A 195 8.42 -22.20 -7.05
N LEU A 196 9.55 -22.66 -6.52
CA LEU A 196 10.25 -23.78 -7.11
C LEU A 196 9.51 -25.08 -6.81
N LYS A 197 9.73 -26.07 -7.66
CA LYS A 197 9.05 -27.36 -7.52
C LYS A 197 10.05 -28.47 -7.81
N CYS A 198 10.23 -29.37 -6.83
CA CYS A 198 11.12 -30.50 -6.99
C CYS A 198 10.39 -31.61 -7.75
N LYS A 199 10.86 -31.89 -8.97
CA LYS A 199 10.25 -32.90 -9.82
C LYS A 199 10.90 -34.27 -9.68
N ASP A 200 11.79 -34.44 -8.70
CA ASP A 200 12.44 -35.72 -8.48
C ASP A 200 11.46 -36.71 -7.86
N LYS A 201 11.55 -37.96 -8.33
CA LYS A 201 10.67 -39.02 -7.86
C LYS A 201 11.22 -39.77 -6.65
N LYS A 202 12.49 -39.57 -6.31
CA LYS A 202 13.12 -40.23 -5.17
C LYS A 202 13.43 -39.23 -4.06
N PHE A 203 12.63 -38.17 -3.97
CA PHE A 203 12.90 -37.09 -3.02
C PHE A 203 12.32 -37.46 -1.66
N ASN A 204 13.16 -37.47 -0.64
CA ASN A 204 12.75 -37.87 0.71
C ASN A 204 12.33 -36.69 1.58
N GLY A 205 12.36 -35.46 1.04
CA GLY A 205 11.91 -34.29 1.76
C GLY A 205 13.02 -33.32 2.12
N THR A 206 14.27 -33.76 2.14
CA THR A 206 15.39 -32.89 2.47
C THR A 206 16.57 -33.22 1.57
N GLY A 207 17.48 -32.26 1.44
CA GLY A 207 18.67 -32.45 0.62
C GLY A 207 18.53 -31.79 -0.73
N PRO A 208 19.56 -31.92 -1.57
CA PRO A 208 19.49 -31.31 -2.91
C PRO A 208 18.55 -32.07 -3.83
N CYS A 209 17.85 -31.31 -4.68
CA CYS A 209 16.93 -31.87 -5.65
C CYS A 209 17.45 -31.56 -7.05
N PRO A 210 17.83 -32.57 -7.85
CA PRO A 210 18.41 -32.28 -9.17
C PRO A 210 17.42 -31.74 -10.20
N SER A 211 16.12 -31.99 -10.03
CA SER A 211 15.12 -31.59 -11.00
C SER A 211 14.23 -30.52 -10.37
N VAL A 212 14.55 -29.26 -10.62
CA VAL A 212 13.82 -28.12 -10.07
C VAL A 212 13.04 -27.46 -11.20
N SER A 213 11.77 -27.15 -10.92
CA SER A 213 10.92 -26.47 -11.88
C SER A 213 10.31 -25.25 -11.23
N THR A 214 10.31 -24.13 -11.97
CA THR A 214 9.78 -22.86 -11.46
C THR A 214 8.35 -22.67 -11.99
N VAL A 215 7.43 -23.44 -11.42
CA VAL A 215 6.00 -23.27 -11.67
C VAL A 215 5.57 -21.95 -11.05
N GLN A 216 4.55 -21.31 -11.64
CA GLN A 216 4.07 -20.04 -11.10
C GLN A 216 3.49 -20.22 -9.71
N CYS A 217 2.64 -21.24 -9.52
CA CYS A 217 2.23 -21.64 -8.18
C CYS A 217 1.75 -23.09 -8.17
N THR A 218 1.41 -23.54 -6.96
CA THR A 218 1.24 -24.94 -6.66
C THR A 218 -0.05 -25.50 -7.27
N HIS A 219 -0.18 -26.82 -7.21
CA HIS A 219 -1.40 -27.50 -7.61
C HIS A 219 -2.46 -27.35 -6.52
N GLY A 220 -3.64 -27.92 -6.79
CA GLY A 220 -4.74 -27.82 -5.85
C GLY A 220 -4.56 -28.63 -4.59
N ILE A 221 -4.33 -27.95 -3.47
CA ILE A 221 -4.12 -28.60 -2.18
C ILE A 221 -5.43 -28.55 -1.42
N LYS A 222 -6.09 -29.69 -1.28
CA LYS A 222 -7.36 -29.76 -0.56
C LYS A 222 -7.09 -29.71 0.95
N PRO A 223 -7.67 -28.77 1.69
CA PRO A 223 -7.47 -28.72 3.15
C PRO A 223 -8.27 -29.80 3.88
N VAL A 224 -7.81 -31.04 3.76
CA VAL A 224 -8.50 -32.17 4.35
C VAL A 224 -8.08 -32.31 5.81
N VAL A 225 -9.06 -32.49 6.69
CA VAL A 225 -8.83 -32.73 8.10
C VAL A 225 -8.76 -34.24 8.31
N SER A 226 -7.63 -34.72 8.81
CA SER A 226 -7.42 -36.15 8.98
C SER A 226 -6.35 -36.39 10.03
N THR A 227 -6.50 -37.52 10.73
CA THR A 227 -5.48 -38.04 11.64
C THR A 227 -5.32 -39.52 11.39
N GLN A 228 -4.05 -39.98 11.38
CA GLN A 228 -3.59 -41.36 11.24
C GLN A 228 -3.79 -41.95 9.83
N LEU A 229 -4.50 -41.24 8.96
CA LEU A 229 -4.77 -41.72 7.61
C LEU A 229 -4.86 -40.47 6.73
N LEU A 230 -3.78 -40.18 6.01
CA LEU A 230 -3.78 -39.05 5.09
C LEU A 230 -4.73 -39.33 3.94
N LEU A 231 -5.74 -38.48 3.80
CA LEU A 231 -6.82 -38.71 2.85
C LEU A 231 -6.42 -38.15 1.48
N ASN A 232 -7.39 -37.96 0.60
CA ASN A 232 -7.16 -37.76 -0.83
C ASN A 232 -6.34 -36.51 -1.13
N GLY A 233 -5.34 -36.67 -1.98
CA GLY A 233 -4.39 -35.62 -2.30
C GLY A 233 -3.43 -36.04 -3.38
N SER A 234 -2.14 -35.76 -3.20
CA SER A 234 -1.12 -36.09 -4.18
C SER A 234 -0.52 -37.45 -3.85
N LEU A 235 -0.53 -38.34 -4.84
CA LEU A 235 0.09 -39.65 -4.70
C LEU A 235 1.55 -39.60 -5.14
N ALA A 236 2.32 -40.58 -4.67
CA ALA A 236 3.68 -40.74 -5.15
C ALA A 236 3.67 -41.33 -6.55
N GLU A 237 4.74 -41.05 -7.30
CA GLU A 237 4.78 -41.41 -8.71
C GLU A 237 5.23 -42.85 -8.95
N GLU A 238 6.28 -43.30 -8.26
CA GLU A 238 6.88 -44.60 -8.55
C GLU A 238 6.71 -45.60 -7.40
N GLU A 239 7.18 -45.25 -6.20
CA GLU A 239 7.19 -46.20 -5.08
C GLU A 239 6.58 -45.54 -3.85
N VAL A 240 6.35 -46.35 -2.83
CA VAL A 240 5.89 -45.86 -1.53
C VAL A 240 7.05 -45.10 -0.88
N MET A 241 6.82 -43.83 -0.59
CA MET A 241 7.89 -42.96 -0.10
C MET A 241 7.72 -42.69 1.39
N ILE A 242 8.80 -42.90 2.14
CA ILE A 242 8.87 -42.62 3.56
C ILE A 242 9.68 -41.34 3.75
N ARG A 243 9.07 -40.32 4.35
CA ARG A 243 9.71 -39.05 4.60
C ARG A 243 9.67 -38.76 6.09
N SER A 244 10.84 -38.65 6.69
CA SER A 244 10.95 -38.34 8.12
C SER A 244 12.04 -37.30 8.31
N GLU A 245 11.87 -36.45 9.33
CA GLU A 245 12.88 -35.45 9.65
C GLU A 245 14.14 -36.12 10.20
N ASN A 246 13.96 -37.15 11.02
CA ASN A 246 15.09 -37.91 11.57
C ASN A 246 14.60 -39.33 11.77
N ILE A 247 15.08 -40.25 10.91
CA ILE A 247 14.62 -41.63 10.97
C ILE A 247 15.21 -42.37 12.16
N THR A 248 16.28 -41.84 12.77
CA THR A 248 16.87 -42.42 13.97
C THR A 248 16.35 -41.75 15.25
N ASN A 249 15.16 -41.14 15.20
CA ASN A 249 14.56 -40.48 16.34
C ASN A 249 13.20 -41.09 16.62
N ASN A 250 12.90 -41.29 17.90
CA ASN A 250 11.64 -41.90 18.32
C ASN A 250 10.51 -40.89 18.50
N ALA A 251 10.78 -39.60 18.37
CA ALA A 251 9.79 -38.56 18.60
C ALA A 251 9.44 -37.80 17.34
N LYS A 252 9.87 -38.27 16.17
CA LYS A 252 9.58 -37.61 14.90
C LYS A 252 8.56 -38.44 14.14
N ASN A 253 7.50 -37.78 13.65
CA ASN A 253 6.47 -38.46 12.90
C ASN A 253 6.98 -38.92 11.55
N ILE A 254 6.46 -40.07 11.11
CA ILE A 254 6.90 -40.70 9.86
C ILE A 254 5.83 -40.54 8.80
N LEU A 255 5.96 -39.52 7.96
CA LEU A 255 5.01 -39.32 6.88
C LEU A 255 5.28 -40.30 5.75
N VAL A 256 4.23 -40.97 5.29
CA VAL A 256 4.31 -41.97 4.24
C VAL A 256 3.40 -41.53 3.11
N GLN A 257 3.88 -41.62 1.88
CA GLN A 257 3.03 -41.46 0.70
C GLN A 257 2.74 -42.82 0.08
N PHE A 258 1.71 -42.87 -0.76
CA PHE A 258 1.24 -44.11 -1.35
C PHE A 258 1.34 -44.04 -2.87
N ASN A 259 1.80 -45.14 -3.47
CA ASN A 259 1.80 -45.23 -4.93
C ASN A 259 0.38 -45.38 -5.47
N THR A 260 -0.43 -46.23 -4.85
CA THR A 260 -1.81 -46.44 -5.23
C THR A 260 -2.72 -46.04 -4.08
N PRO A 261 -3.87 -45.45 -4.38
CA PRO A 261 -4.77 -45.02 -3.30
C PRO A 261 -5.61 -46.17 -2.76
N VAL A 262 -5.80 -46.22 -1.46
CA VAL A 262 -6.64 -47.23 -0.82
C VAL A 262 -8.02 -46.61 -0.59
N GLN A 263 -9.04 -47.21 -1.21
CA GLN A 263 -10.39 -46.67 -1.11
C GLN A 263 -11.01 -47.07 0.23
N ILE A 264 -11.57 -46.08 0.92
CA ILE A 264 -12.27 -46.30 2.19
C ILE A 264 -13.69 -45.74 2.04
N ASN A 265 -14.67 -46.52 2.46
CA ASN A 265 -16.07 -46.13 2.40
C ASN A 265 -16.58 -45.92 3.82
N CYS A 266 -17.06 -44.71 4.11
CA CYS A 266 -17.53 -44.37 5.43
C CYS A 266 -18.97 -43.87 5.36
N THR A 267 -19.82 -44.39 6.23
CA THR A 267 -21.23 -44.06 6.20
C THR A 267 -21.79 -44.04 7.61
N ARG A 268 -22.92 -43.37 7.76
CA ARG A 268 -23.68 -43.34 9.01
C ARG A 268 -25.06 -43.92 8.75
N PRO A 269 -25.36 -45.14 9.24
CA PRO A 269 -26.64 -45.78 8.91
C PRO A 269 -27.85 -45.12 9.57
N ASN A 270 -27.66 -44.24 10.54
CA ASN A 270 -28.77 -43.58 11.20
C ASN A 270 -29.43 -42.57 10.26
N ASN A 271 -30.76 -42.53 10.29
CA ASN A 271 -31.53 -41.50 9.58
C ASN A 271 -31.88 -40.44 10.61
N ASN A 272 -30.99 -39.47 10.78
CA ASN A 272 -31.19 -38.43 11.78
C ASN A 272 -32.27 -37.46 11.35
N THR A 273 -32.82 -36.74 12.33
CA THR A 273 -33.84 -35.74 12.10
C THR A 273 -33.44 -34.47 12.82
N ARG A 274 -33.49 -33.34 12.14
CA ARG A 274 -33.12 -32.05 12.70
C ARG A 274 -34.38 -31.28 13.10
N LYS A 275 -34.41 -30.81 14.35
CA LYS A 275 -35.50 -30.01 14.86
C LYS A 275 -34.97 -28.66 15.32
N SER A 276 -35.72 -27.60 15.02
CA SER A 276 -35.31 -26.25 15.36
C SER A 276 -35.83 -25.87 16.74
N ILE A 277 -34.94 -25.50 17.63
CA ILE A 277 -35.28 -25.04 18.97
C ILE A 277 -34.88 -23.57 19.04
N ARG A 278 -35.86 -22.68 19.13
CA ARG A 278 -35.59 -21.25 19.15
C ARG A 278 -35.22 -20.85 20.57
N ILE A 279 -33.95 -20.52 20.77
CA ILE A 279 -33.40 -20.28 22.10
C ILE A 279 -33.24 -18.79 22.39
N GLY A 280 -33.85 -17.94 21.57
CA GLY A 280 -33.76 -16.51 21.75
C GLY A 280 -34.35 -15.76 20.59
N PRO A 281 -34.24 -14.44 20.61
CA PRO A 281 -34.78 -13.64 19.50
C PRO A 281 -33.92 -13.72 18.26
N GLY A 282 -34.15 -14.75 17.44
CA GLY A 282 -33.43 -14.93 16.20
C GLY A 282 -32.33 -15.97 16.23
N GLN A 283 -32.12 -16.64 17.36
CA GLN A 283 -31.14 -17.70 17.49
C GLN A 283 -31.84 -19.04 17.62
N ALA A 284 -31.45 -19.99 16.78
CA ALA A 284 -32.07 -21.30 16.76
C ALA A 284 -31.03 -22.37 17.02
N PHE A 285 -31.37 -23.34 17.86
CA PHE A 285 -30.51 -24.46 18.21
C PHE A 285 -31.02 -25.68 17.47
N TYR A 286 -30.33 -26.06 16.40
CA TYR A 286 -30.72 -27.20 15.58
C TYR A 286 -30.27 -28.48 16.29
N ALA A 287 -31.23 -29.23 16.83
CA ALA A 287 -30.96 -30.38 17.66
C ALA A 287 -31.36 -31.67 16.95
N THR A 288 -30.84 -32.78 17.45
CA THR A 288 -31.20 -34.09 16.93
C THR A 288 -32.62 -34.44 17.36
N GLY A 289 -33.44 -34.86 16.40
CA GLY A 289 -34.80 -35.25 16.71
C GLY A 289 -34.88 -36.72 17.05
N ASP A 290 -35.63 -37.48 16.27
CA ASP A 290 -35.76 -38.92 16.47
C ASP A 290 -35.27 -39.65 15.23
N ILE A 291 -34.42 -40.65 15.43
CA ILE A 291 -33.94 -41.46 14.32
C ILE A 291 -35.05 -42.43 13.93
N ILE A 292 -35.53 -42.32 12.70
CA ILE A 292 -36.58 -43.20 12.20
C ILE A 292 -35.93 -44.38 11.49
N GLY A 293 -36.50 -45.57 11.68
CA GLY A 293 -36.00 -46.75 11.02
C GLY A 293 -35.08 -47.60 11.88
N ASP A 294 -33.84 -47.76 11.44
CA ASP A 294 -32.87 -48.65 12.07
C ASP A 294 -31.72 -47.82 12.64
N ILE A 295 -31.27 -48.22 13.84
CA ILE A 295 -30.12 -47.59 14.48
C ILE A 295 -28.96 -48.58 14.44
N ARG A 296 -27.86 -48.17 13.80
CA ARG A 296 -26.68 -48.99 13.69
C ARG A 296 -25.44 -48.15 13.95
N GLN A 297 -24.36 -48.81 14.34
CA GLN A 297 -23.09 -48.12 14.57
C GLN A 297 -22.48 -47.67 13.25
N ALA A 298 -21.99 -46.44 13.21
CA ALA A 298 -21.30 -45.93 12.03
C ALA A 298 -19.96 -46.62 11.86
N HIS A 299 -19.62 -46.95 10.63
CA HIS A 299 -18.45 -47.79 10.35
C HIS A 299 -17.77 -47.36 9.07
N CYS A 300 -16.49 -47.70 8.97
CA CYS A 300 -15.71 -47.58 7.75
C CYS A 300 -15.11 -48.93 7.41
N ASN A 301 -15.24 -49.34 6.15
CA ASN A 301 -14.65 -50.60 5.69
C ASN A 301 -13.53 -50.32 4.70
N VAL A 302 -12.41 -50.99 4.90
CA VAL A 302 -11.25 -50.91 4.01
C VAL A 302 -11.05 -52.31 3.44
N SER A 303 -10.86 -52.38 2.12
CA SER A 303 -10.69 -53.66 1.44
C SER A 303 -9.43 -54.37 1.92
N LYS A 304 -9.58 -55.64 2.30
CA LYS A 304 -8.50 -56.37 2.95
C LYS A 304 -7.41 -56.75 1.95
N ALA A 305 -7.80 -57.03 0.70
CA ALA A 305 -6.82 -57.37 -0.33
C ALA A 305 -5.97 -56.17 -0.70
N THR A 306 -6.57 -54.98 -0.77
CA THR A 306 -5.82 -53.78 -1.11
C THR A 306 -4.96 -53.30 0.05
N TRP A 307 -5.46 -53.44 1.27
CA TRP A 307 -4.72 -52.93 2.43
C TRP A 307 -3.54 -53.82 2.78
N ASN A 308 -3.65 -55.13 2.51
CA ASN A 308 -2.53 -56.03 2.77
C ASN A 308 -1.39 -55.80 1.79
N GLU A 309 -1.71 -55.53 0.52
CA GLU A 309 -0.68 -55.21 -0.45
C GLU A 309 -0.06 -53.85 -0.18
N THR A 310 -0.86 -52.90 0.30
CA THR A 310 -0.35 -51.57 0.60
C THR A 310 0.55 -51.58 1.83
N LEU A 311 0.18 -52.34 2.86
CA LEU A 311 1.05 -52.51 4.01
C LEU A 311 2.30 -53.29 3.65
N GLY A 312 2.20 -54.23 2.70
CA GLY A 312 3.37 -54.95 2.24
C GLY A 312 4.35 -54.07 1.50
N LYS A 313 3.83 -53.06 0.79
CA LYS A 313 4.71 -52.10 0.12
C LYS A 313 5.33 -51.13 1.11
N VAL A 314 4.63 -50.86 2.22
CA VAL A 314 5.17 -49.98 3.25
C VAL A 314 6.32 -50.67 3.99
N VAL A 315 6.15 -51.95 4.32
CA VAL A 315 7.18 -52.71 5.04
C VAL A 315 8.41 -52.91 4.16
N LYS A 316 8.21 -53.19 2.87
CA LYS A 316 9.31 -53.45 1.95
C LYS A 316 10.19 -52.21 1.77
N GLN A 317 9.58 -51.03 1.66
CA GLN A 317 10.35 -49.80 1.57
C GLN A 317 10.82 -49.30 2.93
N LEU A 318 10.34 -49.88 4.03
CA LEU A 318 10.86 -49.53 5.35
C LEU A 318 12.07 -50.36 5.74
N ARG A 319 12.40 -51.39 4.96
CA ARG A 319 13.56 -52.22 5.29
C ARG A 319 14.87 -51.49 5.00
N LYS A 320 14.83 -50.52 4.09
CA LYS A 320 16.05 -49.79 3.72
C LYS A 320 16.48 -48.84 4.83
N HIS A 321 15.53 -48.21 5.50
CA HIS A 321 15.86 -47.18 6.48
C HIS A 321 16.34 -47.75 7.81
N PHE A 322 15.83 -48.92 8.22
CA PHE A 322 16.09 -49.44 9.56
C PHE A 322 16.96 -50.69 9.55
N GLY A 323 16.51 -51.75 8.89
CA GLY A 323 17.27 -52.98 8.85
C GLY A 323 16.59 -53.97 7.93
N ASN A 324 17.39 -54.65 7.10
CA ASN A 324 16.84 -55.41 5.99
C ASN A 324 16.33 -56.77 6.44
N ASN A 325 16.81 -57.25 7.60
CA ASN A 325 16.31 -58.45 8.25
C ASN A 325 15.45 -58.18 9.47
N THR A 326 15.28 -56.92 9.86
CA THR A 326 14.48 -56.60 11.03
C THR A 326 12.99 -56.72 10.71
N ILE A 327 12.26 -57.41 11.59
CA ILE A 327 10.82 -57.60 11.41
C ILE A 327 10.10 -56.29 11.70
N ILE A 328 9.02 -56.05 10.97
CA ILE A 328 8.19 -54.85 11.12
C ILE A 328 6.83 -55.26 11.65
N ARG A 329 6.45 -54.70 12.80
CA ARG A 329 5.19 -55.02 13.45
C ARG A 329 4.34 -53.76 13.55
N PHE A 330 3.09 -53.85 13.14
CA PHE A 330 2.14 -52.76 13.23
C PHE A 330 1.23 -52.97 14.43
N ALA A 331 1.18 -51.98 15.32
CA ALA A 331 0.32 -52.03 16.49
C ALA A 331 -0.64 -50.84 16.46
N ASN A 332 -1.65 -50.89 17.32
CA ASN A 332 -2.63 -49.82 17.38
C ASN A 332 -2.06 -48.63 18.14
N SER A 333 -2.88 -47.58 18.26
CA SER A 333 -2.45 -46.34 18.88
C SER A 333 -2.25 -46.52 20.38
N SER A 334 -1.33 -45.73 20.94
CA SER A 334 -0.99 -45.87 22.35
C SER A 334 -2.08 -45.30 23.25
N GLY A 335 -2.36 -44.01 23.11
CA GLY A 335 -3.39 -43.39 23.92
C GLY A 335 -3.33 -41.88 23.80
N GLY A 336 -4.18 -41.24 24.61
CA GLY A 336 -4.26 -39.79 24.62
C GLY A 336 -5.65 -39.28 24.34
N ASP A 337 -5.75 -38.15 23.66
CA ASP A 337 -7.04 -37.58 23.29
C ASP A 337 -7.63 -38.34 22.11
N LEU A 338 -8.91 -38.08 21.83
CA LEU A 338 -9.61 -38.84 20.79
C LEU A 338 -9.17 -38.45 19.39
N GLU A 339 -8.58 -37.26 19.23
CA GLU A 339 -8.04 -36.88 17.93
C GLU A 339 -6.77 -37.65 17.61
N VAL A 340 -6.01 -38.01 18.64
CA VAL A 340 -4.75 -38.74 18.46
C VAL A 340 -4.97 -40.25 18.50
N THR A 341 -5.84 -40.71 19.41
CA THR A 341 -6.08 -42.15 19.57
C THR A 341 -6.81 -42.75 18.37
N THR A 342 -7.86 -42.08 17.90
CA THR A 342 -8.67 -42.58 16.80
C THR A 342 -8.50 -41.74 15.56
N HIS A 343 -8.98 -42.27 14.44
CA HIS A 343 -8.90 -41.58 13.15
C HIS A 343 -10.09 -40.65 12.99
N SER A 344 -9.83 -39.34 12.91
CA SER A 344 -10.87 -38.34 12.78
C SER A 344 -10.84 -37.73 11.38
N PHE A 345 -12.01 -37.43 10.85
CA PHE A 345 -12.16 -36.79 9.54
C PHE A 345 -13.52 -36.10 9.51
N ASN A 346 -13.92 -35.68 8.31
CA ASN A 346 -15.13 -34.87 8.13
C ASN A 346 -15.90 -35.41 6.93
N CYS A 347 -16.98 -36.14 7.20
CA CYS A 347 -17.81 -36.75 6.17
C CYS A 347 -19.14 -36.00 6.09
N GLY A 348 -19.19 -34.96 5.25
CA GLY A 348 -20.42 -34.25 5.00
C GLY A 348 -20.90 -33.36 6.15
N GLY A 349 -20.01 -32.98 7.05
CA GLY A 349 -20.38 -32.18 8.21
C GLY A 349 -20.50 -32.96 9.49
N GLU A 350 -20.44 -34.29 9.43
CA GLU A 350 -20.51 -35.14 10.61
C GLU A 350 -19.10 -35.64 10.94
N PHE A 351 -18.66 -35.39 12.17
CA PHE A 351 -17.28 -35.63 12.56
C PHE A 351 -17.14 -37.04 13.12
N PHE A 352 -16.42 -37.89 12.41
CA PHE A 352 -16.20 -39.26 12.82
C PHE A 352 -14.95 -39.36 13.69
N TYR A 353 -14.88 -40.43 14.48
CA TYR A 353 -13.68 -40.78 15.26
C TYR A 353 -13.59 -42.31 15.21
N CYS A 354 -12.86 -42.83 14.24
CA CYS A 354 -12.90 -44.24 13.90
C CYS A 354 -11.71 -45.00 14.47
N ASN A 355 -11.99 -46.19 15.00
CA ASN A 355 -10.95 -47.06 15.54
C ASN A 355 -10.07 -47.59 14.41
N THR A 356 -8.75 -47.62 14.64
CA THR A 356 -7.80 -48.14 13.67
C THR A 356 -7.10 -49.41 14.14
N SER A 357 -7.72 -50.15 15.07
CA SER A 357 -7.12 -51.40 15.52
C SER A 357 -7.22 -52.50 14.46
N GLY A 358 -8.21 -52.40 13.58
CA GLY A 358 -8.34 -53.39 12.52
C GLY A 358 -7.23 -53.29 11.48
N LEU A 359 -6.83 -52.07 11.13
CA LEU A 359 -5.82 -51.88 10.10
C LEU A 359 -4.41 -52.16 10.62
N PHE A 360 -4.03 -51.53 11.73
CA PHE A 360 -2.67 -51.61 12.24
C PHE A 360 -2.57 -52.77 13.24
N ASN A 361 -2.73 -53.98 12.71
CA ASN A 361 -2.60 -55.20 13.51
C ASN A 361 -2.05 -56.28 12.59
N SER A 362 -0.72 -56.39 12.57
CA SER A 362 -0.01 -57.33 11.70
C SER A 362 1.43 -57.46 12.18
N THR A 363 2.06 -58.54 11.77
CA THR A 363 3.50 -58.72 11.91
C THR A 363 4.06 -59.19 10.57
N TRP A 364 5.31 -58.84 10.30
CA TRP A 364 5.92 -59.11 9.00
C TRP A 364 7.29 -59.74 9.20
N ILE A 365 7.41 -60.99 8.78
CA ILE A 365 8.67 -61.73 8.81
C ILE A 365 9.42 -61.41 7.52
N SER A 366 10.76 -61.30 7.62
CA SER A 366 11.57 -60.95 6.47
C SER A 366 11.58 -62.05 5.40
N ASN A 367 11.31 -63.29 5.80
CA ASN A 367 11.21 -64.39 4.84
C ASN A 367 9.93 -64.29 4.01
N ASN A 379 -10.78 -61.97 -0.13
CA ASN A 379 -11.52 -60.78 -0.53
C ASN A 379 -12.61 -60.44 0.49
N ASP A 380 -12.26 -59.59 1.45
CA ASP A 380 -13.19 -59.17 2.51
C ASP A 380 -13.00 -57.69 2.75
N SER A 381 -13.57 -57.20 3.86
CA SER A 381 -13.45 -55.80 4.25
C SER A 381 -13.11 -55.74 5.74
N ILE A 382 -12.35 -54.70 6.11
CA ILE A 382 -11.94 -54.48 7.48
C ILE A 382 -12.85 -53.40 8.04
N THR A 383 -13.87 -53.80 8.79
CA THR A 383 -14.84 -52.85 9.33
C THR A 383 -14.26 -52.15 10.55
N LEU A 384 -14.22 -50.82 10.50
CA LEU A 384 -13.69 -50.02 11.60
C LEU A 384 -14.84 -49.39 12.38
N PRO A 385 -15.04 -49.75 13.65
CA PRO A 385 -16.14 -49.14 14.43
C PRO A 385 -15.86 -47.69 14.78
N CYS A 386 -16.65 -46.78 14.23
CA CYS A 386 -16.44 -45.35 14.44
C CYS A 386 -17.24 -44.86 15.66
N ARG A 387 -17.10 -43.57 15.94
CA ARG A 387 -17.67 -42.98 17.15
C ARG A 387 -17.90 -41.50 16.88
N ILE A 388 -19.15 -41.13 16.61
CA ILE A 388 -19.45 -39.77 16.18
C ILE A 388 -19.56 -38.84 17.39
N LYS A 389 -18.86 -37.71 17.33
CA LYS A 389 -18.90 -36.69 18.36
C LYS A 389 -19.30 -35.36 17.72
N GLN A 390 -20.16 -34.61 18.41
CA GLN A 390 -20.65 -33.33 17.90
C GLN A 390 -19.85 -32.15 18.46
N ILE A 391 -19.80 -32.02 19.78
CA ILE A 391 -18.97 -30.99 20.41
C ILE A 391 -17.52 -31.41 20.29
N ILE A 392 -16.75 -30.69 19.48
CA ILE A 392 -15.37 -31.04 19.18
C ILE A 392 -14.46 -29.90 19.59
N ASN A 393 -13.19 -30.22 19.82
CA ASN A 393 -12.15 -29.23 20.13
C ASN A 393 -11.13 -29.29 19.02
N MET A 394 -11.33 -28.47 17.99
CA MET A 394 -10.51 -28.54 16.79
C MET A 394 -9.32 -27.60 16.92
N TRP A 395 -8.19 -28.03 16.33
CA TRP A 395 -6.88 -27.38 16.32
C TRP A 395 -6.24 -27.34 17.71
N GLN A 396 -6.71 -28.22 18.61
CA GLN A 396 -6.21 -28.43 19.96
C GLN A 396 -6.18 -27.16 20.79
N ARG A 397 -7.17 -26.30 20.60
CA ARG A 397 -7.26 -25.02 21.30
C ARG A 397 -8.26 -25.16 22.43
N ILE A 398 -7.75 -25.28 23.65
CA ILE A 398 -8.60 -25.38 24.83
C ILE A 398 -9.18 -24.01 25.13
N GLY A 399 -10.45 -23.82 24.81
CA GLY A 399 -11.10 -22.54 25.00
C GLY A 399 -12.03 -22.17 23.86
N GLN A 400 -11.86 -22.86 22.73
CA GLN A 400 -12.75 -22.68 21.57
C GLN A 400 -13.27 -24.04 21.13
N CYS A 401 -14.58 -24.17 21.05
CA CYS A 401 -15.23 -25.38 20.58
C CYS A 401 -16.34 -25.00 19.60
N MET A 402 -16.69 -25.95 18.74
CA MET A 402 -17.72 -25.73 17.72
C MET A 402 -18.72 -26.88 17.79
N TYR A 403 -20.01 -26.54 17.79
CA TYR A 403 -21.07 -27.53 17.79
C TYR A 403 -21.47 -27.82 16.34
N ALA A 404 -21.27 -29.06 15.92
CA ALA A 404 -21.68 -29.46 14.58
C ALA A 404 -23.18 -29.77 14.59
N PRO A 405 -23.98 -29.09 13.76
CA PRO A 405 -25.40 -29.41 13.71
C PRO A 405 -25.64 -30.75 13.04
N PRO A 406 -26.73 -31.44 13.37
CA PRO A 406 -27.02 -32.73 12.72
C PRO A 406 -27.38 -32.56 11.25
N ILE A 407 -27.06 -33.58 10.47
CA ILE A 407 -27.40 -33.64 9.05
C ILE A 407 -28.39 -34.78 8.88
N GLN A 408 -29.59 -34.46 8.39
CA GLN A 408 -30.62 -35.47 8.23
C GLN A 408 -30.33 -36.35 7.02
N GLY A 409 -30.81 -37.58 7.08
CA GLY A 409 -30.62 -38.55 6.02
C GLY A 409 -29.34 -39.37 6.22
N VAL A 410 -29.22 -40.39 5.38
CA VAL A 410 -28.06 -41.26 5.40
C VAL A 410 -26.93 -40.60 4.60
N ILE A 411 -25.76 -40.49 5.22
CA ILE A 411 -24.58 -39.91 4.58
C ILE A 411 -23.63 -41.04 4.22
N ARG A 412 -22.81 -40.80 3.21
CA ARG A 412 -21.83 -41.78 2.76
C ARG A 412 -20.69 -41.05 2.05
N CYS A 413 -19.46 -41.38 2.43
CA CYS A 413 -18.27 -40.80 1.81
C CYS A 413 -17.40 -41.91 1.24
N VAL A 414 -16.87 -41.66 0.05
CA VAL A 414 -15.84 -42.51 -0.55
C VAL A 414 -14.56 -41.69 -0.62
N SER A 415 -13.48 -42.22 -0.05
CA SER A 415 -12.25 -41.47 0.13
C SER A 415 -11.05 -42.32 -0.25
N ASN A 416 -9.98 -41.66 -0.63
CA ASN A 416 -8.72 -42.31 -0.95
C ASN A 416 -7.75 -42.15 0.22
N ILE A 417 -7.33 -43.26 0.82
CA ILE A 417 -6.23 -43.22 1.78
C ILE A 417 -4.96 -43.10 0.97
N THR A 418 -4.37 -41.90 0.94
CA THR A 418 -3.18 -41.64 0.16
C THR A 418 -1.93 -41.53 1.01
N GLY A 419 -2.01 -41.89 2.28
CA GLY A 419 -0.82 -41.82 3.11
C GLY A 419 -1.09 -42.23 4.54
N LEU A 420 -0.03 -42.24 5.33
CA LEU A 420 -0.06 -42.60 6.73
C LEU A 420 0.79 -41.62 7.53
N ILE A 421 0.47 -41.50 8.81
CA ILE A 421 1.32 -40.84 9.79
C ILE A 421 1.64 -41.86 10.87
N LEU A 422 2.90 -42.29 10.92
CA LEU A 422 3.33 -43.34 11.82
C LEU A 422 4.27 -42.78 12.88
N THR A 423 4.17 -43.30 14.09
CA THR A 423 5.05 -42.94 15.20
C THR A 423 5.73 -44.21 15.70
N ARG A 424 7.05 -44.19 15.76
CA ARG A 424 7.85 -45.34 16.17
C ARG A 424 8.09 -45.28 17.68
N ASP A 425 7.98 -46.42 18.35
CA ASP A 425 8.27 -46.48 19.80
C ASP A 425 9.79 -46.58 20.03
N GLY A 426 10.22 -46.59 21.29
CA GLY A 426 11.66 -46.76 21.59
C GLY A 426 12.19 -48.08 21.08
N GLY A 427 13.32 -48.06 20.36
CA GLY A 427 13.88 -49.30 19.78
C GLY A 427 14.29 -50.28 20.86
N SER A 428 13.67 -51.46 20.89
CA SER A 428 13.99 -52.49 21.92
C SER A 428 15.27 -53.24 21.52
N THR A 429 16.23 -53.36 22.45
CA THR A 429 17.52 -54.05 22.17
C THR A 429 18.06 -53.62 20.80
N ASN A 430 18.29 -52.31 20.63
CA ASN A 430 18.83 -51.76 19.35
C ASN A 430 17.90 -52.16 18.20
N SER A 431 18.43 -52.83 17.16
CA SER A 431 17.61 -53.20 15.98
C SER A 431 17.19 -54.67 16.06
N THR A 432 16.09 -54.96 16.75
CA THR A 432 15.57 -56.36 16.82
C THR A 432 14.17 -56.37 16.21
N THR A 433 13.27 -55.51 16.73
CA THR A 433 11.89 -55.41 16.16
C THR A 433 11.51 -53.92 16.10
N GLU A 434 10.93 -53.48 14.99
CA GLU A 434 10.49 -52.06 14.87
C GLU A 434 8.97 -52.00 14.98
N THR A 435 8.47 -51.45 16.09
CA THR A 435 6.99 -51.36 16.32
C THR A 435 6.50 -49.99 15.84
N PHE A 436 5.63 -49.97 14.82
CA PHE A 436 5.13 -48.72 14.28
C PHE A 436 3.66 -48.56 14.65
N ARG A 437 3.31 -47.41 15.22
CA ARG A 437 1.95 -47.10 15.61
C ARG A 437 1.49 -45.82 14.91
N PRO A 438 0.20 -45.70 14.60
CA PRO A 438 -0.30 -44.47 13.98
C PRO A 438 -0.27 -43.31 14.96
N GLY A 439 0.11 -42.14 14.46
CA GLY A 439 0.25 -40.96 15.29
C GLY A 439 -0.72 -39.86 14.94
N GLY A 440 -0.21 -38.79 14.34
CA GLY A 440 -1.06 -37.67 13.97
C GLY A 440 -1.10 -36.58 15.02
N GLY A 441 -2.24 -35.94 15.18
CA GLY A 441 -2.43 -34.88 16.15
C GLY A 441 -2.01 -33.50 15.68
N ASP A 442 -0.82 -33.40 15.10
CA ASP A 442 -0.30 -32.13 14.60
C ASP A 442 -0.79 -31.96 13.17
N MET A 443 -1.46 -30.83 12.90
CA MET A 443 -2.04 -30.62 11.59
C MET A 443 -1.03 -30.08 10.57
N ARG A 444 0.17 -29.69 11.01
CA ARG A 444 1.20 -29.29 10.06
C ARG A 444 1.75 -30.48 9.29
N ASP A 445 1.63 -31.69 9.86
CA ASP A 445 2.05 -32.88 9.13
C ASP A 445 1.08 -33.21 7.98
N ASN A 446 -0.16 -32.75 8.07
CA ASN A 446 -1.12 -32.99 6.99
C ASN A 446 -0.81 -32.12 5.78
N TRP A 447 -0.45 -30.85 6.00
CA TRP A 447 -0.11 -29.98 4.89
C TRP A 447 1.29 -30.28 4.35
N ARG A 448 2.13 -30.96 5.13
CA ARG A 448 3.47 -31.28 4.68
C ARG A 448 3.47 -32.39 3.64
N SER A 449 2.40 -33.17 3.56
CA SER A 449 2.33 -34.24 2.57
C SER A 449 2.08 -33.73 1.17
N GLU A 450 1.64 -32.47 1.03
CA GLU A 450 1.39 -31.89 -0.27
C GLU A 450 2.23 -30.65 -0.58
N LEU A 451 2.83 -30.01 0.42
CA LEU A 451 3.69 -28.86 0.23
C LEU A 451 5.16 -29.20 0.39
N TYR A 452 5.53 -30.49 0.33
CA TYR A 452 6.92 -30.87 0.52
C TYR A 452 7.77 -30.49 -0.68
N LYS A 453 7.21 -30.53 -1.88
CA LYS A 453 7.96 -30.30 -3.10
C LYS A 453 8.06 -28.83 -3.47
N TYR A 454 7.39 -27.94 -2.75
CA TYR A 454 7.36 -26.52 -3.10
C TYR A 454 8.14 -25.70 -2.08
N LYS A 455 8.83 -24.68 -2.58
CA LYS A 455 9.46 -23.68 -1.72
C LYS A 455 9.43 -22.34 -2.46
N VAL A 456 9.46 -21.26 -1.67
CA VAL A 456 9.27 -19.91 -2.20
C VAL A 456 10.62 -19.19 -2.18
N VAL A 457 10.99 -18.61 -3.31
CA VAL A 457 12.21 -17.82 -3.43
C VAL A 457 11.86 -16.42 -3.91
N LYS A 458 12.60 -15.43 -3.43
CA LYS A 458 12.52 -14.07 -3.95
C LYS A 458 13.56 -13.91 -5.05
N ILE A 459 13.25 -13.08 -6.05
CA ILE A 459 14.07 -12.95 -7.24
C ILE A 459 14.68 -11.56 -7.25
N GLU A 460 16.02 -11.50 -7.30
CA GLU A 460 16.72 -10.24 -7.46
C GLU A 460 17.27 -10.15 -8.88
N PRO A 461 16.66 -9.35 -9.75
CA PRO A 461 17.14 -9.26 -11.13
C PRO A 461 18.34 -8.34 -11.30
N LEU A 462 18.70 -7.55 -10.29
CA LEU A 462 19.87 -6.69 -10.39
C LEU A 462 21.15 -7.51 -10.22
N GLY A 463 22.14 -7.20 -11.03
CA GLY A 463 23.42 -7.88 -10.96
C GLY A 463 24.50 -7.04 -11.61
N VAL A 464 25.65 -6.97 -10.95
CA VAL A 464 26.80 -6.23 -11.43
C VAL A 464 27.89 -7.21 -11.81
N ALA A 465 28.51 -6.99 -12.95
CA ALA A 465 29.55 -7.88 -13.47
C ALA A 465 30.50 -7.07 -14.34
N PRO A 466 31.81 -7.36 -14.27
CA PRO A 466 32.76 -6.59 -15.06
C PRO A 466 32.83 -7.00 -16.52
N THR A 467 32.95 -6.02 -17.42
CA THR A 467 33.25 -6.26 -18.82
C THR A 467 34.36 -5.30 -19.24
N ARG A 468 34.63 -5.25 -20.54
CA ARG A 468 35.63 -4.35 -21.09
C ARG A 468 35.01 -3.12 -21.75
N CYS A 469 33.73 -2.87 -21.51
CA CYS A 469 33.01 -1.77 -22.13
C CYS A 469 32.66 -0.73 -21.07
N LYS A 470 33.02 0.53 -21.33
CA LYS A 470 32.66 1.65 -20.49
C LYS A 470 31.60 2.50 -21.17
N ARG A 471 31.03 3.43 -20.42
CA ARG A 471 29.97 4.27 -20.96
C ARG A 471 30.54 5.29 -21.93
N ARG A 472 29.93 5.40 -23.10
CA ARG A 472 30.35 6.34 -24.13
C ARG A 472 29.87 7.73 -23.75
N VAL A 473 30.79 8.58 -23.29
CA VAL A 473 30.45 9.93 -22.90
C VAL A 473 30.34 10.83 -24.12
N ALA B 1 5.94 -12.88 -43.63
CA ALA B 1 5.76 -14.00 -42.71
C ALA B 1 6.85 -15.04 -42.90
N VAL B 2 8.04 -14.59 -43.30
CA VAL B 2 9.16 -15.50 -43.49
C VAL B 2 9.71 -15.93 -42.13
N GLY B 3 9.95 -17.23 -41.99
CA GLY B 3 10.37 -17.78 -40.71
C GLY B 3 9.17 -18.24 -39.91
N ILE B 4 9.05 -19.55 -39.71
CA ILE B 4 7.88 -20.15 -39.09
C ILE B 4 8.31 -21.05 -37.94
N GLY B 5 7.52 -21.04 -36.87
CA GLY B 5 7.84 -21.77 -35.66
C GLY B 5 8.11 -20.85 -34.48
N ALA B 6 7.70 -21.26 -33.28
CA ALA B 6 7.82 -20.39 -32.12
C ALA B 6 7.90 -21.24 -30.86
N VAL B 7 9.09 -21.30 -30.25
CA VAL B 7 9.30 -21.98 -28.98
C VAL B 7 10.13 -21.07 -28.09
N PHE B 8 9.61 -20.75 -26.91
CA PHE B 8 10.31 -19.95 -25.92
C PHE B 8 10.92 -20.85 -24.86
N LEU B 9 11.93 -20.33 -24.15
CA LEU B 9 12.57 -21.13 -23.12
C LEU B 9 11.78 -21.09 -21.81
N GLY B 10 11.02 -20.02 -21.59
CA GLY B 10 10.30 -19.85 -20.34
C GLY B 10 11.04 -18.96 -19.36
N PHE B 11 10.33 -18.58 -18.30
CA PHE B 11 10.87 -17.74 -17.25
C PHE B 11 11.95 -18.48 -16.47
N LEU B 12 13.03 -17.77 -16.16
CA LEU B 12 14.21 -18.25 -15.42
C LEU B 12 14.90 -19.43 -16.08
N GLY B 13 14.74 -19.62 -17.38
CA GLY B 13 15.16 -20.86 -18.02
C GLY B 13 16.66 -20.99 -18.16
N ALA B 14 17.39 -19.86 -18.13
CA ALA B 14 18.83 -19.86 -18.27
C ALA B 14 19.55 -19.85 -16.93
N ALA B 15 18.92 -20.37 -15.86
CA ALA B 15 19.50 -20.32 -14.54
C ALA B 15 20.67 -21.29 -14.36
N GLY B 16 20.69 -22.39 -15.10
CA GLY B 16 21.77 -23.34 -14.98
C GLY B 16 22.90 -23.07 -15.94
N SER B 17 22.65 -22.23 -16.93
CA SER B 17 23.67 -21.85 -17.89
C SER B 17 24.63 -20.84 -17.27
N THR B 18 25.75 -20.62 -17.96
CA THR B 18 26.74 -19.67 -17.50
C THR B 18 26.24 -18.24 -17.72
N MET B 19 26.99 -17.28 -17.17
CA MET B 19 26.60 -15.87 -17.26
C MET B 19 26.67 -15.36 -18.70
N GLY B 20 27.62 -15.86 -19.49
CA GLY B 20 27.70 -15.49 -20.89
C GLY B 20 26.57 -15.97 -21.76
N ALA B 21 25.82 -16.98 -21.30
CA ALA B 21 24.60 -17.41 -21.97
C ALA B 21 23.33 -16.93 -21.29
N ALA B 22 23.36 -16.70 -19.98
CA ALA B 22 22.21 -16.19 -19.27
C ALA B 22 22.06 -14.68 -19.37
N SER B 23 23.08 -13.98 -19.85
CA SER B 23 22.98 -12.54 -20.09
C SER B 23 22.34 -12.22 -21.43
N MET B 24 22.03 -13.24 -22.23
CA MET B 24 21.33 -13.06 -23.49
C MET B 24 19.84 -13.34 -23.38
N THR B 25 19.35 -13.68 -22.18
CA THR B 25 17.93 -13.94 -21.94
C THR B 25 17.35 -12.95 -20.94
N LEU B 26 17.89 -11.73 -20.89
CA LEU B 26 17.47 -10.76 -19.89
C LEU B 26 16.09 -10.18 -20.14
N THR B 27 15.58 -10.26 -21.38
CA THR B 27 14.24 -9.76 -21.68
C THR B 27 13.16 -10.63 -21.07
N VAL B 28 13.38 -11.96 -21.04
CA VAL B 28 12.39 -12.90 -20.57
C VAL B 28 12.14 -12.73 -19.07
N GLN B 29 13.22 -12.58 -18.30
CA GLN B 29 13.09 -12.38 -16.86
C GLN B 29 12.87 -10.92 -16.47
N ALA B 30 12.67 -10.03 -17.43
CA ALA B 30 12.28 -8.64 -17.17
C ALA B 30 10.85 -8.34 -17.52
N ARG B 31 10.32 -8.93 -18.60
CA ARG B 31 8.93 -8.68 -18.98
C ARG B 31 7.95 -9.40 -18.06
N ASN B 32 8.38 -10.45 -17.37
CA ASN B 32 7.47 -11.29 -16.60
C ASN B 32 7.51 -10.88 -15.12
N LEU B 33 8.29 -9.84 -14.79
CA LEU B 33 8.49 -9.49 -13.38
C LEU B 33 7.23 -8.88 -12.76
N LEU B 34 6.54 -8.01 -13.48
CA LEU B 34 5.26 -7.49 -13.02
C LEU B 34 4.11 -7.85 -13.94
N SER B 35 4.25 -7.54 -15.24
CA SER B 35 3.25 -7.81 -16.29
C SER B 35 1.89 -7.19 -15.96
N GLY B 36 1.92 -5.90 -15.64
CA GLY B 36 0.71 -5.17 -15.30
C GLY B 36 0.69 -4.65 -13.88
N THR B 58 -11.63 -9.54 5.19
CA THR B 58 -11.54 -10.99 5.31
C THR B 58 -10.24 -11.48 4.70
N VAL B 59 -9.78 -12.68 5.13
CA VAL B 59 -8.57 -13.24 4.56
C VAL B 59 -8.82 -13.67 3.11
N TRP B 60 -7.74 -13.67 2.30
CA TRP B 60 -7.65 -13.69 0.84
C TRP B 60 -8.12 -12.38 0.22
N GLY B 61 -8.46 -11.40 1.06
CA GLY B 61 -8.72 -10.04 0.61
C GLY B 61 -7.70 -9.15 1.29
N ILE B 62 -7.07 -9.68 2.33
CA ILE B 62 -5.95 -9.02 2.98
C ILE B 62 -4.62 -9.51 2.42
N LYS B 63 -4.46 -10.84 2.29
CA LYS B 63 -3.26 -11.40 1.70
C LYS B 63 -3.12 -11.09 0.22
N GLN B 64 -4.23 -11.06 -0.52
CA GLN B 64 -4.19 -10.58 -1.90
C GLN B 64 -3.80 -9.11 -1.97
N LEU B 65 -4.30 -8.29 -1.05
CA LEU B 65 -3.88 -6.90 -0.95
C LEU B 65 -2.44 -6.77 -0.49
N GLN B 66 -2.01 -7.54 0.50
CA GLN B 66 -0.63 -7.48 1.00
C GLN B 66 0.38 -8.04 0.02
N ALA B 67 -0.05 -8.85 -0.94
CA ALA B 67 0.84 -9.38 -1.96
C ALA B 67 1.06 -8.42 -3.12
N ARG B 68 0.02 -7.72 -3.57
CA ARG B 68 0.16 -6.80 -4.69
C ARG B 68 0.55 -5.40 -4.25
N VAL B 69 0.81 -5.20 -2.95
CA VAL B 69 1.63 -4.07 -2.51
C VAL B 69 3.11 -4.40 -2.58
N LEU B 70 3.52 -5.57 -2.08
CA LEU B 70 4.90 -6.04 -2.16
C LEU B 70 5.35 -6.30 -3.60
N ALA B 71 4.43 -6.67 -4.49
CA ALA B 71 4.77 -6.83 -5.90
C ALA B 71 5.09 -5.52 -6.59
N VAL B 72 4.47 -4.42 -6.16
CA VAL B 72 4.77 -3.10 -6.73
C VAL B 72 6.01 -2.48 -6.08
N GLU B 73 6.16 -2.68 -4.77
CA GLU B 73 7.30 -2.15 -4.03
C GLU B 73 8.63 -2.75 -4.50
N ARG B 74 8.67 -4.06 -4.73
CA ARG B 74 9.88 -4.71 -5.22
C ARG B 74 10.22 -4.31 -6.65
N TYR B 75 9.22 -4.06 -7.49
CA TYR B 75 9.49 -3.57 -8.84
C TYR B 75 9.98 -2.13 -8.83
N LEU B 76 9.39 -1.28 -7.99
CA LEU B 76 9.78 0.13 -7.95
C LEU B 76 11.13 0.34 -7.26
N ARG B 77 11.47 -0.50 -6.27
CA ARG B 77 12.81 -0.45 -5.69
C ARG B 77 13.86 -0.88 -6.70
N ASP B 78 13.52 -1.81 -7.58
CA ASP B 78 14.41 -2.22 -8.66
C ASP B 78 14.57 -1.14 -9.72
N GLN B 79 13.48 -0.44 -10.06
CA GLN B 79 13.54 0.62 -11.06
C GLN B 79 14.14 1.92 -10.55
N GLN B 80 14.00 2.22 -9.26
CA GLN B 80 14.66 3.38 -8.67
C GLN B 80 16.17 3.22 -8.63
N LEU B 81 16.62 2.02 -8.27
CA LEU B 81 18.04 1.70 -8.21
C LEU B 81 18.60 1.46 -9.61
N LEU B 82 17.74 1.41 -10.61
CA LEU B 82 18.16 1.40 -11.99
C LEU B 82 18.06 2.77 -12.64
N GLY B 83 17.40 3.72 -12.00
CA GLY B 83 17.21 5.04 -12.57
C GLY B 83 18.08 6.10 -11.94
N ILE B 84 18.65 5.80 -10.75
CA ILE B 84 19.59 6.71 -10.03
C ILE B 84 21.00 6.44 -10.54
N TRP B 85 21.27 5.23 -11.03
CA TRP B 85 22.53 5.00 -11.79
C TRP B 85 22.11 5.46 -13.19
N GLY B 86 22.93 5.32 -14.22
CA GLY B 86 22.47 5.88 -15.51
C GLY B 86 21.64 4.92 -16.34
N CYS B 87 21.27 3.76 -15.81
CA CYS B 87 20.61 2.70 -16.61
C CYS B 87 19.09 2.78 -16.56
N SER B 88 18.48 3.92 -16.90
CA SER B 88 17.01 4.07 -16.70
C SER B 88 16.22 2.91 -17.32
N GLY B 89 16.34 2.70 -18.63
CA GLY B 89 15.51 1.68 -19.28
C GLY B 89 16.34 0.71 -20.08
N LYS B 90 17.55 0.41 -19.62
CA LYS B 90 18.45 -0.46 -20.40
C LYS B 90 18.65 -1.79 -19.68
N LEU B 91 18.58 -2.89 -20.42
CA LEU B 91 18.84 -4.21 -19.84
C LEU B 91 20.31 -4.47 -19.60
N ILE B 92 21.18 -4.07 -20.52
CA ILE B 92 22.62 -4.13 -20.35
C ILE B 92 23.13 -2.70 -20.31
N CYS B 93 23.72 -2.31 -19.19
CA CYS B 93 24.09 -0.93 -18.92
C CYS B 93 25.58 -0.83 -18.65
N CYS B 94 26.26 0.03 -19.39
CA CYS B 94 27.68 0.26 -19.24
C CYS B 94 27.94 1.49 -18.39
N THR B 95 28.79 1.35 -17.37
CA THR B 95 29.07 2.41 -16.42
C THR B 95 30.56 2.72 -16.41
N ASN B 96 30.95 3.65 -15.54
CA ASN B 96 32.29 4.22 -15.55
C ASN B 96 33.15 3.78 -14.36
N VAL B 97 32.60 3.08 -13.39
CA VAL B 97 33.39 2.61 -12.26
C VAL B 97 34.29 1.44 -12.68
N PRO B 98 35.59 1.50 -12.41
CA PRO B 98 36.46 0.36 -12.68
C PRO B 98 36.19 -0.78 -11.71
N TRP B 99 36.43 -2.01 -12.18
CA TRP B 99 36.25 -3.18 -11.35
C TRP B 99 37.50 -3.38 -10.51
N ASN B 100 37.38 -3.13 -9.21
CA ASN B 100 38.49 -3.33 -8.29
C ASN B 100 38.74 -4.82 -8.07
N SER B 101 40.00 -5.16 -7.81
CA SER B 101 40.41 -6.56 -7.76
C SER B 101 40.00 -7.26 -6.47
N SER B 102 39.58 -6.52 -5.45
CA SER B 102 39.16 -7.15 -4.20
C SER B 102 37.83 -7.86 -4.35
N TRP B 103 36.99 -7.41 -5.29
CA TRP B 103 35.67 -8.00 -5.45
C TRP B 103 35.77 -9.37 -6.12
N SER B 104 36.61 -9.49 -7.15
CA SER B 104 36.84 -10.78 -7.81
C SER B 104 38.18 -10.72 -8.51
N ASN B 105 38.95 -11.81 -8.42
CA ASN B 105 40.29 -11.86 -9.02
C ASN B 105 40.34 -12.67 -10.31
N ARG B 106 39.19 -13.23 -10.72
CA ARG B 106 39.09 -14.04 -11.96
C ARG B 106 39.11 -13.11 -13.16
N ASN B 107 39.86 -13.46 -14.22
CA ASN B 107 40.01 -12.52 -15.36
C ASN B 107 38.94 -12.77 -16.42
N LEU B 108 37.67 -12.42 -16.14
CA LEU B 108 36.57 -12.50 -17.15
C LEU B 108 36.23 -13.96 -17.53
N SER B 109 37.19 -14.75 -18.03
CA SER B 109 36.88 -16.12 -18.49
C SER B 109 36.29 -16.95 -17.35
N GLU B 110 36.90 -16.90 -16.16
CA GLU B 110 36.43 -17.73 -15.03
C GLU B 110 35.12 -17.16 -14.48
N ILE B 111 34.59 -16.11 -15.11
CA ILE B 111 33.33 -15.53 -14.68
C ILE B 111 32.23 -15.79 -15.71
N TRP B 112 32.49 -15.49 -16.98
CA TRP B 112 31.49 -15.54 -18.03
C TRP B 112 31.40 -16.90 -18.72
N ASP B 113 32.39 -17.77 -18.55
CA ASP B 113 32.38 -19.06 -19.21
C ASP B 113 32.54 -20.23 -18.27
N ASN B 114 32.68 -20.00 -16.96
CA ASN B 114 32.84 -21.09 -16.02
C ASN B 114 31.99 -20.88 -14.76
N MET B 115 31.02 -19.99 -14.80
CA MET B 115 30.27 -19.62 -13.62
C MET B 115 28.87 -19.16 -14.02
N THR B 116 27.87 -19.60 -13.27
CA THR B 116 26.50 -19.14 -13.46
C THR B 116 26.26 -17.87 -12.66
N TRP B 117 25.05 -17.31 -12.81
CA TRP B 117 24.74 -16.06 -12.15
C TRP B 117 24.47 -16.26 -10.67
N LEU B 118 23.99 -17.45 -10.28
CA LEU B 118 23.72 -17.75 -8.88
C LEU B 118 25.02 -17.81 -8.07
N GLN B 119 26.05 -18.45 -8.62
CA GLN B 119 27.35 -18.48 -7.98
C GLN B 119 28.00 -17.11 -7.94
N TRP B 120 27.72 -16.27 -8.93
CA TRP B 120 28.19 -14.89 -8.92
C TRP B 120 27.48 -14.08 -7.84
N ASP B 121 26.20 -14.37 -7.60
CA ASP B 121 25.48 -13.69 -6.50
C ASP B 121 26.03 -14.11 -5.15
N LYS B 122 26.26 -15.41 -4.95
CA LYS B 122 26.89 -15.87 -3.71
C LYS B 122 28.36 -15.49 -3.58
N GLU B 123 29.03 -15.06 -4.66
CA GLU B 123 30.39 -14.58 -4.51
C GLU B 123 30.42 -13.10 -4.11
N ILE B 124 29.86 -12.23 -4.94
CA ILE B 124 29.78 -10.80 -4.58
C ILE B 124 28.41 -10.59 -3.91
N SER B 125 28.39 -10.85 -2.61
CA SER B 125 27.26 -10.50 -1.76
C SER B 125 27.62 -9.51 -0.67
N ASN B 126 28.88 -9.50 -0.23
CA ASN B 126 29.33 -8.50 0.72
C ASN B 126 29.53 -7.15 0.04
N TYR B 127 29.98 -7.15 -1.22
CA TYR B 127 30.34 -5.95 -1.94
C TYR B 127 29.20 -5.42 -2.81
N THR B 128 27.95 -5.67 -2.42
CA THR B 128 26.81 -5.11 -3.13
C THR B 128 26.46 -3.71 -2.67
N GLN B 129 27.18 -3.18 -1.68
CA GLN B 129 26.97 -1.81 -1.23
C GLN B 129 28.12 -0.87 -1.55
N ILE B 130 29.35 -1.38 -1.65
CA ILE B 130 30.46 -0.58 -2.16
C ILE B 130 30.29 -0.32 -3.66
N ILE B 131 29.86 -1.34 -4.41
CA ILE B 131 29.68 -1.20 -5.85
C ILE B 131 28.53 -0.25 -6.15
N TYR B 132 27.42 -0.38 -5.41
CA TYR B 132 26.24 0.45 -5.66
C TYR B 132 26.51 1.91 -5.33
N GLY B 133 27.22 2.16 -4.22
CA GLY B 133 27.58 3.53 -3.88
C GLY B 133 28.53 4.16 -4.87
N LEU B 134 29.44 3.35 -5.44
CA LEU B 134 30.29 3.84 -6.51
C LEU B 134 29.51 4.12 -7.79
N LEU B 135 28.50 3.30 -8.09
CA LEU B 135 27.66 3.53 -9.25
C LEU B 135 26.85 4.82 -9.10
N GLU B 136 26.41 5.11 -7.88
CA GLU B 136 25.63 6.33 -7.64
C GLU B 136 26.51 7.56 -7.55
N GLU B 137 27.31 7.65 -6.49
CA GLU B 137 27.76 8.94 -5.99
C GLU B 137 29.03 9.40 -6.69
N SER B 138 30.03 8.53 -6.79
CA SER B 138 31.30 8.92 -7.35
C SER B 138 31.26 9.10 -8.87
N GLN B 139 30.32 8.47 -9.56
CA GLN B 139 30.28 8.56 -11.02
C GLN B 139 29.01 9.16 -11.57
N ASN B 140 27.83 8.68 -11.16
CA ASN B 140 26.61 9.19 -11.78
C ASN B 140 26.31 10.62 -11.32
N GLN B 141 26.65 10.93 -10.07
CA GLN B 141 26.46 12.30 -9.61
C GLN B 141 27.54 13.23 -10.17
N GLN B 142 28.68 12.68 -10.59
CA GLN B 142 29.69 13.39 -11.36
C GLN B 142 29.29 13.57 -12.82
N GLU B 143 28.66 12.55 -13.42
CA GLU B 143 28.36 12.58 -14.85
C GLU B 143 27.27 13.61 -15.16
N LYS B 144 26.31 13.78 -14.25
CA LYS B 144 25.26 14.76 -14.47
C LYS B 144 25.79 16.18 -14.26
N ASN B 145 26.73 16.34 -13.31
CA ASN B 145 27.31 17.66 -13.08
C ASN B 145 28.29 18.02 -14.20
N GLU B 146 29.00 17.03 -14.74
CA GLU B 146 29.88 17.29 -15.88
C GLU B 146 29.07 17.65 -17.12
N GLN B 147 27.92 16.99 -17.32
CA GLN B 147 27.02 17.36 -18.41
C GLN B 147 26.42 18.74 -18.17
N ASP B 148 26.19 19.08 -16.90
CA ASP B 148 25.69 20.41 -16.53
C ASP B 148 26.69 21.50 -16.90
N LEU B 149 27.97 21.30 -16.59
CA LEU B 149 28.98 22.28 -16.96
C LEU B 149 29.28 22.27 -18.45
N LEU B 150 29.06 21.12 -19.11
CA LEU B 150 29.29 21.06 -20.55
C LEU B 150 28.21 21.81 -21.32
N ALA B 151 26.94 21.64 -20.93
CA ALA B 151 25.84 22.35 -21.57
C ALA B 151 25.62 23.74 -20.98
N LEU B 152 26.38 24.12 -19.95
CA LEU B 152 26.31 25.49 -19.42
C LEU B 152 26.82 26.50 -20.43
N ASP B 153 27.90 26.17 -21.13
CA ASP B 153 28.48 27.09 -22.11
C ASP B 153 28.30 26.56 -23.53
N GLU C 2 -0.13 10.13 -47.60
CA GLU C 2 1.16 9.53 -47.92
C GLU C 2 1.78 8.85 -46.71
N ASN C 3 1.84 7.50 -46.79
CA ASN C 3 2.50 6.55 -45.88
C ASN C 3 2.47 6.90 -44.39
N LEU C 4 1.26 7.07 -43.85
CA LEU C 4 1.10 7.47 -42.46
C LEU C 4 1.54 6.36 -41.50
N TRP C 5 1.94 6.78 -40.30
CA TRP C 5 2.49 5.87 -39.30
C TRP C 5 1.74 6.05 -37.99
N VAL C 6 1.74 4.98 -37.19
CA VAL C 6 1.09 4.99 -35.89
C VAL C 6 1.89 5.87 -34.93
N THR C 7 1.19 6.71 -34.17
CA THR C 7 1.80 7.53 -33.13
C THR C 7 1.15 7.19 -31.80
N VAL C 8 1.95 7.13 -30.74
CA VAL C 8 1.45 6.85 -29.40
C VAL C 8 1.38 8.16 -28.62
N TYR C 9 0.18 8.56 -28.24
CA TYR C 9 -0.05 9.78 -27.47
C TYR C 9 -0.38 9.41 -26.04
N TYR C 10 0.30 10.05 -25.08
CA TYR C 10 0.07 9.80 -23.67
C TYR C 10 -0.58 11.04 -23.05
N GLY C 11 -1.72 10.84 -22.42
CA GLY C 11 -2.44 11.94 -21.81
C GLY C 11 -3.44 12.59 -22.74
N VAL C 12 -4.33 11.80 -23.32
CA VAL C 12 -5.35 12.31 -24.22
C VAL C 12 -6.65 12.50 -23.44
N PRO C 13 -7.49 13.48 -23.81
CA PRO C 13 -8.79 13.61 -23.12
C PRO C 13 -9.79 12.57 -23.56
N VAL C 14 -9.59 11.32 -23.17
CA VAL C 14 -10.42 10.20 -23.58
C VAL C 14 -10.89 9.48 -22.32
N TRP C 15 -12.21 9.29 -22.21
CA TRP C 15 -12.78 8.53 -21.11
C TRP C 15 -13.78 7.52 -21.64
N LYS C 16 -14.09 6.53 -20.81
CA LYS C 16 -15.20 5.63 -21.07
C LYS C 16 -15.90 5.34 -19.75
N ASP C 17 -17.13 4.83 -19.85
CA ASP C 17 -17.93 4.57 -18.67
C ASP C 17 -17.39 3.37 -17.90
N ALA C 18 -17.21 3.56 -16.60
CA ALA C 18 -16.71 2.51 -15.73
C ALA C 18 -17.20 2.77 -14.32
N GLU C 19 -16.96 1.79 -13.44
CA GLU C 19 -17.45 1.82 -12.07
C GLU C 19 -16.27 1.76 -11.11
N THR C 20 -16.32 2.58 -10.05
CA THR C 20 -15.27 2.64 -9.05
C THR C 20 -15.91 2.90 -7.69
N THR C 21 -15.07 3.03 -6.66
CA THR C 21 -15.52 3.30 -5.30
C THR C 21 -15.18 4.75 -4.96
N LEU C 22 -16.20 5.51 -4.58
CA LEU C 22 -16.04 6.90 -4.21
C LEU C 22 -15.95 7.05 -2.70
N PHE C 23 -15.48 8.22 -2.26
CA PHE C 23 -15.36 8.54 -0.84
C PHE C 23 -16.15 9.81 -0.53
N CYS C 24 -16.39 10.04 0.76
CA CYS C 24 -17.20 11.17 1.18
C CYS C 24 -16.41 12.48 1.05
N ALA C 25 -17.12 13.58 1.32
CA ALA C 25 -16.50 14.87 1.49
C ALA C 25 -17.05 15.62 2.70
N SER C 26 -18.13 15.11 3.30
CA SER C 26 -18.88 15.73 4.38
C SER C 26 -19.29 17.15 4.03
N ASP C 27 -18.82 18.13 4.80
CA ASP C 27 -18.94 19.55 4.50
C ASP C 27 -17.83 20.27 5.25
N ALA C 28 -17.59 21.52 4.84
CA ALA C 28 -16.65 22.36 5.58
C ALA C 28 -17.20 22.74 6.95
N LYS C 29 -18.53 22.82 7.08
CA LYS C 29 -19.16 23.15 8.36
C LYS C 29 -19.60 21.93 9.14
N ALA C 30 -19.82 20.79 8.48
CA ALA C 30 -20.19 19.57 9.18
C ALA C 30 -19.01 18.92 9.89
N TYR C 31 -17.78 19.32 9.57
CA TYR C 31 -16.62 18.83 10.30
C TYR C 31 -16.55 19.42 11.71
N GLU C 32 -17.10 20.63 11.89
CA GLU C 32 -17.09 21.30 13.17
C GLU C 32 -18.44 21.24 13.88
N THR C 33 -19.34 20.39 13.40
CA THR C 33 -20.71 20.31 13.99
C THR C 33 -20.66 19.99 15.49
N GLU C 34 -21.60 20.54 16.27
CA GLU C 34 -21.67 20.24 17.73
C GLU C 34 -22.21 18.83 17.93
N LYS C 35 -22.74 18.20 16.87
CA LYS C 35 -23.26 16.81 16.95
C LYS C 35 -22.08 15.83 16.81
N HIS C 36 -20.85 16.31 17.01
CA HIS C 36 -19.63 15.45 16.90
C HIS C 36 -19.59 14.79 15.52
N ASN C 37 -19.45 13.46 15.47
CA ASN C 37 -19.39 12.74 14.19
C ASN C 37 -20.77 12.16 13.88
N VAL C 38 -21.52 12.80 12.97
CA VAL C 38 -22.89 12.31 12.60
C VAL C 38 -22.73 10.98 11.87
N TRP C 39 -23.20 9.89 12.49
CA TRP C 39 -23.05 8.52 11.89
C TRP C 39 -21.56 8.26 11.60
N ALA C 40 -20.64 8.80 12.40
CA ALA C 40 -19.18 8.60 12.21
C ALA C 40 -18.72 9.10 10.83
N THR C 41 -19.11 10.31 10.42
CA THR C 41 -18.58 10.88 9.15
C THR C 41 -17.10 11.20 9.34
N HIS C 42 -16.57 10.94 10.54
CA HIS C 42 -15.13 11.14 10.87
C HIS C 42 -14.24 10.41 9.85
N ALA C 43 -14.61 9.20 9.44
CA ALA C 43 -13.77 8.41 8.55
C ALA C 43 -13.78 8.96 7.13
N CYS C 44 -14.63 9.96 6.86
CA CYS C 44 -14.73 10.59 5.55
C CYS C 44 -14.01 11.94 5.62
N VAL C 45 -13.09 12.16 4.67
CA VAL C 45 -12.21 13.33 4.62
C VAL C 45 -13.03 14.59 4.33
N PRO C 46 -12.86 15.67 5.10
CA PRO C 46 -13.59 16.91 4.79
C PRO C 46 -13.08 17.58 3.52
N THR C 47 -13.91 18.45 2.94
CA THR C 47 -13.70 18.97 1.60
C THR C 47 -13.08 20.36 1.60
N ASP C 48 -12.84 20.87 0.41
CA ASP C 48 -12.37 22.22 0.16
C ASP C 48 -13.52 23.22 0.30
N PRO C 49 -13.22 24.48 0.61
CA PRO C 49 -14.28 25.50 0.70
C PRO C 49 -15.04 25.75 -0.60
N ASN C 50 -14.37 25.63 -1.75
CA ASN C 50 -15.06 25.83 -3.02
C ASN C 50 -14.62 24.81 -4.08
N PRO C 51 -15.53 23.93 -4.51
CA PRO C 51 -15.19 22.95 -5.54
C PRO C 51 -14.93 23.62 -6.89
N GLN C 52 -14.03 23.03 -7.66
CA GLN C 52 -13.63 23.57 -8.96
C GLN C 52 -14.38 22.83 -10.05
N GLU C 53 -15.16 23.56 -10.84
CA GLU C 53 -15.93 23.01 -11.95
C GLU C 53 -15.37 23.56 -13.26
N ILE C 54 -15.01 22.66 -14.17
CA ILE C 54 -14.47 23.03 -15.48
C ILE C 54 -15.53 22.72 -16.52
N HIS C 55 -16.00 23.76 -17.20
CA HIS C 55 -16.98 23.59 -18.27
C HIS C 55 -16.28 23.02 -19.49
N LEU C 56 -16.83 21.93 -20.04
CA LEU C 56 -16.25 21.30 -21.22
C LEU C 56 -17.04 21.77 -22.43
N GLU C 57 -16.41 22.63 -23.22
CA GLU C 57 -17.11 23.17 -24.41
C GLU C 57 -17.12 22.10 -25.50
N ASN C 58 -18.26 21.94 -26.18
CA ASN C 58 -18.44 21.05 -27.36
C ASN C 58 -18.24 19.59 -26.98
N VAL C 59 -18.69 19.17 -25.79
CA VAL C 59 -18.73 17.71 -25.49
C VAL C 59 -20.20 17.27 -25.42
N THR C 60 -20.50 16.12 -26.05
CA THR C 60 -21.81 15.50 -25.91
C THR C 60 -21.60 14.12 -25.30
N GLU C 61 -22.29 13.86 -24.19
CA GLU C 61 -22.14 12.60 -23.47
C GLU C 61 -23.51 12.01 -23.18
N GLU C 62 -23.57 10.68 -23.20
CA GLU C 62 -24.80 9.94 -22.98
C GLU C 62 -24.88 9.52 -21.52
N PHE C 63 -25.85 10.09 -20.79
CA PHE C 63 -26.06 9.77 -19.40
C PHE C 63 -27.14 8.70 -19.26
N ASN C 64 -27.15 8.05 -18.10
CA ASN C 64 -28.18 7.05 -17.80
C ASN C 64 -28.32 6.99 -16.28
N MET C 65 -29.43 7.52 -15.77
CA MET C 65 -29.67 7.51 -14.33
C MET C 65 -30.10 6.15 -13.80
N TRP C 66 -30.54 5.25 -14.68
CA TRP C 66 -30.97 3.92 -14.28
C TRP C 66 -29.88 2.88 -14.37
N LYS C 67 -28.68 3.27 -14.83
CA LYS C 67 -27.50 2.41 -14.80
C LYS C 67 -26.36 3.05 -14.02
N ASN C 68 -26.64 4.08 -13.24
CA ASN C 68 -25.61 4.77 -12.47
C ASN C 68 -25.28 3.94 -11.24
N ASN C 69 -23.98 3.67 -11.04
CA ASN C 69 -23.55 2.92 -9.87
C ASN C 69 -23.40 3.81 -8.64
N MET C 70 -23.46 5.13 -8.81
CA MET C 70 -23.37 6.05 -7.68
C MET C 70 -24.54 5.88 -6.73
N VAL C 71 -25.72 5.54 -7.27
CA VAL C 71 -26.91 5.32 -6.44
C VAL C 71 -26.73 4.08 -5.57
N GLU C 72 -26.22 2.99 -6.15
CA GLU C 72 -25.99 1.77 -5.38
C GLU C 72 -24.87 1.96 -4.36
N GLN C 73 -23.82 2.70 -4.73
CA GLN C 73 -22.75 3.03 -3.78
C GLN C 73 -23.26 3.86 -2.63
N MET C 74 -24.14 4.83 -2.90
CA MET C 74 -24.68 5.67 -1.84
C MET C 74 -25.64 4.88 -0.94
N HIS C 75 -26.41 3.95 -1.53
CA HIS C 75 -27.30 3.10 -0.74
C HIS C 75 -26.49 2.21 0.20
N THR C 76 -25.41 1.62 -0.31
CA THR C 76 -24.53 0.79 0.53
C THR C 76 -23.83 1.62 1.60
N ASP C 77 -23.42 2.85 1.28
CA ASP C 77 -22.76 3.69 2.26
C ASP C 77 -23.72 4.15 3.35
N ILE C 78 -24.96 4.47 3.00
CA ILE C 78 -25.93 4.91 3.99
C ILE C 78 -26.30 3.74 4.91
N ILE C 79 -26.45 2.54 4.35
CA ILE C 79 -26.66 1.34 5.15
C ILE C 79 -25.46 1.08 6.08
N SER C 80 -24.25 1.31 5.57
CA SER C 80 -23.03 1.05 6.34
C SER C 80 -22.90 2.01 7.53
N LEU C 81 -23.10 3.31 7.31
CA LEU C 81 -23.03 4.25 8.42
C LEU C 81 -24.22 4.12 9.36
N TRP C 82 -25.37 3.63 8.88
CA TRP C 82 -26.46 3.34 9.79
C TRP C 82 -26.15 2.14 10.67
N ASP C 83 -25.37 1.18 10.14
CA ASP C 83 -24.95 0.05 10.97
C ASP C 83 -23.85 0.46 11.95
N GLN C 84 -22.92 1.33 11.53
CA GLN C 84 -21.87 1.78 12.43
C GLN C 84 -22.41 2.72 13.50
N SER C 85 -23.48 3.47 13.21
CA SER C 85 -24.05 4.37 14.19
C SER C 85 -24.87 3.65 15.27
N LEU C 86 -25.17 2.37 15.08
CA LEU C 86 -25.95 1.61 16.05
C LEU C 86 -25.12 0.62 16.86
N LYS C 87 -23.84 0.48 16.57
CA LYS C 87 -22.98 -0.43 17.35
C LYS C 87 -22.79 -0.04 18.81
N PRO C 88 -22.39 1.22 19.19
CA PRO C 88 -22.11 1.45 20.62
C PRO C 88 -23.35 1.84 21.43
N CYS C 89 -24.53 1.64 20.86
CA CYS C 89 -25.77 1.96 21.55
C CYS C 89 -26.30 0.74 22.32
N VAL C 90 -27.43 0.93 22.98
CA VAL C 90 -27.95 -0.09 23.89
C VAL C 90 -28.71 -1.15 23.12
N LYS C 91 -28.28 -2.40 23.26
CA LYS C 91 -28.97 -3.54 22.65
C LYS C 91 -30.06 -4.01 23.61
N LEU C 92 -31.32 -3.88 23.19
CA LEU C 92 -32.46 -4.15 24.06
C LEU C 92 -32.86 -5.63 24.04
N THR C 93 -31.98 -6.44 24.62
CA THR C 93 -32.29 -7.85 24.84
C THR C 93 -33.22 -8.16 26.04
N PRO C 94 -33.18 -7.48 27.20
CA PRO C 94 -34.18 -7.80 28.23
C PRO C 94 -35.56 -7.22 27.99
N LEU C 95 -35.77 -6.49 26.89
CA LEU C 95 -37.10 -5.95 26.59
C LEU C 95 -38.07 -7.04 26.17
N CYS C 96 -37.59 -8.16 25.63
CA CYS C 96 -38.46 -9.26 25.20
C CYS C 96 -38.90 -10.05 26.44
N VAL C 97 -39.95 -9.53 27.08
CA VAL C 97 -40.60 -10.20 28.19
C VAL C 97 -42.10 -10.19 27.94
N THR C 98 -42.83 -10.92 28.78
CA THR C 98 -44.28 -10.93 28.69
C THR C 98 -44.84 -9.64 29.25
N LEU C 99 -45.61 -8.93 28.44
CA LEU C 99 -46.15 -7.62 28.81
C LEU C 99 -47.63 -7.76 29.14
N GLN C 100 -48.02 -7.30 30.32
CA GLN C 100 -49.42 -7.26 30.72
C GLN C 100 -49.91 -5.84 30.48
N CYS C 101 -50.64 -5.64 29.38
CA CYS C 101 -50.99 -4.31 28.92
C CYS C 101 -52.49 -4.08 29.03
N THR C 102 -52.86 -2.81 29.21
CA THR C 102 -54.25 -2.38 29.20
C THR C 102 -54.38 -1.17 28.29
N ASN C 103 -55.52 -1.06 27.62
CA ASN C 103 -55.78 0.08 26.75
C ASN C 103 -56.00 1.34 27.57
N VAL C 104 -55.35 2.43 27.17
CA VAL C 104 -55.44 3.69 27.88
C VAL C 104 -56.61 4.50 27.33
N THR C 105 -57.44 5.03 28.23
CA THR C 105 -58.57 5.89 27.90
C THR C 105 -58.55 7.14 28.78
N ASN C 106 -57.38 7.75 28.92
CA ASN C 106 -57.24 8.95 29.74
C ASN C 106 -58.01 10.12 29.14
N ASN C 107 -57.55 10.60 27.98
CA ASN C 107 -58.25 11.66 27.26
C ASN C 107 -58.21 11.38 25.76
N ILE C 108 -58.47 10.14 25.37
CA ILE C 108 -58.25 9.74 23.97
C ILE C 108 -59.35 10.30 23.08
N THR C 109 -58.98 10.63 21.85
CA THR C 109 -59.93 11.09 20.84
C THR C 109 -60.33 9.90 19.99
N ASP C 110 -61.62 9.76 19.71
CA ASP C 110 -62.15 8.65 18.93
C ASP C 110 -61.62 8.67 17.50
N ASP C 111 -60.80 7.68 17.17
CA ASP C 111 -59.98 7.53 15.94
C ASP C 111 -59.47 8.82 15.31
N MET C 112 -57.49 8.14 18.47
CA MET C 112 -56.78 6.92 18.85
C MET C 112 -57.61 6.09 19.82
N ARG C 113 -58.29 5.06 19.29
CA ARG C 113 -59.11 4.20 20.13
C ARG C 113 -58.25 3.23 20.93
N GLY C 114 -57.49 2.38 20.23
CA GLY C 114 -56.64 1.43 20.90
C GLY C 114 -55.21 1.47 20.37
N GLU C 115 -54.80 2.64 19.87
CA GLU C 115 -53.45 2.78 19.33
C GLU C 115 -52.40 2.74 20.44
N LEU C 116 -52.70 3.35 21.58
CA LEU C 116 -51.76 3.42 22.70
C LEU C 116 -52.18 2.43 23.77
N LYS C 117 -51.20 1.69 24.30
CA LYS C 117 -51.46 0.67 25.32
C LYS C 117 -50.53 0.90 26.51
N ASN C 118 -51.09 0.84 27.72
CA ASN C 118 -50.33 1.03 28.95
C ASN C 118 -49.81 -0.34 29.39
N CYS C 119 -48.51 -0.57 29.21
CA CYS C 119 -47.91 -1.88 29.38
C CYS C 119 -47.04 -1.93 30.64
N SER C 120 -47.21 -2.98 31.43
CA SER C 120 -46.41 -3.21 32.62
C SER C 120 -45.64 -4.52 32.48
N PHE C 121 -44.39 -4.53 32.93
CA PHE C 121 -43.55 -5.71 32.76
C PHE C 121 -42.52 -5.78 33.88
N ASN C 122 -41.97 -6.97 34.07
CA ASN C 122 -40.86 -7.20 34.99
C ASN C 122 -39.56 -7.13 34.20
N MET C 123 -38.53 -6.54 34.80
CA MET C 123 -37.27 -6.36 34.11
C MET C 123 -36.14 -6.23 35.12
N THR C 124 -34.99 -6.82 34.78
CA THR C 124 -33.82 -6.80 35.64
C THR C 124 -33.24 -5.40 35.74
N THR C 125 -32.84 -5.02 36.95
CA THR C 125 -32.20 -3.73 37.21
C THR C 125 -30.69 -3.86 37.01
N GLU C 126 -29.94 -2.87 37.48
CA GLU C 126 -28.48 -2.89 37.36
C GLU C 126 -27.86 -4.02 38.18
N LEU C 127 -28.45 -4.31 39.34
CA LEU C 127 -28.04 -5.49 40.11
C LEU C 127 -28.69 -6.72 39.52
N ARG C 128 -27.93 -7.82 39.44
CA ARG C 128 -28.45 -9.03 38.81
C ARG C 128 -29.45 -9.75 39.71
N ASP C 129 -29.31 -9.60 41.03
CA ASP C 129 -30.21 -10.32 41.94
C ASP C 129 -31.58 -9.66 41.98
N LYS C 130 -31.65 -8.34 41.98
CA LYS C 130 -32.90 -7.62 42.12
C LYS C 130 -33.59 -7.44 40.77
N LYS C 131 -34.90 -7.21 40.84
CA LYS C 131 -35.70 -6.91 39.65
C LYS C 131 -36.70 -5.82 40.00
N GLN C 132 -37.17 -5.12 38.97
CA GLN C 132 -38.10 -4.01 39.15
C GLN C 132 -39.33 -4.23 38.29
N LYS C 133 -40.46 -3.70 38.75
CA LYS C 133 -41.72 -3.71 38.02
C LYS C 133 -41.98 -2.28 37.54
N VAL C 134 -41.78 -2.04 36.25
CA VAL C 134 -41.87 -0.71 35.68
C VAL C 134 -42.87 -0.75 34.53
N TYR C 135 -43.61 0.35 34.36
CA TYR C 135 -44.64 0.46 33.35
C TYR C 135 -44.21 1.39 32.22
N SER C 136 -44.82 1.21 31.07
CA SER C 136 -44.50 1.99 29.88
C SER C 136 -45.70 2.04 28.97
N LEU C 137 -45.69 2.99 28.03
CA LEU C 137 -46.73 3.12 27.02
C LEU C 137 -46.17 2.73 25.67
N PHE C 138 -46.83 1.77 25.01
CA PHE C 138 -46.38 1.24 23.73
C PHE C 138 -47.47 1.42 22.70
N TYR C 139 -47.08 1.68 21.45
CA TYR C 139 -48.03 1.77 20.37
C TYR C 139 -48.55 0.40 19.99
N ARG C 140 -49.70 0.37 19.30
CA ARG C 140 -50.30 -0.91 18.92
C ARG C 140 -49.50 -1.61 17.84
N LEU C 141 -48.76 -0.85 17.02
CA LEU C 141 -47.93 -1.45 15.98
C LEU C 141 -46.68 -2.12 16.54
N ASP C 142 -46.31 -1.84 17.79
CA ASP C 142 -45.15 -2.43 18.41
C ASP C 142 -45.44 -3.70 19.21
N VAL C 143 -46.71 -4.00 19.48
CA VAL C 143 -47.08 -5.13 20.32
C VAL C 143 -47.96 -6.08 19.53
N VAL C 144 -47.76 -7.38 19.77
CA VAL C 144 -48.60 -8.42 19.19
C VAL C 144 -49.11 -9.30 20.31
N GLN C 145 -50.15 -10.07 20.01
CA GLN C 145 -50.89 -10.83 21.01
C GLN C 145 -50.40 -12.26 21.06
N ILE C 146 -50.15 -12.76 22.26
CA ILE C 146 -49.81 -14.16 22.51
C ILE C 146 -50.94 -14.78 23.32
N ASN C 147 -51.30 -16.02 22.98
CA ASN C 147 -52.40 -16.70 23.64
C ASN C 147 -51.89 -17.87 24.49
N SER C 157 -59.15 -6.24 30.79
CA SER C 157 -58.28 -7.16 31.53
C SER C 157 -56.83 -7.01 31.08
N ASN C 158 -55.92 -7.58 31.87
CA ASN C 158 -54.49 -7.53 31.57
C ASN C 158 -54.16 -8.71 30.67
N LYS C 159 -54.33 -8.53 29.36
CA LYS C 159 -54.04 -9.57 28.39
C LYS C 159 -52.55 -9.57 28.07
N GLU C 160 -51.98 -10.76 27.92
CA GLU C 160 -50.55 -10.89 27.67
C GLU C 160 -50.19 -10.40 26.27
N TYR C 161 -49.14 -9.59 26.20
CA TYR C 161 -48.65 -9.03 24.94
C TYR C 161 -47.14 -9.17 24.89
N ARG C 162 -46.59 -9.05 23.70
CA ARG C 162 -45.14 -9.07 23.51
C ARG C 162 -44.80 -8.21 22.32
N LEU C 163 -43.52 -7.88 22.19
CA LEU C 163 -43.06 -7.03 21.10
C LEU C 163 -43.10 -7.78 19.77
N ILE C 164 -43.09 -7.01 18.68
CA ILE C 164 -43.13 -7.60 17.35
C ILE C 164 -41.76 -8.11 16.92
N ASN C 165 -40.69 -7.71 17.60
CA ASN C 165 -39.34 -8.09 17.21
C ASN C 165 -38.81 -9.32 17.94
N CYS C 166 -39.57 -9.88 18.88
CA CYS C 166 -39.04 -10.93 19.75
C CYS C 166 -38.83 -12.26 19.03
N ASN C 167 -39.43 -12.46 17.85
CA ASN C 167 -39.14 -13.64 17.04
C ASN C 167 -38.18 -13.36 15.89
N THR C 168 -38.13 -12.12 15.40
CA THR C 168 -37.19 -11.79 14.33
C THR C 168 -35.77 -11.64 14.88
N SER C 169 -35.54 -10.61 15.69
CA SER C 169 -34.23 -10.32 16.27
C SER C 169 -34.39 -9.30 17.39
N ALA C 170 -33.58 -9.47 18.43
CA ALA C 170 -33.49 -8.46 19.48
C ALA C 170 -32.56 -7.35 19.03
N CYS C 171 -33.11 -6.16 18.84
CA CYS C 171 -32.37 -5.11 18.19
C CYS C 171 -32.08 -3.94 19.12
N THR C 172 -31.48 -2.90 18.54
CA THR C 172 -30.71 -1.90 19.27
C THR C 172 -31.51 -0.60 19.39
N GLN C 173 -31.62 -0.09 20.61
CA GLN C 173 -32.19 1.23 20.82
C GLN C 173 -31.27 2.30 20.23
N ALA C 174 -31.86 3.27 19.54
CA ALA C 174 -31.09 4.38 19.03
C ALA C 174 -30.59 5.26 20.17
N CYS C 175 -29.37 5.75 20.05
CA CYS C 175 -28.79 6.60 21.08
C CYS C 175 -29.49 7.97 21.09
N PRO C 176 -29.70 8.57 22.26
CA PRO C 176 -30.40 9.87 22.30
C PRO C 176 -29.51 11.06 21.99
N LYS C 177 -28.21 10.85 21.80
CA LYS C 177 -27.30 11.94 21.49
C LYS C 177 -26.93 12.02 20.01
N VAL C 178 -27.06 10.92 19.27
CA VAL C 178 -26.80 10.97 17.83
C VAL C 178 -27.98 11.63 17.13
N SER C 179 -27.74 12.17 15.95
CA SER C 179 -28.73 12.95 15.22
C SER C 179 -29.35 12.13 14.10
N PHE C 180 -30.68 12.13 14.04
CA PHE C 180 -31.40 11.51 12.93
C PHE C 180 -31.50 12.43 11.72
N GLU C 181 -31.13 13.69 11.86
CA GLU C 181 -31.22 14.64 10.76
C GLU C 181 -30.12 14.35 9.74
N PRO C 182 -30.45 14.23 8.45
CA PRO C 182 -29.42 13.98 7.45
C PRO C 182 -28.53 15.20 7.24
N ILE C 183 -27.24 14.94 7.04
CA ILE C 183 -26.28 15.99 6.74
C ILE C 183 -25.88 15.85 5.27
N PRO C 184 -25.55 16.95 4.59
CA PRO C 184 -25.18 16.84 3.17
C PRO C 184 -23.82 16.15 3.01
N ILE C 185 -23.76 15.25 2.03
CA ILE C 185 -22.58 14.47 1.73
C ILE C 185 -22.25 14.63 0.25
N HIS C 186 -20.98 14.91 -0.04
CA HIS C 186 -20.51 15.04 -1.42
C HIS C 186 -19.63 13.84 -1.74
N TYR C 187 -19.77 13.31 -2.94
CA TYR C 187 -18.95 12.20 -3.41
C TYR C 187 -17.91 12.73 -4.39
N CYS C 188 -16.64 12.48 -4.10
CA CYS C 188 -15.53 12.99 -4.91
C CYS C 188 -14.92 11.88 -5.75
N ALA C 189 -14.42 12.25 -6.91
CA ALA C 189 -13.79 11.29 -7.80
C ALA C 189 -12.40 10.92 -7.28
N PRO C 190 -12.01 9.65 -7.37
CA PRO C 190 -10.65 9.26 -6.96
C PRO C 190 -9.62 9.55 -8.05
N ALA C 191 -8.39 9.09 -7.86
CA ALA C 191 -7.32 9.31 -8.81
C ALA C 191 -7.57 8.50 -10.09
N GLY C 192 -7.45 9.18 -11.23
CA GLY C 192 -7.70 8.56 -12.52
C GLY C 192 -9.15 8.55 -12.97
N PHE C 193 -10.07 9.06 -12.15
CA PHE C 193 -11.48 9.09 -12.46
C PHE C 193 -11.99 10.52 -12.42
N ALA C 194 -13.06 10.77 -13.17
CA ALA C 194 -13.69 12.08 -13.22
C ALA C 194 -15.20 11.92 -13.09
N ILE C 195 -15.84 12.91 -12.47
CA ILE C 195 -17.29 12.95 -12.32
C ILE C 195 -17.82 14.04 -13.23
N LEU C 196 -18.71 13.67 -14.15
CA LEU C 196 -19.28 14.61 -15.10
C LEU C 196 -20.66 15.03 -14.63
N LYS C 197 -20.93 16.32 -14.66
CA LYS C 197 -22.22 16.88 -14.28
C LYS C 197 -22.90 17.44 -15.52
N CYS C 198 -24.12 16.98 -15.78
CA CYS C 198 -24.91 17.47 -16.91
C CYS C 198 -25.68 18.71 -16.49
N LYS C 199 -25.36 19.84 -17.11
CA LYS C 199 -25.96 21.11 -16.75
C LYS C 199 -27.18 21.46 -17.59
N ASP C 200 -27.65 20.54 -18.43
CA ASP C 200 -28.82 20.80 -19.25
C ASP C 200 -30.08 20.79 -18.38
N LYS C 201 -30.89 21.85 -18.51
CA LYS C 201 -32.07 21.98 -17.67
C LYS C 201 -33.17 21.01 -18.09
N LYS C 202 -33.43 20.92 -19.40
CA LYS C 202 -34.47 20.02 -19.92
C LYS C 202 -33.86 18.65 -20.20
N PHE C 203 -33.56 17.94 -19.11
CA PHE C 203 -32.94 16.63 -19.18
C PHE C 203 -33.85 15.62 -18.46
N ASN C 204 -34.18 14.53 -19.15
CA ASN C 204 -35.07 13.51 -18.61
C ASN C 204 -34.30 12.30 -18.09
N GLY C 205 -33.06 12.48 -17.70
CA GLY C 205 -32.26 11.40 -17.14
C GLY C 205 -31.48 10.56 -18.12
N THR C 206 -32.13 10.13 -19.20
CA THR C 206 -31.51 9.29 -20.22
C THR C 206 -31.44 10.07 -21.53
N GLY C 207 -30.27 10.08 -22.15
CA GLY C 207 -30.08 10.76 -23.41
C GLY C 207 -28.83 11.59 -23.45
N PRO C 208 -28.50 12.15 -24.61
CA PRO C 208 -27.32 13.00 -24.73
C PRO C 208 -27.50 14.33 -24.00
N CYS C 209 -26.39 14.85 -23.49
CA CYS C 209 -26.37 16.11 -22.76
C CYS C 209 -25.36 17.05 -23.39
N PRO C 210 -25.79 18.20 -23.94
CA PRO C 210 -24.84 19.08 -24.64
C PRO C 210 -24.05 20.00 -23.74
N SER C 211 -24.33 20.04 -22.44
CA SER C 211 -23.70 20.97 -21.51
C SER C 211 -22.95 20.22 -20.41
N VAL C 212 -22.16 19.23 -20.79
CA VAL C 212 -21.44 18.40 -19.82
C VAL C 212 -20.27 19.18 -19.26
N SER C 213 -20.21 19.28 -17.93
CA SER C 213 -19.07 19.86 -17.24
C SER C 213 -18.62 18.91 -16.15
N THR C 214 -17.31 18.91 -15.88
CA THR C 214 -16.73 18.02 -14.88
C THR C 214 -16.66 18.73 -13.53
N VAL C 215 -16.80 17.95 -12.46
CA VAL C 215 -16.69 18.45 -11.09
C VAL C 215 -15.74 17.54 -10.33
N GLN C 216 -15.06 18.11 -9.34
CA GLN C 216 -14.25 17.29 -8.45
C GLN C 216 -15.12 16.50 -7.49
N CYS C 217 -16.14 17.14 -6.92
CA CYS C 217 -17.04 16.50 -5.99
C CYS C 217 -18.47 16.91 -6.32
N THR C 218 -19.43 16.11 -5.85
CA THR C 218 -20.84 16.40 -6.11
C THR C 218 -21.34 17.51 -5.19
N HIS C 219 -22.61 17.86 -5.33
CA HIS C 219 -23.21 18.91 -4.55
C HIS C 219 -23.70 18.34 -3.21
N GLY C 220 -24.39 19.16 -2.42
CA GLY C 220 -24.77 18.79 -1.07
C GLY C 220 -25.98 17.88 -1.02
N ILE C 221 -25.76 16.59 -1.31
CA ILE C 221 -26.86 15.64 -1.41
C ILE C 221 -27.30 15.25 0.00
N LYS C 222 -28.60 15.44 0.28
CA LYS C 222 -29.14 15.09 1.58
C LYS C 222 -29.77 13.71 1.52
N PRO C 223 -29.28 12.73 2.28
CA PRO C 223 -29.89 11.39 2.28
C PRO C 223 -31.15 11.33 3.13
N VAL C 224 -32.22 11.93 2.62
CA VAL C 224 -33.49 11.96 3.34
C VAL C 224 -34.27 10.69 3.04
N VAL C 225 -34.67 9.99 4.09
CA VAL C 225 -35.39 8.73 3.98
C VAL C 225 -36.89 9.02 3.91
N SER C 226 -37.52 8.67 2.79
CA SER C 226 -38.93 8.92 2.61
C SER C 226 -39.49 7.93 1.60
N THR C 227 -40.81 7.77 1.62
CA THR C 227 -41.48 6.89 0.62
C THR C 227 -42.66 7.65 0.03
N GLN C 228 -43.03 7.36 -1.21
CA GLN C 228 -44.22 7.98 -1.87
C GLN C 228 -43.98 9.45 -2.21
N LEU C 229 -43.55 10.27 -1.24
CA LEU C 229 -43.30 11.71 -1.48
C LEU C 229 -41.88 12.06 -1.03
N LEU C 230 -41.08 12.66 -1.92
CA LEU C 230 -39.72 13.12 -1.52
C LEU C 230 -39.89 14.32 -0.58
N LEU C 231 -39.29 14.28 0.61
CA LEU C 231 -39.52 15.36 1.60
C LEU C 231 -38.38 16.38 1.64
N ASN C 232 -37.44 16.32 0.69
CA ASN C 232 -36.34 17.33 0.60
C ASN C 232 -35.52 17.10 -0.66
N GLY C 233 -34.53 17.95 -0.92
CA GLY C 233 -33.64 17.75 -2.08
C GLY C 233 -33.68 18.90 -3.07
N SER C 234 -32.88 18.80 -4.14
CA SER C 234 -32.81 19.88 -5.16
C SER C 234 -34.13 19.95 -5.95
N LEU C 235 -34.50 21.15 -6.38
CA LEU C 235 -35.76 21.33 -7.17
C LEU C 235 -35.41 21.62 -8.63
N ALA C 236 -36.32 21.29 -9.55
CA ALA C 236 -36.13 21.57 -10.97
C ALA C 236 -36.05 23.09 -11.19
N GLU C 237 -35.37 23.47 -12.28
CA GLU C 237 -35.12 24.87 -12.57
C GLU C 237 -36.11 25.47 -13.56
N GLU C 238 -36.74 24.66 -14.40
CA GLU C 238 -37.66 25.20 -15.40
C GLU C 238 -39.10 24.77 -15.13
N GLU C 239 -39.34 23.47 -15.08
CA GLU C 239 -40.68 22.92 -14.95
C GLU C 239 -40.53 21.49 -14.44
N VAL C 240 -41.66 20.84 -14.13
CA VAL C 240 -41.61 19.48 -13.60
C VAL C 240 -41.11 18.50 -14.65
N MET C 241 -40.39 17.48 -14.21
CA MET C 241 -39.78 16.51 -15.10
C MET C 241 -40.18 15.11 -14.67
N ILE C 242 -40.75 14.35 -15.61
CA ILE C 242 -41.10 12.96 -15.37
C ILE C 242 -39.99 12.08 -15.93
N ARG C 243 -39.37 11.28 -15.05
CA ARG C 243 -38.23 10.45 -15.41
C ARG C 243 -38.58 8.99 -15.13
N SER C 244 -38.63 8.18 -16.19
CA SER C 244 -38.90 6.76 -16.07
C SER C 244 -37.89 5.99 -16.91
N GLU C 245 -37.63 4.74 -16.49
CA GLU C 245 -36.76 3.88 -17.28
C GLU C 245 -37.46 3.40 -18.54
N ASN C 246 -38.76 3.12 -18.46
CA ASN C 246 -39.55 2.69 -19.61
C ASN C 246 -40.99 3.10 -19.32
N ILE C 247 -41.44 4.19 -19.96
CA ILE C 247 -42.76 4.74 -19.69
C ILE C 247 -43.87 3.84 -20.25
N THR C 248 -43.55 2.96 -21.19
CA THR C 248 -44.55 2.02 -21.70
C THR C 248 -44.61 0.73 -20.89
N ASN C 249 -43.82 0.62 -19.83
CA ASN C 249 -43.88 -0.49 -18.90
C ASN C 249 -44.52 -0.03 -17.60
N ASN C 250 -45.49 -0.81 -17.10
CA ASN C 250 -46.17 -0.46 -15.87
C ASN C 250 -45.42 -0.90 -14.63
N ALA C 251 -44.35 -1.67 -14.77
CA ALA C 251 -43.56 -2.15 -13.64
C ALA C 251 -42.40 -1.22 -13.30
N LYS C 252 -42.28 -0.08 -13.98
CA LYS C 252 -41.22 0.88 -13.75
C LYS C 252 -41.77 2.07 -12.98
N ASN C 253 -41.08 2.46 -11.92
CA ASN C 253 -41.52 3.59 -11.11
C ASN C 253 -41.32 4.90 -11.86
N ILE C 254 -42.25 5.83 -11.68
CA ILE C 254 -42.22 7.14 -12.31
C ILE C 254 -41.71 8.14 -11.29
N LEU C 255 -40.63 8.83 -11.62
CA LEU C 255 -40.05 9.84 -10.74
C LEU C 255 -40.43 11.23 -11.24
N VAL C 256 -41.09 11.98 -10.37
CA VAL C 256 -41.48 13.36 -10.65
C VAL C 256 -40.61 14.27 -9.80
N GLN C 257 -40.12 15.37 -10.39
CA GLN C 257 -39.36 16.37 -9.66
C GLN C 257 -40.10 17.69 -9.74
N PHE C 258 -40.36 18.31 -8.60
CA PHE C 258 -41.15 19.53 -8.55
C PHE C 258 -40.27 20.75 -8.79
N ASN C 259 -40.81 21.74 -9.50
CA ASN C 259 -40.13 23.02 -9.66
C ASN C 259 -40.48 23.99 -8.54
N THR C 260 -41.68 23.87 -7.95
CA THR C 260 -42.09 24.63 -6.80
C THR C 260 -42.24 23.72 -5.58
N PRO C 261 -41.83 24.17 -4.40
CA PRO C 261 -41.91 23.28 -3.23
C PRO C 261 -43.27 23.32 -2.54
N VAL C 262 -43.95 22.18 -2.49
CA VAL C 262 -45.15 22.06 -1.68
C VAL C 262 -44.75 21.91 -0.22
N GLN C 263 -45.23 22.81 0.63
CA GLN C 263 -44.83 22.86 2.02
C GLN C 263 -45.70 21.90 2.82
N ILE C 264 -45.11 20.78 3.24
CA ILE C 264 -45.78 19.84 4.13
C ILE C 264 -45.35 20.16 5.56
N ASN C 265 -46.28 20.14 6.48
CA ASN C 265 -46.02 20.57 7.84
C ASN C 265 -46.80 19.69 8.81
N CYS C 266 -46.10 19.22 9.85
CA CYS C 266 -46.52 18.09 10.66
C CYS C 266 -46.43 18.41 12.14
N THR C 267 -47.25 17.72 12.93
CA THR C 267 -47.22 17.84 14.39
C THR C 267 -47.39 16.48 15.03
N ARG C 268 -46.87 16.36 16.25
CA ARG C 268 -47.28 15.31 17.18
C ARG C 268 -47.89 16.03 18.37
N PRO C 269 -49.23 16.13 18.44
CA PRO C 269 -49.87 17.11 19.33
C PRO C 269 -50.03 16.65 20.77
N ASN C 270 -48.97 16.08 21.34
CA ASN C 270 -48.90 15.72 22.75
C ASN C 270 -47.45 15.61 23.17
N ASN C 271 -47.18 15.83 24.45
CA ASN C 271 -45.85 15.67 25.00
C ASN C 271 -45.71 14.33 25.71
N ASN C 272 -44.64 13.61 25.41
CA ASN C 272 -44.37 12.30 25.99
C ASN C 272 -43.27 12.44 27.03
N THR C 273 -43.58 12.17 28.29
CA THR C 273 -42.58 12.20 29.35
C THR C 273 -41.69 10.97 29.22
N ARG C 274 -40.44 11.19 28.84
CA ARG C 274 -39.48 10.10 28.64
C ARG C 274 -38.81 9.80 29.96
N LYS C 275 -39.02 8.58 30.47
CA LYS C 275 -38.38 8.13 31.70
C LYS C 275 -37.23 7.18 31.36
N SER C 276 -36.14 7.29 32.12
CA SER C 276 -34.95 6.47 31.90
C SER C 276 -34.99 5.30 32.87
N ILE C 277 -35.38 4.14 32.36
CA ILE C 277 -35.40 2.91 33.14
C ILE C 277 -34.03 2.25 33.04
N ARG C 278 -33.41 1.99 34.18
CA ARG C 278 -32.09 1.35 34.19
C ARG C 278 -32.28 -0.16 34.10
N ILE C 279 -31.75 -0.75 33.03
CA ILE C 279 -31.92 -2.17 32.75
C ILE C 279 -30.66 -2.97 33.04
N GLY C 280 -29.54 -2.32 33.33
CA GLY C 280 -28.31 -3.01 33.59
C GLY C 280 -27.24 -2.04 34.04
N PRO C 281 -26.03 -2.55 34.25
CA PRO C 281 -24.92 -1.67 34.67
C PRO C 281 -24.43 -0.79 33.55
N GLY C 282 -25.12 0.32 33.32
CA GLY C 282 -24.74 1.27 32.29
C GLY C 282 -25.63 1.31 31.08
N GLN C 283 -26.74 0.59 31.07
CA GLN C 283 -27.67 0.55 29.96
C GLN C 283 -29.02 1.09 30.43
N ALA C 284 -29.58 2.03 29.66
CA ALA C 284 -30.85 2.64 29.98
C ALA C 284 -31.82 2.49 28.82
N PHE C 285 -33.07 2.17 29.13
CA PHE C 285 -34.13 2.02 28.15
C PHE C 285 -35.13 3.15 28.38
N TYR C 286 -35.25 4.04 27.40
CA TYR C 286 -36.11 5.21 27.50
C TYR C 286 -37.51 4.84 27.03
N ALA C 287 -38.51 5.12 27.87
CA ALA C 287 -39.88 4.73 27.61
C ALA C 287 -40.81 5.89 27.90
N THR C 288 -41.98 5.85 27.26
CA THR C 288 -43.00 6.88 27.46
C THR C 288 -43.64 6.70 28.82
N GLY C 289 -43.35 7.60 29.75
CA GLY C 289 -43.87 7.51 31.09
C GLY C 289 -45.34 7.86 31.22
N ASP C 290 -45.67 9.12 30.96
CA ASP C 290 -47.04 9.59 31.08
C ASP C 290 -47.26 10.74 30.10
N ILE C 291 -48.44 10.77 29.50
CA ILE C 291 -48.80 11.80 28.54
C ILE C 291 -49.85 12.70 29.16
N ILE C 292 -49.54 13.98 29.26
CA ILE C 292 -50.45 14.97 29.85
C ILE C 292 -51.13 15.75 28.73
N GLY C 293 -52.41 16.05 28.91
CA GLY C 293 -53.19 16.76 27.92
C GLY C 293 -54.25 15.86 27.30
N ASP C 294 -54.38 15.96 25.97
CA ASP C 294 -55.31 15.14 25.22
C ASP C 294 -54.53 14.18 24.31
N ILE C 295 -55.05 12.97 24.15
CA ILE C 295 -54.42 11.97 23.28
C ILE C 295 -55.03 12.18 21.90
N ARG C 296 -54.35 12.99 21.09
CA ARG C 296 -54.77 13.29 19.74
C ARG C 296 -53.72 12.78 18.75
N GLN C 297 -54.20 12.24 17.63
CA GLN C 297 -53.33 11.52 16.71
C GLN C 297 -52.42 12.46 15.93
N ALA C 298 -51.33 11.90 15.42
CA ALA C 298 -50.39 12.68 14.61
C ALA C 298 -50.99 12.97 13.24
N HIS C 299 -50.75 14.17 12.74
CA HIS C 299 -51.30 14.59 11.46
C HIS C 299 -50.33 15.51 10.74
N CYS C 300 -50.30 15.40 9.42
CA CYS C 300 -49.58 16.32 8.56
C CYS C 300 -50.56 16.99 7.61
N ASN C 301 -50.51 18.32 7.54
CA ASN C 301 -51.37 19.06 6.62
C ASN C 301 -50.60 19.52 5.39
N VAL C 302 -51.31 19.56 4.27
CA VAL C 302 -50.81 20.07 3.00
C VAL C 302 -51.84 21.09 2.52
N SER C 303 -51.36 22.27 2.12
CA SER C 303 -52.24 23.34 1.66
C SER C 303 -52.96 22.92 0.38
N LYS C 304 -54.28 23.12 0.37
CA LYS C 304 -55.10 22.66 -0.75
C LYS C 304 -54.87 23.51 -2.00
N ALA C 305 -54.62 24.81 -1.83
CA ALA C 305 -54.33 25.67 -2.97
C ALA C 305 -52.97 25.37 -3.57
N THR C 306 -51.99 25.04 -2.73
CA THR C 306 -50.65 24.74 -3.22
C THR C 306 -50.60 23.37 -3.89
N TRP C 307 -51.30 22.39 -3.31
CA TRP C 307 -51.25 21.03 -3.85
C TRP C 307 -52.02 20.92 -5.16
N ASN C 308 -53.12 21.65 -5.30
CA ASN C 308 -53.93 21.58 -6.51
C ASN C 308 -53.21 22.22 -7.69
N GLU C 309 -52.43 23.27 -7.43
CA GLU C 309 -51.64 23.90 -8.49
C GLU C 309 -50.49 23.01 -8.91
N THR C 310 -49.84 22.34 -7.96
CA THR C 310 -48.69 21.50 -8.29
C THR C 310 -49.12 20.21 -8.97
N LEU C 311 -50.22 19.62 -8.51
CA LEU C 311 -50.78 18.45 -9.18
C LEU C 311 -51.38 18.81 -10.54
N GLY C 312 -51.76 20.07 -10.73
CA GLY C 312 -52.17 20.52 -12.04
C GLY C 312 -51.02 20.60 -13.03
N LYS C 313 -49.80 20.80 -12.52
CA LYS C 313 -48.62 20.79 -13.38
C LYS C 313 -48.12 19.38 -13.65
N VAL C 314 -48.39 18.46 -12.72
CA VAL C 314 -48.01 17.06 -12.92
C VAL C 314 -48.84 16.43 -14.04
N VAL C 315 -50.15 16.72 -14.04
CA VAL C 315 -51.05 16.15 -15.04
C VAL C 315 -50.79 16.75 -16.42
N LYS C 316 -50.34 18.01 -16.48
CA LYS C 316 -50.20 18.71 -17.76
C LYS C 316 -49.06 18.14 -18.60
N GLN C 317 -47.92 17.83 -17.97
CA GLN C 317 -46.82 17.25 -18.72
C GLN C 317 -46.81 15.73 -18.68
N LEU C 318 -47.79 15.12 -18.01
CA LEU C 318 -48.05 13.71 -18.24
C LEU C 318 -48.79 13.51 -19.56
N ARG C 319 -49.49 14.54 -20.04
CA ARG C 319 -50.19 14.47 -21.33
C ARG C 319 -49.23 14.52 -22.51
N LYS C 320 -47.98 14.92 -22.28
CA LYS C 320 -47.00 15.04 -23.37
C LYS C 320 -46.65 13.68 -23.95
N HIS C 321 -46.53 12.67 -23.09
CA HIS C 321 -46.08 11.34 -23.50
C HIS C 321 -46.99 10.23 -22.96
N PHE C 322 -48.28 10.52 -22.81
CA PHE C 322 -49.29 9.49 -22.59
C PHE C 322 -50.54 9.68 -23.43
N GLY C 323 -50.73 10.83 -24.06
CA GLY C 323 -51.95 11.14 -24.78
C GLY C 323 -52.43 12.54 -24.47
N ASN C 324 -52.79 13.29 -25.51
CA ASN C 324 -53.15 14.69 -25.31
C ASN C 324 -54.59 14.87 -24.81
N ASN C 325 -55.43 13.85 -24.89
CA ASN C 325 -56.82 13.94 -24.48
C ASN C 325 -57.23 12.76 -23.62
N THR C 326 -56.38 12.38 -22.67
CA THR C 326 -56.63 11.25 -21.79
C THR C 326 -57.05 11.76 -20.41
N ILE C 327 -57.68 10.86 -19.65
CA ILE C 327 -58.15 11.18 -18.30
C ILE C 327 -57.13 10.60 -17.32
N ILE C 328 -56.43 11.47 -16.60
CA ILE C 328 -55.42 11.05 -15.64
C ILE C 328 -56.06 11.00 -14.26
N ARG C 329 -55.98 9.84 -13.61
CA ARG C 329 -56.61 9.61 -12.32
C ARG C 329 -55.55 9.35 -11.26
N PHE C 330 -55.80 9.81 -10.05
CA PHE C 330 -54.91 9.61 -8.93
C PHE C 330 -55.64 8.85 -7.82
N ALA C 331 -55.06 7.73 -7.40
CA ALA C 331 -55.64 6.89 -6.35
C ALA C 331 -54.56 6.63 -5.30
N ASN C 332 -54.97 5.95 -4.23
CA ASN C 332 -54.05 5.60 -3.16
C ASN C 332 -53.32 4.30 -3.51
N SER C 333 -52.50 3.81 -2.58
CA SER C 333 -51.70 2.62 -2.82
C SER C 333 -52.58 1.37 -2.84
N SER C 334 -52.10 0.33 -3.51
CA SER C 334 -52.92 -0.86 -3.73
C SER C 334 -52.98 -1.75 -2.49
N GLY C 335 -51.84 -2.27 -2.05
CA GLY C 335 -51.83 -3.14 -0.89
C GLY C 335 -50.42 -3.53 -0.51
N GLY C 336 -50.33 -4.23 0.62
CA GLY C 336 -49.08 -4.69 1.20
C GLY C 336 -49.00 -4.32 2.66
N ASP C 337 -47.77 -4.28 3.18
CA ASP C 337 -47.52 -3.89 4.56
C ASP C 337 -47.47 -2.37 4.66
N LEU C 338 -47.01 -1.85 5.81
CA LEU C 338 -47.04 -0.40 6.03
C LEU C 338 -46.02 0.33 5.17
N GLU C 339 -44.79 -0.19 5.10
CA GLU C 339 -43.67 0.57 4.54
C GLU C 339 -43.75 0.77 3.03
N VAL C 340 -44.68 0.08 2.35
CA VAL C 340 -44.89 0.31 0.92
C VAL C 340 -46.05 1.27 0.72
N THR C 341 -47.09 1.14 1.55
CA THR C 341 -48.36 1.81 1.32
C THR C 341 -48.59 3.03 2.21
N THR C 342 -47.52 3.69 2.68
CA THR C 342 -47.71 4.95 3.40
C THR C 342 -46.49 5.84 3.17
N HIS C 343 -46.65 7.11 3.54
CA HIS C 343 -45.55 8.07 3.50
C HIS C 343 -44.73 7.91 4.78
N SER C 344 -43.71 7.08 4.71
CA SER C 344 -42.89 6.76 5.87
C SER C 344 -41.69 7.70 5.93
N PHE C 345 -41.59 8.48 7.00
CA PHE C 345 -40.50 9.41 7.18
C PHE C 345 -40.31 9.67 8.67
N ASN C 346 -39.27 10.40 9.01
CA ASN C 346 -38.99 10.77 10.40
C ASN C 346 -39.15 12.28 10.60
N CYS C 347 -39.61 12.65 11.80
CA CYS C 347 -39.86 14.04 12.14
C CYS C 347 -39.52 14.23 13.61
N GLY C 348 -38.43 14.94 13.88
CA GLY C 348 -38.00 15.17 15.25
C GLY C 348 -37.48 13.94 15.95
N GLY C 349 -37.09 12.91 15.21
CA GLY C 349 -36.64 11.66 15.77
C GLY C 349 -37.71 10.58 15.82
N GLU C 350 -38.99 10.96 15.77
CA GLU C 350 -40.09 10.00 15.71
C GLU C 350 -40.42 9.69 14.26
N PHE C 351 -40.64 8.41 13.99
CA PHE C 351 -40.84 7.94 12.61
C PHE C 351 -42.33 7.91 12.31
N PHE C 352 -42.74 8.72 11.33
CA PHE C 352 -44.14 8.92 10.99
C PHE C 352 -44.54 8.02 9.84
N TYR C 353 -45.81 7.59 9.86
CA TYR C 353 -46.38 6.78 8.78
C TYR C 353 -47.74 7.39 8.46
N CYS C 354 -47.77 8.28 7.48
CA CYS C 354 -48.92 9.14 7.21
C CYS C 354 -49.74 8.62 6.05
N ASN C 355 -51.06 8.70 6.16
CA ASN C 355 -51.96 8.25 5.12
C ASN C 355 -51.87 9.19 3.91
N THR C 356 -51.84 8.61 2.71
CA THR C 356 -51.76 9.38 1.48
C THR C 356 -53.00 9.23 0.61
N SER C 357 -54.14 8.84 1.20
CA SER C 357 -55.37 8.77 0.42
C SER C 357 -55.92 10.15 0.13
N GLY C 358 -55.69 11.11 1.03
CA GLY C 358 -56.18 12.47 0.81
C GLY C 358 -55.38 13.27 -0.19
N LEU C 359 -54.12 12.91 -0.42
CA LEU C 359 -53.31 13.63 -1.40
C LEU C 359 -53.67 13.24 -2.83
N PHE C 360 -53.99 11.98 -3.06
CA PHE C 360 -54.33 11.48 -4.40
C PHE C 360 -55.79 11.08 -4.40
N ASN C 361 -56.66 12.08 -4.57
CA ASN C 361 -58.11 11.89 -4.64
C ASN C 361 -58.69 12.80 -5.71
N SER C 362 -58.06 12.82 -6.88
CA SER C 362 -58.46 13.73 -7.96
C SER C 362 -58.55 12.99 -9.27
N THR C 363 -59.49 13.42 -10.11
CA THR C 363 -59.62 12.95 -11.48
C THR C 363 -59.59 14.16 -12.39
N TRP C 364 -58.64 14.20 -13.31
CA TRP C 364 -58.40 15.35 -14.16
C TRP C 364 -58.88 15.08 -15.56
N ILE C 365 -59.77 15.94 -16.06
CA ILE C 365 -60.30 15.84 -17.42
C ILE C 365 -59.30 16.45 -18.39
N SER C 366 -59.53 16.23 -19.69
CA SER C 366 -58.64 16.77 -20.71
C SER C 366 -58.73 18.30 -20.78
N ASN C 367 -59.94 18.84 -20.63
CA ASN C 367 -60.13 20.29 -20.68
C ASN C 367 -60.26 20.86 -19.27
N ASN C 379 -57.91 28.87 2.19
CA ASN C 379 -56.93 28.52 3.21
C ASN C 379 -57.17 27.10 3.72
N ASP C 380 -57.74 26.26 2.86
CA ASP C 380 -58.01 24.87 3.23
C ASP C 380 -56.71 24.07 3.26
N SER C 381 -56.66 23.12 4.21
CA SER C 381 -55.50 22.25 4.36
C SER C 381 -55.96 20.81 4.35
N ILE C 382 -55.29 19.97 3.56
CA ILE C 382 -55.61 18.55 3.46
C ILE C 382 -54.87 17.83 4.59
N THR C 383 -55.64 17.29 5.54
CA THR C 383 -55.07 16.64 6.72
C THR C 383 -54.81 15.17 6.42
N LEU C 384 -53.58 14.74 6.68
CA LEU C 384 -53.18 13.35 6.49
C LEU C 384 -53.03 12.67 7.84
N PRO C 385 -53.83 11.65 8.15
CA PRO C 385 -53.69 10.95 9.44
C PRO C 385 -52.41 10.12 9.48
N CYS C 386 -51.63 10.31 10.53
CA CYS C 386 -50.35 9.62 10.68
C CYS C 386 -50.37 8.69 11.88
N ARG C 387 -49.60 7.60 11.76
CA ARG C 387 -49.40 6.65 12.84
C ARG C 387 -47.90 6.58 13.14
N ILE C 388 -47.55 6.58 14.41
CA ILE C 388 -46.15 6.62 14.84
C ILE C 388 -45.77 5.25 15.38
N LYS C 389 -44.72 4.67 14.81
CA LYS C 389 -44.23 3.35 15.19
C LYS C 389 -42.83 3.49 15.75
N GLN C 390 -42.58 2.86 16.90
CA GLN C 390 -41.28 2.96 17.56
C GLN C 390 -40.31 1.91 17.06
N ILE C 391 -40.71 0.63 17.10
CA ILE C 391 -39.89 -0.44 16.56
C ILE C 391 -40.05 -0.43 15.05
N ILE C 392 -39.00 -0.01 14.35
CA ILE C 392 -39.03 0.11 12.90
C ILE C 392 -37.97 -0.81 12.32
N ASN C 393 -38.14 -1.12 11.02
CA ASN C 393 -37.23 -2.01 10.31
C ASN C 393 -37.00 -1.40 8.93
N MET C 394 -35.89 -0.68 8.79
CA MET C 394 -35.60 0.03 7.56
C MET C 394 -34.83 -0.85 6.58
N TRP C 395 -34.95 -0.50 5.29
CA TRP C 395 -34.23 -1.08 4.16
C TRP C 395 -34.52 -2.57 3.95
N GLN C 396 -35.67 -3.04 4.46
CA GLN C 396 -36.18 -4.40 4.26
C GLN C 396 -35.20 -5.48 4.72
N ARG C 397 -34.45 -5.21 5.80
CA ARG C 397 -33.50 -6.17 6.33
C ARG C 397 -34.14 -6.84 7.53
N ILE C 398 -34.76 -8.01 7.29
CA ILE C 398 -35.48 -8.71 8.34
C ILE C 398 -34.47 -9.30 9.32
N GLY C 399 -34.46 -8.75 10.54
CA GLY C 399 -33.54 -9.26 11.58
C GLY C 399 -32.56 -8.20 12.05
N GLN C 400 -32.77 -6.93 11.64
CA GLN C 400 -31.92 -5.82 12.13
C GLN C 400 -32.81 -4.60 12.39
N CYS C 401 -33.60 -4.61 13.47
CA CYS C 401 -34.54 -3.47 13.70
C CYS C 401 -33.87 -2.38 14.53
N MET C 402 -34.66 -1.43 15.04
CA MET C 402 -34.12 -0.33 15.88
C MET C 402 -35.26 0.23 16.73
N TYR C 403 -35.07 0.30 18.05
CA TYR C 403 -36.10 0.94 18.91
C TYR C 403 -35.83 2.43 18.98
N ALA C 404 -36.73 3.24 18.43
CA ALA C 404 -36.59 4.68 18.50
C ALA C 404 -37.04 5.17 19.86
N PRO C 405 -36.18 5.83 20.64
CA PRO C 405 -36.60 6.31 21.95
C PRO C 405 -37.57 7.47 21.81
N PRO C 406 -38.46 7.67 22.78
CA PRO C 406 -39.39 8.80 22.72
C PRO C 406 -38.68 10.13 22.90
N ILE C 407 -39.26 11.17 22.29
CA ILE C 407 -38.72 12.53 22.35
C ILE C 407 -39.69 13.37 23.16
N GLN C 408 -39.18 14.02 24.21
CA GLN C 408 -40.01 14.77 25.13
C GLN C 408 -40.44 16.09 24.50
N GLY C 409 -41.74 16.38 24.56
CA GLY C 409 -42.28 17.63 24.08
C GLY C 409 -43.03 17.46 22.76
N VAL C 410 -43.68 18.56 22.35
CA VAL C 410 -44.40 18.59 21.09
C VAL C 410 -43.41 18.72 19.95
N ILE C 411 -43.50 17.83 18.97
CA ILE C 411 -42.53 17.73 17.89
C ILE C 411 -43.04 18.53 16.69
N ARG C 412 -42.22 19.46 16.22
CA ARG C 412 -42.54 20.31 15.07
C ARG C 412 -41.50 20.10 13.98
N CYS C 413 -41.98 19.97 12.74
CA CYS C 413 -41.08 19.90 11.59
C CYS C 413 -41.82 20.44 10.36
N VAL C 414 -41.09 21.21 9.56
CA VAL C 414 -41.62 21.78 8.32
C VAL C 414 -40.72 21.30 7.18
N SER C 415 -41.31 20.65 6.19
CA SER C 415 -40.55 20.07 5.09
C SER C 415 -41.15 20.50 3.76
N ASN C 416 -40.34 20.37 2.70
CA ASN C 416 -40.77 20.68 1.35
C ASN C 416 -41.00 19.38 0.59
N ILE C 417 -42.16 19.25 -0.04
CA ILE C 417 -42.41 18.16 -0.99
C ILE C 417 -41.81 18.60 -2.30
N THR C 418 -40.67 18.03 -2.65
CA THR C 418 -39.96 18.37 -3.88
C THR C 418 -40.03 17.27 -4.92
N GLY C 419 -40.93 16.29 -4.76
CA GLY C 419 -41.02 15.24 -5.74
C GLY C 419 -42.08 14.23 -5.40
N LEU C 420 -42.23 13.25 -6.29
CA LEU C 420 -43.17 12.16 -6.14
C LEU C 420 -42.55 10.88 -6.67
N ILE C 421 -43.07 9.76 -6.19
CA ILE C 421 -42.82 8.44 -6.79
C ILE C 421 -44.18 7.87 -7.16
N LEU C 422 -44.37 7.57 -8.43
CA LEU C 422 -45.66 7.12 -8.94
C LEU C 422 -45.52 5.76 -9.60
N THR C 423 -46.60 4.98 -9.55
CA THR C 423 -46.64 3.66 -10.16
C THR C 423 -47.92 3.55 -10.98
N ARG C 424 -47.78 3.28 -12.27
CA ARG C 424 -48.93 3.12 -13.15
C ARG C 424 -49.44 1.69 -13.10
N ASP C 425 -50.76 1.53 -13.08
CA ASP C 425 -51.35 0.19 -13.07
C ASP C 425 -51.24 -0.46 -14.45
N GLY C 426 -51.79 0.18 -15.47
CA GLY C 426 -51.66 -0.33 -16.82
C GLY C 426 -52.95 -0.86 -17.42
N GLY C 427 -52.84 -1.65 -18.47
CA GLY C 427 -53.99 -2.20 -19.15
C GLY C 427 -54.18 -1.59 -20.52
N SER C 428 -55.07 -2.21 -21.31
CA SER C 428 -55.37 -1.72 -22.64
C SER C 428 -56.36 -0.55 -22.56
N THR C 429 -56.81 -0.12 -23.75
CA THR C 429 -57.67 1.07 -23.95
C THR C 429 -57.05 2.30 -23.31
N ASN C 430 -55.90 2.71 -23.89
CA ASN C 430 -55.08 3.76 -23.30
C ASN C 430 -55.76 5.13 -23.37
N SER C 431 -56.60 5.35 -24.38
CA SER C 431 -57.24 6.64 -24.54
C SER C 431 -58.41 6.86 -23.58
N THR C 432 -58.87 5.80 -22.90
CA THR C 432 -60.02 5.95 -22.01
C THR C 432 -59.62 6.64 -20.71
N THR C 433 -58.74 6.02 -19.93
CA THR C 433 -58.31 6.57 -18.65
C THR C 433 -56.94 6.00 -18.31
N GLU C 434 -56.24 6.71 -17.42
CA GLU C 434 -54.93 6.30 -16.93
C GLU C 434 -54.85 6.65 -15.45
N THR C 435 -54.81 5.65 -14.59
CA THR C 435 -54.76 5.86 -13.15
C THR C 435 -53.33 5.71 -12.64
N PHE C 436 -52.98 6.53 -11.65
CA PHE C 436 -51.65 6.54 -11.05
C PHE C 436 -51.77 6.43 -9.53
N ARG C 437 -50.89 5.64 -8.94
CA ARG C 437 -50.85 5.43 -7.51
C ARG C 437 -49.41 5.57 -7.02
N PRO C 438 -49.21 6.01 -5.78
CA PRO C 438 -47.85 6.19 -5.27
C PRO C 438 -47.15 4.86 -5.05
N GLY C 439 -45.83 4.88 -5.22
CA GLY C 439 -45.04 3.67 -5.13
C GLY C 439 -44.18 3.59 -3.88
N GLY C 440 -42.87 3.68 -4.06
CA GLY C 440 -41.95 3.51 -2.96
C GLY C 440 -41.34 2.11 -2.96
N GLY C 441 -41.12 1.55 -1.77
CA GLY C 441 -40.58 0.21 -1.68
C GLY C 441 -39.08 0.14 -1.84
N ASP C 442 -38.60 0.49 -3.04
CA ASP C 442 -37.16 0.53 -3.30
C ASP C 442 -36.64 1.88 -2.82
N MET C 443 -35.70 1.85 -1.89
CA MET C 443 -35.20 3.07 -1.28
C MET C 443 -34.24 3.81 -2.22
N ARG C 444 -33.68 3.10 -3.21
CA ARG C 444 -32.73 3.69 -4.14
C ARG C 444 -33.34 4.73 -5.06
N ASP C 445 -34.67 4.76 -5.19
CA ASP C 445 -35.31 5.73 -6.07
C ASP C 445 -35.31 7.14 -5.47
N ASN C 446 -35.06 7.26 -4.16
CA ASN C 446 -34.98 8.59 -3.56
C ASN C 446 -33.72 9.32 -4.00
N TRP C 447 -32.59 8.60 -4.10
CA TRP C 447 -31.34 9.24 -4.50
C TRP C 447 -31.11 9.20 -6.00
N ARG C 448 -31.99 8.55 -6.76
CA ARG C 448 -31.91 8.68 -8.21
C ARG C 448 -32.39 10.04 -8.68
N SER C 449 -33.22 10.71 -7.88
CA SER C 449 -33.65 12.07 -8.21
C SER C 449 -32.58 13.10 -7.88
N GLU C 450 -31.51 12.70 -7.17
CA GLU C 450 -30.40 13.59 -6.87
C GLU C 450 -29.13 13.23 -7.60
N LEU C 451 -28.95 11.98 -8.00
CA LEU C 451 -27.77 11.52 -8.72
C LEU C 451 -28.04 11.28 -10.20
N TYR C 452 -29.07 11.90 -10.76
CA TYR C 452 -29.36 11.72 -12.18
C TYR C 452 -28.40 12.49 -13.07
N LYS C 453 -27.83 13.59 -12.56
CA LYS C 453 -26.97 14.44 -13.36
C LYS C 453 -25.48 14.08 -13.23
N TYR C 454 -25.12 13.16 -12.35
CA TYR C 454 -23.74 12.79 -12.13
C TYR C 454 -23.46 11.38 -12.63
N LYS C 455 -22.27 11.20 -13.20
CA LYS C 455 -21.79 9.87 -13.56
C LYS C 455 -20.28 9.87 -13.51
N VAL C 456 -19.71 8.67 -13.35
CA VAL C 456 -18.27 8.50 -13.15
C VAL C 456 -17.69 7.84 -14.38
N VAL C 457 -16.62 8.42 -14.92
CA VAL C 457 -15.95 7.91 -16.10
C VAL C 457 -14.50 7.60 -15.75
N LYS C 458 -13.93 6.59 -16.42
CA LYS C 458 -12.53 6.26 -16.25
C LYS C 458 -11.72 6.78 -17.44
N ILE C 459 -10.65 7.51 -17.15
CA ILE C 459 -9.89 8.23 -18.15
C ILE C 459 -8.72 7.37 -18.60
N GLU C 460 -8.61 7.14 -19.92
CA GLU C 460 -7.48 6.42 -20.49
C GLU C 460 -6.53 7.42 -21.14
N PRO C 461 -5.33 7.61 -20.58
CA PRO C 461 -4.41 8.60 -21.16
C PRO C 461 -3.73 8.14 -22.43
N LEU C 462 -3.79 6.85 -22.76
CA LEU C 462 -3.07 6.30 -23.90
C LEU C 462 -3.98 6.27 -25.12
N GLY C 463 -3.47 6.79 -26.24
CA GLY C 463 -4.24 6.81 -27.48
C GLY C 463 -3.33 6.77 -28.68
N VAL C 464 -3.90 6.33 -29.81
CA VAL C 464 -3.17 6.16 -31.06
C VAL C 464 -3.85 6.98 -32.15
N ALA C 465 -3.04 7.44 -33.12
CA ALA C 465 -3.50 8.29 -34.21
C ALA C 465 -2.47 8.26 -35.33
N PRO C 466 -2.88 8.38 -36.59
CA PRO C 466 -1.90 8.35 -37.68
C PRO C 466 -1.31 9.72 -38.00
N THR C 467 0.00 9.73 -38.19
CA THR C 467 0.75 10.92 -38.60
C THR C 467 1.91 10.39 -39.45
N ARG C 468 2.60 11.31 -40.13
CA ARG C 468 3.75 10.91 -40.97
C ARG C 468 5.04 11.01 -40.15
N CYS C 469 4.95 11.04 -38.81
CA CYS C 469 6.23 11.03 -38.06
C CYS C 469 6.76 9.60 -37.96
N LYS C 470 7.90 9.34 -38.58
CA LYS C 470 8.52 7.99 -38.60
C LYS C 470 9.78 8.03 -37.73
N ARG C 471 9.88 7.14 -36.75
CA ARG C 471 11.04 7.16 -35.79
C ARG C 471 12.38 7.13 -36.53
N ARG C 472 13.34 7.97 -36.11
CA ARG C 472 14.71 7.98 -36.72
C ARG C 472 15.39 6.63 -36.46
N VAL C 473 15.84 5.96 -37.53
CA VAL C 473 16.56 4.69 -37.38
C VAL C 473 17.97 4.85 -37.91
N ALA D 1 6.63 41.26 -19.92
CA ALA D 1 7.07 40.14 -19.10
C ALA D 1 7.07 40.52 -17.62
N VAL D 2 6.21 41.46 -17.27
CA VAL D 2 5.99 41.86 -15.87
C VAL D 2 4.58 42.40 -15.75
N GLY D 3 3.94 42.20 -14.61
CA GLY D 3 2.61 42.71 -14.36
C GLY D 3 1.48 41.92 -15.00
N ILE D 4 1.68 40.65 -15.30
CA ILE D 4 0.65 39.79 -15.87
C ILE D 4 0.66 38.47 -15.12
N GLY D 5 -0.53 37.91 -14.91
CA GLY D 5 -0.71 36.73 -14.10
C GLY D 5 -0.40 35.45 -14.86
N ALA D 6 -0.87 34.33 -14.31
CA ALA D 6 -0.67 33.03 -14.96
C ALA D 6 -1.83 32.13 -14.52
N VAL D 7 -2.77 31.90 -15.43
CA VAL D 7 -3.90 31.03 -15.18
C VAL D 7 -3.76 29.78 -16.04
N PHE D 8 -3.93 28.62 -15.43
CA PHE D 8 -3.65 27.35 -16.09
C PHE D 8 -4.95 26.65 -16.48
N LEU D 9 -4.89 25.88 -17.56
CA LEU D 9 -6.06 25.13 -18.00
C LEU D 9 -6.38 23.99 -17.03
N GLY D 10 -7.67 23.87 -16.71
CA GLY D 10 -8.12 22.86 -15.77
C GLY D 10 -8.09 21.47 -16.37
N PHE D 11 -8.40 20.50 -15.50
CA PHE D 11 -8.36 19.09 -15.87
C PHE D 11 -9.45 18.78 -16.88
N LEU D 12 -9.08 18.02 -17.92
CA LEU D 12 -9.92 17.67 -19.07
C LEU D 12 -10.47 18.91 -19.78
N GLY D 13 -9.70 19.99 -19.80
CA GLY D 13 -10.18 21.26 -20.33
C GLY D 13 -10.36 21.29 -21.83
N ALA D 14 -9.68 20.39 -22.55
CA ALA D 14 -9.81 20.29 -24.00
C ALA D 14 -10.44 18.96 -24.40
N ALA D 15 -11.48 18.55 -23.67
CA ALA D 15 -12.20 17.34 -24.01
C ALA D 15 -12.94 17.49 -25.34
N GLY D 16 -13.72 18.56 -25.48
CA GLY D 16 -14.27 18.88 -26.78
C GLY D 16 -13.43 19.91 -27.50
N SER D 17 -12.53 19.43 -28.34
CA SER D 17 -11.59 20.23 -29.11
C SER D 17 -10.95 19.33 -30.14
N THR D 18 -10.40 19.94 -31.20
CA THR D 18 -9.75 19.18 -32.25
C THR D 18 -8.47 18.53 -31.72
N MET D 19 -8.09 17.41 -32.35
CA MET D 19 -6.98 16.60 -31.85
C MET D 19 -5.65 17.33 -31.96
N GLY D 20 -5.49 18.17 -32.99
CA GLY D 20 -4.32 19.02 -33.08
C GLY D 20 -4.27 20.05 -31.97
N ALA D 21 -5.42 20.61 -31.61
CA ALA D 21 -5.48 21.54 -30.48
C ALA D 21 -5.44 20.82 -29.14
N ALA D 22 -5.93 19.58 -29.07
CA ALA D 22 -5.90 18.82 -27.83
C ALA D 22 -4.58 18.07 -27.64
N SER D 23 -3.66 18.14 -28.60
CA SER D 23 -2.34 17.58 -28.44
C SER D 23 -1.42 18.44 -27.57
N MET D 24 -1.86 19.63 -27.18
CA MET D 24 -1.11 20.50 -26.29
C MET D 24 -1.68 20.51 -24.88
N THR D 25 -2.41 19.46 -24.48
CA THR D 25 -2.92 19.30 -23.13
C THR D 25 -2.50 17.97 -22.51
N LEU D 26 -1.43 17.36 -23.04
CA LEU D 26 -1.00 16.05 -22.57
C LEU D 26 -0.47 16.12 -21.15
N THR D 27 0.24 17.21 -20.81
CA THR D 27 0.70 17.40 -19.44
C THR D 27 -0.45 17.70 -18.51
N VAL D 28 -1.52 18.31 -19.02
CA VAL D 28 -2.71 18.58 -18.21
C VAL D 28 -3.40 17.27 -17.83
N GLN D 29 -3.58 16.37 -18.80
CA GLN D 29 -4.22 15.09 -18.47
C GLN D 29 -3.29 14.15 -17.72
N ALA D 30 -1.97 14.29 -17.91
CA ALA D 30 -1.04 13.42 -17.22
C ALA D 30 -0.67 13.92 -15.83
N ARG D 31 -0.94 15.14 -15.46
CA ARG D 31 -0.50 15.48 -14.11
C ARG D 31 -1.54 14.91 -13.13
N ASN D 32 -2.83 15.05 -13.37
CA ASN D 32 -3.82 14.65 -12.37
C ASN D 32 -4.19 13.18 -12.47
N LEU D 33 -3.23 12.32 -12.81
CA LEU D 33 -3.47 10.89 -12.93
C LEU D 33 -3.23 10.14 -11.63
N LEU D 34 -2.50 10.72 -10.69
CA LEU D 34 -2.23 10.07 -9.41
C LEU D 34 -2.83 10.79 -8.21
N SER D 35 -3.09 12.10 -8.30
CA SER D 35 -3.77 12.91 -7.28
C SER D 35 -3.06 12.87 -5.92
N GLY D 36 -1.83 13.38 -5.92
CA GLY D 36 -1.04 13.43 -4.71
C GLY D 36 -0.29 12.14 -4.42
N THR D 58 -10.48 -1.21 10.15
CA THR D 58 -11.89 -1.03 10.46
C THR D 58 -12.70 -0.81 9.19
N VAL D 59 -13.93 -0.30 9.37
CA VAL D 59 -14.76 0.05 8.22
C VAL D 59 -14.21 1.34 7.59
N TRP D 60 -14.48 1.50 6.29
CA TRP D 60 -14.15 2.68 5.47
C TRP D 60 -12.65 2.94 5.39
N GLY D 61 -11.82 1.92 5.59
CA GLY D 61 -10.38 2.11 5.56
C GLY D 61 -9.66 1.19 4.59
N ILE D 62 -10.25 0.03 4.31
CA ILE D 62 -9.58 -0.99 3.52
C ILE D 62 -10.05 -0.92 2.07
N LYS D 63 -11.24 -0.37 1.85
CA LYS D 63 -11.77 -0.27 0.49
C LYS D 63 -11.03 0.82 -0.29
N GLN D 64 -10.78 1.96 0.33
CA GLN D 64 -10.01 3.01 -0.33
C GLN D 64 -8.53 2.68 -0.36
N LEU D 65 -8.03 1.86 0.56
CA LEU D 65 -6.68 1.31 0.43
C LEU D 65 -6.58 0.42 -0.80
N GLN D 66 -7.59 -0.42 -1.02
CA GLN D 66 -7.65 -1.25 -2.22
C GLN D 66 -7.78 -0.40 -3.47
N ALA D 67 -8.54 0.70 -3.39
CA ALA D 67 -8.69 1.61 -4.52
C ALA D 67 -7.38 2.32 -4.84
N ARG D 68 -6.61 2.69 -3.82
CA ARG D 68 -5.30 3.31 -4.05
C ARG D 68 -4.32 2.33 -4.66
N VAL D 69 -4.35 1.07 -4.21
CA VAL D 69 -3.49 0.04 -4.79
C VAL D 69 -3.87 -0.22 -6.25
N LEU D 70 -5.18 -0.25 -6.54
CA LEU D 70 -5.65 -0.44 -7.91
C LEU D 70 -5.30 0.76 -8.79
N ALA D 71 -5.34 1.97 -8.23
CA ALA D 71 -4.98 3.16 -9.00
C ALA D 71 -3.49 3.20 -9.29
N VAL D 72 -2.67 2.71 -8.35
CA VAL D 72 -1.22 2.61 -8.59
C VAL D 72 -0.94 1.56 -9.66
N GLU D 73 -1.59 0.39 -9.55
CA GLU D 73 -1.38 -0.68 -10.52
C GLU D 73 -2.03 -0.39 -11.87
N ARG D 74 -2.92 0.60 -11.94
CA ARG D 74 -3.46 1.07 -13.21
C ARG D 74 -2.67 2.24 -13.76
N TYR D 75 -1.97 2.98 -12.90
CA TYR D 75 -0.93 3.90 -13.38
C TYR D 75 0.20 3.13 -14.04
N LEU D 76 0.62 2.02 -13.45
CA LEU D 76 1.43 1.05 -14.15
C LEU D 76 0.56 0.27 -15.14
N ARG D 77 1.21 -0.38 -16.11
CA ARG D 77 0.68 -1.03 -17.32
C ARG D 77 0.21 0.00 -18.34
N ASP D 78 0.18 1.28 -17.95
CA ASP D 78 0.19 2.40 -18.88
C ASP D 78 1.59 2.99 -19.04
N GLN D 79 2.44 2.79 -18.04
CA GLN D 79 3.87 3.05 -18.17
C GLN D 79 4.66 1.79 -18.50
N GLN D 80 4.05 0.61 -18.40
CA GLN D 80 4.69 -0.63 -18.79
C GLN D 80 4.33 -1.06 -20.21
N LEU D 81 3.16 -0.66 -20.71
CA LEU D 81 2.87 -0.80 -22.13
C LEU D 81 3.62 0.25 -22.93
N LEU D 82 3.72 1.46 -22.38
CA LEU D 82 4.49 2.51 -23.02
C LEU D 82 5.99 2.25 -22.90
N GLY D 83 6.40 1.56 -21.83
CA GLY D 83 7.82 1.41 -21.55
C GLY D 83 8.48 0.31 -22.36
N ILE D 84 7.71 -0.73 -22.74
CA ILE D 84 8.29 -1.82 -23.52
C ILE D 84 8.58 -1.35 -24.95
N TRP D 85 7.82 -0.37 -25.43
CA TRP D 85 8.18 0.26 -26.69
C TRP D 85 9.20 1.37 -26.43
N GLY D 86 9.63 2.00 -27.52
CA GLY D 86 10.62 3.07 -27.42
C GLY D 86 10.02 4.43 -27.14
N CYS D 87 9.04 4.48 -26.24
CA CYS D 87 8.31 5.71 -25.94
C CYS D 87 8.23 6.00 -24.45
N SER D 88 9.10 5.38 -23.64
CA SER D 88 9.08 5.62 -22.20
C SER D 88 9.60 7.02 -21.89
N GLY D 89 8.80 7.78 -21.13
CA GLY D 89 9.12 9.17 -20.87
C GLY D 89 8.77 10.12 -22.01
N LYS D 90 8.08 9.65 -23.04
CA LYS D 90 7.75 10.45 -24.21
C LYS D 90 6.24 10.65 -24.28
N LEU D 91 5.81 11.89 -24.50
CA LEU D 91 4.39 12.18 -24.64
C LEU D 91 3.92 11.90 -26.06
N ILE D 92 4.62 12.43 -27.06
CA ILE D 92 4.33 12.15 -28.46
C ILE D 92 5.46 11.29 -29.01
N CYS D 93 5.14 10.05 -29.37
CA CYS D 93 6.14 9.09 -29.80
C CYS D 93 5.90 8.67 -31.24
N CYS D 94 6.95 8.73 -32.05
CA CYS D 94 6.92 8.19 -33.40
C CYS D 94 7.11 6.68 -33.36
N THR D 95 6.43 5.98 -34.26
CA THR D 95 6.56 4.54 -34.38
C THR D 95 6.65 4.15 -35.85
N ASN D 96 7.52 3.19 -36.16
CA ASN D 96 7.71 2.69 -37.52
C ASN D 96 6.73 1.55 -37.79
N VAL D 97 5.45 1.86 -37.72
CA VAL D 97 4.39 0.90 -38.02
C VAL D 97 3.45 1.55 -39.03
N PRO D 98 3.25 0.96 -40.20
CA PRO D 98 2.40 1.60 -41.23
C PRO D 98 0.94 1.62 -40.83
N TRP D 99 0.25 2.68 -41.26
CA TRP D 99 -1.20 2.81 -41.04
C TRP D 99 -1.91 2.29 -42.28
N ASN D 100 -2.36 1.04 -42.21
CA ASN D 100 -3.10 0.45 -43.31
C ASN D 100 -4.51 1.03 -43.38
N SER D 101 -5.09 1.01 -44.58
CA SER D 101 -6.37 1.65 -44.82
C SER D 101 -7.56 0.79 -44.43
N SER D 102 -7.33 -0.41 -43.90
CA SER D 102 -8.43 -1.25 -43.43
C SER D 102 -9.08 -0.66 -42.19
N TRP D 103 -8.29 0.03 -41.36
CA TRP D 103 -8.87 0.76 -40.24
C TRP D 103 -9.54 2.03 -40.73
N SER D 104 -10.28 2.68 -39.83
CA SER D 104 -11.00 3.90 -40.18
C SER D 104 -10.02 5.04 -40.40
N ASN D 105 -9.78 5.38 -41.67
CA ASN D 105 -8.76 6.36 -42.03
C ASN D 105 -9.36 7.45 -42.89
N ARG D 106 -9.00 8.69 -42.59
CA ARG D 106 -9.31 9.86 -43.39
C ARG D 106 -8.02 10.62 -43.66
N ASN D 107 -8.13 11.76 -44.30
CA ASN D 107 -6.96 12.63 -44.45
C ASN D 107 -6.65 13.29 -43.11
N LEU D 108 -5.41 13.78 -42.99
CA LEU D 108 -4.97 14.44 -41.76
C LEU D 108 -5.69 15.76 -41.51
N SER D 109 -6.22 16.40 -42.55
CA SER D 109 -7.01 17.60 -42.36
C SER D 109 -8.38 17.30 -41.77
N GLU D 110 -8.92 16.10 -42.03
CA GLU D 110 -10.22 15.70 -41.49
C GLU D 110 -10.11 14.92 -40.19
N ILE D 111 -8.91 14.75 -39.66
CA ILE D 111 -8.70 14.08 -38.38
C ILE D 111 -8.21 15.05 -37.31
N TRP D 112 -7.15 15.80 -37.61
CA TRP D 112 -6.50 16.67 -36.65
C TRP D 112 -7.10 18.07 -36.59
N ASP D 113 -8.06 18.39 -37.43
CA ASP D 113 -8.59 19.75 -37.51
C ASP D 113 -10.10 19.84 -37.41
N ASN D 114 -10.84 18.73 -37.54
CA ASN D 114 -12.29 18.78 -37.53
C ASN D 114 -12.89 17.66 -36.69
N MET D 115 -12.14 17.15 -35.71
CA MET D 115 -12.55 15.92 -35.06
C MET D 115 -11.90 15.84 -33.68
N THR D 116 -12.67 15.39 -32.68
CA THR D 116 -12.22 15.34 -31.30
C THR D 116 -11.57 13.99 -30.99
N TRP D 117 -10.97 13.92 -29.80
CA TRP D 117 -10.31 12.68 -29.37
C TRP D 117 -11.32 11.63 -28.95
N LEU D 118 -12.46 12.06 -28.37
CA LEU D 118 -13.50 11.14 -27.96
C LEU D 118 -14.13 10.44 -29.17
N GLN D 119 -14.36 11.19 -30.26
CA GLN D 119 -14.88 10.61 -31.48
C GLN D 119 -13.88 9.64 -32.11
N TRP D 120 -12.59 9.98 -32.02
CA TRP D 120 -11.56 9.10 -32.55
C TRP D 120 -11.47 7.81 -31.77
N ASP D 121 -11.65 7.88 -30.44
CA ASP D 121 -11.69 6.65 -29.65
C ASP D 121 -12.97 5.87 -29.92
N LYS D 122 -14.06 6.57 -30.26
CA LYS D 122 -15.31 5.88 -30.53
C LYS D 122 -15.31 5.18 -31.88
N GLU D 123 -14.53 5.66 -32.86
CA GLU D 123 -14.45 4.93 -34.12
C GLU D 123 -13.60 3.67 -33.97
N ILE D 124 -12.33 3.81 -33.64
CA ILE D 124 -11.46 2.65 -33.43
C ILE D 124 -11.63 2.22 -31.98
N SER D 125 -12.57 1.29 -31.78
CA SER D 125 -12.73 0.63 -30.50
C SER D 125 -12.35 -0.85 -30.55
N ASN D 126 -12.28 -1.42 -31.74
CA ASN D 126 -11.84 -2.80 -31.96
C ASN D 126 -10.39 -2.88 -32.38
N TYR D 127 -9.91 -1.93 -33.19
CA TYR D 127 -8.57 -2.02 -33.76
C TYR D 127 -7.48 -1.55 -32.80
N THR D 128 -7.83 -0.95 -31.65
CA THR D 128 -6.80 -0.50 -30.73
C THR D 128 -6.09 -1.67 -30.07
N GLN D 129 -6.79 -2.80 -29.90
CA GLN D 129 -6.15 -3.96 -29.30
C GLN D 129 -5.17 -4.62 -30.28
N ILE D 130 -5.49 -4.63 -31.57
CA ILE D 130 -4.58 -5.22 -32.54
C ILE D 130 -3.44 -4.27 -32.89
N ILE D 131 -3.56 -2.98 -32.56
CA ILE D 131 -2.42 -2.07 -32.70
C ILE D 131 -1.37 -2.38 -31.63
N TYR D 132 -1.81 -2.63 -30.39
CA TYR D 132 -0.88 -2.95 -29.31
C TYR D 132 -0.16 -4.28 -29.56
N GLY D 133 -0.81 -5.23 -30.23
CA GLY D 133 -0.11 -6.40 -30.71
C GLY D 133 0.81 -6.15 -31.88
N LEU D 134 0.55 -5.08 -32.64
CA LEU D 134 1.41 -4.69 -33.76
C LEU D 134 2.56 -3.80 -33.31
N LEU D 135 2.48 -3.19 -32.13
CA LEU D 135 3.58 -2.39 -31.61
C LEU D 135 4.56 -3.21 -30.78
N GLU D 136 4.20 -4.44 -30.40
CA GLU D 136 5.13 -5.33 -29.72
C GLU D 136 5.75 -6.35 -30.65
N GLU D 137 5.38 -6.33 -31.93
CA GLU D 137 5.88 -7.31 -32.90
C GLU D 137 6.67 -6.66 -34.02
N SER D 138 6.15 -5.61 -34.64
CA SER D 138 6.81 -4.96 -35.76
C SER D 138 7.60 -3.72 -35.37
N GLN D 139 7.32 -3.13 -34.20
CA GLN D 139 8.16 -2.06 -33.65
C GLN D 139 9.31 -2.63 -32.84
N ASN D 140 9.00 -3.40 -31.80
CA ASN D 140 10.00 -4.11 -31.03
C ASN D 140 9.90 -5.61 -31.33
N GLN D 141 11.02 -6.30 -31.11
CA GLN D 141 11.35 -7.68 -31.51
C GLN D 141 11.45 -7.85 -33.02
N GLN D 142 11.38 -6.77 -33.79
CA GLN D 142 11.75 -6.75 -35.20
C GLN D 142 12.88 -5.76 -35.44
N GLU D 143 12.71 -4.50 -35.02
CA GLU D 143 13.81 -3.55 -35.00
C GLU D 143 14.79 -3.87 -33.87
N LYS D 144 14.28 -4.48 -32.79
CA LYS D 144 15.13 -4.91 -31.69
C LYS D 144 16.09 -6.01 -32.13
N ASN D 145 15.63 -6.93 -32.98
CA ASN D 145 16.55 -7.93 -33.52
C ASN D 145 17.53 -7.32 -34.52
N GLU D 146 17.13 -6.28 -35.24
CA GLU D 146 18.06 -5.56 -36.11
C GLU D 146 19.15 -4.86 -35.31
N GLN D 147 18.78 -4.33 -34.13
CA GLN D 147 19.78 -3.80 -33.22
C GLN D 147 20.65 -4.92 -32.64
N ASP D 148 20.05 -6.09 -32.39
CA ASP D 148 20.78 -7.22 -31.85
C ASP D 148 21.70 -7.88 -32.87
N LEU D 149 21.55 -7.58 -34.16
CA LEU D 149 22.51 -8.05 -35.16
C LEU D 149 23.90 -7.47 -34.91
N LEU D 150 23.98 -6.18 -34.60
CA LEU D 150 25.23 -5.52 -34.21
C LEU D 150 24.92 -4.73 -32.94
N ALA D 151 25.03 -5.40 -31.78
CA ALA D 151 24.58 -4.82 -30.53
C ALA D 151 25.68 -4.05 -29.81
N LEU D 152 26.78 -4.74 -29.47
CA LEU D 152 27.85 -4.15 -28.68
C LEU D 152 29.11 -4.00 -29.53
N ASP D 153 29.68 -2.81 -29.51
CA ASP D 153 30.89 -2.53 -30.27
C ASP D 153 32.12 -2.52 -29.38
N GLU E 2 22.45 35.04 -21.79
CA GLU E 2 23.01 35.39 -20.48
C GLU E 2 21.99 35.20 -19.36
N ASN E 3 20.70 35.23 -19.70
CA ASN E 3 19.66 35.01 -18.71
C ASN E 3 19.67 33.57 -18.22
N LEU E 4 19.29 33.40 -16.96
CA LEU E 4 19.32 32.09 -16.32
C LEU E 4 18.16 31.23 -16.81
N TRP E 5 18.30 29.92 -16.61
CA TRP E 5 17.29 28.95 -17.02
C TRP E 5 16.97 28.01 -15.86
N VAL E 6 15.72 27.53 -15.84
CA VAL E 6 15.29 26.64 -14.77
C VAL E 6 15.89 25.25 -14.99
N THR E 7 16.50 24.70 -13.95
CA THR E 7 16.99 23.34 -13.94
C THR E 7 16.40 22.58 -12.76
N VAL E 8 16.07 21.31 -12.99
CA VAL E 8 15.39 20.49 -12.00
C VAL E 8 16.40 19.57 -11.34
N TYR E 9 16.43 19.60 -10.02
CA TYR E 9 17.29 18.73 -9.22
C TYR E 9 16.42 17.73 -8.47
N TYR E 10 16.72 16.45 -8.63
CA TYR E 10 15.98 15.39 -7.96
C TYR E 10 16.83 14.79 -6.84
N GLY E 11 16.30 14.84 -5.63
CA GLY E 11 17.01 14.31 -4.47
C GLY E 11 17.66 15.35 -3.60
N VAL E 12 17.11 16.55 -3.51
CA VAL E 12 17.71 17.64 -2.74
C VAL E 12 17.47 17.41 -1.25
N PRO E 13 18.35 17.88 -0.37
CA PRO E 13 18.06 17.80 1.07
C PRO E 13 17.08 18.87 1.51
N VAL E 14 15.79 18.63 1.26
CA VAL E 14 14.73 19.59 1.56
C VAL E 14 13.63 18.87 2.33
N TRP E 15 13.25 19.42 3.48
CA TRP E 15 12.13 18.87 4.23
C TRP E 15 11.21 19.97 4.72
N LYS E 16 9.93 19.61 4.90
CA LYS E 16 8.95 20.46 5.56
C LYS E 16 8.26 19.65 6.65
N ASP E 17 7.71 20.36 7.63
CA ASP E 17 7.02 19.71 8.74
C ASP E 17 5.75 19.03 8.26
N ALA E 18 5.44 17.87 8.84
CA ALA E 18 4.32 17.07 8.39
C ALA E 18 3.68 16.34 9.56
N GLU E 19 2.43 15.93 9.34
CA GLU E 19 1.67 15.09 10.26
C GLU E 19 1.37 13.78 9.53
N THR E 20 1.95 12.69 10.01
CA THR E 20 1.84 11.41 9.33
C THR E 20 1.86 10.28 10.35
N THR E 21 1.57 9.08 9.86
CA THR E 21 1.54 7.88 10.69
C THR E 21 2.95 7.39 10.98
N LEU E 22 3.10 6.69 12.10
CA LEU E 22 4.36 6.10 12.52
C LEU E 22 4.09 4.68 12.96
N PHE E 23 4.95 3.74 12.54
CA PHE E 23 4.72 2.34 12.88
C PHE E 23 5.63 1.90 14.03
N CYS E 24 5.20 0.86 14.73
CA CYS E 24 5.89 0.32 15.88
C CYS E 24 7.17 -0.41 15.49
N ALA E 25 8.09 -0.51 16.46
CA ALA E 25 9.30 -1.34 16.33
C ALA E 25 9.75 -1.73 17.73
N SER E 26 9.41 -2.96 18.13
CA SER E 26 9.83 -3.48 19.42
C SER E 26 11.13 -4.26 19.28
N ASP E 27 11.79 -4.49 20.41
CA ASP E 27 13.05 -5.21 20.43
C ASP E 27 12.82 -6.71 20.22
N ALA E 28 13.92 -7.44 19.99
CA ALA E 28 13.83 -8.87 19.76
C ALA E 28 13.58 -9.63 21.05
N LYS E 29 13.86 -9.00 22.21
CA LYS E 29 13.65 -9.65 23.50
C LYS E 29 12.17 -9.81 23.79
N ALA E 30 11.33 -8.93 23.26
CA ALA E 30 9.89 -9.01 23.47
C ALA E 30 9.29 -10.25 22.83
N TYR E 31 9.80 -10.63 21.65
CA TYR E 31 9.35 -11.86 21.02
C TYR E 31 9.92 -13.08 21.73
N GLU E 32 11.09 -12.93 22.37
CA GLU E 32 11.69 -14.05 23.10
C GLU E 32 10.93 -14.33 24.38
N THR E 33 10.41 -13.29 25.05
CA THR E 33 9.61 -13.51 26.25
C THR E 33 8.28 -14.17 25.92
N GLU E 34 7.57 -13.63 24.92
CA GLU E 34 6.28 -14.13 24.42
C GLU E 34 5.23 -14.23 25.53
N LYS E 35 5.06 -13.12 26.25
CA LYS E 35 4.10 -13.06 27.35
C LYS E 35 2.75 -12.51 26.86
N HIS E 36 2.26 -13.14 25.78
CA HIS E 36 0.93 -12.95 25.21
C HIS E 36 0.67 -11.50 24.79
N ASN E 37 1.67 -10.92 24.11
CA ASN E 37 1.59 -9.61 23.44
C ASN E 37 1.23 -8.49 24.44
N VAL E 38 2.20 -8.18 25.30
CA VAL E 38 2.01 -7.39 26.51
C VAL E 38 1.40 -6.00 26.26
N TRP E 39 1.86 -5.27 25.24
CA TRP E 39 1.02 -4.19 24.72
C TRP E 39 0.32 -4.61 23.43
N ALA E 40 1.09 -4.75 22.35
CA ALA E 40 0.70 -5.52 21.18
C ALA E 40 1.92 -6.10 20.47
N THR E 41 3.02 -6.27 21.20
CA THR E 41 4.34 -6.45 20.57
C THR E 41 4.52 -7.86 19.98
N HIS E 42 3.70 -8.14 18.97
CA HIS E 42 3.83 -9.29 18.09
C HIS E 42 3.86 -8.87 16.63
N ALA E 43 3.05 -7.88 16.27
CA ALA E 43 3.03 -7.33 14.91
C ALA E 43 3.99 -6.16 14.73
N CYS E 44 4.70 -5.76 15.78
CA CYS E 44 5.71 -4.72 15.65
C CYS E 44 6.88 -5.23 14.85
N VAL E 45 7.47 -4.37 14.03
CA VAL E 45 8.63 -4.68 13.21
C VAL E 45 9.81 -4.98 14.11
N PRO E 46 10.64 -5.98 13.82
CA PRO E 46 11.91 -6.11 14.55
C PRO E 46 12.81 -4.91 14.30
N THR E 47 13.51 -4.48 15.35
CA THR E 47 14.32 -3.27 15.27
C THR E 47 15.58 -3.51 14.46
N ASP E 48 16.19 -2.42 14.01
CA ASP E 48 17.42 -2.51 13.23
C ASP E 48 18.58 -2.93 14.14
N PRO E 49 19.41 -3.88 13.69
CA PRO E 49 20.60 -4.24 14.49
C PRO E 49 21.59 -3.10 14.65
N ASN E 50 21.70 -2.22 13.64
CA ASN E 50 22.59 -1.06 13.67
C ASN E 50 21.76 0.19 13.37
N PRO E 51 21.20 0.83 14.38
CA PRO E 51 20.47 2.09 14.14
C PRO E 51 21.42 3.20 13.70
N GLN E 52 20.98 3.97 12.71
CA GLN E 52 21.80 4.99 12.08
C GLN E 52 21.36 6.37 12.56
N GLU E 53 22.32 7.18 12.98
CA GLU E 53 22.08 8.55 13.41
C GLU E 53 23.07 9.45 12.69
N ILE E 54 22.61 10.13 11.64
CA ILE E 54 23.44 11.03 10.86
C ILE E 54 23.35 12.43 11.47
N HIS E 55 24.51 13.00 11.80
CA HIS E 55 24.57 14.32 12.41
C HIS E 55 24.52 15.37 11.30
N LEU E 56 23.43 16.13 11.25
CA LEU E 56 23.27 17.15 10.21
C LEU E 56 24.02 18.40 10.64
N GLU E 57 25.20 18.61 10.05
CA GLU E 57 26.05 19.77 10.45
C GLU E 57 25.46 21.04 9.84
N ASN E 58 25.43 22.12 10.63
CA ASN E 58 25.02 23.49 10.21
C ASN E 58 23.50 23.56 9.98
N VAL E 59 22.73 22.63 10.53
CA VAL E 59 21.25 22.65 10.40
C VAL E 59 20.64 23.18 11.69
N THR E 60 19.90 24.28 11.59
CA THR E 60 19.16 24.84 12.71
C THR E 60 17.67 24.66 12.44
N GLU E 61 17.01 23.83 13.24
CA GLU E 61 15.61 23.52 13.07
C GLU E 61 14.80 23.98 14.28
N GLU E 62 13.58 24.43 14.01
CA GLU E 62 12.68 24.93 15.06
C GLU E 62 11.82 23.77 15.55
N PHE E 63 12.00 23.39 16.81
CA PHE E 63 11.22 22.34 17.44
C PHE E 63 10.12 22.93 18.31
N ASN E 64 9.10 22.13 18.59
CA ASN E 64 8.00 22.55 19.47
C ASN E 64 7.40 21.30 20.08
N MET E 65 7.68 21.05 21.36
CA MET E 65 7.19 19.85 22.02
C MET E 65 5.72 19.93 22.37
N TRP E 66 5.14 21.13 22.40
CA TRP E 66 3.75 21.30 22.81
C TRP E 66 2.78 21.26 21.63
N LYS E 67 3.29 21.23 20.41
CA LYS E 67 2.47 21.03 19.21
C LYS E 67 3.00 19.83 18.42
N ASN E 68 3.38 18.78 19.14
CA ASN E 68 3.90 17.57 18.53
C ASN E 68 2.77 16.57 18.31
N ASN E 69 2.65 16.09 17.08
CA ASN E 69 1.63 15.09 16.77
C ASN E 69 2.06 13.68 17.16
N MET E 70 3.34 13.49 17.48
CA MET E 70 3.81 12.16 17.90
C MET E 70 3.24 11.78 19.25
N VAL E 71 3.04 12.77 20.13
CA VAL E 71 2.45 12.53 21.44
C VAL E 71 0.98 12.12 21.30
N GLU E 72 0.24 12.81 20.42
CA GLU E 72 -1.16 12.48 20.19
C GLU E 72 -1.34 11.11 19.55
N GLN E 73 -0.50 10.78 18.56
CA GLN E 73 -0.56 9.47 17.94
C GLN E 73 -0.17 8.37 18.92
N MET E 74 0.81 8.63 19.78
CA MET E 74 1.21 7.63 20.76
C MET E 74 0.12 7.44 21.82
N HIS E 75 -0.56 8.53 22.19
CA HIS E 75 -1.67 8.45 23.14
C HIS E 75 -2.84 7.64 22.59
N THR E 76 -3.23 7.92 21.35
CA THR E 76 -4.30 7.16 20.71
C THR E 76 -3.91 5.71 20.48
N ASP E 77 -2.64 5.47 20.13
CA ASP E 77 -2.15 4.11 19.94
C ASP E 77 -2.18 3.31 21.24
N ILE E 78 -1.74 3.91 22.35
CA ILE E 78 -1.71 3.19 23.63
C ILE E 78 -3.13 2.94 24.14
N ILE E 79 -4.03 3.91 23.95
CA ILE E 79 -5.44 3.72 24.31
C ILE E 79 -6.05 2.58 23.51
N SER E 80 -5.78 2.54 22.20
CA SER E 80 -6.34 1.47 21.37
C SER E 80 -5.68 0.12 21.63
N LEU E 81 -4.39 0.09 22.00
CA LEU E 81 -3.77 -1.19 22.37
C LEU E 81 -4.34 -1.73 23.67
N TRP E 82 -4.63 -0.83 24.63
CA TRP E 82 -5.30 -1.23 25.86
C TRP E 82 -6.70 -1.78 25.57
N ASP E 83 -7.44 -1.12 24.69
CA ASP E 83 -8.78 -1.57 24.34
C ASP E 83 -8.75 -2.88 23.56
N GLN E 84 -7.73 -3.08 22.72
CA GLN E 84 -7.57 -4.33 22.00
C GLN E 84 -7.14 -5.47 22.91
N SER E 85 -6.25 -5.22 23.86
CA SER E 85 -5.82 -6.25 24.80
C SER E 85 -6.93 -6.65 25.76
N LEU E 86 -7.81 -5.72 26.12
CA LEU E 86 -8.93 -6.07 26.98
C LEU E 86 -10.10 -6.70 26.24
N LYS E 87 -10.06 -6.73 24.90
CA LYS E 87 -11.17 -7.29 24.14
C LYS E 87 -11.34 -8.81 24.29
N PRO E 88 -10.24 -9.71 24.18
CA PRO E 88 -10.47 -11.14 24.42
C PRO E 88 -10.32 -11.54 25.88
N CYS E 89 -11.09 -10.89 26.76
CA CYS E 89 -11.01 -11.12 28.19
C CYS E 89 -12.41 -11.28 28.76
N VAL E 90 -12.48 -11.78 30.00
CA VAL E 90 -13.76 -12.08 30.61
C VAL E 90 -14.45 -10.79 31.04
N LYS E 91 -15.67 -10.60 30.57
CA LYS E 91 -16.50 -9.46 30.97
C LYS E 91 -17.22 -9.82 32.26
N LEU E 92 -17.04 -9.00 33.29
CA LEU E 92 -17.57 -9.29 34.63
C LEU E 92 -18.94 -8.66 34.82
N THR E 93 -19.84 -8.94 33.88
CA THR E 93 -21.25 -8.56 34.05
C THR E 93 -22.08 -9.35 35.08
N PRO E 94 -21.78 -10.62 35.47
CA PRO E 94 -22.55 -11.28 36.53
C PRO E 94 -22.06 -10.92 37.95
N LEU E 95 -21.08 -10.02 38.06
CA LEU E 95 -20.49 -9.66 39.38
C LEU E 95 -21.30 -8.52 40.03
N CYS E 96 -22.12 -7.82 39.24
CA CYS E 96 -22.96 -6.73 39.79
C CYS E 96 -24.18 -7.32 40.52
N VAL E 97 -23.97 -7.88 41.71
CA VAL E 97 -25.04 -8.42 42.55
C VAL E 97 -25.02 -7.67 43.88
N THR E 98 -25.93 -8.03 44.77
CA THR E 98 -25.99 -7.40 46.09
C THR E 98 -24.95 -8.07 47.00
N LEU E 99 -23.81 -7.42 47.13
CA LEU E 99 -22.73 -7.94 47.95
C LEU E 99 -23.05 -7.70 49.42
N GLN E 100 -23.07 -8.76 50.22
CA GLN E 100 -23.23 -8.64 51.67
C GLN E 100 -21.84 -8.66 52.30
N CYS E 101 -21.38 -7.49 52.74
CA CYS E 101 -20.01 -7.30 53.19
C CYS E 101 -19.95 -6.96 54.67
N THR E 102 -18.90 -7.44 55.32
CA THR E 102 -18.58 -7.11 56.70
C THR E 102 -17.13 -6.65 56.77
N ASN E 103 -16.81 -5.91 57.84
CA ASN E 103 -15.42 -5.55 58.08
C ASN E 103 -14.60 -6.79 58.43
N VAL E 104 -13.32 -6.77 58.09
CA VAL E 104 -12.50 -7.96 58.26
C VAL E 104 -12.17 -8.16 59.74
N THR E 105 -11.37 -7.25 60.31
CA THR E 105 -10.89 -7.29 61.71
C THR E 105 -10.25 -8.63 62.06
N ASN E 106 -9.48 -9.18 61.11
CA ASN E 106 -8.79 -10.48 61.34
C ASN E 106 -7.34 -10.23 61.72
N ASN E 107 -6.58 -11.30 62.03
CA ASN E 107 -5.18 -11.13 62.48
C ASN E 107 -5.18 -10.01 63.53
N ILE E 108 -4.41 -8.95 63.31
CA ILE E 108 -4.46 -7.77 64.21
C ILE E 108 -4.61 -6.53 63.33
N THR E 109 -4.53 -6.70 62.00
CA THR E 109 -4.59 -5.56 61.04
C THR E 109 -3.70 -4.43 61.55
N ASP E 110 -4.20 -3.19 61.54
CA ASP E 110 -3.43 -2.01 62.03
C ASP E 110 -4.35 -0.79 61.89
N ASP E 111 -4.34 0.12 62.85
CA ASP E 111 -5.26 1.26 62.76
C ASP E 111 -4.52 2.55 62.44
N MET E 112 -5.16 0.24 58.34
CA MET E 112 -6.05 -0.50 57.46
C MET E 112 -7.38 -0.83 58.15
N ARG E 113 -7.92 0.15 58.86
CA ARG E 113 -9.20 -0.02 59.55
C ARG E 113 -10.33 0.40 58.62
N GLY E 114 -11.21 -0.53 58.29
CA GLY E 114 -12.31 -0.24 57.39
C GLY E 114 -11.88 -0.11 55.94
N GLU E 115 -10.73 -0.66 55.58
CA GLU E 115 -10.22 -0.61 54.21
C GLU E 115 -10.58 -1.86 53.42
N LEU E 116 -10.48 -3.04 54.02
CA LEU E 116 -10.83 -4.29 53.37
C LEU E 116 -12.19 -4.75 53.85
N LYS E 117 -13.02 -5.24 52.93
CA LYS E 117 -14.34 -5.75 53.24
C LYS E 117 -14.45 -7.21 52.80
N ASN E 118 -14.98 -8.04 53.68
CA ASN E 118 -15.20 -9.46 53.40
C ASN E 118 -16.61 -9.60 52.85
N CYS E 119 -16.73 -9.72 51.53
CA CYS E 119 -18.01 -9.72 50.84
C CYS E 119 -18.38 -11.13 50.41
N SER E 120 -19.59 -11.55 50.75
CA SER E 120 -20.15 -12.81 50.30
C SER E 120 -21.36 -12.55 49.42
N PHE E 121 -21.46 -13.29 48.31
CA PHE E 121 -22.47 -13.01 47.31
C PHE E 121 -22.81 -14.28 46.56
N ASN E 122 -23.94 -14.24 45.86
CA ASN E 122 -24.42 -15.37 45.05
C ASN E 122 -23.97 -15.13 43.62
N MET E 123 -23.14 -16.04 43.10
CA MET E 123 -22.62 -15.91 41.75
C MET E 123 -22.99 -17.18 40.96
N THR E 124 -23.26 -17.02 39.67
CA THR E 124 -23.65 -18.11 38.79
C THR E 124 -22.46 -19.02 38.51
N THR E 125 -22.75 -20.32 38.40
CA THR E 125 -21.76 -21.32 38.04
C THR E 125 -21.78 -21.55 36.53
N GLU E 126 -21.09 -22.62 36.10
CA GLU E 126 -21.05 -22.96 34.68
C GLU E 126 -22.43 -23.35 34.16
N LEU E 127 -23.19 -24.09 34.96
CA LEU E 127 -24.56 -24.42 34.61
C LEU E 127 -25.45 -23.21 34.91
N ARG E 128 -26.43 -22.96 34.02
CA ARG E 128 -27.30 -21.81 34.22
C ARG E 128 -28.32 -22.06 35.32
N ASP E 129 -28.63 -23.33 35.59
CA ASP E 129 -29.68 -23.64 36.56
C ASP E 129 -29.20 -23.43 38.00
N LYS E 130 -27.94 -23.76 38.28
CA LYS E 130 -27.42 -23.72 39.64
C LYS E 130 -26.70 -22.41 39.92
N LYS E 131 -26.53 -22.12 41.21
CA LYS E 131 -25.83 -20.93 41.68
C LYS E 131 -24.83 -21.32 42.75
N GLN E 132 -23.86 -20.45 42.96
CA GLN E 132 -22.85 -20.63 44.01
C GLN E 132 -23.08 -19.61 45.11
N LYS E 133 -22.37 -19.80 46.22
CA LYS E 133 -22.29 -18.83 47.30
C LYS E 133 -20.81 -18.70 47.66
N VAL E 134 -20.13 -17.76 46.98
CA VAL E 134 -18.70 -17.58 47.17
C VAL E 134 -18.46 -16.30 47.94
N TYR E 135 -17.25 -16.18 48.48
CA TYR E 135 -16.85 -15.01 49.24
C TYR E 135 -15.56 -14.45 48.67
N SER E 136 -15.37 -13.14 48.83
CA SER E 136 -14.21 -12.46 48.27
C SER E 136 -13.89 -11.24 49.13
N LEU E 137 -12.62 -10.86 49.13
CA LEU E 137 -12.17 -9.67 49.85
C LEU E 137 -12.08 -8.50 48.87
N PHE E 138 -12.79 -7.42 49.17
CA PHE E 138 -12.81 -6.23 48.32
C PHE E 138 -12.34 -5.03 49.13
N TYR E 139 -11.64 -4.12 48.46
CA TYR E 139 -11.20 -2.89 49.09
C TYR E 139 -12.38 -1.93 49.26
N ARG E 140 -12.19 -0.94 50.13
CA ARG E 140 -13.26 0.03 50.40
C ARG E 140 -13.51 0.94 49.21
N LEU E 141 -12.49 1.16 48.37
CA LEU E 141 -12.66 2.03 47.20
C LEU E 141 -13.48 1.36 46.11
N ASP E 142 -13.63 0.04 46.16
CA ASP E 142 -14.37 -0.69 45.14
C ASP E 142 -15.86 -0.86 45.47
N VAL E 143 -16.23 -0.88 46.75
CA VAL E 143 -17.59 -1.21 47.16
C VAL E 143 -18.29 0.06 47.61
N VAL E 144 -19.59 0.15 47.32
CA VAL E 144 -20.45 1.26 47.70
C VAL E 144 -21.65 0.68 48.44
N GLN E 145 -21.94 1.25 49.61
CA GLN E 145 -23.09 0.83 50.40
C GLN E 145 -24.38 1.21 49.69
N ILE E 146 -25.27 0.24 49.54
CA ILE E 146 -26.57 0.44 48.89
C ILE E 146 -27.66 0.25 49.94
N ASN E 147 -28.68 1.10 49.89
CA ASN E 147 -29.76 1.03 50.87
C ASN E 147 -31.06 0.57 50.22
N SER E 157 -27.71 -9.20 60.53
CA SER E 157 -28.08 -8.23 59.48
C SER E 157 -26.85 -7.48 58.98
N ASN E 158 -26.09 -8.13 58.12
CA ASN E 158 -24.90 -7.50 57.55
C ASN E 158 -25.30 -6.44 56.52
N LYS E 159 -24.47 -5.43 56.38
CA LYS E 159 -24.76 -4.32 55.48
C LYS E 159 -24.57 -4.76 54.02
N GLU E 160 -25.46 -4.26 53.16
CA GLU E 160 -25.48 -4.62 51.76
C GLU E 160 -24.67 -3.61 50.96
N TYR E 161 -23.79 -4.11 50.09
CA TYR E 161 -22.91 -3.26 49.30
C TYR E 161 -23.04 -3.62 47.83
N ARG E 162 -22.63 -2.69 46.98
CA ARG E 162 -22.51 -2.92 45.54
C ARG E 162 -21.21 -2.30 45.05
N LEU E 163 -20.79 -2.67 43.85
CA LEU E 163 -19.52 -2.21 43.33
C LEU E 163 -19.60 -0.77 42.82
N ILE E 164 -18.43 -0.16 42.65
CA ILE E 164 -18.33 1.21 42.15
C ILE E 164 -18.76 1.33 40.69
N ASN E 165 -18.57 0.29 39.88
CA ASN E 165 -18.78 0.40 38.44
C ASN E 165 -20.20 0.12 37.99
N CYS E 166 -21.03 -0.50 38.85
CA CYS E 166 -22.32 -1.06 38.43
C CYS E 166 -23.38 0.00 38.11
N ASN E 167 -23.11 1.30 38.20
CA ASN E 167 -23.97 2.31 37.60
C ASN E 167 -23.49 2.75 36.23
N THR E 168 -22.25 2.49 35.86
CA THR E 168 -21.66 3.00 34.63
C THR E 168 -21.29 1.92 33.63
N SER E 169 -20.68 0.81 34.07
CA SER E 169 -20.20 -0.18 33.13
C SER E 169 -20.12 -1.55 33.81
N ALA E 170 -20.11 -2.59 32.99
CA ALA E 170 -19.78 -3.94 33.41
C ALA E 170 -18.51 -4.33 32.67
N CYS E 171 -17.36 -4.00 33.24
CA CYS E 171 -16.15 -3.96 32.45
C CYS E 171 -15.36 -5.24 32.58
N THR E 172 -14.42 -5.43 31.65
CA THR E 172 -13.70 -6.68 31.46
C THR E 172 -12.67 -6.86 32.57
N GLN E 173 -12.54 -8.09 33.06
CA GLN E 173 -11.42 -8.43 33.92
C GLN E 173 -10.13 -8.42 33.10
N ALA E 174 -9.06 -7.91 33.70
CA ALA E 174 -7.75 -7.94 33.07
C ALA E 174 -7.24 -9.38 33.11
N CYS E 175 -6.90 -9.92 31.95
CA CYS E 175 -6.44 -11.30 31.85
C CYS E 175 -5.06 -11.45 32.49
N PRO E 176 -4.82 -12.49 33.29
CA PRO E 176 -3.50 -12.66 33.92
C PRO E 176 -2.41 -13.06 32.94
N LYS E 177 -2.75 -13.52 31.74
CA LYS E 177 -1.72 -13.94 30.78
C LYS E 177 -0.98 -12.74 30.22
N VAL E 178 -1.69 -11.65 29.93
CA VAL E 178 -1.02 -10.46 29.44
C VAL E 178 -0.36 -9.74 30.62
N SER E 179 0.59 -8.87 30.32
CA SER E 179 1.39 -8.21 31.33
C SER E 179 1.22 -6.70 31.24
N PHE E 180 1.26 -6.04 32.39
CA PHE E 180 1.20 -4.58 32.47
C PHE E 180 2.57 -3.98 32.74
N GLU E 181 3.61 -4.67 32.27
CA GLU E 181 4.97 -4.18 32.39
C GLU E 181 5.33 -3.42 31.13
N PRO E 182 5.60 -2.13 31.20
CA PRO E 182 5.94 -1.37 29.99
C PRO E 182 7.33 -1.72 29.48
N ILE E 183 7.40 -2.13 28.23
CA ILE E 183 8.65 -2.46 27.56
C ILE E 183 8.93 -1.34 26.55
N PRO E 184 10.19 -1.06 26.20
CA PRO E 184 10.48 0.01 25.25
C PRO E 184 9.95 -0.28 23.86
N ILE E 185 9.36 0.75 23.24
CA ILE E 185 8.86 0.68 21.87
C ILE E 185 9.48 1.85 21.10
N HIS E 186 9.68 1.65 19.80
CA HIS E 186 10.26 2.67 18.94
C HIS E 186 9.23 3.07 17.88
N TYR E 187 8.94 4.36 17.79
CA TYR E 187 8.00 4.89 16.82
C TYR E 187 8.76 5.31 15.57
N CYS E 188 8.57 4.58 14.48
CA CYS E 188 9.38 4.79 13.30
C CYS E 188 8.54 5.20 12.10
N ALA E 189 9.10 6.14 11.33
CA ALA E 189 8.65 6.89 10.17
C ALA E 189 8.71 6.03 8.91
N PRO E 190 7.74 6.19 8.01
CA PRO E 190 7.81 5.49 6.72
C PRO E 190 8.84 6.11 5.80
N ALA E 191 8.92 5.53 4.60
CA ALA E 191 9.85 6.03 3.59
C ALA E 191 9.39 7.37 3.05
N GLY E 192 10.36 8.23 2.75
CA GLY E 192 10.07 9.61 2.39
C GLY E 192 9.90 10.53 3.57
N PHE E 193 10.00 10.01 4.79
CA PHE E 193 9.84 10.78 6.02
C PHE E 193 11.06 10.53 6.91
N ALA E 194 11.39 11.53 7.72
CA ALA E 194 12.53 11.43 8.61
C ALA E 194 12.15 11.95 9.99
N ILE E 195 12.88 11.49 11.00
CA ILE E 195 12.70 11.95 12.37
C ILE E 195 13.95 12.70 12.77
N LEU E 196 13.77 13.97 13.14
CA LEU E 196 14.87 14.83 13.54
C LEU E 196 15.00 14.84 15.05
N LYS E 197 16.21 14.61 15.55
CA LYS E 197 16.49 14.56 16.97
C LYS E 197 17.33 15.75 17.38
N CYS E 198 16.85 16.51 18.36
CA CYS E 198 17.56 17.69 18.86
C CYS E 198 18.53 17.25 19.95
N LYS E 199 19.83 17.35 19.66
CA LYS E 199 20.87 16.92 20.58
C LYS E 199 21.37 18.05 21.47
N ASP E 200 20.63 19.15 21.57
CA ASP E 200 21.04 20.26 22.42
C ASP E 200 20.85 19.90 23.89
N LYS E 201 21.88 20.14 24.69
CA LYS E 201 21.81 19.81 26.11
C LYS E 201 20.88 20.76 26.86
N LYS E 202 21.03 22.06 26.62
CA LYS E 202 20.21 23.07 27.28
C LYS E 202 19.07 23.46 26.33
N PHE E 203 18.10 22.57 26.21
CA PHE E 203 16.97 22.73 25.31
C PHE E 203 15.69 22.68 26.11
N ASN E 204 14.88 23.74 26.01
CA ASN E 204 13.66 23.85 26.79
C ASN E 204 12.43 23.31 26.08
N GLY E 205 12.59 22.73 24.88
CA GLY E 205 11.51 22.09 24.17
C GLY E 205 10.92 22.90 23.04
N THR E 206 11.14 24.20 23.01
CA THR E 206 10.65 25.05 21.95
C THR E 206 11.73 26.01 21.51
N GLY E 207 11.71 26.40 20.24
CA GLY E 207 12.71 27.29 19.70
C GLY E 207 13.68 26.57 18.79
N PRO E 208 14.67 27.30 18.28
CA PRO E 208 15.64 26.68 17.36
C PRO E 208 16.61 25.77 18.08
N CYS E 209 16.95 24.66 17.43
CA CYS E 209 17.91 23.70 17.96
C CYS E 209 19.19 23.78 17.15
N PRO E 210 20.32 24.21 17.73
CA PRO E 210 21.57 24.25 16.97
C PRO E 210 22.10 22.89 16.54
N SER E 211 21.88 21.85 17.34
CA SER E 211 22.44 20.52 17.08
C SER E 211 21.29 19.57 16.73
N VAL E 212 21.01 19.45 15.43
CA VAL E 212 19.96 18.59 14.93
C VAL E 212 20.61 17.43 14.19
N SER E 213 20.25 16.21 14.58
CA SER E 213 20.70 15.00 13.89
C SER E 213 19.49 14.16 13.55
N THR E 214 19.46 13.61 12.35
CA THR E 214 18.36 12.76 11.94
C THR E 214 18.59 11.35 12.46
N VAL E 215 17.49 10.60 12.61
CA VAL E 215 17.53 9.19 12.94
C VAL E 215 16.57 8.50 12.00
N GLN E 216 16.72 7.17 11.89
CA GLN E 216 15.62 6.39 11.35
C GLN E 216 14.43 6.46 12.29
N CYS E 217 14.66 6.19 13.59
CA CYS E 217 13.69 6.40 14.64
C CYS E 217 14.31 6.41 16.03
N THR E 218 13.42 6.51 17.02
CA THR E 218 13.74 7.02 18.34
C THR E 218 14.46 5.97 19.19
N HIS E 219 14.77 6.39 20.42
CA HIS E 219 15.29 5.50 21.44
C HIS E 219 14.13 4.75 22.12
N GLY E 220 14.49 3.94 23.12
CA GLY E 220 13.51 3.16 23.83
C GLY E 220 12.61 3.98 24.74
N ILE E 221 11.33 4.08 24.38
CA ILE E 221 10.35 4.85 25.14
C ILE E 221 9.42 3.85 25.82
N LYS E 222 9.37 3.90 27.15
CA LYS E 222 8.54 2.98 27.91
C LYS E 222 7.18 3.61 28.18
N PRO E 223 6.07 3.02 27.72
CA PRO E 223 4.75 3.59 28.00
C PRO E 223 4.31 3.38 29.43
N VAL E 224 4.81 4.22 30.33
CA VAL E 224 4.51 4.12 31.75
C VAL E 224 3.50 5.21 32.11
N VAL E 225 2.33 4.80 32.57
CA VAL E 225 1.32 5.75 33.02
C VAL E 225 1.60 6.12 34.47
N SER E 226 1.58 7.42 34.76
CA SER E 226 1.93 7.93 36.08
C SER E 226 1.34 9.32 36.23
N THR E 227 1.01 9.66 37.48
CA THR E 227 0.53 10.99 37.84
C THR E 227 1.48 11.58 38.87
N GLN E 228 1.69 12.90 38.78
CA GLN E 228 2.54 13.66 39.75
C GLN E 228 4.02 13.34 39.54
N LEU E 229 4.42 12.07 39.62
CA LEU E 229 5.87 11.71 39.52
C LEU E 229 6.07 10.76 38.34
N LEU E 230 7.07 11.02 37.50
CA LEU E 230 7.39 10.08 36.38
C LEU E 230 8.23 8.94 36.94
N LEU E 231 7.69 7.71 36.96
CA LEU E 231 8.41 6.57 37.60
C LEU E 231 9.35 5.89 36.60
N ASN E 232 9.47 6.43 35.37
CA ASN E 232 10.41 5.88 34.37
C ASN E 232 10.65 6.93 33.28
N GLY E 233 11.83 6.92 32.65
CA GLY E 233 12.08 7.86 31.54
C GLY E 233 13.53 8.26 31.41
N SER E 234 13.86 8.97 30.33
CA SER E 234 15.25 9.45 30.10
C SER E 234 15.57 10.60 31.05
N LEU E 235 16.84 10.73 31.45
CA LEU E 235 17.25 11.82 32.38
C LEU E 235 18.07 12.86 31.63
N ALA E 236 17.94 14.14 32.00
CA ALA E 236 18.74 15.19 31.41
C ALA E 236 20.23 14.93 31.66
N GLU E 237 21.06 15.51 30.81
CA GLU E 237 22.49 15.24 30.82
C GLU E 237 23.31 16.25 31.60
N GLU E 238 22.84 17.47 31.76
CA GLU E 238 23.65 18.47 32.44
C GLU E 238 23.03 18.98 33.74
N GLU E 239 21.81 19.50 33.70
CA GLU E 239 21.18 20.10 34.86
C GLU E 239 19.73 19.67 34.90
N VAL E 240 19.05 20.01 36.00
CA VAL E 240 17.60 19.82 36.07
C VAL E 240 16.94 20.83 35.14
N MET E 241 16.16 20.33 34.19
CA MET E 241 15.61 21.17 33.12
C MET E 241 14.11 21.34 33.34
N ILE E 242 13.66 22.58 33.31
CA ILE E 242 12.25 22.91 33.51
C ILE E 242 11.68 23.32 32.15
N ARG E 243 10.64 22.61 31.71
CA ARG E 243 10.03 22.85 30.41
C ARG E 243 8.55 23.19 30.59
N SER E 244 8.13 24.29 29.97
CA SER E 244 6.73 24.70 29.99
C SER E 244 6.43 25.47 28.72
N GLU E 245 5.15 25.54 28.38
CA GLU E 245 4.71 26.25 27.18
C GLU E 245 4.63 27.75 27.42
N ASN E 246 3.89 28.15 28.44
CA ASN E 246 3.64 29.56 28.79
C ASN E 246 3.82 29.76 30.29
N ILE E 247 5.01 29.45 30.80
CA ILE E 247 5.36 29.40 32.22
C ILE E 247 4.98 30.64 33.04
N THR E 248 4.74 31.77 32.39
CA THR E 248 4.16 32.92 33.07
C THR E 248 2.68 32.74 33.38
N ASN E 249 1.99 31.80 32.72
CA ASN E 249 0.59 31.52 32.97
C ASN E 249 0.49 30.35 33.93
N ASN E 250 -0.44 30.44 34.87
CA ASN E 250 -0.61 29.41 35.89
C ASN E 250 -1.45 28.22 35.41
N ALA E 251 -2.07 28.33 34.24
CA ALA E 251 -2.94 27.27 33.74
C ALA E 251 -2.20 26.23 32.91
N LYS E 252 -0.89 26.34 32.78
CA LYS E 252 -0.08 25.41 32.00
C LYS E 252 0.78 24.57 32.93
N ASN E 253 0.85 23.27 32.64
CA ASN E 253 1.65 22.37 33.47
C ASN E 253 3.14 22.61 33.25
N ILE E 254 3.93 22.26 34.27
CA ILE E 254 5.37 22.44 34.25
C ILE E 254 6.00 21.05 34.29
N LEU E 255 6.64 20.65 33.19
CA LEU E 255 7.33 19.36 33.12
C LEU E 255 8.78 19.55 33.53
N VAL E 256 9.08 19.17 34.77
CA VAL E 256 10.45 19.23 35.29
C VAL E 256 11.13 17.90 34.97
N GLN E 257 12.36 17.96 34.47
CA GLN E 257 13.16 16.77 34.20
C GLN E 257 14.35 16.73 35.15
N PHE E 258 14.60 15.56 35.71
CA PHE E 258 15.61 15.40 36.75
C PHE E 258 16.98 15.12 36.15
N ASN E 259 18.02 15.39 36.94
CA ASN E 259 19.39 15.11 36.57
C ASN E 259 19.87 13.79 37.18
N THR E 260 19.54 13.54 38.44
CA THR E 260 19.84 12.32 39.13
C THR E 260 18.55 11.59 39.49
N PRO E 261 18.49 10.26 39.33
CA PRO E 261 17.23 9.54 39.56
C PRO E 261 17.01 9.29 41.04
N VAL E 262 15.87 9.76 41.56
CA VAL E 262 15.49 9.51 42.94
C VAL E 262 14.87 8.12 43.01
N GLN E 263 15.56 7.19 43.66
CA GLN E 263 15.08 5.83 43.75
C GLN E 263 13.92 5.73 44.74
N ILE E 264 12.87 5.04 44.33
CA ILE E 264 11.70 4.82 45.18
C ILE E 264 11.37 3.33 45.17
N ASN E 265 11.18 2.77 46.37
CA ASN E 265 10.72 1.39 46.51
C ASN E 265 9.29 1.38 46.98
N CYS E 266 8.47 0.55 46.34
CA CYS E 266 7.06 0.44 46.67
C CYS E 266 6.70 -1.02 46.83
N THR E 267 5.93 -1.33 47.88
CA THR E 267 5.62 -2.71 48.20
C THR E 267 4.21 -2.80 48.77
N ARG E 268 3.68 -4.02 48.75
CA ARG E 268 2.41 -4.35 49.37
C ARG E 268 2.68 -5.40 50.44
N PRO E 269 2.61 -5.06 51.72
CA PRO E 269 2.89 -6.05 52.77
C PRO E 269 1.72 -6.98 53.04
N ASN E 270 1.29 -7.72 52.03
CA ASN E 270 0.17 -8.65 52.16
C ASN E 270 0.44 -9.84 51.25
N ASN E 271 0.25 -11.04 51.78
CA ASN E 271 0.33 -12.26 50.98
C ASN E 271 -1.10 -12.64 50.60
N ASN E 272 -1.60 -12.04 49.53
CA ASN E 272 -2.93 -12.38 49.04
C ASN E 272 -2.91 -13.76 48.38
N THR E 273 -4.10 -14.35 48.28
CA THR E 273 -4.29 -15.63 47.62
C THR E 273 -5.31 -15.45 46.51
N ARG E 274 -4.89 -15.72 45.27
CA ARG E 274 -5.80 -15.65 44.14
C ARG E 274 -6.70 -16.88 44.15
N LYS E 275 -8.01 -16.65 44.16
CA LYS E 275 -8.99 -17.72 44.17
C LYS E 275 -9.84 -17.61 42.90
N SER E 276 -9.87 -18.66 42.11
CA SER E 276 -10.58 -18.66 40.84
C SER E 276 -12.03 -19.11 41.07
N ILE E 277 -12.96 -18.20 40.82
CA ILE E 277 -14.39 -18.49 40.92
C ILE E 277 -14.92 -18.55 39.50
N ARG E 278 -15.40 -19.73 39.10
CA ARG E 278 -15.87 -19.93 37.73
C ARG E 278 -17.28 -19.36 37.62
N ILE E 279 -17.46 -18.37 36.74
CA ILE E 279 -18.72 -17.66 36.62
C ILE E 279 -19.50 -18.06 35.38
N GLY E 280 -18.92 -18.83 34.45
CA GLY E 280 -19.62 -19.22 33.26
C GLY E 280 -18.88 -20.31 32.51
N PRO E 281 -19.34 -20.63 31.29
CA PRO E 281 -18.64 -21.62 30.49
C PRO E 281 -17.34 -21.07 29.93
N GLY E 282 -16.22 -21.51 30.50
CA GLY E 282 -14.93 -21.02 30.06
C GLY E 282 -14.54 -19.65 30.59
N GLN E 283 -15.24 -19.17 31.62
CA GLN E 283 -14.94 -17.89 32.24
C GLN E 283 -14.61 -18.09 33.71
N ALA E 284 -13.71 -17.25 34.21
CA ALA E 284 -13.29 -17.33 35.60
C ALA E 284 -13.18 -15.92 36.16
N PHE E 285 -13.30 -15.82 37.49
CA PHE E 285 -13.19 -14.55 38.20
C PHE E 285 -12.20 -14.75 39.34
N TYR E 286 -11.03 -14.13 39.24
CA TYR E 286 -9.98 -14.29 40.22
C TYR E 286 -10.19 -13.29 41.35
N ALA E 287 -10.39 -13.80 42.56
CA ALA E 287 -10.77 -12.97 43.70
C ALA E 287 -9.77 -13.13 44.84
N THR E 288 -9.75 -12.14 45.72
CA THR E 288 -8.89 -12.17 46.90
C THR E 288 -9.50 -13.13 47.91
N GLY E 289 -8.97 -14.36 47.96
CA GLY E 289 -9.50 -15.37 48.84
C GLY E 289 -9.22 -15.11 50.30
N ASP E 290 -7.95 -15.14 50.69
CA ASP E 290 -7.57 -14.89 52.08
C ASP E 290 -6.16 -14.32 52.08
N ILE E 291 -5.82 -13.63 53.18
CA ILE E 291 -4.52 -13.02 53.35
C ILE E 291 -3.75 -13.81 54.39
N ILE E 292 -2.64 -14.41 53.98
CA ILE E 292 -1.80 -15.22 54.85
C ILE E 292 -0.81 -14.28 55.54
N GLY E 293 -0.91 -14.16 56.86
CA GLY E 293 -0.04 -13.31 57.63
C GLY E 293 -0.72 -12.04 58.06
N ASP E 294 0.10 -11.10 58.54
CA ASP E 294 -0.40 -9.83 59.05
C ASP E 294 -0.86 -8.93 57.90
N ILE E 295 -1.74 -8.00 58.23
CA ILE E 295 -2.29 -7.03 57.28
C ILE E 295 -1.72 -5.67 57.62
N ARG E 296 -1.04 -5.06 56.65
CA ARG E 296 -0.42 -3.76 56.82
C ARG E 296 -0.69 -2.91 55.59
N GLN E 297 -0.57 -1.59 55.77
CA GLN E 297 -0.85 -0.66 54.68
C GLN E 297 0.28 -0.68 53.65
N ALA E 298 -0.09 -0.58 52.38
CA ALA E 298 0.91 -0.47 51.32
C ALA E 298 1.58 0.89 51.35
N HIS E 299 2.90 0.89 51.26
CA HIS E 299 3.68 2.11 51.45
C HIS E 299 4.78 2.21 50.41
N CYS E 300 5.24 3.43 50.19
CA CYS E 300 6.38 3.75 49.35
C CYS E 300 7.36 4.60 50.13
N ASN E 301 8.65 4.44 49.87
CA ASN E 301 9.66 5.28 50.49
C ASN E 301 10.56 5.92 49.45
N VAL E 302 11.02 7.13 49.76
CA VAL E 302 12.10 7.77 49.04
C VAL E 302 13.14 8.20 50.08
N SER E 303 14.38 8.36 49.63
CA SER E 303 15.43 8.80 50.54
C SER E 303 15.26 10.28 50.86
N LYS E 304 15.30 10.62 52.15
CA LYS E 304 15.14 12.02 52.54
C LYS E 304 16.36 12.85 52.16
N ALA E 305 17.54 12.22 52.16
CA ALA E 305 18.74 12.92 51.72
C ALA E 305 18.72 13.17 50.21
N THR E 306 18.25 12.20 49.44
CA THR E 306 18.22 12.34 47.99
C THR E 306 17.13 13.30 47.54
N TRP E 307 15.95 13.23 48.17
CA TRP E 307 14.84 14.08 47.75
C TRP E 307 15.06 15.54 48.13
N ASN E 308 15.72 15.79 49.26
CA ASN E 308 16.04 17.17 49.64
C ASN E 308 17.11 17.75 48.73
N GLU E 309 18.05 16.92 48.27
CA GLU E 309 19.06 17.38 47.33
C GLU E 309 18.45 17.64 45.96
N THR E 310 17.53 16.78 45.52
CA THR E 310 16.95 16.90 44.19
C THR E 310 15.98 18.07 44.12
N LEU E 311 15.22 18.30 45.20
CA LEU E 311 14.36 19.49 45.25
C LEU E 311 15.17 20.77 45.34
N GLY E 312 16.38 20.70 45.89
CA GLY E 312 17.26 21.87 45.91
C GLY E 312 17.71 22.27 44.52
N LYS E 313 17.89 21.28 43.63
CA LYS E 313 18.22 21.59 42.25
C LYS E 313 17.00 22.09 41.49
N VAL E 314 15.81 21.70 41.91
CA VAL E 314 14.58 22.16 41.26
C VAL E 314 14.34 23.64 41.54
N VAL E 315 14.51 24.04 42.81
CA VAL E 315 14.23 25.43 43.18
C VAL E 315 15.33 26.35 42.68
N LYS E 316 16.53 25.81 42.43
CA LYS E 316 17.62 26.62 41.89
C LYS E 316 17.33 27.02 40.45
N GLN E 317 16.79 26.10 39.65
CA GLN E 317 16.43 26.41 38.27
C GLN E 317 15.06 27.07 38.16
N LEU E 318 14.24 27.04 39.22
CA LEU E 318 12.96 27.70 39.18
C LEU E 318 13.08 29.21 39.35
N ARG E 319 14.19 29.68 39.93
CA ARG E 319 14.34 31.10 40.18
C ARG E 319 14.72 31.87 38.91
N LYS E 320 15.18 31.17 37.87
CA LYS E 320 15.57 31.84 36.65
C LYS E 320 14.34 32.34 35.88
N HIS E 321 13.26 31.55 35.88
CA HIS E 321 12.08 31.91 35.10
C HIS E 321 11.12 32.83 35.84
N PHE E 322 11.21 32.92 37.17
CA PHE E 322 10.24 33.67 37.96
C PHE E 322 10.87 34.87 38.67
N GLY E 323 11.92 34.64 39.46
CA GLY E 323 12.55 35.71 40.21
C GLY E 323 13.69 35.18 41.05
N ASN E 324 14.77 35.96 41.14
CA ASN E 324 15.98 35.45 41.80
C ASN E 324 15.92 35.60 43.31
N ASN E 325 14.92 36.31 43.84
CA ASN E 325 14.76 36.48 45.28
C ASN E 325 13.35 36.12 45.74
N THR E 326 12.64 35.31 44.96
CA THR E 326 11.29 34.90 45.30
C THR E 326 11.31 33.73 46.26
N ILE E 327 10.14 33.39 46.78
CA ILE E 327 9.98 32.31 47.75
C ILE E 327 9.26 31.16 47.05
N ILE E 328 9.88 29.99 47.03
CA ILE E 328 9.30 28.80 46.42
C ILE E 328 8.85 27.86 47.53
N ARG E 329 7.55 27.57 47.55
CA ARG E 329 6.97 26.69 48.57
C ARG E 329 6.21 25.57 47.88
N PHE E 330 6.46 24.34 48.31
CA PHE E 330 5.81 23.17 47.74
C PHE E 330 4.68 22.71 48.65
N ALA E 331 3.47 22.64 48.11
CA ALA E 331 2.31 22.13 48.82
C ALA E 331 1.83 20.85 48.12
N ASN E 332 0.86 20.18 48.74
CA ASN E 332 0.34 18.95 48.18
C ASN E 332 -0.71 19.26 47.11
N SER E 333 -1.42 18.22 46.68
CA SER E 333 -2.40 18.36 45.61
C SER E 333 -3.60 19.16 46.08
N SER E 334 -4.21 19.91 45.15
CA SER E 334 -5.28 20.83 45.51
C SER E 334 -6.58 20.08 45.80
N GLY E 335 -7.11 19.40 44.79
CA GLY E 335 -8.37 18.70 44.97
C GLY E 335 -8.77 17.98 43.70
N GLY E 336 -9.86 17.22 43.81
CA GLY E 336 -10.39 16.41 42.75
C GLY E 336 -10.63 15.00 43.25
N ASP E 337 -10.71 14.06 42.31
CA ASP E 337 -10.89 12.66 42.66
C ASP E 337 -9.55 12.00 42.97
N LEU E 338 -9.56 10.67 43.09
CA LEU E 338 -8.39 9.93 43.54
C LEU E 338 -7.29 9.89 42.50
N GLU E 339 -7.63 9.93 41.21
CA GLU E 339 -6.63 9.79 40.16
C GLU E 339 -5.80 11.05 39.91
N VAL E 340 -6.18 12.18 40.51
CA VAL E 340 -5.41 13.42 40.35
C VAL E 340 -4.82 13.92 41.65
N THR E 341 -5.25 13.40 42.80
CA THR E 341 -4.70 13.83 44.09
C THR E 341 -3.71 12.84 44.68
N THR E 342 -3.52 11.67 44.06
CA THR E 342 -2.54 10.69 44.50
C THR E 342 -1.66 10.30 43.32
N HIS E 343 -0.45 9.86 43.64
CA HIS E 343 0.50 9.38 42.63
C HIS E 343 0.11 7.97 42.23
N SER E 344 -0.45 7.82 41.03
CA SER E 344 -0.96 6.54 40.57
C SER E 344 0.03 5.87 39.63
N PHE E 345 0.24 4.57 39.84
CA PHE E 345 1.10 3.74 39.01
C PHE E 345 0.67 2.30 39.20
N ASN E 346 1.47 1.36 38.70
CA ASN E 346 1.20 -0.06 38.91
C ASN E 346 2.52 -0.78 39.20
N CYS E 347 2.51 -1.68 40.18
CA CYS E 347 3.65 -2.54 40.49
C CYS E 347 3.29 -3.97 40.09
N GLY E 348 3.57 -4.29 38.84
CA GLY E 348 3.27 -5.61 38.32
C GLY E 348 1.82 -5.77 37.91
N GLY E 349 0.92 -5.91 38.88
CA GLY E 349 -0.49 -6.04 38.58
C GLY E 349 -1.40 -5.37 39.58
N GLU E 350 -0.84 -4.64 40.53
CA GLU E 350 -1.61 -3.93 41.54
C GLU E 350 -1.41 -2.44 41.35
N PHE E 351 -2.51 -1.69 41.28
CA PHE E 351 -2.47 -0.27 40.97
C PHE E 351 -2.50 0.53 42.27
N PHE E 352 -1.45 1.30 42.50
CA PHE E 352 -1.31 2.06 43.73
C PHE E 352 -1.86 3.48 43.57
N TYR E 353 -2.24 4.08 44.69
CA TYR E 353 -2.66 5.49 44.73
C TYR E 353 -2.05 6.08 46.00
N CYS E 354 -0.84 6.63 45.86
CA CYS E 354 -0.04 7.00 47.03
C CYS E 354 -0.19 8.47 47.37
N ASN E 355 -0.36 8.75 48.66
CA ASN E 355 -0.55 10.09 49.20
C ASN E 355 0.80 10.79 49.27
N THR E 356 1.14 11.52 48.21
CA THR E 356 2.40 12.25 48.14
C THR E 356 2.24 13.60 48.83
N SER E 357 2.32 13.58 50.16
CA SER E 357 2.35 14.79 50.95
C SER E 357 3.64 14.97 51.74
N GLY E 358 4.39 13.90 51.97
CA GLY E 358 5.69 13.99 52.60
C GLY E 358 6.82 14.42 51.69
N LEU E 359 6.58 14.44 50.39
CA LEU E 359 7.52 14.96 49.41
C LEU E 359 7.33 16.44 49.14
N PHE E 360 6.09 16.86 48.90
CA PHE E 360 5.80 18.23 48.52
C PHE E 360 5.35 19.05 49.73
N ASN E 361 6.27 19.16 50.70
CA ASN E 361 6.00 19.89 51.93
C ASN E 361 7.33 20.51 52.37
N SER E 362 7.57 21.74 51.93
CA SER E 362 8.81 22.47 52.18
C SER E 362 8.59 23.94 51.83
N THR E 363 9.38 24.79 52.46
CA THR E 363 9.42 26.21 52.13
C THR E 363 10.88 26.61 51.95
N TRP E 364 11.19 27.19 50.80
CA TRP E 364 12.56 27.54 50.44
C TRP E 364 12.73 29.06 50.50
N ILE E 365 13.77 29.50 51.21
CA ILE E 365 14.04 30.91 51.43
C ILE E 365 15.29 31.27 50.61
N SER E 366 15.25 32.46 50.00
CA SER E 366 16.26 32.84 49.01
C SER E 366 17.64 33.11 49.61
N ASN E 367 17.78 33.17 50.93
CA ASN E 367 19.07 33.43 51.56
C ASN E 367 20.04 32.27 51.40
N ASN E 379 19.83 8.45 55.63
CA ASN E 379 19.34 7.11 55.90
C ASN E 379 17.85 7.12 56.22
N ASP E 380 17.35 8.29 56.60
CA ASP E 380 15.94 8.45 56.91
C ASP E 380 15.12 8.42 55.63
N SER E 381 13.92 7.84 55.70
CA SER E 381 13.05 7.67 54.55
C SER E 381 11.68 8.25 54.83
N ILE E 382 11.06 8.82 53.79
CA ILE E 382 9.73 9.40 53.89
C ILE E 382 8.73 8.35 53.42
N THR E 383 7.81 7.97 54.30
CA THR E 383 6.85 6.90 54.03
C THR E 383 5.53 7.51 53.55
N LEU E 384 5.06 7.03 52.39
CA LEU E 384 3.81 7.50 51.80
C LEU E 384 2.75 6.42 51.89
N PRO E 385 1.62 6.67 52.53
CA PRO E 385 0.53 5.68 52.51
C PRO E 385 -0.10 5.58 51.13
N CYS E 386 -0.32 4.35 50.69
CA CYS E 386 -0.91 4.08 49.38
C CYS E 386 -2.17 3.25 49.55
N ARG E 387 -3.20 3.61 48.80
CA ARG E 387 -4.47 2.90 48.78
C ARG E 387 -4.62 2.21 47.43
N ILE E 388 -4.88 0.91 47.45
CA ILE E 388 -4.91 0.12 46.23
C ILE E 388 -6.36 -0.07 45.80
N LYS E 389 -6.66 0.32 44.57
CA LYS E 389 -8.00 0.19 43.99
C LYS E 389 -7.94 -0.80 42.84
N GLN E 390 -8.92 -1.71 42.78
CA GLN E 390 -8.93 -2.75 41.76
C GLN E 390 -9.73 -2.32 40.53
N ILE E 391 -10.93 -1.79 40.72
CA ILE E 391 -11.76 -1.31 39.61
C ILE E 391 -11.26 0.08 39.24
N ILE E 392 -10.54 0.18 38.13
CA ILE E 392 -9.88 1.41 37.73
C ILE E 392 -10.31 1.80 36.32
N ASN E 393 -10.20 3.08 36.02
CA ASN E 393 -10.50 3.60 34.68
C ASN E 393 -9.64 4.84 34.38
N MET E 394 -8.51 4.61 33.71
CA MET E 394 -7.59 5.71 33.42
C MET E 394 -7.99 6.39 32.11
N TRP E 395 -7.18 7.40 31.74
CA TRP E 395 -7.35 8.25 30.56
C TRP E 395 -8.67 9.03 30.57
N GLN E 396 -9.24 9.23 31.76
CA GLN E 396 -10.44 10.03 32.01
C GLN E 396 -11.64 9.55 31.18
N ARG E 397 -11.74 8.24 30.99
CA ARG E 397 -12.83 7.65 30.22
C ARG E 397 -13.83 7.05 31.19
N ILE E 398 -15.03 7.59 31.19
CA ILE E 398 -16.12 7.08 32.02
C ILE E 398 -16.93 6.08 31.21
N GLY E 399 -17.17 4.91 31.81
CA GLY E 399 -17.91 3.85 31.17
C GLY E 399 -17.07 2.76 30.55
N GLN E 400 -15.74 2.86 30.62
CA GLN E 400 -14.83 1.79 30.17
C GLN E 400 -13.76 1.61 31.25
N CYS E 401 -14.07 0.76 32.22
CA CYS E 401 -13.16 0.43 33.31
C CYS E 401 -12.43 -0.89 33.03
N MET E 402 -11.72 -1.40 34.03
CA MET E 402 -11.28 -2.79 34.01
C MET E 402 -11.16 -3.26 35.45
N TYR E 403 -11.21 -4.57 35.65
CA TYR E 403 -10.96 -5.18 36.95
C TYR E 403 -9.55 -5.76 36.95
N ALA E 404 -8.73 -5.32 37.89
CA ALA E 404 -7.38 -5.84 38.03
C ALA E 404 -7.41 -7.05 38.96
N PRO E 405 -7.01 -8.24 38.49
CA PRO E 405 -7.02 -9.40 39.37
C PRO E 405 -5.92 -9.29 40.41
N PRO E 406 -6.09 -9.91 41.59
CA PRO E 406 -5.06 -9.83 42.61
C PRO E 406 -3.84 -10.65 42.25
N ILE E 407 -2.68 -10.21 42.75
CA ILE E 407 -1.41 -10.88 42.54
C ILE E 407 -0.99 -11.51 43.86
N GLN E 408 -0.80 -12.83 43.85
CA GLN E 408 -0.44 -13.53 45.06
C GLN E 408 1.02 -13.26 45.43
N GLY E 409 1.30 -13.22 46.73
CA GLY E 409 2.63 -12.92 47.21
C GLY E 409 2.85 -11.43 47.40
N VAL E 410 3.88 -11.11 48.20
CA VAL E 410 4.25 -9.72 48.42
C VAL E 410 5.01 -9.21 47.20
N ILE E 411 4.51 -8.14 46.59
CA ILE E 411 5.12 -7.54 45.42
C ILE E 411 6.04 -6.41 45.87
N ARG E 412 7.09 -6.18 45.10
CA ARG E 412 8.03 -5.10 45.38
C ARG E 412 8.57 -4.57 44.06
N CYS E 413 8.63 -3.24 43.95
CA CYS E 413 9.13 -2.58 42.75
C CYS E 413 10.22 -1.58 43.13
N VAL E 414 11.29 -1.56 42.36
CA VAL E 414 12.29 -0.50 42.43
C VAL E 414 12.08 0.40 41.22
N SER E 415 12.05 1.71 41.46
CA SER E 415 11.69 2.66 40.41
C SER E 415 12.54 3.91 40.50
N ASN E 416 12.65 4.61 39.38
CA ASN E 416 13.40 5.84 39.27
C ASN E 416 12.43 6.99 39.07
N ILE E 417 12.46 7.98 39.96
CA ILE E 417 11.73 9.22 39.76
C ILE E 417 12.58 10.06 38.81
N THR E 418 12.16 10.15 37.55
CA THR E 418 12.93 10.86 36.53
C THR E 418 12.29 12.18 36.12
N GLY E 419 11.29 12.64 36.85
CA GLY E 419 10.66 13.91 36.51
C GLY E 419 9.45 14.16 37.37
N LEU E 420 8.86 15.33 37.17
CA LEU E 420 7.64 15.70 37.89
C LEU E 420 6.73 16.48 36.96
N ILE E 421 5.46 16.57 37.35
CA ILE E 421 4.48 17.44 36.72
C ILE E 421 4.00 18.41 37.79
N LEU E 422 4.17 19.71 37.54
CA LEU E 422 3.87 20.74 38.51
C LEU E 422 2.87 21.75 37.93
N THR E 423 1.96 22.21 38.77
CA THR E 423 1.03 23.28 38.45
C THR E 423 1.23 24.42 39.44
N ARG E 424 1.26 25.65 38.93
CA ARG E 424 1.52 26.82 39.82
C ARG E 424 0.20 27.46 40.26
N ASP E 425 0.14 27.93 41.51
CA ASP E 425 -1.07 28.62 42.01
C ASP E 425 -1.20 29.98 41.32
N GLY E 426 -2.42 30.48 41.15
CA GLY E 426 -2.64 31.74 40.42
C GLY E 426 -2.57 32.97 41.33
N GLY E 427 -2.03 32.81 42.54
CA GLY E 427 -1.89 33.94 43.47
C GLY E 427 -1.16 35.11 42.83
N SER E 428 -1.67 36.33 43.03
CA SER E 428 -1.03 37.55 42.45
C SER E 428 0.16 37.98 43.31
N THR E 429 0.76 39.14 42.99
CA THR E 429 1.95 39.65 43.73
C THR E 429 2.96 38.50 43.89
N ASN E 430 3.48 37.98 42.76
CA ASN E 430 4.41 36.83 42.80
C ASN E 430 5.64 37.14 43.66
N SER E 431 6.05 38.41 43.71
CA SER E 431 7.21 38.82 44.54
C SER E 431 7.12 38.18 45.93
N THR E 432 5.90 37.99 46.45
CA THR E 432 5.72 37.43 47.82
C THR E 432 6.16 35.97 47.83
N THR E 433 5.56 35.12 46.99
CA THR E 433 5.88 33.66 47.00
C THR E 433 5.33 32.96 45.76
N GLU E 434 5.89 31.80 45.40
CA GLU E 434 5.38 31.00 44.26
C GLU E 434 5.07 29.60 44.77
N THR E 435 3.79 29.29 44.97
CA THR E 435 3.36 28.01 45.51
C THR E 435 3.17 27.04 44.36
N PHE E 436 3.87 25.92 44.39
CA PHE E 436 3.81 24.90 43.36
C PHE E 436 3.15 23.65 43.91
N ARG E 437 2.18 23.13 43.18
CA ARG E 437 1.48 21.90 43.54
C ARG E 437 1.59 20.91 42.38
N PRO E 438 1.65 19.61 42.69
CA PRO E 438 1.74 18.62 41.60
C PRO E 438 0.45 18.53 40.80
N GLY E 439 0.60 18.14 39.54
CA GLY E 439 -0.53 18.09 38.63
C GLY E 439 -0.97 16.68 38.28
N GLY E 440 -0.75 16.28 37.04
CA GLY E 440 -1.19 14.98 36.58
C GLY E 440 -2.43 15.07 35.73
N GLY E 441 -3.28 14.06 35.78
CA GLY E 441 -4.52 14.07 35.01
C GLY E 441 -4.37 13.82 33.52
N ASP E 442 -3.75 14.75 32.80
CA ASP E 442 -3.50 14.58 31.38
C ASP E 442 -2.37 13.58 31.20
N MET E 443 -2.69 12.44 30.59
CA MET E 443 -1.70 11.37 30.43
C MET E 443 -0.71 11.66 29.31
N ARG E 444 -1.01 12.61 28.43
CA ARG E 444 -0.11 12.98 27.34
C ARG E 444 1.16 13.66 27.86
N ASP E 445 1.12 14.25 29.05
CA ASP E 445 2.28 14.96 29.58
C ASP E 445 3.39 14.02 30.00
N ASN E 446 3.07 12.74 30.22
CA ASN E 446 4.11 11.77 30.52
C ASN E 446 4.98 11.49 29.30
N TRP E 447 4.37 11.47 28.11
CA TRP E 447 5.11 11.17 26.89
C TRP E 447 5.62 12.42 26.18
N ARG E 448 5.25 13.61 26.65
CA ARG E 448 5.92 14.80 26.15
C ARG E 448 7.32 14.94 26.72
N SER E 449 7.58 14.32 27.87
CA SER E 449 8.92 14.34 28.46
C SER E 449 9.88 13.40 27.76
N GLU E 450 9.37 12.47 26.94
CA GLU E 450 10.20 11.56 26.17
C GLU E 450 10.24 11.89 24.69
N LEU E 451 9.23 12.58 24.17
CA LEU E 451 9.14 12.89 22.76
C LEU E 451 9.38 14.37 22.48
N TYR E 452 10.04 15.07 23.40
CA TYR E 452 10.25 16.52 23.22
C TYR E 452 11.31 16.80 22.16
N LYS E 453 12.29 15.92 22.01
CA LYS E 453 13.41 16.15 21.10
C LYS E 453 13.19 15.59 19.70
N TYR E 454 12.11 14.85 19.46
CA TYR E 454 11.85 14.27 18.16
C TYR E 454 10.70 14.98 17.46
N LYS E 455 10.81 15.07 16.14
CA LYS E 455 9.72 15.57 15.30
C LYS E 455 9.86 14.92 13.93
N VAL E 456 8.74 14.83 13.22
CA VAL E 456 8.66 14.13 11.94
C VAL E 456 8.50 15.15 10.83
N VAL E 457 9.32 15.04 9.79
CA VAL E 457 9.26 15.91 8.63
C VAL E 457 9.06 15.04 7.39
N LYS E 458 8.33 15.56 6.41
CA LYS E 458 8.26 14.93 5.09
C LYS E 458 9.31 15.55 4.20
N ILE E 459 9.80 14.77 3.24
CA ILE E 459 10.96 15.13 2.44
C ILE E 459 10.55 15.23 0.99
N GLU E 460 10.82 16.39 0.39
CA GLU E 460 10.49 16.65 -1.01
C GLU E 460 11.76 16.66 -1.85
N PRO E 461 12.03 15.61 -2.64
CA PRO E 461 13.28 15.57 -3.40
C PRO E 461 13.29 16.45 -4.63
N LEU E 462 12.14 16.93 -5.09
CA LEU E 462 12.11 17.77 -6.27
C LEU E 462 12.50 19.21 -5.92
N GLY E 463 13.30 19.82 -6.79
CA GLY E 463 13.73 21.19 -6.58
C GLY E 463 14.11 21.89 -7.85
N VAL E 464 13.80 23.17 -7.95
CA VAL E 464 14.10 23.99 -9.13
C VAL E 464 15.02 25.13 -8.70
N ALA E 465 15.98 25.45 -9.55
CA ALA E 465 17.00 26.45 -9.27
C ALA E 465 17.61 26.94 -10.57
N PRO E 466 17.94 28.22 -10.67
CA PRO E 466 18.47 28.75 -11.93
C PRO E 466 19.97 28.54 -12.09
N THR E 467 20.36 28.07 -13.28
CA THR E 467 21.76 28.09 -13.70
C THR E 467 21.82 28.72 -15.08
N ARG E 468 23.00 28.69 -15.68
CA ARG E 468 23.18 29.12 -17.05
C ARG E 468 22.96 28.01 -18.06
N CYS E 469 22.55 26.82 -17.61
CA CYS E 469 22.47 25.64 -18.46
C CYS E 469 21.09 25.55 -19.11
N LYS E 470 21.08 25.26 -20.41
CA LYS E 470 19.86 24.96 -21.14
C LYS E 470 20.08 23.71 -21.98
N ARG E 471 19.00 22.98 -22.22
CA ARG E 471 19.11 21.73 -22.96
C ARG E 471 19.17 21.99 -24.46
N ARG E 472 19.56 20.95 -25.20
CA ARG E 472 19.73 21.02 -26.63
C ARG E 472 18.36 20.92 -27.32
N VAL E 473 18.34 21.05 -28.64
CA VAL E 473 17.10 20.95 -29.39
C VAL E 473 16.68 19.49 -29.54
N ALA F 1 45.32 2.12 -3.88
CA ALA F 1 43.94 1.66 -3.84
C ALA F 1 43.84 0.27 -3.23
N VAL F 2 44.69 0.01 -2.23
CA VAL F 2 44.71 -1.28 -1.57
C VAL F 2 44.40 -1.20 -0.08
N GLY F 3 44.80 -0.16 0.62
CA GLY F 3 44.53 -0.07 2.04
C GLY F 3 43.36 0.83 2.38
N ILE F 4 42.64 1.28 1.35
CA ILE F 4 41.55 2.22 1.54
C ILE F 4 40.28 1.48 1.97
N GLY F 5 39.35 2.22 2.56
CA GLY F 5 38.07 1.66 2.97
C GLY F 5 36.91 2.22 2.19
N ALA F 6 35.75 2.32 2.83
CA ALA F 6 34.56 2.85 2.18
C ALA F 6 33.62 3.43 3.23
N VAL F 7 33.58 4.75 3.33
CA VAL F 7 32.68 5.44 4.25
C VAL F 7 31.86 6.44 3.42
N PHE F 8 30.54 6.34 3.52
CA PHE F 8 29.64 7.19 2.77
C PHE F 8 29.10 8.32 3.65
N LEU F 9 28.37 9.23 3.04
CA LEU F 9 27.89 10.42 3.72
C LEU F 9 26.78 10.12 4.70
N GLY F 10 25.65 9.61 4.21
CA GLY F 10 24.50 9.39 5.06
C GLY F 10 23.32 10.24 4.65
N PHE F 11 22.13 9.86 5.10
CA PHE F 11 20.90 10.48 4.63
C PHE F 11 20.76 11.89 5.16
N LEU F 12 20.45 12.82 4.26
CA LEU F 12 20.34 14.27 4.51
C LEU F 12 21.62 14.87 5.10
N GLY F 13 22.77 14.31 4.72
CA GLY F 13 24.03 14.73 5.33
C GLY F 13 24.45 16.14 4.97
N ALA F 14 24.16 16.58 3.75
CA ALA F 14 24.55 17.91 3.28
C ALA F 14 23.40 18.91 3.36
N ALA F 15 22.56 18.80 4.39
CA ALA F 15 21.44 19.72 4.53
C ALA F 15 21.89 21.10 4.97
N GLY F 16 23.04 21.20 5.64
CA GLY F 16 23.55 22.48 6.08
C GLY F 16 24.55 23.09 5.15
N SER F 17 24.99 22.32 4.16
CA SER F 17 25.90 22.84 3.15
C SER F 17 25.15 23.61 2.09
N THR F 18 25.90 24.39 1.31
CA THR F 18 25.30 25.20 0.25
C THR F 18 24.83 24.31 -0.90
N MET F 19 23.93 24.85 -1.72
CA MET F 19 23.37 24.10 -2.84
C MET F 19 24.40 23.74 -3.90
N GLY F 20 25.47 24.52 -4.03
CA GLY F 20 26.56 24.13 -4.90
C GLY F 20 27.33 22.92 -4.42
N ALA F 21 27.34 22.67 -3.11
CA ALA F 21 27.95 21.48 -2.55
C ALA F 21 26.94 20.39 -2.23
N ALA F 22 25.68 20.74 -2.03
CA ALA F 22 24.61 19.78 -1.81
C ALA F 22 23.91 19.38 -3.11
N SER F 23 24.37 19.88 -4.25
CA SER F 23 23.92 19.40 -5.54
C SER F 23 24.66 18.15 -5.97
N MET F 24 25.74 17.79 -5.28
CA MET F 24 26.39 16.51 -5.51
C MET F 24 26.28 15.64 -4.26
N THR F 25 25.05 15.42 -3.80
CA THR F 25 24.70 14.36 -2.85
C THR F 25 23.29 13.86 -3.13
N LEU F 26 22.78 14.09 -4.35
CA LEU F 26 21.38 13.84 -4.66
C LEU F 26 21.08 12.34 -4.69
N THR F 27 22.06 11.53 -5.09
CA THR F 27 21.90 10.09 -5.08
C THR F 27 21.85 9.52 -3.66
N VAL F 28 22.36 10.25 -2.67
CA VAL F 28 22.28 9.79 -1.29
C VAL F 28 20.85 9.93 -0.75
N GLN F 29 20.19 11.04 -1.04
CA GLN F 29 18.82 11.24 -0.61
C GLN F 29 17.79 10.65 -1.57
N ALA F 30 18.21 10.18 -2.75
CA ALA F 30 17.31 9.54 -3.68
C ALA F 30 17.15 8.04 -3.41
N ARG F 31 17.82 7.50 -2.39
CA ARG F 31 17.67 6.08 -2.04
C ARG F 31 16.59 5.82 -1.00
N ASN F 32 16.49 6.67 0.03
CA ASN F 32 15.58 6.42 1.14
C ASN F 32 14.19 6.98 0.90
N LEU F 33 13.82 7.22 -0.36
CA LEU F 33 12.46 7.63 -0.70
C LEU F 33 11.51 6.46 -0.82
N LEU F 34 12.02 5.24 -0.87
CA LEU F 34 11.16 4.07 -1.02
C LEU F 34 11.44 2.99 0.02
N SER F 35 12.72 2.80 0.39
CA SER F 35 13.16 1.90 1.47
C SER F 35 12.71 0.45 1.25
N GLY F 36 12.81 0.00 0.00
CA GLY F 36 12.44 -1.35 -0.34
C GLY F 36 11.20 -1.46 -1.21
N THR F 58 -6.33 -8.08 10.35
CA THR F 58 -5.06 -7.70 10.96
C THR F 58 -5.27 -6.59 11.99
N VAL F 59 -4.65 -6.72 13.15
CA VAL F 59 -4.71 -5.71 14.19
C VAL F 59 -3.43 -4.89 14.17
N TRP F 60 -3.58 -3.61 13.85
CA TRP F 60 -2.49 -2.62 13.71
C TRP F 60 -1.42 -3.07 12.71
N GLY F 61 -1.88 -3.73 11.65
CA GLY F 61 -1.03 -4.03 10.52
C GLY F 61 -1.42 -3.15 9.37
N ILE F 62 -2.37 -2.25 9.61
CA ILE F 62 -2.83 -1.32 8.58
C ILE F 62 -2.08 0.01 8.65
N LYS F 63 -1.40 0.31 9.76
CA LYS F 63 -0.45 1.40 9.77
C LYS F 63 0.86 1.06 9.08
N GLN F 64 1.21 -0.22 9.02
CA GLN F 64 2.34 -0.66 8.23
C GLN F 64 1.98 -0.97 6.79
N LEU F 65 0.69 -1.03 6.46
CA LEU F 65 0.25 -1.28 5.10
C LEU F 65 -0.11 0.00 4.36
N GLN F 66 -0.65 1.00 5.05
CA GLN F 66 -0.87 2.31 4.44
C GLN F 66 0.41 3.13 4.32
N ALA F 67 1.40 2.88 5.18
CA ALA F 67 2.68 3.55 5.06
C ALA F 67 3.49 3.02 3.88
N ARG F 68 3.25 1.78 3.46
CA ARG F 68 3.93 1.20 2.32
C ARG F 68 3.21 1.47 1.01
N VAL F 69 2.04 2.09 1.05
CA VAL F 69 1.39 2.59 -0.15
C VAL F 69 1.55 4.10 -0.30
N LEU F 70 1.62 4.84 0.82
CA LEU F 70 1.83 6.29 0.76
C LEU F 70 3.21 6.63 0.19
N ALA F 71 4.23 5.86 0.57
CA ALA F 71 5.57 6.10 0.04
C ALA F 71 5.64 5.77 -1.46
N VAL F 72 4.94 4.70 -1.87
CA VAL F 72 4.87 4.33 -3.29
C VAL F 72 4.15 5.41 -4.08
N GLU F 73 3.05 5.94 -3.53
CA GLU F 73 2.30 7.01 -4.18
C GLU F 73 3.11 8.30 -4.29
N ARG F 74 3.85 8.66 -3.24
CA ARG F 74 4.68 9.86 -3.28
C ARG F 74 5.84 9.71 -4.27
N TYR F 75 6.48 8.55 -4.29
CA TYR F 75 7.57 8.30 -5.24
C TYR F 75 7.07 8.29 -6.67
N LEU F 76 5.90 7.69 -6.92
CA LEU F 76 5.35 7.64 -8.27
C LEU F 76 4.86 9.02 -8.71
N ARG F 77 4.34 9.82 -7.77
CA ARG F 77 3.95 11.19 -8.09
C ARG F 77 5.17 12.04 -8.44
N ASP F 78 6.26 11.87 -7.69
CA ASP F 78 7.49 12.58 -8.02
C ASP F 78 8.08 12.15 -9.36
N GLN F 79 8.04 10.84 -9.65
CA GLN F 79 8.54 10.35 -10.94
C GLN F 79 7.67 10.81 -12.11
N GLN F 80 6.34 10.86 -11.93
CA GLN F 80 5.47 11.29 -13.02
C GLN F 80 5.55 12.80 -13.23
N LEU F 81 5.68 13.58 -12.14
CA LEU F 81 5.93 15.01 -12.25
C LEU F 81 7.27 15.29 -12.90
N LEU F 82 8.28 14.47 -12.64
CA LEU F 82 9.57 14.58 -13.30
C LEU F 82 9.52 14.17 -14.76
N GLY F 83 8.70 13.17 -15.10
CA GLY F 83 8.62 12.66 -16.46
C GLY F 83 7.68 13.41 -17.39
N ILE F 84 6.76 14.20 -16.85
CA ILE F 84 5.98 15.09 -17.71
C ILE F 84 6.78 16.33 -18.09
N TRP F 85 7.95 16.52 -17.51
CA TRP F 85 8.95 17.45 -18.01
C TRP F 85 9.85 16.68 -18.97
N GLY F 86 10.97 17.25 -19.37
CA GLY F 86 11.86 16.56 -20.28
C GLY F 86 12.94 15.76 -19.57
N CYS F 87 12.67 15.37 -18.33
CA CYS F 87 13.67 14.83 -17.43
C CYS F 87 13.25 13.42 -17.01
N SER F 88 13.61 12.42 -17.80
CA SER F 88 13.26 11.03 -17.52
C SER F 88 14.50 10.31 -17.01
N GLY F 89 14.45 9.88 -15.75
CA GLY F 89 15.62 9.28 -15.12
C GLY F 89 16.77 10.27 -14.95
N LYS F 90 16.47 11.49 -14.52
CA LYS F 90 17.39 12.60 -14.60
C LYS F 90 17.54 13.22 -13.21
N LEU F 91 18.76 13.23 -12.69
CA LEU F 91 19.02 13.86 -11.39
C LEU F 91 19.18 15.37 -11.56
N ILE F 92 20.22 15.79 -12.30
CA ILE F 92 20.40 17.20 -12.65
C ILE F 92 20.00 17.35 -14.11
N CYS F 93 18.83 17.93 -14.35
CA CYS F 93 18.26 18.03 -15.68
C CYS F 93 18.16 19.49 -16.07
N CYS F 94 18.80 19.86 -17.17
CA CYS F 94 18.72 21.22 -17.69
C CYS F 94 17.50 21.38 -18.56
N THR F 95 16.74 22.44 -18.33
CA THR F 95 15.64 22.84 -19.19
C THR F 95 15.88 24.25 -19.68
N ASN F 96 15.43 24.54 -20.89
CA ASN F 96 15.53 25.89 -21.43
C ASN F 96 14.29 26.73 -21.17
N VAL F 97 13.57 26.47 -20.07
CA VAL F 97 12.59 27.39 -19.54
C VAL F 97 13.34 28.56 -18.93
N PRO F 98 13.08 29.80 -19.34
CA PRO F 98 13.87 30.92 -18.82
C PRO F 98 13.48 31.26 -17.38
N TRP F 99 14.50 31.61 -16.59
CA TRP F 99 14.29 31.97 -15.20
C TRP F 99 13.73 33.38 -15.11
N ASN F 100 12.67 33.54 -14.33
CA ASN F 100 12.03 34.83 -14.17
C ASN F 100 12.69 35.63 -13.04
N SER F 101 12.71 36.94 -13.22
CA SER F 101 13.25 37.83 -12.20
C SER F 101 12.26 38.14 -11.08
N SER F 102 10.99 37.77 -11.25
CA SER F 102 9.98 37.99 -10.23
C SER F 102 9.90 36.85 -9.23
N TRP F 103 10.60 35.75 -9.46
CA TRP F 103 10.63 34.64 -8.53
C TRP F 103 11.74 34.80 -7.49
N SER F 104 12.92 35.25 -7.93
CA SER F 104 14.02 35.56 -7.03
C SER F 104 14.88 36.61 -7.71
N ASN F 105 15.01 37.79 -7.08
CA ASN F 105 15.75 38.87 -7.71
C ASN F 105 17.25 38.66 -7.64
N ARG F 106 17.71 37.80 -6.73
CA ARG F 106 19.14 37.60 -6.57
C ARG F 106 19.71 36.74 -7.70
N ASN F 107 20.98 36.97 -8.00
CA ASN F 107 21.64 36.36 -9.13
C ASN F 107 22.51 35.19 -8.68
N LEU F 108 23.34 34.69 -9.60
CA LEU F 108 24.28 33.63 -9.29
C LEU F 108 25.38 34.14 -8.36
N SER F 109 26.09 33.19 -7.74
CA SER F 109 27.09 33.31 -6.68
C SER F 109 26.52 33.80 -5.37
N GLU F 110 25.21 34.07 -5.29
CA GLU F 110 24.49 34.28 -4.03
C GLU F 110 23.52 33.14 -3.76
N ILE F 111 23.20 32.33 -4.76
CA ILE F 111 22.34 31.18 -4.57
C ILE F 111 23.14 29.90 -4.32
N TRP F 112 24.14 29.61 -5.15
CA TRP F 112 24.85 28.34 -5.08
C TRP F 112 25.99 28.34 -4.06
N ASP F 113 26.47 29.51 -3.64
CA ASP F 113 27.56 29.58 -2.67
C ASP F 113 27.17 30.19 -1.34
N ASN F 114 25.97 30.75 -1.21
CA ASN F 114 25.61 31.52 -0.02
C ASN F 114 24.31 31.08 0.65
N MET F 115 23.66 30.02 0.16
CA MET F 115 22.45 29.51 0.79
C MET F 115 22.39 28.00 0.67
N THR F 116 21.74 27.37 1.65
CA THR F 116 21.43 25.95 1.61
C THR F 116 20.14 25.72 0.83
N TRP F 117 19.77 24.45 0.69
CA TRP F 117 18.58 24.12 -0.09
C TRP F 117 17.30 24.42 0.66
N LEU F 118 17.33 24.42 2.00
CA LEU F 118 16.12 24.68 2.77
C LEU F 118 15.70 26.14 2.67
N GLN F 119 16.67 27.06 2.72
CA GLN F 119 16.36 28.48 2.58
C GLN F 119 15.84 28.80 1.18
N TRP F 120 16.42 28.17 0.15
CA TRP F 120 15.94 28.35 -1.21
C TRP F 120 14.54 27.76 -1.38
N ASP F 121 14.27 26.63 -0.73
CA ASP F 121 12.93 26.04 -0.76
C ASP F 121 11.91 26.93 -0.09
N LYS F 122 12.29 27.57 1.02
CA LYS F 122 11.40 28.53 1.67
C LYS F 122 11.19 29.76 0.81
N GLU F 123 12.20 30.13 0.01
CA GLU F 123 12.05 31.28 -0.88
C GLU F 123 11.16 30.97 -2.08
N ILE F 124 11.23 29.76 -2.61
CA ILE F 124 10.62 29.45 -3.90
C ILE F 124 9.29 28.68 -3.74
N SER F 125 8.83 28.50 -2.51
CA SER F 125 7.63 27.68 -2.26
C SER F 125 6.35 28.35 -2.75
N ASN F 126 6.37 29.67 -2.92
CA ASN F 126 5.20 30.35 -3.46
C ASN F 126 5.04 30.10 -4.95
N TYR F 127 6.14 30.16 -5.70
CA TYR F 127 6.12 30.12 -7.15
C TYR F 127 6.39 28.74 -7.73
N THR F 128 6.37 27.69 -6.91
CA THR F 128 6.71 26.36 -7.41
C THR F 128 5.62 25.80 -8.32
N GLN F 129 4.36 26.17 -8.09
CA GLN F 129 3.29 25.75 -8.99
C GLN F 129 3.40 26.46 -10.34
N ILE F 130 3.80 27.74 -10.33
CA ILE F 130 4.02 28.47 -11.58
C ILE F 130 5.19 27.87 -12.34
N ILE F 131 6.29 27.54 -11.64
CA ILE F 131 7.47 26.97 -12.29
C ILE F 131 7.16 25.60 -12.86
N TYR F 132 6.35 24.81 -12.14
CA TYR F 132 5.93 23.51 -12.65
C TYR F 132 5.02 23.66 -13.86
N GLY F 133 4.18 24.71 -13.88
CA GLY F 133 3.37 24.98 -15.05
C GLY F 133 4.17 25.41 -16.27
N LEU F 134 5.25 26.12 -16.16
CA LEU F 134 5.96 26.45 -17.39
C LEU F 134 6.83 25.25 -17.73
N LEU F 135 7.35 24.43 -16.78
CA LEU F 135 8.10 23.25 -17.19
C LEU F 135 7.22 22.21 -17.88
N GLU F 136 5.96 22.11 -17.49
CA GLU F 136 5.06 21.21 -18.19
C GLU F 136 4.62 21.82 -19.51
N GLU F 137 3.81 22.88 -19.43
CA GLU F 137 3.03 23.31 -20.58
C GLU F 137 3.88 24.04 -21.61
N SER F 138 4.68 25.01 -21.18
CA SER F 138 5.37 25.81 -22.18
C SER F 138 6.68 25.18 -22.61
N GLN F 139 7.05 24.02 -22.08
CA GLN F 139 8.24 23.34 -22.58
C GLN F 139 7.95 21.97 -23.17
N ASN F 140 7.66 20.96 -22.35
CA ASN F 140 7.63 19.58 -22.90
C ASN F 140 6.63 19.38 -24.05
N GLN F 141 5.34 19.58 -23.82
CA GLN F 141 4.34 19.28 -24.89
C GLN F 141 4.58 20.22 -26.08
N GLN F 142 5.56 21.12 -25.96
CA GLN F 142 5.91 22.01 -27.10
C GLN F 142 7.15 21.45 -27.79
N GLU F 143 8.14 20.99 -27.03
CA GLU F 143 9.38 20.41 -27.62
C GLU F 143 9.06 19.06 -28.27
N LYS F 144 8.14 18.28 -27.70
CA LYS F 144 7.77 16.96 -28.26
C LYS F 144 6.88 17.16 -29.49
N ASN F 145 6.05 18.21 -29.50
CA ASN F 145 5.23 18.52 -30.69
C ASN F 145 6.14 18.98 -31.83
N GLU F 146 7.21 19.73 -31.51
CA GLU F 146 8.18 20.19 -32.53
C GLU F 146 9.00 18.98 -33.04
N GLN F 147 9.32 18.03 -32.18
CA GLN F 147 10.09 16.82 -32.59
C GLN F 147 9.31 16.02 -33.64
N ASP F 148 7.98 15.91 -33.50
CA ASP F 148 7.20 15.06 -34.44
C ASP F 148 6.73 15.91 -35.64
N LEU F 149 7.00 17.21 -35.62
CA LEU F 149 6.55 18.11 -36.72
C LEU F 149 7.76 18.55 -37.54
N LEU F 150 8.55 19.49 -37.01
CA LEU F 150 9.73 20.01 -37.76
C LEU F 150 10.63 18.84 -38.14
N ALA F 151 10.94 17.96 -37.18
CA ALA F 151 11.75 16.76 -37.48
C ALA F 151 10.82 15.55 -37.60
N LEU F 152 11.35 14.40 -38.02
CA LEU F 152 10.54 13.15 -38.14
C LEU F 152 9.23 13.43 -38.88
N ASP F 153 9.26 14.31 -39.88
CA ASP F 153 8.04 14.68 -40.67
C ASP F 153 6.79 14.55 -39.80
N ALA G 2 36.64 10.94 16.39
CA ALA G 2 37.87 10.86 15.62
C ALA G 2 39.07 10.67 16.53
N HIS G 3 38.85 10.06 17.68
CA HIS G 3 39.89 9.81 18.67
C HIS G 3 40.00 8.31 18.92
N LEU G 4 41.24 7.81 18.95
CA LEU G 4 41.50 6.38 19.08
C LEU G 4 42.23 6.14 20.40
N VAL G 5 41.47 5.72 21.41
CA VAL G 5 42.03 5.43 22.74
C VAL G 5 42.44 3.95 22.78
N GLU G 6 43.66 3.69 22.31
CA GLU G 6 44.23 2.35 22.36
C GLU G 6 44.96 2.14 23.67
N SER G 7 45.01 0.88 24.10
CA SER G 7 45.63 0.52 25.37
C SER G 7 46.41 -0.78 25.18
N GLY G 8 46.80 -1.39 26.29
CA GLY G 8 47.55 -2.63 26.24
C GLY G 8 49.02 -2.44 26.54
N GLY G 9 49.87 -3.22 25.89
CA GLY G 9 51.30 -3.11 26.12
C GLY G 9 51.72 -3.74 27.45
N GLY G 10 52.92 -3.37 27.88
CA GLY G 10 53.49 -3.84 29.11
C GLY G 10 54.84 -4.51 28.88
N LEU G 11 55.44 -4.97 29.98
CA LEU G 11 56.73 -5.64 29.94
C LEU G 11 56.51 -7.13 30.15
N THR G 12 56.94 -7.93 29.17
CA THR G 12 56.70 -9.37 29.17
C THR G 12 57.96 -10.06 28.66
N GLN G 13 58.23 -11.25 29.19
CA GLN G 13 59.30 -12.09 28.67
C GLN G 13 58.94 -12.58 27.26
N PRO G 14 59.95 -12.89 26.44
CA PRO G 14 59.67 -13.43 25.10
C PRO G 14 58.98 -14.79 25.16
N GLY G 15 58.12 -15.04 24.17
CA GLY G 15 57.27 -16.20 24.17
C GLY G 15 55.91 -16.00 24.80
N GLY G 16 55.65 -14.82 25.37
CA GLY G 16 54.38 -14.53 25.98
C GLY G 16 53.35 -14.01 24.98
N SER G 17 52.22 -13.58 25.51
CA SER G 17 51.11 -13.09 24.70
C SER G 17 50.56 -11.80 25.27
N LEU G 18 50.24 -10.85 24.38
CA LEU G 18 49.65 -9.57 24.75
C LEU G 18 48.43 -9.30 23.88
N ARG G 19 47.56 -8.43 24.37
CA ARG G 19 46.33 -8.05 23.69
C ARG G 19 46.23 -6.52 23.65
N LEU G 20 46.53 -5.93 22.50
CA LEU G 20 46.36 -4.51 22.29
C LEU G 20 44.93 -4.25 21.81
N SER G 21 44.16 -3.50 22.59
CA SER G 21 42.79 -3.16 22.24
C SER G 21 42.73 -1.69 21.88
N CYS G 22 42.27 -1.40 20.66
CA CYS G 22 42.11 -0.03 20.17
C CYS G 22 40.62 0.29 20.13
N VAL G 23 40.22 1.30 20.90
CA VAL G 23 38.81 1.67 21.03
C VAL G 23 38.54 2.85 20.10
N VAL G 24 37.50 2.72 19.29
CA VAL G 24 37.24 3.64 18.18
C VAL G 24 36.01 4.47 18.52
N SER G 25 36.16 5.79 18.43
CA SER G 25 35.05 6.70 18.69
C SER G 25 35.02 7.78 17.61
N GLY G 26 33.81 8.23 17.29
CA GLY G 26 33.62 9.30 16.33
C GLY G 26 33.44 8.85 14.90
N ILE G 27 34.46 8.22 14.33
CA ILE G 27 34.41 7.82 12.93
C ILE G 27 33.58 6.56 12.77
N SER G 28 33.22 6.26 11.52
CA SER G 28 32.48 5.05 11.18
C SER G 28 33.47 3.89 11.18
N PHE G 29 33.35 3.03 12.21
CA PHE G 29 34.31 1.94 12.37
C PHE G 29 34.08 0.83 11.36
N SER G 30 32.81 0.57 11.00
CA SER G 30 32.50 -0.57 10.14
C SER G 30 32.94 -0.33 8.71
N GLY G 31 33.05 0.94 8.31
CA GLY G 31 33.49 1.29 6.98
C GLY G 31 34.96 1.63 6.83
N HIS G 32 35.76 1.45 7.88
CA HIS G 32 37.16 1.83 7.84
C HIS G 32 38.05 0.61 7.68
N TYR G 33 39.07 0.74 6.84
CA TYR G 33 40.05 -0.31 6.61
C TYR G 33 41.20 -0.11 7.60
N MET G 34 41.33 -1.02 8.56
CA MET G 34 42.26 -0.86 9.68
C MET G 34 43.50 -1.71 9.49
N HIS G 35 44.65 -1.13 9.76
CA HIS G 35 45.94 -1.82 9.74
C HIS G 35 46.59 -1.68 11.11
N TRP G 36 47.82 -2.19 11.22
CA TRP G 36 48.65 -2.04 12.41
C TRP G 36 50.07 -1.70 11.97
N VAL G 37 50.59 -0.58 12.46
CA VAL G 37 51.93 -0.12 12.11
C VAL G 37 52.72 0.05 13.41
N ARG G 38 53.88 -0.61 13.48
CA ARG G 38 54.76 -0.52 14.64
C ARG G 38 55.98 0.32 14.30
N LEU G 39 56.52 1.00 15.33
CA LEU G 39 57.68 1.87 15.16
C LEU G 39 58.72 1.56 16.23
N SER G 40 59.94 1.28 15.79
CA SER G 40 61.07 1.06 16.69
C SER G 40 62.27 1.81 16.14
N SER G 41 63.38 1.72 16.86
CA SER G 41 64.61 2.37 16.44
C SER G 41 65.22 1.60 15.27
N GLY G 42 65.38 2.27 14.14
CA GLY G 42 65.90 1.66 12.92
C GLY G 42 64.83 1.13 12.00
N ARG G 43 63.76 0.57 12.55
CA ARG G 43 62.63 0.07 11.77
C ARG G 43 61.53 1.12 11.74
N GLY G 44 61.69 2.08 10.82
CA GLY G 44 60.79 3.20 10.74
C GLY G 44 59.42 2.86 10.17
N LEU G 45 58.43 2.81 11.06
CA LEU G 45 57.02 2.51 10.76
C LEU G 45 56.86 1.20 9.98
N GLU G 46 57.21 0.11 10.67
CA GLU G 46 57.09 -1.22 10.11
C GLU G 46 55.65 -1.69 10.18
N TRP G 47 55.17 -2.30 9.09
CA TRP G 47 53.80 -2.79 9.03
C TRP G 47 53.67 -4.11 9.78
N VAL G 48 52.52 -4.30 10.42
CA VAL G 48 52.27 -5.51 11.20
C VAL G 48 51.16 -6.33 10.57
N SER G 49 49.97 -5.76 10.50
CA SER G 49 48.80 -6.49 10.02
C SER G 49 47.88 -5.51 9.29
N GLY G 50 46.81 -6.07 8.71
CA GLY G 50 45.81 -5.27 8.03
C GLY G 50 44.52 -6.03 7.83
N ILE G 51 43.40 -5.40 8.19
CA ILE G 51 42.10 -6.06 8.17
C ILE G 51 41.14 -5.18 7.37
N SER G 52 40.12 -5.82 6.80
CA SER G 52 39.19 -5.15 5.90
C SER G 52 37.98 -4.61 6.66
N ASP G 53 37.18 -3.81 5.96
CA ASP G 53 35.98 -3.21 6.53
C ASP G 53 34.73 -4.05 6.26
N ILE G 54 34.55 -4.51 5.03
CA ILE G 54 33.47 -5.42 4.67
C ILE G 54 34.10 -6.74 4.23
N GLY G 55 33.72 -7.82 4.90
CA GLY G 55 34.46 -9.06 4.84
C GLY G 55 35.49 -9.13 5.94
N ASP G 56 35.99 -10.34 6.18
CA ASP G 56 36.93 -10.58 7.27
C ASP G 56 38.28 -11.05 6.74
N LYS G 57 38.69 -10.53 5.59
CA LYS G 57 39.98 -10.91 5.03
C LYS G 57 41.11 -10.18 5.75
N ARG G 58 42.14 -10.94 6.17
CA ARG G 58 43.26 -10.33 6.94
C ARG G 58 44.56 -10.50 6.17
N TRP G 59 45.39 -9.46 6.13
CA TRP G 59 46.71 -9.54 5.44
C TRP G 59 47.83 -9.24 6.44
N TYR G 60 48.88 -10.07 6.48
CA TYR G 60 49.98 -9.88 7.47
C TYR G 60 51.30 -9.63 6.73
N ALA G 61 52.30 -9.10 7.45
CA ALA G 61 53.63 -8.85 6.83
C ALA G 61 54.43 -10.15 6.76
N ASP G 62 55.45 -10.23 5.91
CA ASP G 62 56.15 -11.49 5.71
C ASP G 62 56.89 -11.93 6.97
N SER G 63 57.38 -10.97 7.76
CA SER G 63 58.16 -11.33 8.95
C SER G 63 57.27 -11.80 10.10
N VAL G 64 56.01 -11.35 10.15
CA VAL G 64 55.14 -11.62 11.28
C VAL G 64 53.93 -12.46 10.89
N ARG G 65 54.00 -13.14 9.74
CA ARG G 65 52.87 -13.95 9.29
C ARG G 65 52.77 -15.23 10.10
N GLY G 66 51.54 -15.57 10.49
CA GLY G 66 51.28 -16.83 11.21
C GLY G 66 51.34 -16.76 12.72
N ARG G 67 52.28 -16.00 13.26
CA ARG G 67 52.40 -15.88 14.72
C ARG G 67 51.30 -15.01 15.30
N PHE G 68 50.89 -13.97 14.57
CA PHE G 68 50.01 -12.93 15.10
C PHE G 68 48.61 -13.10 14.51
N THR G 69 47.61 -12.65 15.26
CA THR G 69 46.22 -12.70 14.81
C THR G 69 45.54 -11.35 15.06
N ILE G 70 44.54 -11.05 14.24
CA ILE G 70 43.82 -9.80 14.28
C ILE G 70 42.32 -10.09 14.19
N SER G 71 41.52 -9.23 14.83
CA SER G 71 40.07 -9.37 14.83
C SER G 71 39.45 -8.01 15.16
N ARG G 72 38.15 -7.91 14.92
CA ARG G 72 37.41 -6.70 15.25
C ARG G 72 35.95 -7.03 15.48
N GLU G 73 35.28 -6.21 16.27
CA GLU G 73 33.82 -6.26 16.44
C GLU G 73 33.24 -4.92 16.03
N ASN G 74 32.36 -4.93 15.03
CA ASN G 74 31.78 -3.68 14.55
C ASN G 74 30.75 -3.11 15.52
N ALA G 75 30.10 -3.97 16.31
CA ALA G 75 29.17 -3.49 17.31
C ALA G 75 29.86 -2.96 18.56
N LYS G 76 31.15 -3.26 18.74
CA LYS G 76 31.90 -2.82 19.90
C LYS G 76 32.89 -1.70 19.58
N ASN G 77 33.20 -1.47 18.29
CA ASN G 77 34.18 -0.49 17.82
C ASN G 77 35.56 -0.73 18.45
N THR G 78 35.94 -2.00 18.53
CA THR G 78 37.20 -2.40 19.13
C THR G 78 38.01 -3.24 18.16
N LEU G 79 39.32 -3.01 18.13
CA LEU G 79 40.25 -3.74 17.26
C LEU G 79 41.33 -4.36 18.12
N TYR G 80 41.58 -5.67 17.91
CA TYR G 80 42.54 -6.41 18.70
C TYR G 80 43.64 -6.97 17.80
N LEU G 81 44.88 -6.87 18.27
CA LEU G 81 46.03 -7.55 17.66
C LEU G 81 46.64 -8.41 18.77
N GLN G 82 46.19 -9.66 18.85
CA GLN G 82 46.63 -10.58 19.90
C GLN G 82 47.99 -11.16 19.51
N MET G 83 49.03 -10.64 20.15
CA MET G 83 50.39 -11.05 19.87
C MET G 83 50.65 -12.45 20.43
N ASP G 84 51.37 -13.27 19.67
CA ASP G 84 51.75 -14.60 20.13
C ASP G 84 53.12 -14.95 19.57
N ASN G 85 53.87 -15.75 20.34
CA ASN G 85 55.23 -16.20 20.02
C ASN G 85 56.16 -15.00 19.76
N LEU G 86 56.38 -14.24 20.81
CA LEU G 86 57.12 -12.98 20.70
C LEU G 86 58.61 -13.21 20.45
N ARG G 87 59.22 -12.22 19.81
CA ARG G 87 60.65 -12.14 19.55
C ARG G 87 61.17 -10.80 20.04
N PRO G 88 62.44 -10.72 20.45
CA PRO G 88 62.96 -9.45 20.98
C PRO G 88 63.02 -8.30 19.98
N GLU G 89 62.97 -8.58 18.68
CA GLU G 89 62.96 -7.53 17.67
C GLU G 89 61.59 -6.87 17.53
N ASP G 90 60.57 -7.37 18.22
CA ASP G 90 59.23 -6.81 18.16
C ASP G 90 59.00 -5.69 19.16
N SER G 91 60.03 -5.27 19.89
CA SER G 91 59.91 -4.16 20.83
C SER G 91 59.72 -2.85 20.08
N ALA G 92 58.49 -2.35 20.08
CA ALA G 92 58.14 -1.18 19.26
C ALA G 92 56.91 -0.52 19.86
N VAL G 93 56.64 0.71 19.42
CA VAL G 93 55.41 1.41 19.73
C VAL G 93 54.45 1.20 18.55
N TYR G 94 53.20 0.86 18.87
CA TYR G 94 52.25 0.39 17.87
C TYR G 94 51.14 1.43 17.68
N TYR G 95 50.82 1.71 16.42
CA TYR G 95 49.84 2.74 16.08
C TYR G 95 48.59 2.09 15.52
N CYS G 96 47.43 2.46 16.08
CA CYS G 96 46.14 2.00 15.59
C CYS G 96 45.75 2.88 14.41
N THR G 97 45.82 2.32 13.20
CA THR G 97 45.71 3.09 11.97
C THR G 97 44.37 2.83 11.28
N GLY G 98 43.70 3.91 10.87
CA GLY G 98 42.46 3.80 10.14
C GLY G 98 42.51 4.49 8.80
N ARG G 99 41.95 3.85 7.76
CA ARG G 99 42.06 4.37 6.41
C ARG G 99 40.72 4.16 5.69
N ALA G 100 40.18 5.23 5.12
CA ALA G 100 38.94 5.16 4.36
C ALA G 100 38.86 6.36 3.42
N ILE G 101 38.23 6.17 2.27
CA ILE G 101 37.96 7.24 1.32
C ILE G 101 36.49 7.59 1.40
N LEU G 102 36.19 8.86 1.67
CA LEU G 102 34.82 9.32 1.79
C LEU G 102 34.26 9.59 0.39
N TYR G 103 33.48 8.63 -0.13
CA TYR G 103 33.16 8.51 -1.54
C TYR G 103 32.31 9.60 -2.19
N PRO G 104 31.50 10.38 -1.47
CA PRO G 104 31.14 11.67 -2.13
C PRO G 104 32.33 12.61 -2.15
N ARG G 105 33.21 12.42 -3.14
CA ARG G 105 34.58 12.94 -3.16
C ARG G 105 34.69 14.37 -3.59
N ALA G 106 33.66 15.09 -4.00
CA ALA G 106 33.79 16.52 -4.18
C ALA G 106 33.05 17.34 -3.13
N TYR G 107 32.01 16.78 -2.52
CA TYR G 107 31.44 17.38 -1.31
C TYR G 107 32.44 17.37 -0.16
N TYR G 108 33.16 16.26 -0.01
CA TYR G 108 34.33 16.20 0.85
C TYR G 108 35.53 16.66 0.04
N LYS G 109 36.10 17.80 0.42
CA LYS G 109 37.32 18.26 -0.25
C LYS G 109 38.51 17.41 0.14
N ASP G 110 38.45 16.78 1.32
CA ASP G 110 39.46 15.83 1.78
C ASP G 110 38.78 14.47 1.88
N HIS G 111 38.84 13.69 0.81
CA HIS G 111 38.18 12.39 0.76
C HIS G 111 39.18 11.29 1.14
N ARG G 112 39.75 11.45 2.33
CA ARG G 112 40.73 10.53 2.87
C ARG G 112 40.84 10.73 4.38
N SER G 113 40.59 9.69 5.17
CA SER G 113 40.58 9.86 6.61
C SER G 113 42.00 9.91 7.18
N ASP G 114 42.72 8.79 7.10
CA ASP G 114 44.11 8.62 7.56
C ASP G 114 44.31 9.07 9.01
N VAL G 115 43.34 8.74 9.86
CA VAL G 115 43.43 9.06 11.28
C VAL G 115 44.13 7.90 11.99
N TRP G 116 45.16 8.22 12.77
CA TRP G 116 45.93 7.19 13.45
C TRP G 116 45.89 7.42 14.96
N GLY G 117 46.03 6.32 15.71
CA GLY G 117 46.00 6.38 17.16
C GLY G 117 47.26 6.99 17.74
N ALA G 118 47.20 7.25 19.06
CA ALA G 118 48.30 7.93 19.74
C ALA G 118 49.53 7.03 19.84
N GLY G 119 49.33 5.77 20.19
CA GLY G 119 50.43 4.83 20.26
C GLY G 119 50.70 4.29 21.65
N VAL G 120 50.73 2.97 21.78
CA VAL G 120 51.08 2.31 23.02
C VAL G 120 52.37 1.52 22.81
N LEU G 121 53.24 1.51 23.82
CA LEU G 121 54.57 0.95 23.70
C LEU G 121 54.59 -0.48 24.18
N VAL G 122 55.15 -1.37 23.36
CA VAL G 122 55.32 -2.78 23.70
C VAL G 122 56.81 -3.04 23.87
N THR G 123 57.20 -3.43 25.08
CA THR G 123 58.59 -3.73 25.41
C THR G 123 58.70 -5.19 25.77
N VAL G 124 59.49 -5.94 25.00
CA VAL G 124 59.75 -7.35 25.27
C VAL G 124 61.26 -7.55 25.40
N SER G 125 61.67 -8.24 26.47
CA SER G 125 63.06 -8.49 26.79
C SER G 125 63.11 -9.61 27.82
N SER G 126 64.28 -10.20 27.98
CA SER G 126 64.48 -11.27 28.95
C SER G 126 65.24 -10.76 30.17
N GLU H 1 57.99 -8.09 -2.49
CA GLU H 1 57.21 -6.87 -2.28
C GLU H 1 57.87 -5.69 -2.96
N ILE H 2 57.12 -4.59 -3.10
CA ILE H 2 57.64 -3.38 -3.72
C ILE H 2 58.48 -2.64 -2.69
N VAL H 3 59.79 -2.71 -2.82
CA VAL H 3 60.68 -2.07 -1.85
C VAL H 3 60.72 -0.58 -2.12
N MET H 4 60.86 0.20 -1.05
CA MET H 4 60.91 1.66 -1.12
C MET H 4 62.29 2.15 -0.73
N THR H 5 62.90 2.92 -1.62
CA THR H 5 64.17 3.59 -1.35
C THR H 5 63.95 5.09 -1.34
N GLN H 6 64.44 5.74 -0.29
CA GLN H 6 64.21 7.15 -0.05
C GLN H 6 65.48 7.94 -0.31
N SER H 7 65.39 9.25 -0.08
CA SER H 7 66.47 10.23 -0.15
C SER H 7 67.48 10.00 0.98
N PRO H 8 68.64 10.67 0.98
CA PRO H 8 69.49 10.66 2.17
C PRO H 8 68.79 11.23 3.39
N ALA H 9 69.18 10.73 4.56
CA ALA H 9 68.40 10.90 5.78
C ALA H 9 68.39 12.34 6.30
N THR H 10 69.31 13.20 5.84
CA THR H 10 69.32 14.59 6.28
C THR H 10 69.41 15.54 5.09
N LEU H 11 68.50 16.51 5.06
CA LEU H 11 68.50 17.65 4.15
C LEU H 11 68.20 18.92 4.93
N SER H 12 68.97 19.16 6.00
CA SER H 12 68.77 20.32 6.86
C SER H 12 69.02 21.62 6.10
N VAL H 13 67.96 22.41 5.95
CA VAL H 13 67.97 23.65 5.18
C VAL H 13 67.46 24.76 6.10
N SER H 14 68.09 25.93 6.02
CA SER H 14 67.63 27.10 6.76
C SER H 14 66.22 27.50 6.30
N PRO H 15 65.39 28.02 7.22
CA PRO H 15 63.99 28.34 6.87
C PRO H 15 63.90 29.50 5.87
N GLY H 16 62.82 29.47 5.08
CA GLY H 16 62.62 30.42 4.02
C GLY H 16 63.14 29.98 2.67
N GLU H 17 63.69 28.77 2.56
CA GLU H 17 64.26 28.25 1.33
C GLU H 17 63.53 26.97 0.92
N ARG H 18 63.30 26.85 -0.38
CA ARG H 18 62.52 25.75 -0.95
C ARG H 18 63.33 24.45 -0.86
N ALA H 19 62.72 23.41 -0.31
CA ALA H 19 63.36 22.10 -0.17
C ALA H 19 62.70 21.08 -1.07
N THR H 20 63.51 20.28 -1.75
CA THR H 20 63.04 19.27 -2.69
C THR H 20 63.44 17.89 -2.21
N LEU H 21 62.45 17.00 -2.09
CA LEU H 21 62.65 15.63 -1.66
C LEU H 21 62.12 14.67 -2.73
N SER H 22 62.58 13.42 -2.64
CA SER H 22 62.15 12.38 -3.55
C SER H 22 62.35 11.02 -2.89
N CYS H 23 61.64 10.02 -3.41
CA CYS H 23 61.89 8.63 -2.99
C CYS H 23 61.59 7.70 -4.16
N ARG H 24 62.43 6.68 -4.32
CA ARG H 24 62.40 5.81 -5.49
C ARG H 24 61.48 4.61 -5.25
N ALA H 25 61.49 3.68 -6.21
CA ALA H 25 60.66 2.48 -6.14
C ALA H 25 61.32 1.38 -6.95
N SER H 26 60.89 0.15 -6.71
CA SER H 26 61.40 -1.01 -7.43
C SER H 26 60.70 -1.17 -8.78
N GLN H 27 59.39 -1.38 -8.77
CA GLN H 27 58.57 -1.40 -9.97
C GLN H 27 57.48 -0.33 -9.86
N SER H 28 56.53 -0.38 -10.80
CA SER H 28 55.57 0.69 -10.98
C SER H 28 54.59 0.79 -9.82
N VAL H 29 54.35 2.03 -9.37
CA VAL H 29 53.41 2.30 -8.28
C VAL H 29 52.16 3.02 -8.80
N ALA H 30 52.24 3.65 -9.97
CA ALA H 30 51.19 4.47 -10.62
C ALA H 30 50.86 5.62 -9.68
N SER H 31 49.59 5.93 -9.43
CA SER H 31 49.21 7.15 -8.73
C SER H 31 49.00 6.97 -7.24
N ASP H 32 49.26 5.78 -6.69
CA ASP H 32 48.91 5.48 -5.29
C ASP H 32 50.16 5.60 -4.42
N LEU H 33 50.51 6.83 -4.05
CA LEU H 33 51.60 7.07 -3.11
C LEU H 33 51.20 8.21 -2.19
N VAL H 34 51.45 8.06 -0.89
CA VAL H 34 51.13 9.09 0.10
C VAL H 34 52.40 9.51 0.84
N TRP H 35 52.25 10.49 1.73
CA TRP H 35 53.38 11.06 2.47
C TRP H 35 52.91 11.30 3.90
N TYR H 36 53.81 11.20 4.88
CA TYR H 36 53.44 11.39 6.27
C TYR H 36 54.42 12.32 7.01
N GLN H 37 53.93 12.90 8.12
CA GLN H 37 54.75 13.70 9.03
C GLN H 37 54.63 13.16 10.44
N GLN H 38 55.74 12.71 11.01
CA GLN H 38 55.77 12.33 12.42
C GLN H 38 56.65 13.32 13.18
N LYS H 39 56.02 14.20 13.94
CA LYS H 39 56.74 15.03 14.87
C LYS H 39 57.20 14.17 16.05
N PRO H 40 58.28 14.56 16.74
CA PRO H 40 58.68 13.82 17.94
C PRO H 40 57.66 13.97 19.05
N GLY H 41 57.17 12.84 19.54
CA GLY H 41 56.11 12.80 20.53
C GLY H 41 54.70 12.87 19.98
N GLN H 42 54.52 12.82 18.66
CA GLN H 42 53.20 12.91 18.06
C GLN H 42 52.99 11.76 17.07
N PRO H 43 51.75 11.30 16.92
CA PRO H 43 51.46 10.29 15.89
C PRO H 43 51.53 10.91 14.51
N PRO H 44 51.84 10.10 13.49
CA PRO H 44 51.99 10.67 12.14
C PRO H 44 50.65 11.07 11.51
N ARG H 45 50.71 12.05 10.61
CA ARG H 45 49.57 12.49 9.82
C ARG H 45 49.97 12.63 8.36
N VAL H 46 48.99 12.51 7.47
CA VAL H 46 49.23 12.52 6.02
C VAL H 46 49.38 13.94 5.53
N LEU H 47 50.15 14.13 4.45
CA LEU H 47 50.22 15.41 3.76
C LEU H 47 49.60 15.33 2.37
N ILE H 48 50.13 14.49 1.49
CA ILE H 48 49.76 14.48 0.08
C ILE H 48 49.30 13.07 -0.25
N TYR H 49 48.00 12.85 -0.25
CA TYR H 49 47.46 11.56 -0.66
C TYR H 49 47.17 11.57 -2.14
N GLU H 50 47.26 10.37 -2.74
CA GLU H 50 47.19 10.12 -4.19
C GLU H 50 48.28 10.87 -4.97
N ALA H 51 49.39 11.20 -4.30
CA ALA H 51 50.63 11.74 -4.85
C ALA H 51 50.53 13.10 -5.53
N SER H 52 49.35 13.72 -5.51
CA SER H 52 49.19 15.03 -6.15
C SER H 52 48.35 16.00 -5.33
N LYS H 53 47.51 15.47 -4.45
CA LYS H 53 46.45 16.26 -3.82
C LYS H 53 46.73 16.44 -2.33
N ARG H 54 46.58 17.67 -1.86
CA ARG H 54 46.84 17.99 -0.46
C ARG H 54 45.73 17.45 0.45
N ALA H 55 46.04 17.35 1.74
CA ALA H 55 45.07 16.95 2.74
C ALA H 55 44.43 18.18 3.38
N ALA H 56 43.57 17.94 4.37
CA ALA H 56 42.90 19.03 5.08
C ALA H 56 43.78 19.55 6.20
N GLY H 57 43.89 20.88 6.29
CA GLY H 57 44.72 21.52 7.29
C GLY H 57 46.15 21.72 6.88
N CYS H 58 46.61 21.07 5.81
CA CYS H 58 47.97 21.23 5.35
C CYS H 58 48.12 22.56 4.63
N PRO H 59 49.23 23.27 4.83
CA PRO H 59 49.40 24.56 4.15
C PRO H 59 49.73 24.40 2.68
N ASP H 60 49.82 25.55 1.99
CA ASP H 60 50.09 25.56 0.56
C ASP H 60 51.54 25.24 0.23
N ARG H 61 52.43 25.24 1.22
CA ARG H 61 53.84 24.99 0.96
C ARG H 61 54.10 23.52 0.63
N PHE H 62 53.32 22.62 1.22
CA PHE H 62 53.50 21.19 0.97
C PHE H 62 52.83 20.80 -0.34
N SER H 63 53.64 20.36 -1.31
CA SER H 63 53.14 19.94 -2.62
C SER H 63 53.90 18.72 -3.09
N GLY H 64 53.20 17.79 -3.72
CA GLY H 64 53.82 16.58 -4.23
C GLY H 64 53.35 16.28 -5.64
N SER H 65 54.22 15.62 -6.40
CA SER H 65 53.92 15.27 -7.78
C SER H 65 54.76 14.06 -8.17
N GLY H 66 54.36 13.42 -9.27
CA GLY H 66 55.08 12.28 -9.78
C GLY H 66 54.17 11.12 -10.16
N SER H 67 54.67 10.25 -11.04
CA SER H 67 53.93 9.07 -11.47
C SER H 67 54.92 7.98 -11.85
N GLY H 68 54.43 6.75 -11.89
CA GLY H 68 55.27 5.62 -12.25
C GLY H 68 56.20 5.18 -11.13
N THR H 69 57.49 5.43 -11.31
CA THR H 69 58.51 4.99 -10.36
C THR H 69 59.07 6.12 -9.50
N ASP H 70 59.40 7.25 -10.09
CA ASP H 70 60.02 8.37 -9.38
C ASP H 70 58.96 9.38 -8.99
N PHE H 71 59.00 9.83 -7.74
CA PHE H 71 58.05 10.78 -7.19
C PHE H 71 58.79 11.88 -6.45
N THR H 72 58.20 13.07 -6.43
CA THR H 72 58.84 14.24 -5.83
C THR H 72 57.92 14.88 -4.80
N LEU H 73 58.52 15.35 -3.71
CA LEU H 73 57.83 16.15 -2.69
C LEU H 73 58.50 17.51 -2.63
N ASN H 74 57.70 18.57 -2.73
CA ASN H 74 58.21 19.94 -2.81
C ASN H 74 57.69 20.72 -1.60
N ILE H 75 58.62 21.33 -0.86
CA ILE H 75 58.29 22.16 0.30
C ILE H 75 58.67 23.59 -0.07
N ASN H 76 57.66 24.45 -0.26
CA ASN H 76 57.89 25.78 -0.81
C ASN H 76 58.56 26.69 0.22
N SER H 77 58.04 26.71 1.45
CA SER H 77 58.57 27.53 2.53
C SER H 77 58.78 26.64 3.74
N LEU H 78 60.00 26.63 4.28
CA LEU H 78 60.30 25.79 5.43
C LEU H 78 60.10 26.57 6.71
N GLU H 79 59.55 25.91 7.72
CA GLU H 79 59.17 26.48 9.01
C GLU H 79 59.79 25.68 10.13
N PRO H 80 60.14 26.32 11.25
CA PRO H 80 60.58 25.56 12.44
C PRO H 80 59.53 24.61 13.00
N GLU H 81 58.25 24.87 12.75
CA GLU H 81 57.20 23.93 13.12
C GLU H 81 57.24 22.67 12.27
N ASP H 82 57.79 22.74 11.06
CA ASP H 82 57.80 21.63 10.11
C ASP H 82 58.93 20.64 10.34
N VAL H 83 59.52 20.61 11.53
CA VAL H 83 60.52 19.59 11.86
C VAL H 83 59.82 18.25 12.03
N GLY H 84 60.44 17.20 11.49
CA GLY H 84 59.81 15.89 11.49
C GLY H 84 60.59 14.93 10.62
N VAL H 85 59.99 13.76 10.38
CA VAL H 85 60.62 12.67 9.64
C VAL H 85 59.70 12.33 8.47
N TYR H 86 60.29 12.23 7.27
CA TYR H 86 59.53 12.09 6.03
C TYR H 86 59.46 10.63 5.62
N TYR H 87 58.27 10.19 5.20
CA TYR H 87 58.01 8.82 4.77
C TYR H 87 57.12 8.82 3.53
N CYS H 88 57.34 7.85 2.65
CA CYS H 88 56.44 7.55 1.55
C CYS H 88 56.18 6.05 1.54
N GLN H 89 54.92 5.67 1.36
CA GLN H 89 54.54 4.26 1.39
C GLN H 89 53.58 3.96 0.25
N GLN H 90 53.87 2.88 -0.47
CA GLN H 90 53.16 2.53 -1.70
C GLN H 90 51.78 1.99 -1.38
N GLU H 91 50.86 2.01 -2.34
CA GLU H 91 49.54 1.38 -2.07
C GLU H 91 48.99 0.75 -3.34
N ILE H 92 49.81 0.00 -4.08
CA ILE H 92 49.31 -0.71 -5.30
C ILE H 92 49.52 -2.22 -5.09
N ASP H 93 50.52 -2.62 -4.31
CA ASP H 93 50.72 -4.06 -4.00
C ASP H 93 50.14 -4.34 -2.61
N TRP H 94 50.42 -5.50 -2.02
CA TRP H 94 49.76 -5.85 -0.74
C TRP H 94 50.56 -5.51 0.54
N PRO H 95 51.86 -5.82 0.68
CA PRO H 95 52.57 -5.58 1.96
C PRO H 95 52.58 -4.13 2.47
N LEU H 96 52.41 -3.13 1.59
CA LEU H 96 52.36 -1.69 2.00
C LEU H 96 53.56 -1.34 2.89
N THR H 97 54.78 -1.42 2.34
CA THR H 97 56.00 -1.04 3.11
C THR H 97 56.17 0.48 3.11
N PHE H 98 56.92 1.03 4.07
CA PHE H 98 57.11 2.50 4.17
C PHE H 98 58.50 2.91 3.67
N GLY H 99 58.83 4.20 3.74
CA GLY H 99 60.13 4.68 3.30
C GLY H 99 61.21 4.47 4.35
N GLY H 100 62.44 4.77 3.94
CA GLY H 100 63.57 4.64 4.85
C GLY H 100 63.54 5.67 5.97
N GLY H 101 63.16 6.90 5.66
CA GLY H 101 63.09 7.96 6.65
C GLY H 101 64.07 9.08 6.35
N THR H 102 63.53 10.29 6.22
CA THR H 102 64.34 11.48 5.96
C THR H 102 64.04 12.50 7.06
N THR H 103 65.06 12.83 7.85
CA THR H 103 64.93 13.78 8.95
C THR H 103 65.49 15.13 8.53
N VAL H 104 64.67 16.17 8.61
CA VAL H 104 65.09 17.53 8.32
C VAL H 104 65.17 18.29 9.64
N GLU H 105 66.35 18.84 9.93
CA GLU H 105 66.63 19.58 11.15
C GLU H 105 66.65 21.07 10.83
N ILE H 106 66.21 21.88 11.79
CA ILE H 106 66.14 23.32 11.62
C ILE H 106 67.52 23.92 11.89
N LYS H 107 68.03 24.68 10.91
CA LYS H 107 69.32 25.34 11.05
C LYS H 107 69.20 26.59 11.92
N ALA I 2 14.33 -36.04 -28.27
CA ALA I 2 13.91 -35.51 -29.56
C ALA I 2 13.73 -36.61 -30.58
N HIS I 3 12.81 -37.53 -30.29
CA HIS I 3 12.49 -38.65 -31.16
C HIS I 3 11.02 -38.59 -31.55
N LEU I 4 10.74 -38.84 -32.84
CA LEU I 4 9.39 -38.81 -33.38
C LEU I 4 9.07 -40.20 -33.90
N VAL I 5 8.21 -40.93 -33.19
CA VAL I 5 7.75 -42.25 -33.63
C VAL I 5 6.52 -42.03 -34.51
N GLU I 6 6.52 -42.68 -35.67
CA GLU I 6 5.45 -42.55 -36.64
C GLU I 6 4.88 -43.92 -37.00
N SER I 7 3.57 -44.02 -37.05
CA SER I 7 2.89 -45.29 -37.30
C SER I 7 1.75 -45.04 -38.28
N GLY I 8 0.88 -46.04 -38.42
CA GLY I 8 -0.20 -45.97 -39.37
C GLY I 8 0.21 -46.46 -40.74
N GLY I 9 -0.62 -46.14 -41.72
CA GLY I 9 -0.33 -46.50 -43.10
C GLY I 9 -0.52 -47.99 -43.36
N GLY I 10 0.09 -48.44 -44.46
CA GLY I 10 0.04 -49.83 -44.84
C GLY I 10 -0.33 -50.04 -46.29
N LEU I 11 -0.84 -51.23 -46.62
CA LEU I 11 -1.24 -51.56 -47.98
C LEU I 11 -2.76 -51.38 -48.11
N THR I 12 -3.17 -50.51 -49.03
CA THR I 12 -4.58 -50.18 -49.19
C THR I 12 -4.88 -50.05 -50.68
N GLN I 13 -6.02 -50.61 -51.10
CA GLN I 13 -6.49 -50.48 -52.47
C GLN I 13 -6.89 -49.02 -52.75
N PRO I 14 -6.88 -48.61 -54.02
CA PRO I 14 -7.39 -47.28 -54.37
C PRO I 14 -8.85 -47.11 -54.01
N GLY I 15 -9.20 -45.91 -53.54
CA GLY I 15 -10.52 -45.65 -53.01
C GLY I 15 -10.69 -45.98 -51.54
N GLY I 16 -9.65 -46.48 -50.88
CA GLY I 16 -9.73 -46.84 -49.48
C GLY I 16 -9.44 -45.67 -48.56
N SER I 17 -9.24 -46.00 -47.28
CA SER I 17 -9.00 -45.01 -46.24
C SER I 17 -7.83 -45.43 -45.39
N LEU I 18 -7.13 -44.43 -44.82
CA LEU I 18 -5.98 -44.67 -43.97
C LEU I 18 -5.84 -43.50 -42.99
N ARG I 19 -5.09 -43.75 -41.92
CA ARG I 19 -4.76 -42.71 -40.94
C ARG I 19 -3.28 -42.78 -40.63
N LEU I 20 -2.63 -41.62 -40.58
CA LEU I 20 -1.21 -41.52 -40.24
C LEU I 20 -1.08 -40.81 -38.90
N SER I 21 -0.41 -41.45 -37.95
CA SER I 21 -0.24 -40.94 -36.61
C SER I 21 1.23 -40.72 -36.31
N CYS I 22 1.55 -39.54 -35.78
CA CYS I 22 2.93 -39.18 -35.41
C CYS I 22 2.92 -38.76 -33.94
N VAL I 23 3.42 -39.64 -33.08
CA VAL I 23 3.52 -39.37 -31.65
C VAL I 23 4.89 -38.77 -31.36
N VAL I 24 4.91 -37.66 -30.63
CA VAL I 24 6.13 -36.90 -30.41
C VAL I 24 6.46 -36.89 -28.92
N SER I 25 7.71 -36.54 -28.62
CA SER I 25 8.17 -36.40 -27.24
C SER I 25 9.36 -35.45 -27.22
N GLY I 26 9.58 -34.84 -26.05
CA GLY I 26 10.72 -33.97 -25.86
C GLY I 26 10.51 -32.53 -26.28
N ILE I 27 10.11 -32.33 -27.53
CA ILE I 27 9.95 -30.98 -28.06
C ILE I 27 8.66 -30.36 -27.55
N SER I 28 8.54 -29.05 -27.75
CA SER I 28 7.30 -28.32 -27.46
C SER I 28 6.37 -28.50 -28.65
N PHE I 29 5.37 -29.38 -28.49
CA PHE I 29 4.49 -29.71 -29.59
C PHE I 29 3.51 -28.58 -29.91
N SER I 30 3.20 -27.73 -28.94
CA SER I 30 2.21 -26.67 -29.14
C SER I 30 2.71 -25.59 -30.09
N GLY I 31 3.97 -25.21 -29.96
CA GLY I 31 4.54 -24.14 -30.77
C GLY I 31 5.30 -24.58 -32.00
N HIS I 32 5.27 -25.86 -32.33
CA HIS I 32 6.03 -26.38 -33.47
C HIS I 32 5.16 -26.38 -34.73
N TYR I 33 5.65 -25.73 -35.78
CA TYR I 33 5.04 -25.87 -37.10
C TYR I 33 5.32 -27.27 -37.63
N MET I 34 4.27 -28.02 -37.92
CA MET I 34 4.43 -29.40 -38.34
C MET I 34 3.78 -29.62 -39.71
N HIS I 35 4.58 -30.06 -40.66
CA HIS I 35 4.15 -30.23 -42.04
C HIS I 35 4.14 -31.71 -42.42
N TRP I 36 3.64 -31.98 -43.63
CA TRP I 36 3.73 -33.30 -44.25
C TRP I 36 4.46 -33.19 -45.58
N VAL I 37 5.45 -34.06 -45.78
CA VAL I 37 6.10 -34.24 -47.07
C VAL I 37 6.12 -35.73 -47.38
N ARG I 38 6.24 -36.07 -48.66
CA ARG I 38 6.24 -37.46 -49.09
C ARG I 38 7.38 -37.69 -50.08
N LEU I 39 7.91 -38.91 -50.08
CA LEU I 39 9.06 -39.27 -50.89
C LEU I 39 8.77 -40.56 -51.65
N SER I 40 9.03 -40.55 -52.96
CA SER I 40 8.85 -41.72 -53.80
C SER I 40 9.82 -41.60 -54.98
N SER I 41 9.72 -42.54 -55.92
CA SER I 41 10.53 -42.51 -57.11
C SER I 41 10.00 -41.44 -58.07
N GLY I 42 10.83 -40.47 -58.40
CA GLY I 42 10.45 -39.35 -59.25
C GLY I 42 9.92 -38.16 -58.49
N ARG I 43 9.04 -38.40 -57.52
CA ARG I 43 8.51 -37.33 -56.67
C ARG I 43 9.39 -37.16 -55.42
N GLY I 44 10.58 -36.62 -55.65
CA GLY I 44 11.55 -36.45 -54.58
C GLY I 44 11.20 -35.33 -53.62
N LEU I 45 10.76 -35.71 -52.41
CA LEU I 45 10.40 -34.81 -51.31
C LEU I 45 9.31 -33.81 -51.73
N GLU I 46 8.14 -34.36 -52.03
CA GLU I 46 6.99 -33.57 -52.44
C GLU I 46 6.21 -33.11 -51.22
N TRP I 47 6.00 -31.81 -51.11
CA TRP I 47 5.27 -31.24 -49.98
C TRP I 47 3.78 -31.59 -50.08
N VAL I 48 3.16 -31.82 -48.93
CA VAL I 48 1.78 -32.27 -48.88
C VAL I 48 0.90 -31.24 -48.17
N SER I 49 1.21 -30.95 -46.91
CA SER I 49 0.36 -30.10 -46.11
C SER I 49 1.20 -29.27 -45.14
N GLY I 50 0.59 -28.22 -44.61
CA GLY I 50 1.23 -27.37 -43.62
C GLY I 50 0.24 -26.76 -42.65
N ILE I 51 0.61 -26.68 -41.37
CA ILE I 51 -0.27 -26.17 -40.33
C ILE I 51 0.51 -25.17 -39.49
N SER I 52 -0.23 -24.32 -38.78
CA SER I 52 0.35 -23.32 -37.89
C SER I 52 0.22 -23.76 -36.43
N ASP I 53 0.80 -22.95 -35.54
CA ASP I 53 0.77 -23.25 -34.12
C ASP I 53 -0.36 -22.50 -33.41
N ILE I 54 -0.51 -21.22 -33.72
CA ILE I 54 -1.59 -20.42 -33.13
C ILE I 54 -2.82 -20.51 -34.01
N GLY I 55 -3.98 -20.67 -33.37
CA GLY I 55 -5.21 -20.81 -34.12
C GLY I 55 -5.33 -22.18 -34.78
N ASP I 56 -6.10 -22.21 -35.87
CA ASP I 56 -6.32 -23.42 -36.65
C ASP I 56 -6.13 -23.14 -38.13
N LYS I 57 -5.04 -22.46 -38.47
CA LYS I 57 -4.74 -22.16 -39.87
C LYS I 57 -4.27 -23.42 -40.58
N ARG I 58 -4.95 -23.78 -41.67
CA ARG I 58 -4.69 -25.01 -42.41
C ARG I 58 -4.25 -24.64 -43.82
N TRP I 59 -3.14 -25.22 -44.27
CA TRP I 59 -2.61 -24.97 -45.60
C TRP I 59 -2.32 -26.30 -46.29
N TYR I 60 -2.76 -26.42 -47.54
CA TYR I 60 -2.58 -27.64 -48.31
C TYR I 60 -1.97 -27.33 -49.67
N ALA I 61 -1.27 -28.30 -50.22
CA ALA I 61 -0.68 -28.15 -51.54
C ALA I 61 -1.76 -28.18 -52.62
N ASP I 62 -1.42 -27.65 -53.80
CA ASP I 62 -2.39 -27.57 -54.89
C ASP I 62 -2.71 -28.94 -55.47
N SER I 63 -1.79 -29.90 -55.34
CA SER I 63 -2.04 -31.24 -55.87
C SER I 63 -3.01 -32.00 -54.98
N VAL I 64 -3.00 -31.74 -53.67
CA VAL I 64 -3.81 -32.47 -52.71
C VAL I 64 -4.80 -31.54 -51.98
N ARG I 65 -5.23 -30.47 -52.64
CA ARG I 65 -6.14 -29.53 -52.00
C ARG I 65 -7.55 -30.08 -51.93
N GLY I 66 -8.21 -29.87 -50.79
CA GLY I 66 -9.59 -30.25 -50.61
C GLY I 66 -9.82 -31.59 -49.93
N ARG I 67 -9.19 -32.65 -50.46
CA ARG I 67 -9.42 -33.99 -49.93
C ARG I 67 -8.46 -34.38 -48.82
N PHE I 68 -7.32 -33.70 -48.70
CA PHE I 68 -6.35 -34.02 -47.66
C PHE I 68 -6.57 -33.11 -46.47
N THR I 69 -6.72 -33.69 -45.28
CA THR I 69 -7.00 -32.93 -44.07
C THR I 69 -5.94 -33.23 -43.03
N ILE I 70 -5.41 -32.17 -42.41
CA ILE I 70 -4.41 -32.26 -41.35
C ILE I 70 -5.08 -31.86 -40.04
N SER I 71 -4.67 -32.50 -38.94
CA SER I 71 -5.22 -32.20 -37.62
C SER I 71 -4.20 -32.52 -36.55
N ARG I 72 -4.25 -31.74 -35.46
CA ARG I 72 -3.40 -31.96 -34.29
C ARG I 72 -4.25 -31.89 -33.03
N GLU I 73 -3.69 -32.41 -31.94
CA GLU I 73 -4.27 -32.28 -30.61
C GLU I 73 -3.13 -32.09 -29.62
N ASN I 74 -3.09 -30.95 -28.95
CA ASN I 74 -1.98 -30.62 -28.07
C ASN I 74 -2.08 -31.30 -26.71
N ALA I 75 -3.21 -31.96 -26.42
CA ALA I 75 -3.38 -32.58 -25.11
C ALA I 75 -2.52 -33.83 -24.96
N LYS I 76 -2.47 -34.67 -26.00
CA LYS I 76 -1.72 -35.91 -25.95
C LYS I 76 -0.54 -35.94 -26.93
N ASN I 77 -0.26 -34.80 -27.59
CA ASN I 77 0.89 -34.60 -28.48
C ASN I 77 0.90 -35.59 -29.64
N THR I 78 -0.16 -35.52 -30.45
CA THR I 78 -0.32 -36.41 -31.61
C THR I 78 -0.66 -35.59 -32.84
N LEU I 79 -0.17 -36.06 -33.99
CA LEU I 79 -0.45 -35.47 -35.29
C LEU I 79 -1.17 -36.49 -36.14
N TYR I 80 -2.32 -36.10 -36.69
CA TYR I 80 -3.18 -37.00 -37.44
C TYR I 80 -3.42 -36.47 -38.84
N LEU I 81 -3.43 -37.38 -39.82
CA LEU I 81 -3.68 -37.07 -41.23
C LEU I 81 -4.60 -38.15 -41.76
N GLN I 82 -5.91 -37.97 -41.58
CA GLN I 82 -6.88 -38.97 -42.00
C GLN I 82 -7.12 -38.85 -43.50
N MET I 83 -7.16 -40.00 -44.18
CA MET I 83 -7.16 -40.10 -45.64
C MET I 83 -8.44 -40.77 -46.12
N ASP I 84 -8.91 -40.33 -47.29
CA ASP I 84 -9.99 -41.00 -48.01
C ASP I 84 -9.72 -40.88 -49.50
N ASN I 85 -10.24 -41.86 -50.26
CA ASN I 85 -10.16 -41.94 -51.72
C ASN I 85 -8.72 -41.92 -52.22
N LEU I 86 -7.95 -42.96 -51.91
CA LEU I 86 -6.54 -43.00 -52.27
C LEU I 86 -6.35 -43.17 -53.77
N ARG I 87 -5.17 -42.75 -54.23
CA ARG I 87 -4.78 -42.79 -55.63
C ARG I 87 -3.46 -43.54 -55.79
N PRO I 88 -3.21 -44.15 -56.95
CA PRO I 88 -1.91 -44.81 -57.19
C PRO I 88 -0.74 -43.85 -57.21
N GLU I 89 -0.96 -42.57 -57.48
CA GLU I 89 0.12 -41.58 -57.46
C GLU I 89 0.50 -41.15 -56.05
N ASP I 90 -0.28 -41.54 -55.04
CA ASP I 90 0.02 -41.19 -53.65
C ASP I 90 0.90 -42.21 -52.95
N SER I 91 1.38 -43.23 -53.67
CA SER I 91 2.26 -44.24 -53.08
C SER I 91 3.63 -43.64 -52.80
N ALA I 92 3.86 -43.25 -51.54
CA ALA I 92 5.08 -42.55 -51.17
C ALA I 92 5.34 -42.74 -49.69
N VAL I 93 6.56 -42.40 -49.28
CA VAL I 93 6.96 -42.48 -47.88
C VAL I 93 6.65 -41.14 -47.22
N TYR I 94 5.57 -41.09 -46.44
CA TYR I 94 5.16 -39.87 -45.78
C TYR I 94 6.06 -39.63 -44.57
N TYR I 95 6.50 -38.39 -44.39
CA TYR I 95 7.49 -38.05 -43.39
C TYR I 95 6.86 -37.08 -42.39
N CYS I 96 7.14 -37.28 -41.10
CA CYS I 96 6.61 -36.40 -40.06
C CYS I 96 7.57 -35.23 -39.89
N THR I 97 7.24 -34.09 -40.46
CA THR I 97 8.15 -32.94 -40.47
C THR I 97 7.76 -31.99 -39.36
N GLY I 98 8.70 -31.71 -38.46
CA GLY I 98 8.52 -30.71 -37.43
C GLY I 98 9.62 -29.66 -37.49
N ARG I 99 9.23 -28.40 -37.26
CA ARG I 99 10.22 -27.33 -37.19
C ARG I 99 9.72 -26.19 -36.30
N ALA I 100 10.66 -25.52 -35.63
CA ALA I 100 10.37 -24.36 -34.79
C ALA I 100 11.62 -23.52 -34.61
N ILE I 101 11.44 -22.21 -34.74
CA ILE I 101 12.54 -21.27 -34.55
C ILE I 101 12.54 -20.81 -33.10
N LEU I 102 13.66 -21.03 -32.41
CA LEU I 102 13.82 -20.61 -31.02
C LEU I 102 14.12 -19.12 -30.99
N TYR I 103 13.12 -18.32 -30.59
CA TYR I 103 13.19 -16.86 -30.63
C TYR I 103 14.29 -16.20 -29.78
N PRO I 104 14.72 -16.75 -28.61
CA PRO I 104 16.01 -16.27 -28.07
C PRO I 104 17.20 -16.75 -28.91
N ARG I 105 17.43 -16.06 -30.02
CA ARG I 105 18.44 -16.48 -31.00
C ARG I 105 19.86 -16.20 -30.54
N ALA I 106 20.04 -15.40 -29.49
CA ALA I 106 21.38 -15.19 -28.96
C ALA I 106 21.77 -16.27 -27.97
N TYR I 107 20.81 -16.80 -27.22
CA TYR I 107 21.08 -17.86 -26.26
C TYR I 107 21.34 -19.18 -26.97
N TYR I 108 20.36 -19.66 -27.73
CA TYR I 108 20.54 -20.85 -28.57
C TYR I 108 21.33 -20.45 -29.81
N LYS I 109 22.48 -21.11 -30.02
CA LYS I 109 23.26 -20.86 -31.21
C LYS I 109 22.56 -21.41 -32.45
N ASP I 110 21.99 -22.60 -32.34
CA ASP I 110 21.17 -23.18 -33.41
C ASP I 110 19.71 -22.92 -33.04
N HIS I 111 19.16 -21.82 -33.55
CA HIS I 111 17.80 -21.40 -33.22
C HIS I 111 16.77 -21.96 -34.20
N ARG I 112 16.86 -23.26 -34.47
CA ARG I 112 15.93 -23.94 -35.37
C ARG I 112 16.03 -25.43 -35.11
N SER I 113 14.88 -26.08 -34.90
CA SER I 113 14.88 -27.46 -34.43
C SER I 113 15.16 -28.44 -35.58
N ASP I 114 14.25 -28.49 -36.56
CA ASP I 114 14.22 -29.47 -37.64
C ASP I 114 14.29 -30.90 -37.12
N VAL I 115 13.31 -31.26 -36.29
CA VAL I 115 13.11 -32.65 -35.88
C VAL I 115 12.29 -33.33 -36.96
N TRP I 116 12.69 -34.54 -37.34
CA TRP I 116 12.22 -35.11 -38.60
C TRP I 116 11.72 -36.51 -38.29
N GLY I 117 10.58 -36.90 -38.85
CA GLY I 117 10.01 -38.20 -38.54
C GLY I 117 10.80 -39.36 -39.13
N ALA I 118 10.60 -40.54 -38.52
CA ALA I 118 11.26 -41.75 -39.02
C ALA I 118 10.68 -42.16 -40.37
N GLY I 119 9.37 -42.04 -40.53
CA GLY I 119 8.73 -42.27 -41.80
C GLY I 119 8.00 -43.61 -41.87
N VAL I 120 6.89 -43.61 -42.61
CA VAL I 120 6.08 -44.79 -42.83
C VAL I 120 5.87 -44.95 -44.33
N LEU I 121 6.21 -46.12 -44.86
CA LEU I 121 5.98 -46.41 -46.28
C LEU I 121 4.52 -46.75 -46.51
N VAL I 122 3.87 -45.98 -47.39
CA VAL I 122 2.48 -46.18 -47.75
C VAL I 122 2.41 -46.47 -49.24
N THR I 123 1.89 -47.64 -49.60
CA THR I 123 1.73 -48.04 -50.99
C THR I 123 0.26 -48.22 -51.33
N VAL I 124 -0.10 -47.84 -52.55
CA VAL I 124 -1.47 -47.97 -53.05
C VAL I 124 -1.41 -48.81 -54.32
N SER I 125 -2.09 -49.96 -54.30
CA SER I 125 -2.10 -50.85 -55.45
C SER I 125 -3.41 -51.64 -55.44
N SER I 126 -3.75 -52.15 -56.62
CA SER I 126 -4.98 -52.93 -56.78
C SER I 126 -4.66 -54.43 -56.82
N GLU J 1 3.30 -21.32 -58.27
CA GLU J 1 4.39 -21.57 -57.33
C GLU J 1 5.75 -21.31 -57.97
N ILE J 2 6.81 -21.60 -57.22
CA ILE J 2 8.18 -21.37 -57.67
C ILE J 2 8.64 -22.60 -58.44
N VAL J 3 9.06 -22.39 -59.69
CA VAL J 3 9.52 -23.49 -60.53
C VAL J 3 10.96 -23.83 -60.13
N MET J 4 11.34 -25.08 -60.31
CA MET J 4 12.50 -25.67 -59.67
C MET J 4 13.53 -26.09 -60.71
N THR J 5 14.79 -25.77 -60.45
CA THR J 5 15.92 -26.13 -61.31
C THR J 5 17.16 -26.30 -60.44
N GLN J 6 17.84 -27.44 -60.60
CA GLN J 6 19.03 -27.75 -59.83
C GLN J 6 20.10 -28.34 -60.75
N SER J 7 21.31 -28.50 -60.19
CA SER J 7 22.47 -29.08 -60.86
C SER J 7 22.27 -30.57 -61.13
N PRO J 8 23.02 -31.15 -62.07
CA PRO J 8 22.98 -32.61 -62.25
C PRO J 8 23.43 -33.37 -61.01
N ALA J 9 22.80 -34.52 -60.77
CA ALA J 9 22.96 -35.24 -59.52
C ALA J 9 24.28 -36.00 -59.41
N THR J 10 24.99 -36.22 -60.51
CA THR J 10 26.23 -37.00 -60.49
C THR J 10 27.39 -36.04 -60.35
N LEU J 11 27.89 -35.89 -59.12
CA LEU J 11 29.04 -35.05 -58.83
C LEU J 11 29.99 -35.78 -57.88
N SER J 12 30.28 -37.05 -58.21
CA SER J 12 31.16 -37.86 -57.37
C SER J 12 32.59 -37.36 -57.46
N VAL J 13 33.26 -37.29 -56.30
CA VAL J 13 34.61 -36.76 -56.21
C VAL J 13 35.42 -37.69 -55.31
N SER J 14 36.74 -37.67 -55.48
CA SER J 14 37.63 -38.46 -54.64
C SER J 14 37.63 -37.92 -53.20
N PRO J 15 37.87 -38.78 -52.21
CA PRO J 15 37.94 -38.30 -50.82
C PRO J 15 39.13 -37.36 -50.59
N GLY J 16 38.92 -36.40 -49.69
CA GLY J 16 39.93 -35.41 -49.39
C GLY J 16 39.91 -34.19 -50.28
N GLU J 17 39.06 -34.17 -51.30
CA GLU J 17 38.98 -33.04 -52.23
C GLU J 17 37.77 -32.18 -51.90
N ARG J 18 37.70 -31.03 -52.58
CA ARG J 18 36.62 -30.06 -52.37
C ARG J 18 35.58 -30.21 -53.47
N ALA J 19 34.32 -30.36 -53.07
CA ALA J 19 33.21 -30.46 -54.01
C ALA J 19 32.32 -29.23 -53.89
N THR J 20 31.71 -28.85 -55.02
CA THR J 20 30.87 -27.67 -55.10
C THR J 20 29.49 -28.04 -55.63
N LEU J 21 28.46 -27.58 -54.93
CA LEU J 21 27.08 -27.79 -55.30
C LEU J 21 26.43 -26.46 -55.66
N SER J 22 25.20 -26.51 -56.15
CA SER J 22 24.49 -25.30 -56.52
C SER J 22 22.99 -25.52 -56.37
N CYS J 23 22.26 -24.41 -56.21
CA CYS J 23 20.80 -24.43 -56.11
C CYS J 23 20.27 -23.11 -56.65
N ARG J 24 19.32 -23.18 -57.57
CA ARG J 24 18.74 -22.02 -58.21
C ARG J 24 17.22 -22.05 -58.11
N ALA J 25 16.59 -20.93 -58.46
CA ALA J 25 15.15 -20.79 -58.41
C ALA J 25 14.71 -19.85 -59.53
N SER J 26 13.42 -19.52 -59.52
CA SER J 26 12.87 -18.63 -60.56
C SER J 26 13.10 -17.17 -60.23
N GLN J 27 12.52 -16.70 -59.13
CA GLN J 27 12.64 -15.32 -58.70
C GLN J 27 13.50 -15.24 -57.44
N SER J 28 13.55 -14.05 -56.84
CA SER J 28 14.42 -13.82 -55.70
C SER J 28 13.93 -14.56 -54.46
N VAL J 29 14.86 -15.22 -53.78
CA VAL J 29 14.58 -15.94 -52.54
C VAL J 29 15.22 -15.26 -51.33
N ALA J 30 16.30 -14.51 -51.53
CA ALA J 30 17.10 -13.80 -50.52
C ALA J 30 17.67 -14.85 -49.56
N SER J 31 17.63 -14.64 -48.25
CA SER J 31 18.37 -15.47 -47.31
C SER J 31 17.51 -16.55 -46.67
N ASP J 32 16.31 -16.80 -47.18
CA ASP J 32 15.38 -17.77 -46.59
C ASP J 32 15.43 -19.05 -47.42
N LEU J 33 16.45 -19.86 -47.18
CA LEU J 33 16.57 -21.15 -47.86
C LEU J 33 17.32 -22.11 -46.96
N VAL J 34 16.93 -23.37 -46.99
CA VAL J 34 17.49 -24.40 -46.12
C VAL J 34 18.08 -25.51 -46.99
N TRP J 35 19.18 -26.10 -46.52
CA TRP J 35 19.92 -27.13 -47.23
C TRP J 35 19.79 -28.46 -46.47
N TYR J 36 18.95 -29.36 -46.97
CA TYR J 36 18.77 -30.66 -46.34
C TYR J 36 19.71 -31.69 -46.95
N GLN J 37 19.75 -32.87 -46.34
CA GLN J 37 20.63 -33.95 -46.78
C GLN J 37 20.08 -35.29 -46.30
N GLN J 38 19.76 -36.17 -47.23
CA GLN J 38 19.24 -37.50 -46.92
C GLN J 38 20.35 -38.53 -47.05
N LYS J 39 20.65 -39.21 -45.96
CA LYS J 39 21.53 -40.37 -46.00
C LYS J 39 20.74 -41.61 -46.43
N PRO J 40 21.38 -42.59 -47.05
CA PRO J 40 20.67 -43.83 -47.42
C PRO J 40 20.34 -44.67 -46.20
N GLY J 41 19.05 -44.93 -46.00
CA GLY J 41 18.60 -45.67 -44.85
C GLY J 41 18.47 -44.88 -43.57
N GLN J 42 18.61 -43.55 -43.65
CA GLN J 42 18.52 -42.64 -42.52
C GLN J 42 17.59 -41.49 -42.90
N PRO J 43 16.94 -40.87 -41.91
CA PRO J 43 16.11 -39.70 -42.23
C PRO J 43 16.94 -38.52 -42.70
N PRO J 44 16.38 -37.65 -43.53
CA PRO J 44 17.08 -36.40 -43.88
C PRO J 44 17.23 -35.47 -42.70
N ARG J 45 18.31 -34.67 -42.74
CA ARG J 45 18.66 -33.75 -41.68
C ARG J 45 19.17 -32.44 -42.27
N VAL J 46 19.15 -31.39 -41.45
CA VAL J 46 19.55 -30.05 -41.88
C VAL J 46 21.06 -29.91 -41.78
N LEU J 47 21.66 -29.26 -42.79
CA LEU J 47 23.07 -28.88 -42.73
C LEU J 47 23.27 -27.38 -42.69
N ILE J 48 22.75 -26.66 -43.67
CA ILE J 48 22.90 -25.21 -43.77
C ILE J 48 21.50 -24.60 -43.80
N TYR J 49 21.10 -23.99 -42.69
CA TYR J 49 19.82 -23.31 -42.62
C TYR J 49 20.03 -21.80 -42.74
N GLU J 50 19.06 -21.13 -43.36
CA GLU J 50 19.04 -19.70 -43.69
C GLU J 50 20.18 -19.28 -44.59
N ALA J 51 20.80 -20.22 -45.31
CA ALA J 51 21.82 -20.03 -46.35
C ALA J 51 23.09 -19.32 -45.87
N SER J 52 23.28 -19.17 -44.57
CA SER J 52 24.46 -18.46 -44.07
C SER J 52 25.18 -19.20 -42.95
N LYS J 53 24.45 -19.88 -42.07
CA LYS J 53 25.01 -20.44 -40.86
C LYS J 53 24.76 -21.93 -40.76
N ARG J 54 25.66 -22.63 -40.08
CA ARG J 54 25.55 -24.07 -39.89
C ARG J 54 24.64 -24.39 -38.71
N ALA J 55 24.13 -25.62 -38.71
CA ALA J 55 23.27 -26.10 -37.64
C ALA J 55 24.12 -26.76 -36.55
N ALA J 56 23.45 -27.42 -35.60
CA ALA J 56 24.14 -28.09 -34.51
C ALA J 56 24.46 -29.53 -34.90
N GLY J 57 25.68 -29.97 -34.60
CA GLY J 57 26.15 -31.29 -34.93
C GLY J 57 26.83 -31.41 -36.28
N CYS J 58 26.65 -30.44 -37.15
CA CYS J 58 27.29 -30.47 -38.46
C CYS J 58 28.76 -30.10 -38.32
N PRO J 59 29.66 -30.69 -39.10
CA PRO J 59 31.08 -30.31 -39.03
C PRO J 59 31.32 -28.96 -39.68
N ASP J 60 32.55 -28.46 -39.51
CA ASP J 60 32.94 -27.18 -40.08
C ASP J 60 33.17 -27.24 -41.59
N ARG J 61 33.23 -28.44 -42.17
CA ARG J 61 33.49 -28.56 -43.60
C ARG J 61 32.28 -28.15 -44.43
N PHE J 62 31.08 -28.36 -43.90
CA PHE J 62 29.85 -27.98 -44.59
C PHE J 62 29.68 -26.47 -44.49
N SER J 63 29.70 -25.78 -45.63
CA SER J 63 29.54 -24.34 -45.67
C SER J 63 28.61 -23.97 -46.80
N GLY J 64 27.75 -22.99 -46.56
CA GLY J 64 26.79 -22.53 -47.56
C GLY J 64 26.77 -21.02 -47.65
N SER J 65 26.47 -20.54 -48.85
CA SER J 65 26.39 -19.11 -49.12
C SER J 65 25.50 -18.89 -50.33
N GLY J 66 25.06 -17.64 -50.49
CA GLY J 66 24.24 -17.26 -51.62
C GLY J 66 23.02 -16.47 -51.20
N SER J 67 22.54 -15.61 -52.10
CA SER J 67 21.37 -14.80 -51.85
C SER J 67 20.66 -14.54 -53.18
N GLY J 68 19.38 -14.18 -53.09
CA GLY J 68 18.61 -13.91 -54.28
C GLY J 68 18.20 -15.17 -55.02
N THR J 69 18.81 -15.40 -56.18
CA THR J 69 18.48 -16.56 -57.00
C THR J 69 19.53 -17.66 -56.94
N ASP J 70 20.82 -17.31 -57.00
CA ASP J 70 21.90 -18.30 -57.03
C ASP J 70 22.34 -18.63 -55.61
N PHE J 71 22.45 -19.93 -55.33
CA PHE J 71 22.92 -20.42 -54.04
C PHE J 71 23.92 -21.54 -54.28
N THR J 72 24.94 -21.60 -53.42
CA THR J 72 26.00 -22.60 -53.53
C THR J 72 26.18 -23.32 -52.21
N LEU J 73 26.49 -24.60 -52.27
CA LEU J 73 26.86 -25.40 -51.12
C LEU J 73 28.30 -25.85 -51.30
N ASN J 74 29.15 -25.56 -50.32
CA ASN J 74 30.58 -25.83 -50.40
C ASN J 74 30.97 -26.80 -49.30
N ILE J 75 31.42 -27.99 -49.68
CA ILE J 75 31.95 -28.98 -48.74
C ILE J 75 33.46 -28.97 -48.92
N ASN J 76 34.18 -28.61 -47.85
CA ASN J 76 35.63 -28.44 -47.96
C ASN J 76 36.35 -29.77 -48.08
N SER J 77 35.97 -30.75 -47.26
CA SER J 77 36.57 -32.08 -47.29
C SER J 77 35.47 -33.12 -47.32
N LEU J 78 35.71 -34.19 -48.07
CA LEU J 78 34.74 -35.28 -48.23
C LEU J 78 35.24 -36.50 -47.46
N GLU J 79 34.35 -37.09 -46.68
CA GLU J 79 34.60 -38.24 -45.83
C GLU J 79 33.62 -39.34 -46.20
N PRO J 80 33.95 -40.63 -45.92
CA PRO J 80 33.06 -41.74 -46.30
C PRO J 80 31.67 -41.72 -45.68
N GLU J 81 31.47 -40.96 -44.61
CA GLU J 81 30.13 -40.80 -44.04
C GLU J 81 29.26 -39.81 -44.83
N ASP J 82 29.82 -39.08 -45.79
CA ASP J 82 29.09 -38.07 -46.54
C ASP J 82 28.33 -38.64 -47.74
N VAL J 83 28.16 -39.95 -47.83
CA VAL J 83 27.36 -40.52 -48.91
C VAL J 83 25.88 -40.24 -48.66
N GLY J 84 25.18 -39.82 -49.69
CA GLY J 84 23.78 -39.50 -49.57
C GLY J 84 23.35 -38.53 -50.65
N VAL J 85 22.12 -38.05 -50.51
CA VAL J 85 21.47 -37.18 -51.49
C VAL J 85 21.16 -35.85 -50.81
N TYR J 86 21.58 -34.75 -51.44
CA TYR J 86 21.46 -33.41 -50.87
C TYR J 86 20.27 -32.70 -51.49
N TYR J 87 19.54 -31.94 -50.67
CA TYR J 87 18.35 -31.21 -51.11
C TYR J 87 18.41 -29.77 -50.61
N CYS J 88 17.84 -28.86 -51.41
CA CYS J 88 17.71 -27.47 -51.04
C CYS J 88 16.24 -27.04 -51.15
N GLN J 89 15.76 -26.35 -50.13
CA GLN J 89 14.36 -25.96 -50.03
C GLN J 89 14.23 -24.47 -49.72
N GLN J 90 13.35 -23.79 -50.45
CA GLN J 90 13.03 -22.40 -50.17
C GLN J 90 11.88 -22.32 -49.17
N GLU J 91 11.85 -21.23 -48.41
CA GLU J 91 10.80 -21.01 -47.42
C GLU J 91 10.35 -19.55 -47.46
N ILE J 92 10.17 -19.00 -48.66
CA ILE J 92 9.70 -17.63 -48.81
C ILE J 92 8.20 -17.56 -49.12
N ASP J 93 7.58 -18.65 -49.55
CA ASP J 93 6.16 -18.67 -49.89
C ASP J 93 5.51 -19.90 -49.26
N TRP J 94 4.18 -19.85 -49.19
CA TRP J 94 3.41 -20.97 -48.65
C TRP J 94 3.54 -22.26 -49.48
N PRO J 95 3.55 -22.24 -50.82
CA PRO J 95 4.00 -23.45 -51.53
C PRO J 95 5.48 -23.73 -51.28
N LEU J 96 5.77 -24.97 -50.89
CA LEU J 96 7.13 -25.40 -50.56
C LEU J 96 7.59 -26.40 -51.60
N THR J 97 8.73 -26.14 -52.22
CA THR J 97 9.35 -27.05 -53.18
C THR J 97 10.76 -27.41 -52.71
N PHE J 98 11.11 -28.68 -52.85
CA PHE J 98 12.42 -29.16 -52.42
C PHE J 98 13.38 -29.23 -53.61
N GLY J 99 14.55 -29.84 -53.40
CA GLY J 99 15.52 -29.99 -54.45
C GLY J 99 15.41 -31.31 -55.19
N GLY J 100 16.06 -31.40 -56.36
CA GLY J 100 16.00 -32.64 -57.13
C GLY J 100 16.96 -33.69 -56.63
N GLY J 101 18.05 -33.28 -56.01
CA GLY J 101 19.04 -34.21 -55.51
C GLY J 101 20.38 -34.06 -56.20
N THR J 102 21.43 -34.28 -55.42
CA THR J 102 22.81 -34.26 -55.91
C THR J 102 23.54 -35.38 -55.17
N THR J 103 23.65 -36.54 -55.80
CA THR J 103 24.26 -37.70 -55.18
C THR J 103 25.78 -37.60 -55.32
N VAL J 104 26.44 -37.11 -54.28
CA VAL J 104 27.89 -36.99 -54.25
C VAL J 104 28.42 -38.30 -53.70
N GLU J 105 28.80 -39.21 -54.59
CA GLU J 105 29.30 -40.52 -54.19
C GLU J 105 30.77 -40.40 -53.83
N ILE J 106 31.13 -40.98 -52.68
CA ILE J 106 32.50 -40.89 -52.18
C ILE J 106 33.45 -41.73 -53.03
N LYS J 107 33.03 -42.95 -53.40
CA LYS J 107 33.77 -43.90 -54.24
C LYS J 107 35.15 -44.24 -53.69
N ALA K 2 -16.77 36.97 -16.94
CA ALA K 2 -15.79 37.87 -17.52
C ALA K 2 -16.19 39.33 -17.33
N HIS K 3 -17.28 39.54 -16.59
CA HIS K 3 -17.79 40.88 -16.32
C HIS K 3 -17.20 41.36 -15.00
N LEU K 4 -16.42 42.45 -15.06
CA LEU K 4 -15.79 43.04 -13.89
C LEU K 4 -16.66 44.19 -13.40
N VAL K 5 -17.69 43.84 -12.63
CA VAL K 5 -18.60 44.84 -12.10
C VAL K 5 -17.93 45.55 -10.91
N GLU K 6 -18.09 46.85 -10.83
CA GLU K 6 -17.53 47.66 -9.75
C GLU K 6 -18.65 48.34 -8.97
N SER K 7 -18.28 48.86 -7.80
CA SER K 7 -19.23 49.55 -6.93
C SER K 7 -18.43 50.52 -6.04
N GLY K 8 -19.14 51.17 -5.13
CA GLY K 8 -18.51 52.07 -4.18
C GLY K 8 -18.18 53.43 -4.78
N GLY K 9 -17.55 54.26 -3.95
CA GLY K 9 -17.13 55.57 -4.37
C GLY K 9 -18.24 56.62 -4.27
N GLY K 10 -17.93 57.79 -4.82
CA GLY K 10 -18.86 58.90 -4.80
C GLY K 10 -18.16 60.26 -4.66
N LEU K 11 -18.88 61.25 -4.13
CA LEU K 11 -18.34 62.59 -3.94
C LEU K 11 -18.02 62.78 -2.46
N THR K 12 -16.77 63.15 -2.18
CA THR K 12 -16.29 63.27 -0.80
C THR K 12 -15.33 64.45 -0.73
N GLN K 13 -15.33 65.15 0.41
CA GLN K 13 -14.36 66.19 0.68
C GLN K 13 -12.96 65.58 0.82
N PRO K 14 -11.90 66.38 0.59
CA PRO K 14 -10.54 65.88 0.80
C PRO K 14 -10.28 65.47 2.25
N GLY K 15 -9.49 64.41 2.42
CA GLY K 15 -9.25 63.82 3.71
C GLY K 15 -10.21 62.71 4.08
N GLY K 16 -11.21 62.42 3.24
CA GLY K 16 -12.14 61.35 3.49
C GLY K 16 -11.58 59.98 3.15
N SER K 17 -12.37 58.96 3.46
CA SER K 17 -11.98 57.57 3.23
C SER K 17 -12.99 56.90 2.31
N LEU K 18 -12.49 56.27 1.25
CA LEU K 18 -13.32 55.56 0.28
C LEU K 18 -12.76 54.17 0.06
N ARG K 19 -13.63 53.23 -0.26
CA ARG K 19 -13.23 51.87 -0.61
C ARG K 19 -13.97 51.45 -1.86
N LEU K 20 -13.24 50.98 -2.86
CA LEU K 20 -13.82 50.54 -4.13
C LEU K 20 -13.83 49.02 -4.17
N SER K 21 -14.99 48.45 -4.51
CA SER K 21 -15.17 47.00 -4.55
C SER K 21 -15.28 46.55 -6.00
N CYS K 22 -14.50 45.54 -6.37
CA CYS K 22 -14.49 44.99 -7.72
C CYS K 22 -14.82 43.50 -7.61
N VAL K 23 -16.10 43.17 -7.63
CA VAL K 23 -16.56 41.78 -7.56
C VAL K 23 -16.39 41.17 -8.95
N VAL K 24 -15.77 40.00 -9.02
CA VAL K 24 -15.38 39.42 -10.29
C VAL K 24 -16.28 38.23 -10.59
N SER K 25 -16.27 37.80 -11.85
CA SER K 25 -17.07 36.65 -12.27
C SER K 25 -16.45 36.02 -13.51
N GLY K 26 -16.63 34.72 -13.64
CA GLY K 26 -16.22 34.00 -14.83
C GLY K 26 -14.75 33.62 -14.86
N ILE K 27 -13.87 34.62 -14.82
CA ILE K 27 -12.44 34.35 -14.87
C ILE K 27 -11.96 33.85 -13.52
N SER K 28 -10.81 33.16 -13.52
CA SER K 28 -10.22 32.67 -12.29
C SER K 28 -9.51 33.81 -11.56
N PHE K 29 -10.05 34.20 -10.40
CA PHE K 29 -9.52 35.34 -9.67
C PHE K 29 -8.17 35.02 -9.03
N SER K 30 -7.91 33.74 -8.77
CA SER K 30 -6.70 33.34 -8.05
C SER K 30 -5.44 33.55 -8.89
N GLY K 31 -5.53 33.31 -10.19
CA GLY K 31 -4.37 33.39 -11.05
C GLY K 31 -4.29 34.66 -11.88
N HIS K 32 -5.08 35.68 -11.51
CA HIS K 32 -5.14 36.93 -12.26
C HIS K 32 -4.40 38.03 -11.52
N TYR K 33 -3.53 38.72 -12.24
CA TYR K 33 -2.81 39.90 -11.75
C TYR K 33 -3.72 41.11 -11.89
N MET K 34 -4.24 41.60 -10.78
CA MET K 34 -5.19 42.70 -10.82
C MET K 34 -4.50 44.05 -10.65
N HIS K 35 -4.99 45.04 -11.38
CA HIS K 35 -4.45 46.39 -11.40
C HIS K 35 -5.52 47.38 -10.91
N TRP K 36 -5.17 48.66 -10.99
CA TRP K 36 -6.11 49.76 -10.81
C TRP K 36 -5.59 50.92 -11.62
N VAL K 37 -6.29 51.28 -12.70
CA VAL K 37 -5.89 52.36 -13.59
C VAL K 37 -7.02 53.37 -13.67
N ARG K 38 -6.72 54.63 -13.40
CA ARG K 38 -7.71 55.70 -13.41
C ARG K 38 -7.57 56.53 -14.68
N LEU K 39 -8.71 57.02 -15.16
CA LEU K 39 -8.79 57.82 -16.38
C LEU K 39 -9.25 59.24 -16.02
N SER K 40 -8.38 60.22 -16.25
CA SER K 40 -8.64 61.61 -15.88
C SER K 40 -8.45 62.51 -17.09
N SER K 41 -9.07 63.69 -17.01
CA SER K 41 -8.92 64.68 -18.07
C SER K 41 -7.53 65.31 -18.02
N GLY K 42 -6.86 65.37 -19.17
CA GLY K 42 -5.51 65.89 -19.24
C GLY K 42 -4.45 64.81 -19.11
N ARG K 43 -4.68 63.85 -18.21
CA ARG K 43 -3.79 62.71 -18.01
C ARG K 43 -4.69 61.47 -17.99
N GLY K 44 -4.91 60.89 -19.17
CA GLY K 44 -5.86 59.81 -19.34
C GLY K 44 -5.19 58.44 -19.23
N LEU K 45 -5.83 57.57 -18.44
CA LEU K 45 -5.44 56.16 -18.24
C LEU K 45 -4.01 56.06 -17.71
N GLU K 46 -3.84 56.46 -16.45
CA GLU K 46 -2.54 56.36 -15.79
C GLU K 46 -2.58 55.36 -14.66
N TRP K 47 -1.45 54.70 -14.42
CA TRP K 47 -1.37 53.61 -13.46
C TRP K 47 -1.41 54.10 -12.03
N VAL K 48 -2.02 53.30 -11.14
CA VAL K 48 -2.11 53.64 -9.73
C VAL K 48 -1.49 52.54 -8.88
N SER K 49 -2.06 51.33 -8.95
CA SER K 49 -1.69 50.25 -8.03
C SER K 49 -1.76 48.93 -8.78
N GLY K 50 -1.48 47.84 -8.05
CA GLY K 50 -1.49 46.50 -8.61
C GLY K 50 -1.00 45.46 -7.63
N ILE K 51 -1.58 44.27 -7.66
CA ILE K 51 -1.25 43.22 -6.71
C ILE K 51 -0.95 41.94 -7.49
N SER K 52 -0.13 41.08 -6.90
CA SER K 52 0.28 39.83 -7.55
C SER K 52 -0.77 38.75 -7.33
N ASP K 53 -0.66 37.68 -8.14
CA ASP K 53 -1.61 36.58 -8.06
C ASP K 53 -1.28 35.63 -6.91
N ILE K 54 0.00 35.31 -6.72
CA ILE K 54 0.47 34.51 -5.59
C ILE K 54 1.41 35.37 -4.75
N GLY K 55 1.08 35.51 -3.47
CA GLY K 55 1.72 36.46 -2.60
C GLY K 55 0.83 37.66 -2.35
N ASP K 56 1.30 38.52 -1.44
CA ASP K 56 0.56 39.70 -1.05
C ASP K 56 1.46 40.92 -1.10
N LYS K 57 2.19 40.89 -2.23
CA LYS K 57 3.13 41.98 -2.59
C LYS K 57 2.38 42.98 -3.45
N ARG K 58 2.28 44.23 -3.01
CA ARG K 58 1.49 45.25 -3.72
C ARG K 58 2.43 46.32 -4.27
N TRP K 59 2.49 46.46 -5.60
CA TRP K 59 3.40 47.46 -6.21
C TRP K 59 2.61 48.74 -6.48
N TYR K 60 3.16 49.89 -6.11
CA TYR K 60 2.46 51.18 -6.30
C TYR K 60 3.26 52.10 -7.22
N ALA K 61 2.64 53.19 -7.69
CA ALA K 61 3.26 54.16 -8.57
C ALA K 61 4.16 55.11 -7.78
N ASP K 62 4.96 55.89 -8.52
CA ASP K 62 5.93 56.77 -7.88
C ASP K 62 5.27 57.95 -7.19
N SER K 63 4.16 58.45 -7.76
CA SER K 63 3.52 59.65 -7.23
C SER K 63 2.48 59.37 -6.15
N VAL K 64 1.76 58.26 -6.26
CA VAL K 64 0.61 58.00 -5.39
C VAL K 64 0.93 56.91 -4.36
N ARG K 65 2.21 56.69 -4.06
CA ARG K 65 2.58 55.65 -3.11
C ARG K 65 2.28 56.09 -1.68
N GLY K 66 1.58 55.23 -0.94
CA GLY K 66 1.23 55.48 0.45
C GLY K 66 -0.16 56.02 0.66
N ARG K 67 -0.72 56.71 -0.34
CA ARG K 67 -2.07 57.25 -0.24
C ARG K 67 -3.14 56.25 -0.68
N PHE K 68 -2.75 55.07 -1.15
CA PHE K 68 -3.69 54.04 -1.54
C PHE K 68 -3.25 52.69 -1.01
N THR K 69 -4.21 51.89 -0.56
CA THR K 69 -3.96 50.56 -0.04
C THR K 69 -4.77 49.56 -0.84
N ILE K 70 -4.08 48.64 -1.49
CA ILE K 70 -4.71 47.64 -2.37
C ILE K 70 -4.77 46.30 -1.64
N SER K 71 -5.91 45.63 -1.72
CA SER K 71 -6.07 44.32 -1.11
C SER K 71 -7.00 43.47 -1.98
N ARG K 72 -6.86 42.16 -1.84
CA ARG K 72 -7.69 41.21 -2.56
C ARG K 72 -8.12 40.10 -1.62
N GLU K 73 -9.25 39.47 -1.94
CA GLU K 73 -9.74 38.30 -1.21
C GLU K 73 -10.15 37.25 -2.21
N ASN K 74 -9.47 36.10 -2.18
CA ASN K 74 -9.75 35.01 -3.11
C ASN K 74 -10.99 34.20 -2.73
N ALA K 75 -11.56 34.44 -1.54
CA ALA K 75 -12.75 33.72 -1.11
C ALA K 75 -14.02 34.37 -1.64
N LYS K 76 -14.21 35.66 -1.38
CA LYS K 76 -15.36 36.39 -1.89
C LYS K 76 -15.14 36.89 -3.31
N ASN K 77 -13.93 36.70 -3.87
CA ASN K 77 -13.57 37.07 -5.24
C ASN K 77 -13.74 38.56 -5.50
N THR K 78 -13.19 39.38 -4.58
CA THR K 78 -13.31 40.82 -4.63
C THR K 78 -11.93 41.46 -4.58
N LEU K 79 -11.84 42.67 -5.11
CA LEU K 79 -10.62 43.47 -5.09
C LEU K 79 -10.93 44.84 -4.47
N TYR K 80 -10.06 45.31 -3.59
CA TYR K 80 -10.28 46.55 -2.86
C TYR K 80 -9.17 47.55 -3.12
N LEU K 81 -9.51 48.83 -2.99
CA LEU K 81 -8.54 49.93 -2.98
C LEU K 81 -9.05 51.00 -2.04
N GLN K 82 -8.28 51.28 -0.99
CA GLN K 82 -8.67 52.28 0.00
C GLN K 82 -8.13 53.65 -0.39
N MET K 83 -8.95 54.67 -0.22
CA MET K 83 -8.63 56.03 -0.65
C MET K 83 -8.57 56.94 0.57
N ASP K 84 -7.40 57.02 1.19
CA ASP K 84 -7.17 57.89 2.34
C ASP K 84 -6.15 58.97 2.00
N ASN K 85 -6.28 60.11 2.68
CA ASN K 85 -5.48 61.32 2.46
C ASN K 85 -5.55 61.78 1.00
N LEU K 86 -6.75 62.18 0.60
CA LEU K 86 -7.02 62.54 -0.78
C LEU K 86 -6.44 63.90 -1.13
N ARG K 87 -6.23 64.11 -2.43
CA ARG K 87 -5.79 65.36 -3.03
C ARG K 87 -6.67 65.68 -4.23
N PRO K 88 -6.86 66.96 -4.55
CA PRO K 88 -7.86 67.32 -5.60
C PRO K 88 -7.48 66.96 -7.03
N GLU K 89 -6.35 66.28 -7.27
CA GLU K 89 -6.02 65.78 -8.59
C GLU K 89 -6.48 64.35 -8.82
N ASP K 90 -7.23 63.77 -7.87
CA ASP K 90 -7.66 62.39 -7.95
C ASP K 90 -9.09 62.24 -8.47
N SER K 91 -9.69 63.31 -8.98
CA SER K 91 -11.04 63.26 -9.52
C SER K 91 -10.98 62.58 -10.88
N ALA K 92 -11.31 61.30 -10.92
CA ALA K 92 -11.19 60.50 -12.13
C ALA K 92 -12.12 59.29 -12.04
N VAL K 93 -12.35 58.65 -13.17
CA VAL K 93 -13.05 57.38 -13.21
C VAL K 93 -12.02 56.25 -13.08
N TYR K 94 -12.32 55.27 -12.24
CA TYR K 94 -11.39 54.21 -11.90
C TYR K 94 -11.80 52.90 -12.56
N TYR K 95 -10.86 52.27 -13.26
CA TYR K 95 -11.12 51.04 -13.99
C TYR K 95 -10.47 49.86 -13.27
N CYS K 96 -11.25 48.81 -13.06
CA CYS K 96 -10.76 47.56 -12.50
C CYS K 96 -10.42 46.62 -13.66
N THR K 97 -9.15 46.24 -13.77
CA THR K 97 -8.69 45.40 -14.87
C THR K 97 -7.81 44.28 -14.33
N GLY K 98 -7.77 43.18 -15.09
CA GLY K 98 -6.99 42.02 -14.72
C GLY K 98 -6.25 41.44 -15.91
N ARG K 99 -5.05 40.91 -15.61
CA ARG K 99 -4.17 40.38 -16.64
C ARG K 99 -3.70 39.00 -16.24
N ALA K 100 -3.69 38.07 -17.19
CA ALA K 100 -3.17 36.71 -16.94
C ALA K 100 -2.77 36.09 -18.27
N ILE K 101 -1.78 35.18 -18.25
CA ILE K 101 -1.38 34.45 -19.49
C ILE K 101 -1.93 33.03 -19.44
N LEU K 102 -2.89 32.69 -20.31
CA LEU K 102 -3.34 31.28 -20.39
C LEU K 102 -2.09 30.49 -20.80
N TYR K 103 -1.65 29.53 -19.99
CA TYR K 103 -0.32 28.90 -20.27
C TYR K 103 -0.26 27.78 -21.32
N PRO K 104 -1.32 27.01 -21.67
CA PRO K 104 -1.20 26.05 -22.78
C PRO K 104 -0.59 26.86 -23.93
N ARG K 105 -1.07 28.08 -24.20
CA ARG K 105 -0.45 29.03 -25.20
C ARG K 105 -0.59 28.54 -26.65
N ALA K 106 -0.37 27.25 -26.92
CA ALA K 106 -0.58 26.71 -28.28
C ALA K 106 -2.03 26.24 -28.42
N TYR K 107 -2.65 25.83 -27.31
CA TYR K 107 -4.09 25.45 -27.34
C TYR K 107 -4.90 26.73 -27.49
N TYR K 108 -4.63 27.75 -26.66
CA TYR K 108 -5.31 29.07 -26.76
C TYR K 108 -4.69 29.85 -27.91
N LYS K 109 -5.51 30.23 -28.89
CA LYS K 109 -4.98 31.06 -30.01
C LYS K 109 -4.60 32.42 -29.43
N ASP K 110 -5.49 33.04 -28.64
CA ASP K 110 -5.17 34.29 -27.94
C ASP K 110 -4.95 33.94 -26.48
N HIS K 111 -3.70 33.98 -26.03
CA HIS K 111 -3.39 33.64 -24.65
C HIS K 111 -3.40 34.86 -23.74
N ARG K 112 -3.74 36.05 -24.25
CA ARG K 112 -3.80 37.30 -23.43
C ARG K 112 -5.16 37.42 -22.76
N SER K 113 -5.23 37.24 -21.44
CA SER K 113 -6.51 37.42 -20.71
C SER K 113 -6.55 38.82 -20.09
N ASP K 114 -6.61 39.86 -20.92
CA ASP K 114 -6.67 41.26 -20.41
C ASP K 114 -8.13 41.67 -20.26
N VAL K 115 -8.72 41.41 -19.09
CA VAL K 115 -10.16 41.73 -18.85
C VAL K 115 -10.27 43.12 -18.23
N TRP K 116 -11.27 43.90 -18.66
CA TRP K 116 -11.50 45.25 -18.06
C TRP K 116 -12.92 45.31 -17.48
N GLY K 117 -13.28 46.43 -16.86
CA GLY K 117 -14.58 46.56 -16.24
C GLY K 117 -15.16 47.94 -16.43
N ALA K 118 -16.46 48.05 -16.11
CA ALA K 118 -17.17 49.32 -16.17
C ALA K 118 -16.67 50.21 -15.04
N GLY K 119 -16.15 51.38 -15.39
CA GLY K 119 -15.55 52.25 -14.38
C GLY K 119 -16.59 52.97 -13.55
N VAL K 120 -16.20 53.29 -12.32
CA VAL K 120 -17.01 54.10 -11.41
C VAL K 120 -16.32 55.45 -11.23
N LEU K 121 -17.11 56.51 -11.24
CA LEU K 121 -16.58 57.87 -11.23
C LEU K 121 -16.52 58.38 -9.78
N VAL K 122 -15.32 58.76 -9.35
CA VAL K 122 -15.12 59.40 -8.06
C VAL K 122 -14.56 60.80 -8.30
N THR K 123 -15.02 61.76 -7.52
CA THR K 123 -14.53 63.13 -7.61
C THR K 123 -14.32 63.67 -6.19
N VAL K 124 -13.35 64.57 -6.06
CA VAL K 124 -13.01 65.16 -4.77
C VAL K 124 -12.88 66.67 -4.95
N SER K 125 -13.53 67.42 -4.05
CA SER K 125 -13.57 68.88 -4.09
C SER K 125 -14.00 69.37 -2.72
N SER K 126 -13.79 70.66 -2.49
CA SER K 126 -14.19 71.29 -1.24
C SER K 126 -15.61 71.83 -1.33
N GLU L 1 11.95 56.22 -14.09
CA GLU L 1 10.88 55.50 -14.76
C GLU L 1 11.05 55.57 -16.28
N ILE L 2 10.16 54.89 -17.00
CA ILE L 2 10.17 54.87 -18.45
C ILE L 2 9.01 55.73 -18.95
N VAL L 3 9.33 56.81 -19.65
CA VAL L 3 8.33 57.71 -20.18
C VAL L 3 7.98 57.29 -21.60
N MET L 4 6.73 57.50 -21.99
CA MET L 4 6.24 57.13 -23.31
C MET L 4 6.06 58.39 -24.13
N THR L 5 6.78 58.49 -25.24
CA THR L 5 6.64 59.60 -26.18
C THR L 5 5.95 59.08 -27.42
N GLN L 6 4.77 59.63 -27.71
CA GLN L 6 3.90 59.11 -28.77
C GLN L 6 3.93 60.05 -29.97
N SER L 7 3.21 59.66 -31.01
CA SER L 7 2.93 60.45 -32.20
C SER L 7 1.99 61.59 -31.83
N PRO L 8 1.86 62.63 -32.67
CA PRO L 8 0.86 63.68 -32.41
C PRO L 8 -0.56 63.12 -32.37
N ALA L 9 -1.40 63.75 -31.55
CA ALA L 9 -2.68 63.18 -31.14
C ALA L 9 -3.76 63.25 -32.21
N THR L 10 -3.47 63.76 -33.41
CA THR L 10 -4.48 63.85 -34.46
C THR L 10 -3.88 63.42 -35.79
N LEU L 11 -4.28 62.26 -36.27
CA LEU L 11 -3.95 61.75 -37.61
C LEU L 11 -5.21 61.33 -38.34
N SER L 12 -6.20 62.23 -38.35
CA SER L 12 -7.48 61.96 -39.01
C SER L 12 -7.31 61.84 -40.50
N VAL L 13 -7.95 60.83 -41.08
CA VAL L 13 -7.84 60.52 -42.51
C VAL L 13 -9.17 59.90 -42.93
N SER L 14 -9.43 59.93 -44.24
CA SER L 14 -10.65 59.35 -44.78
C SER L 14 -10.64 57.83 -44.60
N PRO L 15 -11.82 57.21 -44.42
CA PRO L 15 -11.87 55.76 -44.22
C PRO L 15 -11.46 55.00 -45.48
N GLY L 16 -10.92 53.79 -45.26
CA GLY L 16 -10.40 52.98 -46.33
C GLY L 16 -8.93 53.17 -46.63
N GLU L 17 -8.26 54.08 -45.94
CA GLU L 17 -6.85 54.36 -46.15
C GLU L 17 -6.01 53.77 -45.03
N ARG L 18 -4.69 53.76 -45.25
CA ARG L 18 -3.76 53.13 -44.33
C ARG L 18 -3.30 54.14 -43.29
N ALA L 19 -3.56 53.86 -42.01
CA ALA L 19 -3.11 54.71 -40.92
C ALA L 19 -1.92 54.06 -40.21
N THR L 20 -1.03 54.92 -39.72
CA THR L 20 0.19 54.48 -39.05
C THR L 20 0.37 55.25 -37.75
N LEU L 21 0.67 54.52 -36.67
CA LEU L 21 0.93 55.10 -35.37
C LEU L 21 2.27 54.60 -34.85
N SER L 22 2.91 55.43 -34.03
CA SER L 22 4.21 55.10 -33.47
C SER L 22 4.36 55.76 -32.11
N CYS L 23 5.10 55.10 -31.22
CA CYS L 23 5.39 55.65 -29.91
C CYS L 23 6.76 55.17 -29.43
N ARG L 24 7.50 56.08 -28.81
CA ARG L 24 8.90 55.87 -28.46
C ARG L 24 9.06 55.50 -26.99
N ALA L 25 10.27 55.07 -26.64
CA ALA L 25 10.58 54.66 -25.28
C ALA L 25 11.91 55.28 -24.86
N SER L 26 12.01 55.56 -23.55
CA SER L 26 13.21 56.19 -23.01
C SER L 26 14.39 55.23 -22.97
N GLN L 27 14.15 53.99 -22.51
CA GLN L 27 15.22 53.00 -22.41
C GLN L 27 14.80 51.70 -23.09
N SER L 28 15.64 50.66 -22.98
CA SER L 28 15.37 49.40 -23.64
C SER L 28 14.14 48.71 -23.05
N VAL L 29 13.27 48.22 -23.93
CA VAL L 29 11.99 47.63 -23.54
C VAL L 29 11.79 46.26 -24.20
N ALA L 30 12.56 45.95 -25.25
CA ALA L 30 12.57 44.69 -26.01
C ALA L 30 11.19 44.52 -26.66
N SER L 31 10.47 43.43 -26.42
CA SER L 31 9.24 43.16 -27.16
C SER L 31 8.03 43.15 -26.24
N ASP L 32 7.95 44.13 -25.33
CA ASP L 32 6.88 44.19 -24.33
C ASP L 32 6.09 45.48 -24.54
N LEU L 33 5.12 45.43 -25.44
CA LEU L 33 4.17 46.53 -25.64
C LEU L 33 2.77 45.98 -25.66
N VAL L 34 1.83 46.73 -25.07
CA VAL L 34 0.41 46.44 -25.16
C VAL L 34 -0.26 47.64 -25.81
N TRP L 35 -0.88 47.42 -26.97
CA TRP L 35 -1.57 48.49 -27.67
C TRP L 35 -3.03 48.49 -27.24
N TYR L 36 -3.48 49.59 -26.65
CA TYR L 36 -4.86 49.75 -26.21
C TYR L 36 -5.58 50.74 -27.10
N GLN L 37 -6.90 50.58 -27.21
CA GLN L 37 -7.75 51.62 -27.75
C GLN L 37 -8.90 51.85 -26.78
N GLN L 38 -9.45 53.06 -26.79
CA GLN L 38 -10.56 53.42 -25.90
C GLN L 38 -11.64 54.07 -26.75
N LYS L 39 -12.66 53.28 -27.11
CA LYS L 39 -13.83 53.84 -27.74
C LYS L 39 -14.62 54.67 -26.72
N PRO L 40 -15.25 55.77 -27.16
CA PRO L 40 -15.95 56.66 -26.21
C PRO L 40 -17.16 55.99 -25.58
N GLY L 41 -17.30 56.17 -24.28
CA GLY L 41 -18.37 55.56 -23.51
C GLY L 41 -18.14 54.11 -23.12
N GLN L 42 -16.99 53.54 -23.44
CA GLN L 42 -16.69 52.15 -23.18
C GLN L 42 -15.33 52.02 -22.51
N PRO L 43 -15.13 50.97 -21.69
CA PRO L 43 -13.80 50.73 -21.14
C PRO L 43 -12.84 50.30 -22.22
N PRO L 44 -11.54 50.56 -22.05
CA PRO L 44 -10.56 50.19 -23.09
C PRO L 44 -10.33 48.69 -23.15
N ARG L 45 -9.79 48.25 -24.29
CA ARG L 45 -9.53 46.84 -24.53
C ARG L 45 -8.21 46.68 -25.27
N VAL L 46 -7.68 45.46 -25.22
CA VAL L 46 -6.37 45.14 -25.78
C VAL L 46 -6.49 44.96 -27.29
N LEU L 47 -5.50 45.47 -28.02
CA LEU L 47 -5.42 45.27 -29.46
C LEU L 47 -4.21 44.41 -29.85
N ILE L 48 -3.00 44.85 -29.50
CA ILE L 48 -1.77 44.15 -29.85
C ILE L 48 -1.01 43.91 -28.56
N TYR L 49 -0.95 42.65 -28.13
CA TYR L 49 -0.14 42.26 -26.98
C TYR L 49 1.17 41.66 -27.47
N GLU L 50 2.23 41.88 -26.69
CA GLU L 50 3.62 41.51 -26.98
C GLU L 50 4.14 42.12 -28.28
N ALA L 51 3.55 43.25 -28.70
CA ALA L 51 4.00 44.13 -29.80
C ALA L 51 3.96 43.47 -31.18
N SER L 52 3.50 42.23 -31.29
CA SER L 52 3.42 41.56 -32.58
C SER L 52 2.13 40.77 -32.76
N LYS L 53 1.49 40.41 -31.65
CA LYS L 53 0.40 39.44 -31.70
C LYS L 53 -0.95 40.13 -31.58
N ARG L 54 -1.88 39.74 -32.45
CA ARG L 54 -3.22 40.29 -32.45
C ARG L 54 -4.08 39.59 -31.39
N ALA L 55 -5.09 40.31 -30.90
CA ALA L 55 -5.98 39.78 -29.89
C ALA L 55 -7.14 39.03 -30.55
N ALA L 56 -7.98 38.41 -29.72
CA ALA L 56 -9.13 37.66 -30.21
C ALA L 56 -10.28 38.59 -30.54
N GLY L 57 -10.89 38.38 -31.71
CA GLY L 57 -12.00 39.19 -32.15
C GLY L 57 -11.56 40.38 -33.00
N CYS L 58 -10.32 40.79 -32.85
CA CYS L 58 -9.79 41.89 -33.64
C CYS L 58 -9.50 41.43 -35.05
N PRO L 59 -9.81 42.22 -36.07
CA PRO L 59 -9.54 41.80 -37.46
C PRO L 59 -8.07 41.87 -37.79
N ASP L 60 -7.75 41.48 -39.02
CA ASP L 60 -6.37 41.42 -39.48
C ASP L 60 -5.79 42.79 -39.80
N ARG L 61 -6.61 43.85 -39.82
CA ARG L 61 -6.10 45.18 -40.14
C ARG L 61 -5.28 45.76 -39.01
N PHE L 62 -5.52 45.31 -37.77
CA PHE L 62 -4.77 45.79 -36.62
C PHE L 62 -3.50 44.97 -36.47
N SER L 63 -2.37 45.54 -36.88
CA SER L 63 -1.09 44.85 -36.79
C SER L 63 -0.04 45.80 -36.23
N GLY L 64 0.84 45.27 -35.38
CA GLY L 64 1.92 46.03 -34.81
C GLY L 64 3.24 45.29 -34.93
N SER L 65 4.32 46.06 -34.96
CA SER L 65 5.65 45.50 -35.09
C SER L 65 6.66 46.46 -34.50
N GLY L 66 7.86 45.95 -34.25
CA GLY L 66 8.93 46.76 -33.72
C GLY L 66 9.67 46.13 -32.55
N SER L 67 10.91 46.55 -32.33
CA SER L 67 11.71 46.07 -31.22
C SER L 67 12.66 47.19 -30.80
N GLY L 68 13.46 46.92 -29.77
CA GLY L 68 14.42 47.90 -29.29
C GLY L 68 13.77 49.01 -28.49
N THR L 69 13.72 50.21 -29.08
CA THR L 69 13.06 51.35 -28.45
C THR L 69 12.05 52.03 -29.34
N ASP L 70 12.00 51.69 -30.63
CA ASP L 70 11.07 52.31 -31.57
C ASP L 70 9.99 51.29 -31.93
N PHE L 71 8.73 51.72 -31.87
CA PHE L 71 7.58 50.85 -32.06
C PHE L 71 6.64 51.44 -33.08
N THR L 72 5.97 50.58 -33.84
CA THR L 72 5.04 51.00 -34.90
C THR L 72 3.74 50.22 -34.77
N LEU L 73 2.63 50.92 -35.03
CA LEU L 73 1.31 50.30 -35.13
C LEU L 73 0.65 50.81 -36.40
N ASN L 74 0.40 49.91 -37.34
CA ASN L 74 -0.18 50.26 -38.63
C ASN L 74 -1.56 49.63 -38.76
N ILE L 75 -2.51 50.40 -39.28
CA ILE L 75 -3.85 49.92 -39.59
C ILE L 75 -3.99 49.94 -41.11
N ASN L 76 -4.31 48.79 -41.69
CA ASN L 76 -4.33 48.68 -43.15
C ASN L 76 -5.50 49.43 -43.76
N SER L 77 -6.69 49.32 -43.17
CA SER L 77 -7.87 50.03 -43.63
C SER L 77 -8.59 50.62 -42.43
N LEU L 78 -9.11 51.83 -42.59
CA LEU L 78 -9.78 52.53 -41.51
C LEU L 78 -11.29 52.49 -41.72
N GLU L 79 -12.02 52.23 -40.65
CA GLU L 79 -13.47 52.19 -40.61
C GLU L 79 -13.96 53.24 -39.63
N PRO L 80 -15.20 53.72 -39.79
CA PRO L 80 -15.77 54.62 -38.78
C PRO L 80 -15.96 53.99 -37.40
N GLU L 81 -15.99 52.66 -37.32
CA GLU L 81 -16.11 51.99 -36.03
C GLU L 81 -14.81 51.98 -35.23
N ASP L 82 -13.69 52.37 -35.84
CA ASP L 82 -12.39 52.38 -35.18
C ASP L 82 -12.06 53.74 -34.56
N VAL L 83 -13.06 54.59 -34.33
CA VAL L 83 -12.81 55.90 -33.75
C VAL L 83 -12.54 55.76 -32.26
N GLY L 84 -11.56 56.52 -31.76
CA GLY L 84 -11.22 56.47 -30.37
C GLY L 84 -9.82 57.02 -30.15
N VAL L 85 -9.31 56.78 -28.93
CA VAL L 85 -7.98 57.21 -28.52
C VAL L 85 -7.14 55.97 -28.23
N TYR L 86 -5.87 56.02 -28.60
CA TYR L 86 -4.99 54.85 -28.62
C TYR L 86 -3.85 55.06 -27.63
N TYR L 87 -3.48 53.96 -26.96
CA TYR L 87 -2.44 54.03 -25.90
C TYR L 87 -1.51 52.84 -25.97
N CYS L 88 -0.19 53.10 -25.91
CA CYS L 88 0.77 51.99 -25.80
C CYS L 88 1.17 51.93 -24.34
N GLN L 89 1.15 50.74 -23.71
CA GLN L 89 1.47 50.63 -22.27
C GLN L 89 2.56 49.60 -22.09
N GLN L 90 3.78 50.06 -21.93
CA GLN L 90 4.91 49.12 -21.79
C GLN L 90 4.71 48.28 -20.54
N GLU L 91 5.48 47.22 -20.41
CA GLU L 91 5.44 46.41 -19.17
C GLU L 91 6.75 45.63 -19.17
N ILE L 92 7.87 46.35 -19.13
CA ILE L 92 9.18 45.65 -19.03
C ILE L 92 9.69 45.84 -17.62
N ASP L 93 9.55 47.04 -17.07
CA ASP L 93 9.97 47.18 -15.65
C ASP L 93 8.80 47.68 -14.83
N TRP L 94 8.99 47.94 -13.54
CA TRP L 94 7.85 48.18 -12.60
C TRP L 94 6.94 49.39 -12.84
N PRO L 95 7.40 50.62 -13.16
CA PRO L 95 6.46 51.76 -13.28
C PRO L 95 5.14 51.44 -14.00
N LEU L 96 5.16 50.57 -15.02
CA LEU L 96 3.94 50.23 -15.81
C LEU L 96 3.27 51.51 -16.29
N THR L 97 3.92 52.26 -17.18
CA THR L 97 3.38 53.58 -17.60
C THR L 97 2.66 53.49 -18.94
N PHE L 98 1.52 54.17 -19.07
CA PHE L 98 0.78 54.21 -20.36
C PHE L 98 1.38 55.31 -21.23
N GLY L 99 0.86 55.49 -22.45
CA GLY L 99 1.41 56.49 -23.38
C GLY L 99 0.67 57.81 -23.36
N GLY L 100 0.89 58.67 -24.36
CA GLY L 100 0.27 59.99 -24.27
C GLY L 100 -1.17 60.00 -24.78
N GLY L 101 -1.42 59.32 -25.89
CA GLY L 101 -2.76 59.28 -26.45
C GLY L 101 -2.87 59.89 -27.83
N THR L 102 -3.54 59.19 -28.75
CA THR L 102 -3.74 59.67 -30.11
C THR L 102 -5.20 59.43 -30.49
N THR L 103 -5.96 60.52 -30.62
CA THR L 103 -7.38 60.43 -30.94
C THR L 103 -7.57 60.55 -32.45
N VAL L 104 -8.11 59.50 -33.06
CA VAL L 104 -8.37 59.49 -34.50
C VAL L 104 -9.77 60.02 -34.74
N GLU L 105 -9.96 60.73 -35.85
CA GLU L 105 -11.24 61.30 -36.22
C GLU L 105 -11.60 60.87 -37.64
N ILE L 106 -12.91 60.77 -37.88
CA ILE L 106 -13.42 60.27 -39.15
C ILE L 106 -13.70 61.46 -40.06
N LYS L 107 -13.06 61.48 -41.22
CA LYS L 107 -13.24 62.56 -42.19
C LYS L 107 -14.50 62.35 -43.01
C1 NAG M . -12.96 -37.21 0.08
C2 NAG M . -14.05 -36.71 1.00
C3 NAG M . -15.41 -37.21 0.54
C4 NAG M . -15.65 -36.82 -0.92
C5 NAG M . -14.49 -37.30 -1.79
C6 NAG M . -14.58 -36.83 -3.22
C7 NAG M . -13.16 -36.34 3.26
C8 NAG M . -13.00 -36.91 4.63
N2 NAG M . -13.81 -37.11 2.38
O3 NAG M . -16.42 -36.67 1.38
O4 NAG M . -16.86 -37.42 -1.39
O5 NAG M . -13.25 -36.81 -1.27
O6 NAG M . -13.89 -35.60 -3.41
O7 NAG M . -12.73 -35.22 2.97
C1 NAG M . -17.87 -36.39 -1.54
C2 NAG M . -18.98 -36.89 -2.46
C3 NAG M . -20.08 -35.83 -2.58
C4 NAG M . -20.56 -35.38 -1.21
C5 NAG M . -19.40 -34.98 -0.32
C6 NAG M . -19.79 -34.68 1.11
C7 NAG M . -18.47 -38.48 -4.26
C8 NAG M . -17.88 -38.66 -5.62
N2 NAG M . -18.45 -37.24 -3.77
O3 NAG M . -21.15 -36.36 -3.34
O4 NAG M . -21.40 -34.24 -1.39
O5 NAG M . -18.43 -36.04 -0.27
O6 NAG M . -18.74 -34.04 1.82
O7 NAG M . -18.94 -39.42 -3.63
C1 BMA M . -22.77 -34.50 -1.03
C2 BMA M . -23.46 -33.13 -0.97
C3 BMA M . -24.96 -33.29 -0.68
C4 BMA M . -25.63 -34.32 -1.62
C5 BMA M . -24.81 -35.64 -1.65
C6 BMA M . -25.31 -36.60 -2.71
O2 BMA M . -23.35 -32.46 -2.21
O3 BMA M . -25.64 -32.03 -0.80
O4 BMA M . -26.95 -34.59 -1.18
O5 BMA M . -23.43 -35.34 -1.97
O6 BMA M . -24.71 -36.20 -3.94
C1 MAN M . -25.84 -31.43 0.50
C2 MAN M . -27.05 -30.45 0.40
C3 MAN M . -26.66 -29.21 -0.41
C4 MAN M . -25.36 -28.57 0.14
C5 MAN M . -24.25 -29.63 0.15
C6 MAN M . -22.95 -29.13 0.72
O2 MAN M . -27.41 -29.96 1.70
O3 MAN M . -27.69 -28.24 -0.45
O4 MAN M . -24.96 -27.49 -0.68
O5 MAN M . -24.68 -30.76 0.96
O6 MAN M . -22.91 -29.50 2.10
C1 MAN M . -28.79 -30.25 2.01
C2 MAN M . -28.86 -30.56 3.54
C3 MAN M . -29.77 -31.79 3.80
C4 MAN M . -31.07 -31.71 2.98
C5 MAN M . -30.74 -31.67 1.47
C6 MAN M . -31.60 -30.71 0.67
O2 MAN M . -29.45 -29.49 4.27
O3 MAN M . -30.06 -31.94 5.18
O4 MAN M . -31.88 -32.84 3.25
O5 MAN M . -29.33 -31.32 1.23
O6 MAN M . -31.29 -30.86 -0.70
C1 MAN M . -25.28 -36.95 -5.03
C2 MAN M . -24.20 -37.94 -5.54
C3 MAN M . -23.08 -37.16 -6.26
C4 MAN M . -23.65 -36.18 -7.32
C5 MAN M . -24.69 -35.25 -6.66
C6 MAN M . -25.37 -34.32 -7.64
O2 MAN M . -24.74 -38.83 -6.51
O3 MAN M . -22.14 -38.03 -6.86
O4 MAN M . -22.60 -35.39 -7.86
O5 MAN M . -25.72 -36.08 -6.05
O6 MAN M . -26.08 -33.34 -6.90
C1 NAG N . -13.73 -30.88 32.07
C2 NAG N . -12.42 -30.99 32.83
C3 NAG N . -11.72 -32.31 32.50
C4 NAG N . -12.66 -33.49 32.74
C5 NAG N . -13.99 -33.28 32.00
C6 NAG N . -15.03 -34.32 32.34
C7 NAG N . -10.97 -29.08 33.47
C8 NAG N . -11.28 -29.41 34.91
N2 NAG N . -11.53 -29.86 32.54
O3 NAG N . -10.56 -32.44 33.30
O4 NAG N . -12.05 -34.68 32.25
O5 NAG N . -14.55 -32.01 32.36
O6 NAG N . -15.47 -34.21 33.69
O7 NAG N . -10.24 -28.14 33.16
C1 NAG N . -11.70 -35.56 33.34
C2 NAG N . -11.58 -36.99 32.80
C3 NAG N . -11.14 -37.94 33.91
C4 NAG N . -9.88 -37.44 34.60
C5 NAG N . -10.08 -36.01 35.08
C6 NAG N . -8.81 -35.40 35.66
C7 NAG N . -13.08 -37.33 30.90
C8 NAG N . -14.43 -37.84 30.45
N2 NAG N . -12.83 -37.43 32.20
O3 NAG N . -10.92 -39.24 33.36
O4 NAG N . -9.56 -38.27 35.71
O5 NAG N . -10.46 -35.17 33.98
O6 NAG N . -8.50 -35.98 36.92
O7 NAG N . -12.27 -36.86 30.10
C1 NAG O . -19.03 -53.08 5.73
C2 NAG O . -20.36 -52.92 5.02
C3 NAG O . -21.47 -53.62 5.80
C4 NAG O . -21.10 -55.08 6.05
C5 NAG O . -19.72 -55.18 6.70
C6 NAG O . -19.22 -56.60 6.85
C7 NAG O . -20.31 -50.81 3.76
C8 NAG O . -20.73 -49.37 3.74
N2 NAG O . -20.68 -51.51 4.84
O3 NAG O . -22.69 -53.53 5.06
O4 NAG O . -22.05 -55.68 6.93
O5 NAG O . -18.75 -54.48 5.91
O6 NAG O . -17.81 -56.64 6.98
O7 NAG O . -19.67 -51.31 2.85
C1 NAG O . -22.92 -56.59 6.22
C2 NAG O . -23.48 -57.64 7.19
C3 NAG O . -24.51 -58.54 6.50
C4 NAG O . -25.58 -57.70 5.79
C5 NAG O . -24.93 -56.69 4.86
C6 NAG O . -25.92 -55.75 4.21
C7 NAG O . -21.54 -59.24 7.26
C8 NAG O . -20.58 -59.93 8.19
N2 NAG O . -22.44 -58.42 7.85
O3 NAG O . -25.11 -59.40 7.46
O4 NAG O . -26.45 -58.54 5.06
O5 NAG O . -24.01 -55.86 5.60
O6 NAG O . -25.63 -54.40 4.50
O7 NAG O . -21.49 -59.43 6.04
C1 NAG P . -36.87 19.42 6.13
C2 NAG P . -36.73 18.51 7.35
C3 NAG P . -37.01 19.30 8.62
C4 NAG P . -36.10 20.52 8.71
C5 NAG P . -36.20 21.36 7.43
C6 NAG P . -35.19 22.48 7.38
C7 NAG P . -37.16 16.11 7.21
C8 NAG P . -38.20 15.04 7.12
N2 NAG P . -37.61 17.36 7.24
O3 NAG P . -36.83 18.43 9.74
O4 NAG P . -36.46 21.33 9.82
O5 NAG P . -35.97 20.54 6.28
O6 NAG P . -33.87 21.98 7.28
O7 NAG P . -35.97 15.84 7.26
C1 NAG P . -35.48 21.16 10.86
C2 NAG P . -35.38 22.42 11.72
C3 NAG P . -34.38 22.21 12.84
C4 NAG P . -34.68 20.96 13.64
C5 NAG P . -34.90 19.75 12.73
C6 NAG P . -35.45 18.53 13.44
C7 NAG P . -35.89 24.51 10.51
C8 NAG P . -35.34 25.62 9.68
N2 NAG P . -35.02 23.58 10.91
O3 NAG P . -34.39 23.35 13.70
O4 NAG P . -33.58 20.67 14.49
O5 NAG P . -35.85 20.06 11.69
O6 NAG P . -36.59 18.00 12.78
O7 NAG P . -37.08 24.44 10.82
C1 BMA P . -33.91 20.79 15.90
C2 BMA P . -32.73 20.15 16.66
C3 BMA P . -32.92 20.32 18.18
C4 BMA P . -33.26 21.78 18.55
C5 BMA P . -34.44 22.29 17.71
C6 BMA P . -34.75 23.76 17.94
O2 BMA P . -31.51 20.78 16.31
O3 BMA P . -31.75 19.89 18.88
O4 BMA P . -33.59 21.86 19.93
O5 BMA P . -34.11 22.14 16.31
O6 BMA P . -34.21 24.50 16.85
C1 MAN P . -31.90 18.52 19.34
C2 MAN P . -31.02 18.32 20.59
C3 MAN P . -29.53 18.41 20.19
C4 MAN P . -29.20 17.42 19.05
C5 MAN P . -30.14 17.67 17.86
C6 MAN P . -29.97 16.67 16.74
O2 MAN P . -31.19 17.00 21.12
O3 MAN P . -28.64 18.23 21.28
O4 MAN P . -27.86 17.59 18.64
O5 MAN P . -31.52 17.58 18.33
O6 MAN P . -30.53 15.42 17.18
C1 MAN P . -31.45 17.00 22.55
C2 MAN P . -32.57 15.95 22.82
C3 MAN P . -33.58 16.47 23.87
C4 MAN P . -32.86 17.18 25.03
C5 MAN P . -32.06 18.39 24.50
C6 MAN P . -30.70 18.57 25.17
O2 MAN P . -32.03 14.74 23.36
O3 MAN P . -34.42 15.43 24.35
O4 MAN P . -33.81 17.63 25.99
O5 MAN P . -31.83 18.28 23.05
O6 MAN P . -30.09 19.74 24.65
C1 MAN P . -34.31 25.91 17.16
C2 MAN P . -34.82 26.64 15.88
C3 MAN P . -33.69 26.71 14.82
C4 MAN P . -32.38 27.26 15.42
C5 MAN P . -31.98 26.39 16.63
C6 MAN P . -30.72 26.89 17.33
O2 MAN P . -35.18 27.98 16.15
O3 MAN P . -34.08 27.51 13.70
O4 MAN P . -31.35 27.22 14.45
O5 MAN P . -33.05 26.42 17.61
O6 MAN P . -30.32 25.89 18.26
C1 NAG Q . -45.12 -12.16 13.96
C2 NAG Q . -45.25 -13.03 12.70
C3 NAG Q . -46.14 -12.33 11.67
C4 NAG Q . -47.48 -11.92 12.29
C5 NAG Q . -47.26 -11.12 13.57
C6 NAG Q . -48.54 -10.81 14.32
C7 NAG Q . -43.37 -14.54 12.17
C8 NAG Q . -44.14 -15.64 12.83
N2 NAG Q . -43.95 -13.33 12.14
O3 NAG Q . -46.35 -13.20 10.58
O4 NAG Q . -48.21 -11.13 11.36
O5 NAG Q . -46.42 -11.86 14.47
O6 NAG Q . -49.16 -12.00 14.77
O7 NAG Q . -42.26 -14.74 11.67
C1 NAG Q . -49.37 -11.83 10.89
C2 NAG Q . -50.49 -10.81 10.65
C3 NAG Q . -51.75 -11.52 10.11
C4 NAG Q . -51.41 -12.35 8.87
C5 NAG Q . -50.24 -13.30 9.17
C6 NAG Q . -49.77 -14.05 7.95
C7 NAG Q . -51.12 -8.79 11.89
C8 NAG Q . -51.42 -8.20 13.24
N2 NAG Q . -50.81 -10.09 11.87
O3 NAG Q . -52.74 -10.55 9.80
O4 NAG Q . -52.54 -13.09 8.46
O5 NAG Q . -49.11 -12.56 9.67
O6 NAG Q . -50.86 -14.65 7.25
O7 NAG Q . -51.17 -8.11 10.86
C1 NAG R . -54.11 20.75 10.61
C2 NAG R . -53.52 21.84 11.51
C3 NAG R . -54.33 21.93 12.81
C4 NAG R . -55.81 22.15 12.51
C5 NAG R . -56.31 21.07 11.55
C6 NAG R . -57.73 21.29 11.09
C7 NAG R . -51.19 22.57 11.77
C8 NAG R . -49.80 22.14 12.07
N2 NAG R . -52.11 21.60 11.78
O3 NAG R . -53.79 22.99 13.59
O4 NAG R . -56.59 22.06 13.70
O5 NAG R . -55.49 21.03 10.36
O6 NAG R . -57.78 21.67 9.72
O7 NAG R . -51.49 23.73 11.53
C1 NAG R . -56.93 23.36 14.22
C2 NAG R . -58.35 23.37 14.82
C3 NAG R . -58.65 24.70 15.53
C4 NAG R . -57.56 25.03 16.53
C5 NAG R . -56.20 25.01 15.84
C6 NAG R . -55.04 25.24 16.80
C7 NAG R . -59.69 23.76 12.72
C8 NAG R . -60.81 23.21 11.89
N2 NAG R . -59.39 23.06 13.83
O3 NAG R . -59.91 24.62 16.19
O4 NAG R . -57.78 26.32 17.09
O5 NAG R . -55.98 23.73 15.25
O6 NAG R . -54.13 24.16 16.78
O7 NAG R . -59.11 24.79 12.38
C1 NAG S . 11.03 0.54 36.97
C2 NAG S . 9.71 -0.20 37.05
C3 NAG S . 9.88 -1.50 37.84
C4 NAG S . 11.00 -2.34 37.27
C5 NAG S . 12.28 -1.52 37.12
C6 NAG S . 13.37 -2.24 36.37
C7 NAG S . 7.44 0.73 37.16
C8 NAG S . 6.50 1.64 37.91
N2 NAG S . 8.68 0.63 37.65
O3 NAG S . 8.64 -2.21 37.82
O4 NAG S . 11.27 -3.45 38.13
O5 NAG S . 12.02 -0.32 36.37
O6 NAG S . 12.93 -2.68 35.10
O7 NAG S . 7.09 0.13 36.15
C1 NAG S . 10.79 -4.66 37.52
C2 NAG S . 11.68 -5.82 37.95
C3 NAG S . 11.16 -7.13 37.37
C4 NAG S . 9.68 -7.33 37.68
C5 NAG S . 8.87 -6.08 37.33
C6 NAG S . 7.44 -6.15 37.80
C7 NAG S . 14.12 -5.94 38.31
C8 NAG S . 15.46 -5.63 37.73
N2 NAG S . 13.06 -5.60 37.55
O3 NAG S . 11.93 -8.22 37.88
O4 NAG S . 9.20 -8.42 36.90
O5 NAG S . 9.45 -4.92 37.93
O6 NAG S . 6.64 -5.17 37.17
O7 NAG S . 13.98 -6.49 39.40
C1 BMA S . 8.81 -9.54 37.72
C2 BMA S . 8.09 -10.52 36.77
C3 BMA S . 7.69 -11.79 37.51
C4 BMA S . 8.88 -12.40 38.30
C5 BMA S . 9.53 -11.32 39.19
C6 BMA S . 10.77 -11.81 39.91
O2 BMA S . 8.96 -10.92 35.72
O3 BMA S . 7.13 -12.76 36.61
O4 BMA S . 8.44 -13.48 39.10
O5 BMA S . 9.91 -10.19 38.37
O6 BMA S . 11.91 -11.48 39.13
C1 MAN S . 5.70 -12.75 36.69
C2 MAN S . 5.17 -14.12 36.18
C3 MAN S . 5.41 -14.23 34.68
C4 MAN S . 4.77 -13.04 33.93
C5 MAN S . 5.33 -11.72 34.49
C6 MAN S . 4.67 -10.50 33.89
O2 MAN S . 3.75 -14.20 36.34
O3 MAN S . 4.93 -15.46 34.16
O4 MAN S . 5.06 -13.14 32.55
O5 MAN S . 5.12 -11.68 35.93
O6 MAN S . 3.41 -10.34 34.52
C1 MAN S . 3.35 -15.27 37.23
C2 MAN S . 2.42 -14.64 38.31
C3 MAN S . 2.75 -15.19 39.72
C4 MAN S . 2.96 -16.71 39.68
C5 MAN S . 4.14 -17.07 38.74
C6 MAN S . 3.90 -18.31 37.89
O2 MAN S . 1.05 -14.96 38.07
O3 MAN S . 1.75 -14.84 40.66
O4 MAN S . 3.24 -17.18 40.99
O5 MAN S . 4.46 -15.95 37.84
O6 MAN S . 5.11 -18.61 37.20
C1 MAN S . 13.00 -12.34 39.48
C2 MAN S . 14.25 -11.45 39.79
C3 MAN S . 14.86 -10.90 38.49
C4 MAN S . 15.09 -12.02 37.45
C5 MAN S . 13.76 -12.74 37.19
C6 MAN S . 13.89 -13.90 36.22
O2 MAN S . 15.29 -12.21 40.42
O3 MAN S . 16.08 -10.20 38.73
O4 MAN S . 15.57 -11.46 36.25
O5 MAN S . 13.27 -13.28 38.45
O6 MAN S . 12.58 -14.34 35.88
C1 NAG T . -21.83 5.88 40.40
C2 NAG T . -22.63 7.19 40.32
C3 NAG T . -21.95 8.26 41.16
C4 NAG T . -21.70 7.78 42.59
C5 NAG T . -20.97 6.44 42.58
C6 NAG T . -20.84 5.82 43.95
C7 NAG T . -23.95 7.69 38.29
C8 NAG T . -25.18 7.28 39.07
N2 NAG T . -22.78 7.62 38.94
O3 NAG T . -22.77 9.43 41.17
O4 NAG T . -20.91 8.73 43.29
O5 NAG T . -21.68 5.49 41.76
O6 NAG T . -22.02 6.02 44.72
O7 NAG T . -24.03 8.07 37.13
C1 NAG T . -21.68 9.39 44.31
C2 NAG T . -20.75 9.78 45.46
C3 NAG T . -21.52 10.52 46.55
C4 NAG T . -22.27 11.71 45.96
C5 NAG T . -23.14 11.26 44.79
C6 NAG T . -23.81 12.41 44.07
C7 NAG T . -18.80 8.32 45.82
C8 NAG T . -18.29 7.08 46.47
N2 NAG T . -20.09 8.60 46.01
O3 NAG T . -20.62 10.96 47.55
O4 NAG T . -23.08 12.31 46.96
O5 NAG T . -22.35 10.57 43.81
O6 NAG T . -24.77 11.94 43.13
O7 NAG T . -18.08 9.06 45.15
C1 NAG U . 9.33 2.09 54.44
C2 NAG U . 9.99 0.72 54.44
C3 NAG U . 9.59 -0.07 55.69
C4 NAG U . 9.92 0.74 56.94
C5 NAG U . 9.29 2.14 56.85
C6 NAG U . 9.69 3.04 57.99
C7 NAG U . 10.53 -0.70 52.50
C8 NAG U . 10.00 -1.41 51.30
N2 NAG U . 9.63 -0.03 53.23
O3 NAG U . 10.28 -1.31 55.68
O4 NAG U . 9.41 0.10 58.11
O5 NAG U . 9.70 2.79 55.64
O6 NAG U . 10.39 4.19 57.52
O7 NAG U . 11.72 -0.73 52.81
C1 NAG U . 10.44 -0.58 58.84
C2 NAG U . 10.13 -0.59 60.35
C3 NAG U . 11.14 -1.44 61.13
C4 NAG U . 11.26 -2.83 60.51
C5 NAG U . 11.59 -2.71 59.02
C6 NAG U . 11.64 -4.05 58.31
C7 NAG U . 10.97 1.69 60.99
C8 NAG U . 10.57 2.98 61.64
N2 NAG U . 10.01 0.75 60.92
O3 NAG U . 10.73 -1.55 62.48
O4 NAG U . 12.31 -3.56 61.15
O5 NAG U . 10.56 -1.93 58.37
O6 NAG U . 10.46 -4.27 57.55
O7 NAG U . 12.11 1.53 60.55
C1 NAG V . 17.48 -37.80 2.08
C2 NAG V . 18.33 -38.24 3.27
C3 NAG V . 19.68 -37.54 3.27
C4 NAG V . 20.38 -37.72 1.93
C5 NAG V . 19.46 -37.29 0.78
C6 NAG V . 20.05 -37.57 -0.58
C7 NAG V . 16.94 -38.95 5.17
C8 NAG V . 16.28 -38.52 6.45
N2 NAG V . 17.62 -38.01 4.53
O3 NAG V . 20.49 -38.06 4.31
O4 NAG V . 21.57 -36.95 1.89
O5 NAG V . 18.23 -38.02 0.86
O6 NAG V . 19.27 -36.97 -1.60
O7 NAG V . 16.85 -40.09 4.74
C1 NAG W . 18.85 -37.41 14.73
C2 NAG W . 19.68 -36.13 15.00
C3 NAG W . 21.06 -36.45 15.61
C4 NAG W . 20.92 -37.40 16.80
C5 NAG W . 20.11 -38.63 16.39
C6 NAG W . 19.86 -39.58 17.55
C7 NAG W . 20.25 -35.14 12.65
C8 NAG W . 20.94 -36.39 12.12
N2 NAG W . 19.74 -35.14 13.91
O3 NAG W . 21.68 -35.24 16.04
O4 NAG W . 22.20 -37.81 17.26
O5 NAG W . 18.81 -38.23 15.91
O6 NAG W . 18.64 -39.28 18.21
O7 NAG W . 20.16 -34.14 11.95
C1 NAG X . -1.71 -60.71 4.26
C2 NAG X . -0.27 -60.96 3.78
C3 NAG X . 0.37 -62.08 4.60
C4 NAG X . 0.27 -61.78 6.09
C5 NAG X . -1.18 -61.53 6.49
C6 NAG X . -1.34 -61.10 7.93
C7 NAG X . 0.62 -60.72 1.51
C8 NAG X . 0.52 -61.16 0.09
N2 NAG X . -0.24 -61.28 2.36
O3 NAG X . 1.74 -62.21 4.22
O4 NAG X . 0.78 -62.88 6.85
O5 NAG X . -1.72 -60.46 5.68
O6 NAG X . -2.66 -60.65 8.20
O7 NAG X . 1.45 -59.89 1.87
C1 NAG Y . 18.17 -56.39 1.24
C2 NAG Y . 19.03 -55.54 0.30
C3 NAG Y . 18.61 -55.79 -1.14
C4 NAG Y . 18.71 -57.27 -1.46
C5 NAG Y . 17.93 -58.11 -0.44
C6 NAG Y . 18.15 -59.60 -0.61
C7 NAG Y . 19.90 -53.41 1.25
C8 NAG Y . 21.13 -54.17 1.66
N2 NAG Y . 18.94 -54.12 0.63
O3 NAG Y . 19.41 -55.01 -2.02
O4 NAG Y . 18.17 -57.50 -2.76
O5 NAG Y . 18.34 -57.79 0.90
O6 NAG Y . 16.93 -60.31 -0.50
O7 NAG Y . 19.77 -52.21 1.48
C1 NAG Z . -4.74 -51.66 21.47
C2 NAG Z . -5.83 -51.08 22.36
C3 NAG Z . -5.79 -51.72 23.75
C4 NAG Z . -5.87 -53.23 23.65
C5 NAG Z . -4.77 -53.74 22.72
C6 NAG Z . -4.84 -55.24 22.48
C7 NAG Z . -6.39 -48.78 21.70
C8 NAG Z . -6.13 -47.33 21.94
N2 NAG Z . -5.71 -49.63 22.47
O3 NAG Z . -6.88 -51.23 24.53
O4 NAG Z . -5.72 -53.82 24.93
O5 NAG Z . -4.86 -53.10 21.44
O6 NAG Z . -3.56 -55.83 22.54
O7 NAG Z . -7.17 -49.17 20.84
C1 NAG AA . -10.80 -49.84 19.61
C2 NAG AA . -11.55 -49.45 20.89
C3 NAG AA . -10.91 -50.10 22.12
C4 NAG AA . -10.80 -51.61 21.92
C5 NAG AA . -10.04 -51.92 20.62
C6 NAG AA . -9.99 -53.40 20.31
C7 NAG AA . -10.70 -47.11 21.20
C8 NAG AA . -11.14 -45.68 21.36
N2 NAG AA . -11.69 -48.01 21.06
O3 NAG AA . -11.71 -49.83 23.27
O4 NAG AA . -10.08 -52.19 23.01
O5 NAG AA . -10.71 -51.28 19.52
O6 NAG AA . -10.96 -53.75 19.34
O7 NAG AA . -9.51 -47.41 21.20
C1 NAG BA . -5.14 -58.92 15.47
C2 NAG BA . -5.85 -58.77 16.81
C3 NAG BA . -5.98 -60.14 17.48
C4 NAG BA . -6.68 -61.12 16.54
C5 NAG BA . -5.96 -61.18 15.20
C6 NAG BA . -6.66 -62.04 14.18
C7 NAG BA . -5.50 -56.59 17.87
C8 NAG BA . -4.64 -55.78 18.80
N2 NAG BA . -5.13 -57.85 17.69
O3 NAG BA . -6.74 -60.01 18.68
O4 NAG BA . -6.70 -62.42 17.13
O5 NAG BA . -5.85 -59.86 14.64
O6 NAG BA . -7.33 -61.24 13.20
O7 NAG BA . -6.48 -56.11 17.32
C1 NAG CA . -9.16 -41.64 -5.84
C2 NAG CA . -9.62 -40.33 -6.48
C3 NAG CA . -10.12 -40.60 -7.90
C4 NAG CA . -9.06 -41.33 -8.72
C5 NAG CA . -8.64 -42.60 -8.01
C6 NAG CA . -7.51 -43.33 -8.69
C7 NAG CA . -10.54 -38.51 -5.10
C8 NAG CA . -9.24 -37.79 -5.29
N2 NAG CA . -10.66 -39.70 -5.68
O3 NAG CA . -10.44 -39.36 -8.53
O4 NAG CA . -9.58 -41.66 -10.01
O5 NAG CA . -8.18 -42.29 -6.68
O6 NAG CA . -7.41 -44.68 -8.25
O7 NAG CA . -11.45 -38.01 -4.43
C1 NAG DA . -37.02 -39.16 24.41
C2 NAG DA . -37.81 -40.11 23.50
C3 NAG DA . -39.10 -39.44 23.05
C4 NAG DA . -39.90 -38.95 24.25
C5 NAG DA . -39.04 -38.05 25.14
C6 NAG DA . -39.72 -37.65 26.42
C7 NAG DA . -36.34 -41.68 22.32
C8 NAG DA . -35.57 -41.97 21.07
N2 NAG DA . -37.02 -40.53 22.36
O3 NAG DA . -39.88 -40.36 22.29
O4 NAG DA . -41.04 -38.22 23.81
O5 NAG DA . -37.84 -38.75 25.51
O6 NAG DA . -38.84 -36.96 27.28
O7 NAG DA . -36.34 -42.46 23.28
C1 NAG EA . -37.53 -27.58 34.55
C2 NAG EA . -37.17 -28.93 35.21
C3 NAG EA . -38.37 -29.48 35.97
C4 NAG EA . -38.90 -28.46 36.96
C5 NAG EA . -39.20 -27.14 36.24
C6 NAG EA . -39.62 -26.03 37.19
C7 NAG EA . -35.46 -30.32 34.07
C8 NAG EA . -34.46 -29.76 35.04
N2 NAG EA . -36.73 -29.88 34.20
O3 NAG EA . -37.97 -30.66 36.67
O4 NAG EA . -40.10 -28.93 37.57
O5 NAG EA . -38.02 -26.68 35.56
O6 NAG EA . -39.67 -24.78 36.52
O7 NAG EA . -35.14 -31.13 33.20
C1 NAG FA . -16.85 -48.57 -1.82
C2 NAG FA . -16.30 -49.99 -2.04
C3 NAG FA . -16.06 -50.24 -3.52
C4 NAG FA . -17.32 -49.95 -4.33
C5 NAG FA . -17.82 -48.54 -4.03
C6 NAG FA . -19.13 -48.21 -4.71
C7 NAG FA . -15.02 -50.79 -0.09
C8 NAG FA . -13.67 -50.91 0.54
N2 NAG FA . -15.07 -50.18 -1.29
O3 NAG FA . -15.67 -51.59 -3.71
O4 NAG FA . -17.05 -50.06 -5.72
O5 NAG FA . -18.04 -48.38 -2.62
O6 NAG FA . -19.95 -47.39 -3.89
O7 NAG FA . -16.04 -51.22 0.45
C1 NAG GA . -34.81 -40.94 5.97
C2 NAG GA . -35.33 -41.79 4.80
C3 NAG GA . -36.01 -40.90 3.75
C4 NAG GA . -37.10 -40.05 4.40
C5 NAG GA . -36.52 -39.26 5.56
C6 NAG GA . -37.56 -38.48 6.34
C7 NAG GA . -34.00 -43.83 4.49
C8 NAG GA . -32.85 -44.47 3.77
N2 NAG GA . -34.25 -42.55 4.19
O3 NAG GA . -36.58 -41.72 2.73
O4 NAG GA . -37.64 -39.14 3.44
O5 NAG GA . -35.90 -40.16 6.50
O6 NAG GA . -37.03 -37.92 7.52
O7 NAG GA . -34.68 -44.45 5.30
C1 NAG HA . 23.72 -27.87 -18.89
C2 NAG HA . 23.40 -26.93 -20.02
C3 NAG HA . 23.75 -27.61 -21.33
C4 NAG HA . 25.18 -28.10 -21.31
C5 NAG HA . 25.43 -29.01 -20.12
C6 NAG HA . 26.89 -29.46 -20.02
C7 NAG HA . 21.47 -25.44 -20.09
C8 NAG HA . 20.74 -24.93 -18.89
N2 NAG HA . 21.99 -26.66 -19.98
O3 NAG HA . 23.58 -26.68 -22.40
O4 NAG HA . 25.46 -28.84 -22.51
O5 NAG HA . 25.07 -28.34 -18.91
O6 NAG HA . 27.75 -28.36 -19.73
O7 NAG HA . 21.58 -24.79 -21.11
C1 NAG IA . 40.33 -2.58 -3.86
C2 NAG IA . 39.78 -2.53 -2.42
C3 NAG IA . 40.92 -2.63 -1.41
C4 NAG IA . 41.76 -3.87 -1.68
C5 NAG IA . 42.29 -3.83 -3.11
C6 NAG IA . 43.07 -5.07 -3.48
C7 NAG IA . 37.67 -1.28 -2.33
C8 NAG IA . 37.03 0.05 -2.06
N2 NAG IA . 39.00 -1.32 -2.20
O3 NAG IA . 40.37 -2.69 -0.09
O4 NAG IA . 42.86 -3.93 -0.77
O5 NAG IA . 41.18 -3.75 -4.02
O6 NAG IA . 42.42 -6.25 -3.03
O7 NAG IA . 37.02 -2.26 -2.66
C1 NAG JA . 43.93 -13.74 -16.55
C2 NAG JA . 45.37 -14.02 -16.98
C3 NAG JA . 45.40 -14.39 -18.47
C4 NAG JA . 44.41 -15.51 -18.77
C5 NAG JA . 43.03 -15.23 -18.17
C6 NAG JA . 42.07 -16.39 -18.29
C7 NAG JA . 47.30 -12.99 -15.88
C8 NAG JA . 48.12 -11.75 -15.71
N2 NAG JA . 46.25 -12.90 -16.70
O3 NAG JA . 46.72 -14.78 -18.84
O4 NAG JA . 44.28 -15.66 -20.18
O5 NAG JA . 43.12 -14.92 -16.76
O6 NAG JA . 41.72 -16.62 -19.66
O7 NAG JA . 47.58 -14.04 -15.29
C1 NAG KA . 31.67 -12.44 2.37
C2 NAG KA . 32.94 -13.16 1.90
C3 NAG KA . 32.97 -14.58 2.48
C4 NAG KA . 32.83 -14.55 4.00
C5 NAG KA . 31.58 -13.77 4.39
C6 NAG KA . 31.46 -13.57 5.88
C7 NAG KA . 34.15 -13.02 -0.22
C8 NAG KA . 34.05 -13.08 -1.73
N2 NAG KA . 33.01 -13.20 0.45
O3 NAG KA . 34.19 -15.21 2.11
O4 NAG KA . 32.75 -15.88 4.50
O5 NAG KA . 31.61 -12.46 3.81
O6 NAG KA . 31.89 -12.28 6.28
O7 NAG KA . 35.21 -12.80 0.34
C1 NAG LA . -35.65 11.02 -22.81
C2 NAG LA . -36.64 10.01 -23.41
C3 NAG LA . -36.02 9.34 -24.63
C4 NAG LA . -35.54 10.39 -25.64
C5 NAG LA . -34.62 11.40 -24.96
C6 NAG LA . -34.22 12.55 -25.86
C7 NAG LA . -38.15 9.07 -21.72
C8 NAG LA . -38.40 7.96 -20.75
N2 NAG LA . -37.03 9.01 -22.42
O3 NAG LA . -36.98 8.49 -25.24
O4 NAG LA . -34.86 9.76 -26.70
O5 NAG LA . -35.27 11.98 -23.82
O6 NAG LA . -34.57 13.80 -25.30
O7 NAG LA . -38.96 10.00 -21.87
C1 NAG MA . -40.58 -1.11 -22.60
C2 NAG MA . -39.62 -2.14 -23.24
C3 NAG MA . -40.24 -2.83 -24.48
C4 NAG MA . -41.63 -3.34 -24.17
C5 NAG MA . -42.50 -2.22 -23.58
C6 NAG MA . -43.88 -2.68 -23.18
C7 NAG MA . -37.62 -0.76 -24.22
C8 NAG MA . -38.47 0.13 -25.10
N2 NAG MA . -38.22 -1.72 -23.45
O3 NAG MA . -39.40 -3.90 -24.90
O4 NAG MA . -42.25 -3.82 -25.36
O5 NAG MA . -41.87 -1.71 -22.39
O6 NAG MA . -44.19 -2.31 -21.85
O7 NAG MA . -36.40 -0.63 -24.19
C1 NAG NA . -58.77 21.73 -7.79
C2 NAG NA . -58.71 22.09 -9.28
C3 NAG NA . -59.99 21.63 -9.98
C4 NAG NA . -60.24 20.15 -9.73
C5 NAG NA . -60.25 19.85 -8.23
C6 NAG NA . -60.37 18.38 -7.92
C7 NAG NA . -57.63 24.02 -10.33
C8 NAG NA . -57.55 25.52 -10.39
N2 NAG NA . -58.50 23.51 -9.46
O3 NAG NA . -59.87 21.88 -11.38
O4 NAG NA . -61.49 19.77 -10.29
O5 NAG NA . -59.01 20.30 -7.64
O6 NAG NA . -61.70 18.02 -7.61
O7 NAG NA . -56.93 23.31 -11.05
C1 NAG OA . -51.77 18.97 -27.37
C2 NAG OA . -50.44 19.16 -28.11
C3 NAG OA . -49.99 20.62 -28.00
C4 NAG OA . -51.09 21.56 -28.50
C5 NAG OA . -52.40 21.28 -27.75
C6 NAG OA . -53.56 22.08 -28.28
C7 NAG OA . -48.91 17.22 -28.25
C8 NAG OA . -49.45 16.98 -29.63
N2 NAG OA . -49.41 18.27 -27.58
O3 NAG OA . -48.81 20.80 -28.78
O4 NAG OA . -50.70 22.91 -28.28
O5 NAG OA . -52.75 19.89 -27.89
O6 NAG OA . -54.16 22.87 -27.25
O7 NAG OA . -48.04 16.50 -27.76
C1 NAG PA . -57.58 3.23 -0.64
C2 NAG PA . -57.54 2.41 0.65
C3 NAG PA . -58.76 1.49 0.73
C4 NAG PA . -60.05 2.28 0.56
C5 NAG PA . -60.00 3.08 -0.73
C6 NAG PA . -61.20 3.98 -0.91
C7 NAG PA . -55.21 2.09 1.35
C8 NAG PA . -54.02 1.17 1.36
N2 NAG PA . -56.30 1.64 0.75
O3 NAG PA . -58.76 0.82 1.99
O4 NAG PA . -61.15 1.38 0.51
O5 NAG PA . -58.84 3.94 -0.73
O6 NAG PA . -62.15 3.42 -1.80
O7 NAG PA . -55.16 3.20 1.87
C1 NAG QA . -56.16 5.72 5.10
C2 NAG QA . -56.49 4.62 6.11
C3 NAG QA . -57.50 3.63 5.53
C4 NAG QA . -58.73 4.36 5.02
C5 NAG QA . -58.33 5.46 4.04
C6 NAG QA . -59.50 6.31 3.59
C7 NAG QA . -54.40 3.23 5.92
C8 NAG QA . -53.27 2.65 6.72
N2 NAG QA . -55.30 3.95 6.63
O3 NAG QA . -57.87 2.69 6.54
O4 NAG QA . -59.61 3.45 4.37
O5 NAG QA . -57.39 6.36 4.66
O6 NAG QA . -59.52 7.56 4.26
O7 NAG QA . -54.48 3.06 4.70
C1 NAG RA . -62.41 12.05 -2.27
C2 NAG RA . -62.68 11.07 -1.12
C3 NAG RA . -64.18 10.88 -0.93
C4 NAG RA . -64.88 12.22 -0.75
C5 NAG RA . -64.56 13.14 -1.92
C6 NAG RA . -65.13 14.53 -1.75
C7 NAG RA . -61.35 9.13 -0.41
C8 NAG RA . -60.75 7.83 -0.83
N2 NAG RA . -62.02 9.80 -1.35
O3 NAG RA . -64.41 10.05 0.21
O4 NAG RA . -66.29 12.02 -0.69
O5 NAG RA . -63.13 13.29 -2.04
O6 NAG RA . -64.14 15.43 -1.26
O7 NAG RA . -61.24 9.57 0.73
C1 NAG SA . -38.20 24.90 1.33
C2 NAG SA . -36.71 25.06 1.65
C3 NAG SA . -36.41 26.51 2.04
C4 NAG SA . -36.91 27.48 0.98
C5 NAG SA . -38.38 27.24 0.69
C6 NAG SA . -38.91 28.08 -0.45
C7 NAG SA . -35.49 23.10 2.53
C8 NAG SA . -34.97 22.88 1.13
N2 NAG SA . -36.30 24.15 2.71
O3 NAG SA . -35.01 26.67 2.24
O4 NAG SA . -36.71 28.81 1.40
O5 NAG SA . -38.59 25.86 0.33
O6 NAG SA . -40.32 27.93 -0.58
O7 NAG SA . -35.18 22.37 3.46
C1 NAG TA . -50.47 2.69 33.58
C2 NAG TA . -51.06 3.99 34.14
C3 NAG TA . -50.38 4.35 35.46
C4 NAG TA . -50.45 3.19 36.44
C5 NAG TA . -49.88 1.93 35.80
C6 NAG TA . -50.02 0.70 36.68
C7 NAG TA . -51.90 5.44 32.34
C8 NAG TA . -51.59 6.57 31.42
N2 NAG TA . -50.92 5.07 33.18
O3 NAG TA . -51.02 5.50 36.02
O4 NAG TA . -49.70 3.51 37.62
O5 NAG TA . -50.58 1.65 34.58
O6 NAG TA . -48.76 0.08 36.91
O7 NAG TA . -52.99 4.86 32.32
C1 NAG UA . -43.89 -9.90 37.66
C2 NAG UA . -45.19 -10.19 36.93
C3 NAG UA . -46.31 -10.51 37.93
C4 NAG UA . -45.88 -11.63 38.87
C5 NAG UA . -44.56 -11.28 39.54
C6 NAG UA . -44.01 -12.39 40.40
C7 NAG UA . -45.57 -9.10 34.74
C8 NAG UA . -45.12 -10.38 34.09
N2 NAG UA . -45.58 -9.07 36.08
O3 NAG UA . -47.48 -10.89 37.22
O4 NAG UA . -46.88 -11.84 39.86
O5 NAG UA . -43.57 -11.00 38.55
O6 NAG UA . -42.61 -12.54 40.22
O7 NAG UA . -45.90 -8.12 34.07
C1 NAG VA . -46.33 25.19 8.62
C2 NAG VA . -47.79 25.52 8.14
C3 NAG VA . -47.92 26.99 7.73
C4 NAG VA . -47.34 27.93 8.79
C5 NAG VA . -45.90 27.55 9.05
C6 NAG VA . -45.23 28.42 10.09
C7 NAG VA . -49.41 24.40 6.64
C8 NAG VA . -49.57 23.54 5.42
N2 NAG VA . -48.15 24.67 7.01
O3 NAG VA . -49.29 27.33 7.53
O4 NAG VA . -47.39 29.28 8.31
O5 NAG VA . -45.88 26.21 9.56
O6 NAG VA . -44.04 27.81 10.58
O7 NAG VA . -50.37 24.85 7.25
C1 NAG WA . -45.09 18.83 27.97
C2 NAG WA . -45.30 20.34 27.85
C3 NAG WA . -43.98 21.07 28.00
C4 NAG WA . -43.28 20.66 29.28
C5 NAG WA . -43.13 19.15 29.35
C6 NAG WA . -42.56 18.67 30.67
C7 NAG WA . -46.87 21.63 26.47
C8 NAG WA . -47.42 21.86 25.10
N2 NAG WA . -45.94 20.68 26.58
O3 NAG WA . -44.21 22.48 27.99
O4 NAG WA . -41.98 21.26 29.34
O5 NAG WA . -44.42 18.53 29.21
O6 NAG WA . -42.70 17.25 30.81
O7 NAG WA . -47.26 22.28 27.45
C1 NAG XA . -15.56 24.52 -29.60
C2 NAG XA . -14.13 24.74 -29.14
C3 NAG XA . -13.67 26.12 -29.59
C4 NAG XA . -13.89 26.31 -31.08
C5 NAG XA . -15.35 26.02 -31.46
C6 NAG XA . -15.55 26.02 -32.97
C7 NAG XA . -13.03 24.60 -26.93
C8 NAG XA . -13.07 25.65 -25.86
N2 NAG XA . -14.11 24.54 -27.71
O3 NAG XA . -12.26 26.30 -29.36
O4 NAG XA . -13.57 27.65 -31.42
O5 NAG XA . -15.72 24.73 -31.00
O6 NAG XA . -15.34 27.32 -33.54
O7 NAG XA . -12.09 23.85 -27.08
C1 NAG YA . -3.92 -3.82 -42.67
C2 NAG YA . -2.71 -4.72 -42.40
C3 NAG YA . -2.64 -5.84 -43.45
C4 NAG YA . -3.95 -6.61 -43.51
C5 NAG YA . -5.12 -5.66 -43.73
C6 NAG YA . -6.46 -6.36 -43.66
C7 NAG YA . -0.50 -4.16 -41.51
C8 NAG YA . 0.70 -3.27 -41.65
N2 NAG YA . -1.48 -3.95 -42.39
O3 NAG YA . -1.57 -6.72 -43.12
O4 NAG YA . -3.91 -7.57 -44.56
O5 NAG YA . -5.13 -4.64 -42.72
O6 NAG YA . -7.08 -6.16 -42.39
O7 NAG YA . -0.57 -5.03 -40.65
C1 NAG ZA . -4.30 14.21 -47.96
C2 NAG ZA . -4.21 13.63 -49.37
C3 NAG ZA . -2.87 14.01 -50.01
C4 NAG ZA . -2.67 15.52 -49.98
C5 NAG ZA . -2.82 16.04 -48.54
C6 NAG ZA . -2.76 17.55 -48.45
C7 NAG ZA . -5.49 11.57 -49.74
C8 NAG ZA . -5.48 10.07 -49.66
N2 NAG ZA . -4.37 12.18 -49.36
O3 NAG ZA . -2.85 13.55 -51.36
O4 NAG ZA . -1.38 15.86 -50.46
O5 NAG ZA . -4.11 15.65 -48.01
O6 NAG ZA . -1.46 17.98 -48.06
O7 NAG ZA . -6.47 12.19 -50.13
C1 NAG AB . -16.13 -2.31 -34.12
C2 NAG AB . -16.51 -1.75 -35.49
C3 NAG AB . -18.00 -1.42 -35.54
C4 NAG AB . -18.84 -2.62 -35.12
C5 NAG AB . -18.38 -3.14 -33.76
C6 NAG AB . -19.09 -4.41 -33.35
C7 NAG AB . -15.31 -0.28 -37.05
C8 NAG AB . -14.51 0.98 -37.20
N2 NAG AB . -15.71 -0.57 -35.81
O3 NAG AB . -18.37 -1.00 -36.85
O4 NAG AB . -20.21 -2.26 -35.04
O5 NAG AB . -16.98 -3.44 -33.81
O6 NAG AB . -18.58 -5.54 -34.07
O7 NAG AB . -15.58 -0.99 -38.01
C1 NAG BB . 13.01 28.50 25.25
C2 NAG BB . 12.24 29.74 25.69
C3 NAG BB . 12.16 30.76 24.56
C4 NAG BB . 13.57 31.08 24.04
C5 NAG BB . 14.31 29.79 23.65
C6 NAG BB . 15.74 30.03 23.27
C7 NAG BB . 10.59 29.28 27.44
C8 NAG BB . 9.17 28.91 27.74
N2 NAG BB . 10.90 29.39 26.16
O3 NAG BB . 11.53 31.94 25.01
O4 NAG BB . 13.47 31.92 22.89
O5 NAG BB . 14.32 28.89 24.78
O6 NAG BB . 16.60 30.02 24.41
O7 NAG BB . 11.41 29.46 28.33
C1 NAG CB . 0.80 33.49 28.04
C2 NAG CB . 0.28 34.01 26.68
C3 NAG CB . 0.03 35.53 26.68
C4 NAG CB . -0.80 35.94 27.89
C5 NAG CB . -0.17 35.40 29.17
C6 NAG CB . -0.98 35.71 30.41
C7 NAG CB . 2.27 33.70 25.00
C8 NAG CB . 3.27 34.52 25.80
N2 NAG CB . 1.00 33.54 25.47
O3 NAG CB . -0.63 35.91 25.49
O4 NAG CB . -0.88 37.35 27.98
O5 NAG CB . -0.06 33.97 29.10
O6 NAG CB . -1.04 34.59 31.29
O7 NAG CB . 2.60 33.18 23.94
C1 NAG DB . 16.30 19.84 53.85
C2 NAG DB . 17.11 21.06 53.41
C3 NAG DB . 16.82 22.25 54.33
C4 NAG DB . 15.33 22.52 54.41
C5 NAG DB . 14.59 21.25 54.82
C6 NAG DB . 13.07 21.42 54.81
C7 NAG DB . 19.32 21.00 52.33
C8 NAG DB . 20.76 20.63 52.48
N2 NAG DB . 18.53 20.76 53.39
O3 NAG DB . 17.50 23.40 53.84
O4 NAG DB . 15.06 23.54 55.35
O5 NAG DB . 14.89 20.18 53.91
O6 NAG DB . 12.43 20.16 54.77
O7 NAG DB . 18.87 21.49 51.30
C1 NAG EB . 20.81 35.18 40.79
C2 NAG EB . 21.47 35.28 39.41
C3 NAG EB . 22.78 34.48 39.40
C4 NAG EB . 23.69 34.94 40.53
C5 NAG EB . 22.95 34.87 41.87
C6 NAG EB . 23.75 35.44 43.02
C7 NAG EB . 19.95 35.58 37.47
C8 NAG EB . 20.21 37.06 37.58
N2 NAG EB . 20.57 34.79 38.37
O3 NAG EB . 23.43 34.67 38.14
O4 NAG EB . 24.83 34.11 40.59
O5 NAG EB . 21.73 35.64 41.79
O6 NAG EB . 24.17 34.42 43.91
O7 NAG EB . 19.20 35.11 36.62
C1 NAG FB . -3.10 18.55 51.71
C2 NAG FB . -4.30 17.61 51.82
C3 NAG FB . -5.36 18.19 52.75
C4 NAG FB . -4.75 18.55 54.09
C5 NAG FB . -3.54 19.46 53.91
C6 NAG FB . -2.82 19.76 55.21
C7 NAG FB . -4.52 16.26 49.77
C8 NAG FB . -5.22 16.13 48.45
N2 NAG FB . -4.87 17.32 50.51
O3 NAG FB . -6.41 17.25 52.91
O4 NAG FB . -5.72 19.21 54.91
O5 NAG FB . -2.59 18.84 53.03
O6 NAG FB . -2.19 21.04 55.16
O7 NAG FB . -3.69 15.45 50.15
C1 NAG GB . -3.07 12.45 52.76
C2 NAG GB . -4.45 12.12 53.33
C3 NAG GB . -5.07 13.33 54.04
C4 NAG GB . -4.11 13.89 55.07
C5 NAG GB . -2.76 14.18 54.43
C6 NAG GB . -1.72 14.63 55.44
C7 NAG GB . -5.81 12.12 51.22
C8 NAG GB . -6.74 11.28 50.38
N2 NAG GB . -5.37 11.54 52.34
O3 NAG GB . -6.30 12.94 54.65
O4 NAG GB . -4.64 15.09 55.62
O5 NAG GB . -2.24 13.00 53.81
O6 NAG GB . -0.78 13.59 55.71
O7 NAG GB . -5.50 13.27 50.88
C1 NAG HB . 5.26 19.36 56.75
C2 NAG HB . 3.87 19.08 57.31
C3 NAG HB . 3.78 19.55 58.76
C4 NAG HB . 4.91 18.95 59.60
C5 NAG HB . 6.26 19.24 58.96
C6 NAG HB . 7.40 18.57 59.66
C7 NAG HB . 1.96 19.00 55.77
C8 NAG HB . 0.96 19.81 55.00
N2 NAG HB . 2.84 19.70 56.50
O3 NAG HB . 2.51 19.18 59.30
O4 NAG HB . 4.88 19.49 60.91
O5 NAG HB . 6.27 18.77 57.60
O6 NAG HB . 8.13 17.72 58.78
O7 NAG HB . 1.97 17.78 55.74
C1 NAG IB . 17.73 4.11 37.58
C2 NAG IB . 17.75 2.87 36.68
C3 NAG IB . 19.10 2.17 36.79
C4 NAG IB . 20.24 3.13 36.50
C5 NAG IB . 20.13 4.36 37.39
C6 NAG IB . 21.16 5.42 37.06
C7 NAG IB . 15.65 1.65 36.21
C8 NAG IB . 15.66 2.28 34.85
N2 NAG IB . 16.66 1.96 37.03
O3 NAG IB . 19.14 1.07 35.89
O4 NAG IB . 21.49 2.49 36.72
O5 NAG IB . 18.85 4.96 37.24
O6 NAG IB . 21.63 6.07 38.24
O7 NAG IB . 14.76 0.87 36.55
C1 NAG JB . -15.21 -14.03 55.20
C2 NAG JB . -14.05 -14.71 55.94
C3 NAG JB . -14.10 -16.22 55.73
C4 NAG JB . -15.47 -16.77 56.12
C5 NAG JB . -16.58 -16.02 55.37
C6 NAG JB . -17.97 -16.42 55.79
C7 NAG JB . -11.93 -13.54 56.32
C8 NAG JB . -10.65 -13.06 55.71
N2 NAG JB . -12.78 -14.18 55.50
O3 NAG JB . -13.10 -16.84 56.51
O4 NAG JB . -15.55 -18.15 55.79
O5 NAG JB . -16.46 -14.61 55.62
O6 NAG JB . -18.95 -16.00 54.86
O7 NAG JB . -12.19 -13.36 57.51
C1 NAG KB . -28.20 -15.85 48.14
C2 NAG KB . -28.49 -14.58 48.94
C3 NAG KB . -29.17 -14.92 50.26
C4 NAG KB . -30.41 -15.79 50.03
C5 NAG KB . -30.03 -17.02 49.22
C6 NAG KB . -31.23 -17.86 48.85
C7 NAG KB . -27.11 -12.53 48.83
C8 NAG KB . -28.28 -11.84 48.18
N2 NAG KB . -27.27 -13.82 49.17
O3 NAG KB . -29.54 -13.72 50.93
O4 NAG KB . -30.95 -16.19 51.28
O5 NAG KB . -29.41 -16.62 47.98
O6 NAG KB . -30.87 -18.91 47.96
O7 NAG KB . -26.06 -11.94 49.05
C1 NAG LB . 15.34 0.89 47.84
C2 NAG LB . 16.14 1.61 48.94
C3 NAG LB . 17.63 1.53 48.64
C4 NAG LB . 18.07 0.08 48.44
C5 NAG LB . 17.22 -0.56 47.35
C6 NAG LB . 17.50 -2.03 47.17
C7 NAG LB . 14.81 3.42 49.94
C8 NAG LB . 14.50 4.88 49.92
N2 NAG LB . 15.73 3.00 49.05
O3 NAG LB . 18.36 2.11 49.72
O4 NAG LB . 19.44 0.03 48.05
O5 NAG LB . 15.82 -0.46 47.70
O6 NAG LB . 16.46 -2.69 46.47
O7 NAG LB . 14.28 2.65 50.72
C1 NAG MB . 3.13 -16.24 50.42
C2 NAG MB . 4.40 -16.87 51.02
C3 NAG MB . 4.95 -17.95 50.07
C4 NAG MB . 3.87 -18.95 49.73
C5 NAG MB . 2.63 -18.25 49.18
C6 NAG MB . 1.47 -19.18 48.91
C7 NAG MB . 5.60 -15.30 52.48
C8 NAG MB . 6.68 -14.27 52.57
N2 NAG MB . 5.41 -15.86 51.28
O3 NAG MB . 6.05 -18.60 50.69
O4 NAG MB . 4.35 -19.87 48.75
O5 NAG MB . 2.17 -17.27 50.13
O6 NAG MB . 0.41 -18.51 48.25
O7 NAG MB . 4.91 -15.61 53.44
C1 NAG NB . 29.42 24.66 7.96
C2 NAG NB . 30.08 23.90 6.82
C3 NAG NB . 31.55 24.22 6.81
C4 NAG NB . 31.77 25.73 6.74
C5 NAG NB . 31.05 26.41 7.89
C6 NAG NB . 31.17 27.93 7.82
C7 NAG NB . 29.28 21.71 6.17
C8 NAG NB . 28.03 21.06 6.67
N2 NAG NB . 29.92 22.48 7.03
O3 NAG NB . 32.16 23.62 5.66
O4 NAG NB . 33.17 26.02 6.81
O5 NAG NB . 29.66 26.05 7.87
O6 NAG NB . 30.47 28.45 6.68
O7 NAG NB . 29.69 21.53 5.04
C1 NAG OB . 7.55 36.71 -14.66
C2 NAG OB . 6.62 36.28 -15.80
C3 NAG OB . 5.69 37.43 -16.17
C4 NAG OB . 4.95 37.94 -14.94
C5 NAG OB . 5.94 38.29 -13.82
C6 NAG OB . 5.26 38.67 -12.53
C7 NAG OB . 6.99 34.85 -17.76
C8 NAG OB . 7.90 34.53 -18.90
N2 NAG OB . 7.39 35.84 -16.95
O3 NAG OB . 4.76 36.97 -17.14
O4 NAG OB . 4.20 39.11 -15.25
O5 NAG OB . 6.77 37.15 -13.53
O6 NAG OB . 5.83 39.84 -11.97
O7 NAG OB . 5.94 34.25 -17.57
C1 NAG PB . 25.60 39.40 -8.91
C2 NAG PB . 25.17 40.79 -8.45
C3 NAG PB . 26.35 41.51 -7.80
C4 NAG PB . 26.96 40.66 -6.69
C5 NAG PB . 27.32 39.28 -7.22
C6 NAG PB . 27.83 38.34 -6.15
C7 NAG PB . 23.35 41.94 -9.63
C8 NAG PB . 22.97 42.74 -10.84
N2 NAG PB . 24.63 41.57 -9.55
O3 NAG PB . 25.91 42.76 -7.27
O4 NAG PB . 28.12 41.29 -6.17
O5 NAG PB . 26.17 38.66 -7.80
O6 NAG PB . 29.15 37.91 -6.41
O7 NAG PB . 22.53 41.62 -8.78
C1 NAG QB . 5.13 33.88 -0.02
C2 NAG QB . 5.85 35.21 0.23
C3 NAG QB . 5.55 35.73 1.63
C4 NAG QB . 4.04 35.80 1.88
C5 NAG QB . 3.40 34.43 1.58
C6 NAG QB . 1.90 34.46 1.68
C7 NAG QB . 7.90 35.45 -1.10
C8 NAG QB . 9.39 35.24 -1.13
N2 NAG QB . 7.28 35.08 0.03
O3 NAG QB . 6.12 37.02 1.80
O4 NAG QB . 3.78 36.15 3.23
O5 NAG QB . 3.72 34.03 0.24
O6 NAG QB . 1.30 34.97 0.51
O7 NAG QB . 7.29 35.94 -2.04
#